data_5T9G
#
_entry.id   5T9G
#
_cell.length_a   75.230
_cell.length_b   121.130
_cell.length_c   124.459
_cell.angle_alpha   70.630
_cell.angle_beta   86.800
_cell.angle_gamma   78.770
#
_symmetry.space_group_name_H-M   'P 1'
#
loop_
_entity.id
_entity.type
_entity.pdbx_description
1 polymer 'Glycoside Hydrolase'
2 non-polymer D-galacto-isofagomine
3 non-polymer 1,2-ETHANEDIOL
4 water water
#
_entity_poly.entity_id   1
_entity_poly.type   'polypeptide(L)'
_entity_poly.pdbx_seq_one_letter_code
;MGSSHHHHHHSSGLVPRGSHMASYALNNNSDFNNGWKFTLSDSVCYSFVNYNPSSWKTVNLPHDWSVDLPFESTAEGCTG
FLKGGIGWYSKTFDTPDNFVDKKCYIVFDGVYNNSEYWINGRKLGFHPYGYSPFFYDISDYLNPKGQENRISVRIDHSRY
ADSRWYTGSGIYRETQLIFTDKLHIPVWGTFVTTPVVSSERATVNIEVRVKNDYSGPRAGEVRTSYFDSKNKKVGEKLTS
FLIEAGKEMKINQSVEISNPSLWDVDSPSMYLAKSEILVDGNVVDTKETPFGIRSIKFDAKKGFFLNGKNMKIKGVCLHH
DASMIGAALVEDVWRRRLQTLKDGGCNAIRLSHNPGADAFLELCDEMGFLVQEEFFDEWDYPKDKRLNMDEQSIDYITRG
YCEYFQEWAERDLKNVMLRSRNHPCIFQWSIGNEIEWTYKGCKESTGFFSADAGGGYFWNQPPYSTQRIREEWAKQPKQT
YDIGRTAKKLAAWTREMDTTRPVTANCILPSISYETGYIDALDVAGFSYRRVMYDYAHKNYPDKPAMGTENLGQWHEWKA
VIERDYIPGMFIWTGVDYLGEVGTKGREWPQRAIGCGLLDLAGFEKPSFHMMKSLWTDAPFIAIYSQTANKSSYVEKDGK
FTDKDPKKPWTQRLWVWEDVNSHWNYTKGEKVVVEIYSNCDEIELFQNGKSLGKRFLKDFEDHIYKWSVDFKDGNIVAKG
KKNGKKTTSAIYTTKETNSIKLSVDKVAVDANNTDVIHVTAQLIDRNGRNISWEEKEITFNIGGNYRLLGVENGDHLNVL
NYKSNTVKTYKGRALLVLQATDKAGILNINANSGSISSNDLKVEVK
;
_entity_poly.pdbx_strand_id   A,B,C,D
#
loop_
_chem_comp.id
_chem_comp.type
_chem_comp.name
_chem_comp.formula
EDO non-polymer 1,2-ETHANEDIOL 'C2 H6 O2'
GIF non-polymer D-galacto-isofagomine 'C6 H13 N O3'
#
# COMPACT_ATOMS: atom_id res chain seq x y z
N SER A 30 -4.60 -18.83 24.23
CA SER A 30 -3.28 -18.78 23.51
C SER A 30 -3.18 -19.90 22.46
N ASP A 31 -4.11 -19.89 21.51
CA ASP A 31 -4.03 -20.79 20.37
C ASP A 31 -3.21 -20.11 19.27
N PHE A 32 -2.26 -20.86 18.74
CA PHE A 32 -1.36 -20.43 17.69
C PHE A 32 -2.07 -20.04 16.37
N ASN A 33 -3.25 -20.57 16.13
CA ASN A 33 -4.02 -20.24 14.93
C ASN A 33 -4.68 -18.84 14.93
N ASN A 34 -4.69 -18.16 16.08
CA ASN A 34 -5.30 -16.81 16.17
C ASN A 34 -4.25 -15.71 16.02
N GLY A 35 -4.69 -14.58 15.48
CA GLY A 35 -3.87 -13.38 15.41
C GLY A 35 -2.78 -13.47 14.37
N TRP A 36 -3.13 -14.04 13.21
CA TRP A 36 -2.26 -14.03 12.04
C TRP A 36 -2.53 -12.75 11.26
N LYS A 37 -1.52 -12.27 10.53
CA LYS A 37 -1.68 -11.17 9.58
C LYS A 37 -1.75 -11.74 8.18
N PHE A 38 -2.50 -11.08 7.30
CA PHE A 38 -2.68 -11.52 5.90
C PHE A 38 -2.83 -10.33 4.96
N THR A 39 -2.37 -10.49 3.71
CA THR A 39 -2.62 -9.52 2.65
C THR A 39 -2.64 -10.16 1.24
N LEU A 40 -3.65 -9.79 0.43
CA LEU A 40 -3.66 -10.13 -1.00
C LEU A 40 -2.85 -9.10 -1.81
N SER A 41 -1.52 -9.12 -1.59
CA SER A 41 -0.53 -8.31 -2.30
C SER A 41 0.70 -9.20 -2.48
N ASP A 42 1.80 -8.66 -2.99
CA ASP A 42 3.05 -9.42 -3.08
C ASP A 42 4.22 -8.45 -3.27
N SER A 43 5.20 -8.55 -2.38
CA SER A 43 6.41 -7.74 -2.44
C SER A 43 7.55 -8.59 -1.93
N VAL A 44 8.73 -8.38 -2.51
CA VAL A 44 9.95 -9.09 -2.09
C VAL A 44 10.41 -8.78 -0.65
N CYS A 45 10.03 -7.62 -0.11
N CYS A 45 10.02 -7.60 -0.13
CA CYS A 45 10.46 -7.24 1.24
CA CYS A 45 10.40 -7.19 1.22
C CYS A 45 9.63 -7.87 2.37
C CYS A 45 9.61 -7.85 2.36
N TYR A 46 8.47 -8.47 2.05
CA TYR A 46 7.58 -9.04 3.09
C TYR A 46 8.15 -10.13 4.01
N SER A 47 9.24 -10.79 3.60
CA SER A 47 9.95 -11.78 4.44
C SER A 47 11.12 -11.22 5.24
N PHE A 48 11.50 -9.96 4.99
CA PHE A 48 12.73 -9.38 5.56
C PHE A 48 12.65 -9.31 7.09
N VAL A 49 13.82 -9.43 7.72
CA VAL A 49 13.93 -9.36 9.18
C VAL A 49 13.29 -8.10 9.76
N ASN A 50 13.42 -6.97 9.05
CA ASN A 50 12.94 -5.67 9.51
C ASN A 50 11.58 -5.21 8.94
N TYR A 51 10.89 -6.05 8.17
CA TYR A 51 9.57 -5.66 7.64
C TYR A 51 8.50 -5.87 8.72
N ASN A 52 7.69 -4.84 8.96
CA ASN A 52 6.59 -4.89 9.93
C ASN A 52 5.25 -4.97 9.18
N PRO A 53 4.50 -6.08 9.37
CA PRO A 53 3.23 -6.26 8.65
C PRO A 53 2.00 -5.73 9.39
N SER A 54 2.18 -4.83 10.37
CA SER A 54 1.07 -4.35 11.21
C SER A 54 -0.09 -3.73 10.42
N SER A 55 0.20 -3.14 9.28
CA SER A 55 -0.83 -2.62 8.38
C SER A 55 -1.71 -3.69 7.68
N TRP A 56 -1.36 -4.96 7.82
CA TRP A 56 -2.13 -6.05 7.19
C TRP A 56 -3.33 -6.42 8.05
N LYS A 57 -4.33 -6.97 7.40
CA LYS A 57 -5.56 -7.47 8.03
C LYS A 57 -5.25 -8.63 8.99
N THR A 58 -5.88 -8.63 10.17
CA THR A 58 -5.73 -9.73 11.14
C THR A 58 -6.72 -10.85 10.83
N VAL A 59 -6.27 -12.10 10.91
CA VAL A 59 -7.12 -13.27 10.67
C VAL A 59 -6.84 -14.38 11.66
N ASN A 60 -7.81 -15.28 11.72
CA ASN A 60 -7.73 -16.51 12.48
C ASN A 60 -7.71 -17.65 11.50
N LEU A 61 -6.75 -18.56 11.64
CA LEU A 61 -6.73 -19.76 10.85
C LEU A 61 -7.75 -20.75 11.41
N PRO A 62 -8.41 -21.53 10.57
CA PRO A 62 -8.21 -21.59 9.12
C PRO A 62 -8.77 -20.40 8.36
N HIS A 63 -8.22 -20.15 7.16
CA HIS A 63 -8.56 -18.99 6.34
C HIS A 63 -8.51 -19.37 4.86
N ASP A 64 -9.54 -18.97 4.11
CA ASP A 64 -9.60 -19.11 2.65
C ASP A 64 -9.98 -17.76 2.04
N TRP A 65 -9.01 -17.02 1.51
CA TRP A 65 -9.26 -15.66 1.02
C TRP A 65 -10.13 -15.62 -0.23
N SER A 66 -10.13 -16.67 -1.05
CA SER A 66 -10.95 -16.64 -2.27
C SER A 66 -12.42 -16.32 -2.04
N VAL A 67 -13.00 -16.76 -0.91
CA VAL A 67 -14.42 -16.47 -0.63
C VAL A 67 -14.69 -15.04 -0.17
N ASP A 68 -13.64 -14.25 0.14
CA ASP A 68 -13.77 -12.80 0.36
C ASP A 68 -13.65 -11.97 -0.93
N LEU A 69 -13.55 -12.64 -2.06
CA LEU A 69 -13.58 -11.97 -3.34
C LEU A 69 -14.91 -12.32 -3.98
N PRO A 70 -15.43 -11.42 -4.82
CA PRO A 70 -16.75 -11.66 -5.36
C PRO A 70 -16.69 -12.68 -6.49
N PHE A 71 -17.79 -13.40 -6.69
CA PHE A 71 -17.97 -14.22 -7.88
C PHE A 71 -17.85 -13.34 -9.13
N GLU A 72 -16.82 -13.59 -9.96
CA GLU A 72 -16.59 -12.82 -11.19
C GLU A 72 -16.88 -13.65 -12.46
N SER A 73 -17.41 -12.96 -13.46
CA SER A 73 -17.67 -13.51 -14.78
C SER A 73 -16.37 -13.80 -15.54
N THR A 74 -15.31 -13.06 -15.22
CA THR A 74 -14.00 -13.24 -15.89
C THR A 74 -13.02 -14.19 -15.18
N ALA A 75 -13.46 -14.89 -14.14
CA ALA A 75 -12.67 -15.98 -13.56
C ALA A 75 -13.06 -17.30 -14.24
N GLU A 76 -12.43 -18.39 -13.84
CA GLU A 76 -12.65 -19.68 -14.48
C GLU A 76 -13.73 -20.45 -13.75
N GLY A 77 -14.66 -21.02 -14.52
CA GLY A 77 -15.77 -21.79 -13.98
C GLY A 77 -15.37 -23.13 -13.40
N CYS A 78 -14.21 -23.66 -13.83
CA CYS A 78 -13.69 -24.90 -13.28
C CYS A 78 -13.34 -24.75 -11.79
N THR A 79 -12.85 -23.57 -11.38
CA THR A 79 -12.59 -23.29 -9.96
C THR A 79 -13.62 -22.34 -9.33
N GLY A 80 -14.87 -22.44 -9.78
CA GLY A 80 -16.00 -21.82 -9.10
C GLY A 80 -16.18 -20.33 -9.29
N PHE A 81 -15.61 -19.79 -10.37
CA PHE A 81 -15.68 -18.36 -10.69
C PHE A 81 -15.14 -17.45 -9.57
N LEU A 82 -14.06 -17.88 -8.94
CA LEU A 82 -13.41 -17.10 -7.89
C LEU A 82 -11.91 -17.10 -8.16
N LYS A 83 -11.32 -15.91 -8.19
CA LYS A 83 -9.91 -15.79 -8.49
C LYS A 83 -9.08 -16.25 -7.30
N GLY A 84 -7.79 -16.44 -7.54
CA GLY A 84 -6.82 -16.76 -6.50
C GLY A 84 -6.02 -15.51 -6.31
N GLY A 85 -4.82 -15.50 -6.89
CA GLY A 85 -3.87 -14.39 -6.77
C GLY A 85 -2.65 -14.82 -6.00
N ILE A 86 -1.76 -13.87 -5.72
CA ILE A 86 -0.61 -14.12 -4.86
C ILE A 86 -0.88 -13.43 -3.53
N GLY A 87 -0.82 -14.19 -2.43
CA GLY A 87 -1.09 -13.69 -1.09
C GLY A 87 -0.02 -14.05 -0.09
N TRP A 88 -0.02 -13.37 1.06
CA TRP A 88 0.96 -13.63 2.13
C TRP A 88 0.30 -13.71 3.51
N TYR A 89 0.90 -14.52 4.39
CA TYR A 89 0.58 -14.55 5.82
C TYR A 89 1.81 -14.22 6.67
N SER A 90 1.58 -13.78 7.89
CA SER A 90 2.67 -13.63 8.86
C SER A 90 2.19 -13.95 10.25
N LYS A 91 3.14 -14.28 11.13
CA LYS A 91 2.81 -14.69 12.48
C LYS A 91 4.01 -14.49 13.37
N THR A 92 3.84 -13.70 14.43
CA THR A 92 4.88 -13.52 15.42
C THR A 92 4.58 -14.36 16.65
N PHE A 93 5.62 -14.80 17.32
CA PHE A 93 5.48 -15.56 18.54
C PHE A 93 6.82 -15.50 19.27
N ASP A 94 6.79 -15.45 20.60
CA ASP A 94 8.04 -15.34 21.35
C ASP A 94 8.61 -16.72 21.60
N THR A 95 9.94 -16.75 21.72
CA THR A 95 10.63 -17.94 22.16
C THR A 95 10.27 -18.14 23.64
N PRO A 96 9.79 -19.34 24.00
CA PRO A 96 9.56 -19.66 25.42
C PRO A 96 10.72 -19.30 26.35
N ASP A 97 10.41 -18.93 27.58
CA ASP A 97 11.44 -18.66 28.61
C ASP A 97 12.35 -19.84 28.86
N ASN A 98 11.81 -21.06 28.73
CA ASN A 98 12.56 -22.31 28.90
C ASN A 98 12.83 -23.07 27.60
N PHE A 99 13.14 -22.35 26.51
CA PHE A 99 13.63 -23.01 25.28
C PHE A 99 15.14 -23.26 25.39
N VAL A 100 15.48 -24.34 26.07
CA VAL A 100 16.84 -24.84 26.16
C VAL A 100 16.76 -26.37 26.27
N ASP A 101 17.62 -27.07 25.53
CA ASP A 101 17.53 -28.53 25.33
C ASP A 101 16.16 -28.93 24.78
N LYS A 102 15.74 -28.22 23.73
CA LYS A 102 14.45 -28.46 23.10
C LYS A 102 14.48 -28.24 21.61
N LYS A 103 13.45 -28.76 20.96
CA LYS A 103 13.25 -28.67 19.52
C LYS A 103 11.96 -27.92 19.28
N CYS A 104 11.84 -27.27 18.13
CA CYS A 104 10.57 -26.65 17.73
C CYS A 104 10.16 -27.03 16.31
N TYR A 105 8.89 -27.38 16.16
CA TYR A 105 8.35 -27.83 14.90
C TYR A 105 7.08 -27.04 14.60
N ILE A 106 7.06 -26.37 13.44
CA ILE A 106 5.82 -25.79 12.93
C ILE A 106 5.17 -26.76 11.95
N VAL A 107 3.89 -27.06 12.16
CA VAL A 107 3.15 -28.06 11.40
C VAL A 107 1.97 -27.44 10.67
N PHE A 108 1.84 -27.75 9.38
CA PHE A 108 0.70 -27.33 8.56
C PHE A 108 -0.03 -28.59 8.09
N ASP A 109 -1.37 -28.58 8.20
CA ASP A 109 -2.22 -29.69 7.75
C ASP A 109 -2.66 -29.52 6.28
N GLY A 110 -2.60 -28.30 5.78
CA GLY A 110 -2.81 -28.08 4.35
C GLY A 110 -2.70 -26.61 4.01
N VAL A 111 -1.99 -26.30 2.92
CA VAL A 111 -1.86 -24.93 2.44
C VAL A 111 -2.00 -24.94 0.92
N TYR A 112 -3.03 -24.27 0.38
CA TYR A 112 -3.25 -24.21 -1.10
C TYR A 112 -2.82 -22.87 -1.74
N ASN A 113 -1.79 -22.84 -2.59
CA ASN A 113 -0.82 -23.94 -2.84
C ASN A 113 0.46 -23.27 -3.37
N ASN A 114 1.42 -24.07 -3.82
CA ASN A 114 2.69 -23.53 -4.31
C ASN A 114 3.19 -22.50 -3.29
N SER A 115 3.28 -22.91 -2.02
CA SER A 115 3.58 -21.99 -0.90
C SER A 115 5.06 -22.01 -0.52
N GLU A 116 5.57 -20.85 -0.07
CA GLU A 116 6.95 -20.68 0.40
C GLU A 116 6.98 -20.19 1.87
N TYR A 117 8.00 -20.61 2.61
CA TYR A 117 8.02 -20.52 4.09
C TYR A 117 9.33 -19.89 4.53
N TRP A 118 9.23 -18.81 5.30
CA TRP A 118 10.37 -18.12 5.91
C TRP A 118 10.19 -17.98 7.41
N ILE A 119 11.30 -18.09 8.15
CA ILE A 119 11.35 -17.61 9.54
C ILE A 119 12.55 -16.69 9.75
N ASN A 120 12.32 -15.54 10.40
CA ASN A 120 13.36 -14.60 10.78
C ASN A 120 14.34 -14.31 9.66
N GLY A 121 13.79 -13.99 8.49
CA GLY A 121 14.54 -13.57 7.31
C GLY A 121 15.10 -14.66 6.39
N ARG A 122 14.94 -15.91 6.79
CA ARG A 122 15.65 -17.05 6.19
C ARG A 122 14.64 -18.07 5.69
N LYS A 123 14.98 -18.66 4.55
CA LYS A 123 14.08 -19.49 3.78
C LYS A 123 14.07 -20.90 4.38
N LEU A 124 12.88 -21.45 4.65
CA LEU A 124 12.75 -22.82 5.15
C LEU A 124 12.53 -23.78 4.00
N GLY A 125 11.71 -23.39 3.02
CA GLY A 125 11.49 -24.22 1.83
C GLY A 125 10.21 -23.93 1.07
N PHE A 126 9.88 -24.83 0.14
CA PHE A 126 8.75 -24.71 -0.78
C PHE A 126 7.95 -25.98 -0.71
N HIS A 127 6.63 -25.86 -0.84
CA HIS A 127 5.72 -27.00 -0.76
C HIS A 127 4.62 -26.90 -1.84
N PRO A 128 4.79 -27.62 -2.97
CA PRO A 128 3.83 -27.50 -4.09
C PRO A 128 2.39 -27.88 -3.78
N TYR A 129 2.17 -29.06 -3.21
CA TYR A 129 0.85 -29.67 -3.22
C TYR A 129 -0.06 -28.94 -2.26
N GLY A 130 -1.28 -28.68 -2.71
CA GLY A 130 -2.25 -27.95 -1.90
C GLY A 130 -2.90 -28.71 -0.76
N TYR A 131 -2.80 -30.04 -0.79
CA TYR A 131 -3.59 -30.93 0.06
C TYR A 131 -2.84 -31.81 1.05
N SER A 132 -1.54 -32.01 0.86
CA SER A 132 -0.72 -32.79 1.78
C SER A 132 -0.31 -31.97 3.01
N PRO A 133 -0.15 -32.62 4.18
CA PRO A 133 0.42 -31.93 5.32
C PRO A 133 1.96 -32.03 5.33
N PHE A 134 2.58 -31.19 6.14
CA PHE A 134 4.04 -31.13 6.23
C PHE A 134 4.48 -30.33 7.46
N PHE A 135 5.77 -30.33 7.73
CA PHE A 135 6.28 -29.55 8.85
C PHE A 135 7.73 -29.12 8.65
N TYR A 136 8.13 -28.11 9.41
CA TYR A 136 9.50 -27.62 9.36
C TYR A 136 10.04 -27.65 10.77
N ASP A 137 11.33 -28.00 10.88
CA ASP A 137 12.05 -27.95 12.13
C ASP A 137 12.73 -26.57 12.24
N ILE A 138 12.19 -25.72 13.10
CA ILE A 138 12.65 -24.32 13.21
C ILE A 138 13.49 -24.08 14.47
N SER A 139 13.97 -25.15 15.11
CA SER A 139 14.65 -25.07 16.41
C SER A 139 15.84 -24.11 16.42
N ASP A 140 16.73 -24.27 15.45
CA ASP A 140 17.95 -23.48 15.38
C ASP A 140 17.71 -22.02 14.95
N TYR A 141 16.52 -21.71 14.43
CA TYR A 141 16.16 -20.34 13.99
C TYR A 141 15.62 -19.43 15.12
N LEU A 142 15.20 -20.00 16.23
CA LEU A 142 14.53 -19.22 17.27
C LEU A 142 15.51 -18.29 17.97
N ASN A 143 15.04 -17.08 18.23
CA ASN A 143 15.85 -16.06 18.91
C ASN A 143 15.81 -16.35 20.41
N PRO A 144 16.78 -15.84 21.20
CA PRO A 144 16.90 -16.25 22.61
C PRO A 144 15.63 -16.07 23.47
N LYS A 145 15.63 -16.73 24.64
CA LYS A 145 14.48 -16.76 25.55
C LYS A 145 13.82 -15.38 25.70
N GLY A 146 12.52 -15.30 25.38
CA GLY A 146 11.74 -14.07 25.50
C GLY A 146 11.52 -13.31 24.20
N GLN A 147 12.53 -13.27 23.33
CA GLN A 147 12.51 -12.39 22.15
C GLN A 147 11.55 -12.86 21.05
N GLU A 148 11.20 -11.94 20.14
CA GLU A 148 10.18 -12.19 19.10
C GLU A 148 10.70 -12.96 17.87
N ASN A 149 9.89 -13.89 17.37
CA ASN A 149 10.16 -14.63 16.12
C ASN A 149 9.02 -14.36 15.15
N ARG A 150 9.26 -14.59 13.86
CA ARG A 150 8.30 -14.20 12.81
C ARG A 150 8.33 -15.18 11.63
N ILE A 151 7.21 -15.85 11.37
CA ILE A 151 7.06 -16.72 10.21
C ILE A 151 6.34 -15.95 9.11
N SER A 152 6.73 -16.18 7.86
CA SER A 152 6.06 -15.59 6.70
C SER A 152 5.80 -16.69 5.70
N VAL A 153 4.62 -16.65 5.12
CA VAL A 153 4.20 -17.60 4.12
C VAL A 153 3.76 -16.82 2.90
N ARG A 154 4.38 -17.09 1.76
CA ARG A 154 3.92 -16.60 0.48
C ARG A 154 3.16 -17.72 -0.19
N ILE A 155 1.98 -17.40 -0.69
CA ILE A 155 1.16 -18.37 -1.38
C ILE A 155 0.95 -17.90 -2.80
N ASP A 156 1.29 -18.77 -3.75
CA ASP A 156 1.18 -18.47 -5.16
C ASP A 156 0.02 -19.26 -5.75
N HIS A 157 -1.17 -18.68 -5.70
CA HIS A 157 -2.35 -19.24 -6.37
C HIS A 157 -2.69 -18.46 -7.66
N SER A 158 -1.65 -17.97 -8.34
CA SER A 158 -1.81 -17.22 -9.60
C SER A 158 -2.33 -18.14 -10.70
N ARG A 159 -1.98 -19.42 -10.60
CA ARG A 159 -2.53 -20.45 -11.47
C ARG A 159 -3.89 -20.86 -10.88
N TYR A 160 -4.85 -19.94 -10.92
CA TYR A 160 -6.15 -20.05 -10.24
C TYR A 160 -7.17 -20.99 -10.93
N ALA A 161 -6.75 -21.61 -12.03
CA ALA A 161 -7.51 -22.69 -12.70
C ALA A 161 -6.77 -24.06 -12.68
N ASP A 162 -5.85 -24.28 -11.72
CA ASP A 162 -5.07 -25.52 -11.66
C ASP A 162 -5.81 -26.75 -11.07
N SER A 163 -7.14 -26.81 -11.28
CA SER A 163 -8.00 -27.81 -10.65
C SER A 163 -9.32 -27.90 -11.40
N ARG A 164 -9.91 -29.09 -11.43
CA ARG A 164 -11.25 -29.30 -12.03
C ARG A 164 -12.40 -28.88 -11.10
N TRP A 165 -12.09 -28.50 -9.86
CA TRP A 165 -13.08 -28.13 -8.84
C TRP A 165 -12.53 -26.97 -8.00
N TYR A 166 -13.40 -26.26 -7.28
CA TYR A 166 -12.95 -25.11 -6.44
C TYR A 166 -11.95 -25.52 -5.34
N THR A 167 -10.83 -24.79 -5.24
CA THR A 167 -9.78 -25.10 -4.27
C THR A 167 -9.72 -24.13 -3.08
N GLY A 168 -10.00 -22.85 -3.34
CA GLY A 168 -9.69 -21.78 -2.39
C GLY A 168 -8.21 -21.44 -2.36
N SER A 169 -7.85 -20.56 -1.42
CA SER A 169 -6.53 -19.95 -1.39
C SER A 169 -6.05 -19.67 0.03
N GLY A 170 -4.92 -20.27 0.40
CA GLY A 170 -4.24 -19.95 1.65
C GLY A 170 -4.17 -21.08 2.66
N ILE A 171 -3.91 -20.70 3.91
CA ILE A 171 -3.77 -21.63 5.03
C ILE A 171 -5.20 -21.99 5.52
N TYR A 172 -5.83 -22.91 4.77
CA TYR A 172 -7.23 -23.35 4.96
C TYR A 172 -7.48 -24.50 5.97
N ARG A 173 -6.40 -25.07 6.53
N ARG A 173 -6.40 -25.06 6.51
CA ARG A 173 -6.50 -26.02 7.63
CA ARG A 173 -6.46 -26.05 7.60
C ARG A 173 -5.64 -25.54 8.78
C ARG A 173 -5.63 -25.54 8.77
N GLU A 174 -5.95 -26.00 9.98
CA GLU A 174 -5.27 -25.56 11.19
C GLU A 174 -3.77 -25.97 11.26
N THR A 175 -3.02 -25.21 12.04
CA THR A 175 -1.59 -25.35 12.19
C THR A 175 -1.26 -25.62 13.66
N GLN A 176 0.01 -25.90 13.93
CA GLN A 176 0.47 -26.18 15.29
C GLN A 176 1.89 -25.70 15.46
N LEU A 177 2.21 -25.33 16.68
CA LEU A 177 3.56 -24.99 17.06
C LEU A 177 3.88 -25.89 18.23
N ILE A 178 4.74 -26.88 17.98
CA ILE A 178 5.07 -27.91 18.95
C ILE A 178 6.47 -27.63 19.45
N PHE A 179 6.63 -27.66 20.78
CA PHE A 179 7.94 -27.68 21.44
C PHE A 179 8.06 -29.05 22.10
N THR A 180 9.23 -29.69 21.95
CA THR A 180 9.51 -30.99 22.57
C THR A 180 10.92 -30.98 23.16
N ASP A 181 11.19 -31.95 24.02
CA ASP A 181 12.56 -32.21 24.49
C ASP A 181 13.37 -32.76 23.32
N LYS A 182 14.69 -32.66 23.40
CA LYS A 182 15.55 -33.21 22.34
C LYS A 182 15.41 -34.75 22.20
N LEU A 183 15.13 -35.43 23.32
CA LEU A 183 14.65 -36.82 23.29
C LEU A 183 13.11 -36.82 23.21
N HIS A 184 12.56 -37.30 22.09
CA HIS A 184 11.15 -37.15 21.84
C HIS A 184 10.60 -38.04 20.76
N ILE A 185 9.27 -38.20 20.80
CA ILE A 185 8.51 -38.78 19.72
C ILE A 185 8.38 -37.68 18.65
N PRO A 186 8.84 -37.93 17.41
CA PRO A 186 8.63 -36.92 16.37
C PRO A 186 7.16 -36.69 16.05
N VAL A 187 6.89 -35.71 15.19
CA VAL A 187 5.53 -35.42 14.72
C VAL A 187 5.02 -36.66 13.99
N TRP A 188 3.75 -36.98 14.20
CA TRP A 188 3.13 -38.22 13.68
C TRP A 188 3.93 -39.50 13.97
N GLY A 189 4.53 -39.58 15.16
CA GLY A 189 5.54 -40.59 15.49
C GLY A 189 5.05 -41.92 16.05
N THR A 190 3.74 -42.13 16.03
CA THR A 190 3.12 -43.36 16.48
C THR A 190 2.25 -43.95 15.37
N PHE A 191 2.08 -45.27 15.41
CA PHE A 191 1.17 -45.97 14.52
C PHE A 191 0.55 -47.13 15.29
N VAL A 192 -0.73 -46.99 15.63
CA VAL A 192 -1.45 -47.99 16.41
C VAL A 192 -2.21 -48.94 15.45
N THR A 193 -2.03 -50.25 15.65
CA THR A 193 -2.71 -51.28 14.86
C THR A 193 -3.31 -52.36 15.75
N THR A 194 -4.27 -53.08 15.20
CA THR A 194 -4.97 -54.16 15.93
C THR A 194 -5.19 -55.37 15.01
N PRO A 195 -4.16 -56.22 14.85
CA PRO A 195 -4.24 -57.31 13.90
C PRO A 195 -5.10 -58.50 14.32
N VAL A 196 -5.36 -58.67 15.62
CA VAL A 196 -6.30 -59.70 16.10
C VAL A 196 -7.38 -58.99 16.88
N VAL A 197 -8.64 -59.16 16.46
CA VAL A 197 -9.77 -58.53 17.12
C VAL A 197 -10.93 -59.51 17.28
N SER A 198 -11.21 -59.90 18.52
CA SER A 198 -12.47 -60.58 18.88
C SER A 198 -13.20 -59.79 19.98
N SER A 199 -14.43 -60.21 20.30
CA SER A 199 -15.20 -59.60 21.40
C SER A 199 -14.66 -59.92 22.81
N GLU A 200 -13.86 -60.97 22.96
CA GLU A 200 -13.18 -61.25 24.25
C GLU A 200 -11.93 -60.41 24.44
N ARG A 201 -11.19 -60.19 23.37
CA ARG A 201 -9.94 -59.43 23.45
C ARG A 201 -9.47 -58.97 22.09
N ALA A 202 -8.69 -57.90 22.11
CA ALA A 202 -8.02 -57.40 20.92
C ALA A 202 -6.54 -57.31 21.22
N THR A 203 -5.71 -57.67 20.26
CA THR A 203 -4.28 -57.42 20.34
C THR A 203 -4.05 -56.02 19.77
N VAL A 204 -3.53 -55.12 20.59
CA VAL A 204 -3.35 -53.73 20.22
C VAL A 204 -1.85 -53.42 20.26
N ASN A 205 -1.31 -53.11 19.08
CA ASN A 205 0.10 -52.85 18.92
C ASN A 205 0.29 -51.39 18.57
N ILE A 206 1.42 -50.85 19.02
CA ILE A 206 1.80 -49.51 18.70
C ILE A 206 3.28 -49.51 18.39
N GLU A 207 3.67 -48.66 17.44
CA GLU A 207 5.07 -48.41 17.10
C GLU A 207 5.37 -46.96 17.47
N VAL A 208 6.23 -46.75 18.45
CA VAL A 208 6.60 -45.43 18.92
C VAL A 208 8.00 -45.14 18.42
N ARG A 209 8.13 -44.20 17.47
CA ARG A 209 9.44 -43.75 17.04
C ARG A 209 9.98 -42.78 18.07
N VAL A 210 11.27 -42.84 18.33
CA VAL A 210 11.91 -42.01 19.34
C VAL A 210 13.22 -41.48 18.76
N LYS A 211 13.32 -40.16 18.63
CA LYS A 211 14.51 -39.52 18.05
C LYS A 211 15.29 -38.90 19.17
N ASN A 212 16.60 -39.12 19.14
CA ASN A 212 17.54 -38.53 20.08
C ASN A 212 18.33 -37.46 19.35
N ASP A 213 17.95 -36.19 19.52
CA ASP A 213 18.69 -35.06 18.93
C ASP A 213 19.71 -34.41 19.87
N TYR A 214 20.07 -35.09 20.97
CA TYR A 214 21.23 -34.69 21.74
C TYR A 214 22.51 -35.13 20.99
N SER A 215 23.64 -34.65 21.48
CA SER A 215 24.96 -34.92 20.89
C SER A 215 25.65 -36.19 21.44
N GLY A 216 25.05 -36.82 22.44
CA GLY A 216 25.54 -38.10 22.99
C GLY A 216 24.43 -39.11 23.16
N PRO A 217 24.77 -40.36 23.54
CA PRO A 217 23.76 -41.42 23.66
C PRO A 217 22.82 -41.16 24.85
N ARG A 218 21.59 -41.67 24.76
N ARG A 218 21.59 -41.67 24.76
CA ARG A 218 20.59 -41.49 25.82
CA ARG A 218 20.58 -41.49 25.81
C ARG A 218 19.79 -42.77 26.06
C ARG A 218 19.79 -42.77 26.06
N ALA A 219 19.67 -43.16 27.32
CA ALA A 219 18.89 -44.34 27.72
C ALA A 219 17.52 -43.88 28.20
N GLY A 220 16.51 -44.72 28.03
CA GLY A 220 15.20 -44.38 28.52
C GLY A 220 14.18 -45.52 28.49
N GLU A 221 12.92 -45.13 28.61
CA GLU A 221 11.80 -46.05 28.57
C GLU A 221 10.66 -45.40 27.79
N VAL A 222 9.93 -46.21 27.02
CA VAL A 222 8.67 -45.80 26.45
C VAL A 222 7.57 -46.46 27.31
N ARG A 223 6.75 -45.64 27.96
CA ARG A 223 5.55 -46.13 28.66
C ARG A 223 4.34 -45.71 27.86
N THR A 224 3.53 -46.69 27.45
CA THR A 224 2.30 -46.44 26.72
C THR A 224 1.15 -46.99 27.52
N SER A 225 0.24 -46.11 27.92
CA SER A 225 -0.96 -46.46 28.67
C SER A 225 -2.15 -46.31 27.76
N TYR A 226 -3.10 -47.24 27.87
CA TYR A 226 -4.32 -47.24 27.06
C TYR A 226 -5.53 -46.89 27.93
N PHE A 227 -6.46 -46.10 27.38
CA PHE A 227 -7.64 -45.64 28.11
C PHE A 227 -8.92 -45.74 27.29
N ASP A 228 -10.03 -46.12 27.94
CA ASP A 228 -11.33 -46.34 27.24
C ASP A 228 -12.21 -45.08 27.12
N SER A 229 -13.41 -45.24 26.56
CA SER A 229 -14.45 -44.19 26.51
C SER A 229 -14.58 -43.35 27.77
N LYS A 230 -14.55 -43.99 28.93
CA LYS A 230 -14.70 -43.29 30.22
C LYS A 230 -13.38 -42.98 30.98
N ASN A 231 -12.26 -42.95 30.26
N ASN A 231 -12.26 -42.95 30.25
CA ASN A 231 -10.92 -42.62 30.80
CA ASN A 231 -10.92 -42.63 30.78
C ASN A 231 -10.40 -43.57 31.88
C ASN A 231 -10.40 -43.58 31.87
N LYS A 232 -10.82 -44.84 31.83
CA LYS A 232 -10.31 -45.90 32.73
C LYS A 232 -9.13 -46.59 32.04
N LYS A 233 -8.05 -46.82 32.78
CA LYS A 233 -6.85 -47.45 32.22
C LYS A 233 -7.11 -48.94 31.98
N VAL A 234 -6.87 -49.41 30.74
CA VAL A 234 -7.18 -50.78 30.32
C VAL A 234 -5.95 -51.56 29.83
N GLY A 235 -4.76 -50.98 29.98
CA GLY A 235 -3.55 -51.62 29.52
C GLY A 235 -2.36 -50.71 29.67
N GLU A 236 -1.18 -51.31 29.62
CA GLU A 236 0.09 -50.60 29.78
C GLU A 236 1.24 -51.49 29.30
N LYS A 237 2.29 -50.87 28.81
CA LYS A 237 3.51 -51.58 28.43
C LYS A 237 4.73 -50.66 28.56
N LEU A 238 5.80 -51.20 29.16
CA LEU A 238 7.06 -50.48 29.37
C LEU A 238 8.19 -51.23 28.66
N THR A 239 8.94 -50.52 27.82
CA THR A 239 10.08 -51.07 27.08
C THR A 239 11.26 -50.14 27.27
N SER A 240 12.44 -50.73 27.43
CA SER A 240 13.70 -49.98 27.59
C SER A 240 14.34 -49.71 26.22
N PHE A 241 15.17 -48.67 26.16
CA PHE A 241 15.95 -48.37 24.96
C PHE A 241 17.28 -47.70 25.27
N LEU A 242 18.23 -47.87 24.36
CA LEU A 242 19.43 -47.06 24.29
C LEU A 242 19.57 -46.61 22.84
N ILE A 243 19.60 -45.30 22.62
CA ILE A 243 19.61 -44.71 21.28
C ILE A 243 20.84 -43.82 21.15
N GLU A 244 21.56 -43.95 20.03
CA GLU A 244 22.76 -43.14 19.77
C GLU A 244 22.40 -41.74 19.27
N ALA A 245 23.31 -40.80 19.53
CA ALA A 245 23.22 -39.41 19.06
C ALA A 245 22.80 -39.30 17.59
N GLY A 246 21.70 -38.58 17.34
CA GLY A 246 21.21 -38.34 16.00
C GLY A 246 20.45 -39.47 15.32
N LYS A 247 20.25 -40.59 16.02
CA LYS A 247 19.56 -41.76 15.49
C LYS A 247 18.08 -41.79 15.95
N GLU A 248 17.24 -42.46 15.16
CA GLU A 248 15.82 -42.66 15.48
C GLU A 248 15.58 -44.16 15.65
N MET A 249 14.82 -44.55 16.67
CA MET A 249 14.55 -45.96 16.95
C MET A 249 13.04 -46.22 16.94
N LYS A 250 12.64 -47.40 16.44
CA LYS A 250 11.25 -47.85 16.48
C LYS A 250 11.03 -48.82 17.63
N ILE A 251 10.24 -48.42 18.62
CA ILE A 251 9.92 -49.27 19.76
C ILE A 251 8.53 -49.83 19.53
N ASN A 252 8.44 -51.15 19.38
CA ASN A 252 7.15 -51.83 19.25
C ASN A 252 6.69 -52.40 20.59
N GLN A 253 5.41 -52.20 20.90
CA GLN A 253 4.80 -52.65 22.15
C GLN A 253 3.48 -53.29 21.83
N SER A 254 3.15 -54.35 22.57
CA SER A 254 1.90 -55.06 22.37
C SER A 254 1.23 -55.27 23.71
N VAL A 255 -0.10 -55.14 23.72
CA VAL A 255 -0.95 -55.52 24.85
C VAL A 255 -2.21 -56.21 24.36
N GLU A 256 -2.90 -56.85 25.30
CA GLU A 256 -4.22 -57.42 25.09
C GLU A 256 -5.23 -56.55 25.83
N ILE A 257 -6.23 -56.07 25.11
CA ILE A 257 -7.32 -55.29 25.68
C ILE A 257 -8.52 -56.22 25.78
N SER A 258 -8.96 -56.49 27.00
CA SER A 258 -10.07 -57.40 27.24
C SER A 258 -11.40 -56.69 26.97
N ASN A 259 -12.38 -57.47 26.49
CA ASN A 259 -13.77 -57.03 26.19
C ASN A 259 -13.87 -55.63 25.58
N PRO A 260 -13.20 -55.41 24.44
CA PRO A 260 -13.06 -54.07 23.90
C PRO A 260 -14.37 -53.49 23.40
N SER A 261 -14.47 -52.16 23.49
CA SER A 261 -15.55 -51.44 22.86
C SER A 261 -15.13 -51.25 21.44
N LEU A 262 -15.83 -51.93 20.53
CA LEU A 262 -15.45 -51.96 19.12
C LEU A 262 -15.99 -50.75 18.40
N TRP A 263 -15.10 -50.12 17.63
CA TRP A 263 -15.48 -48.97 16.80
C TRP A 263 -16.35 -49.46 15.63
N ASP A 264 -17.52 -48.87 15.50
CA ASP A 264 -18.52 -49.24 14.48
C ASP A 264 -19.19 -47.95 14.00
N VAL A 265 -19.79 -47.97 12.82
CA VAL A 265 -20.48 -46.79 12.32
C VAL A 265 -21.68 -46.40 13.19
N ASP A 266 -22.33 -47.39 13.81
CA ASP A 266 -23.46 -47.17 14.73
C ASP A 266 -23.04 -47.07 16.22
N SER A 267 -21.74 -47.19 16.48
CA SER A 267 -21.19 -47.17 17.85
C SER A 267 -19.69 -46.86 17.79
N PRO A 268 -19.35 -45.60 17.46
CA PRO A 268 -17.96 -45.22 17.19
C PRO A 268 -17.12 -44.98 18.46
N SER A 269 -16.87 -46.03 19.23
CA SER A 269 -16.14 -45.92 20.49
C SER A 269 -14.64 -45.72 20.22
N MET A 270 -14.04 -44.81 20.98
CA MET A 270 -12.70 -44.35 20.75
C MET A 270 -11.85 -44.64 21.97
N TYR A 271 -10.62 -45.07 21.71
CA TYR A 271 -9.63 -45.34 22.73
C TYR A 271 -8.55 -44.29 22.63
N LEU A 272 -7.71 -44.24 23.65
CA LEU A 272 -6.62 -43.29 23.70
C LEU A 272 -5.34 -43.98 24.13
N ALA A 273 -4.28 -43.85 23.32
CA ALA A 273 -2.95 -44.31 23.69
C ALA A 273 -2.15 -43.11 24.14
N LYS A 274 -1.63 -43.17 25.36
CA LYS A 274 -0.77 -42.13 25.91
C LYS A 274 0.64 -42.69 26.03
N SER A 275 1.47 -42.40 25.03
CA SER A 275 2.88 -42.83 25.03
C SER A 275 3.79 -41.77 25.64
N GLU A 276 4.51 -42.11 26.71
CA GLU A 276 5.45 -41.21 27.39
C GLU A 276 6.91 -41.69 27.28
N ILE A 277 7.83 -40.76 27.01
CA ILE A 277 9.27 -41.04 27.08
C ILE A 277 9.73 -40.72 28.48
N LEU A 278 10.47 -41.64 29.10
CA LEU A 278 10.97 -41.48 30.47
C LEU A 278 12.50 -41.52 30.49
N VAL A 279 13.09 -40.54 31.19
CA VAL A 279 14.51 -40.54 31.55
C VAL A 279 14.51 -40.48 33.06
N ASP A 280 15.32 -41.33 33.69
CA ASP A 280 15.18 -41.67 35.11
C ASP A 280 13.77 -42.22 35.33
N GLY A 281 12.94 -41.56 36.15
CA GLY A 281 11.52 -41.92 36.25
C GLY A 281 10.62 -40.78 35.79
N ASN A 282 11.19 -39.83 35.06
CA ASN A 282 10.52 -38.55 34.79
C ASN A 282 10.11 -38.45 33.33
N VAL A 283 8.85 -38.07 33.10
CA VAL A 283 8.29 -37.93 31.77
C VAL A 283 8.93 -36.72 31.09
N VAL A 284 9.49 -36.95 29.91
CA VAL A 284 10.25 -35.94 29.17
C VAL A 284 9.51 -35.52 27.89
N ASP A 285 8.73 -36.41 27.31
CA ASP A 285 7.86 -36.08 26.20
C ASP A 285 6.59 -36.93 26.30
N THR A 286 5.53 -36.53 25.59
CA THR A 286 4.28 -37.30 25.53
C THR A 286 3.61 -37.15 24.18
N LYS A 287 3.08 -38.23 23.61
CA LYS A 287 2.12 -38.14 22.51
C LYS A 287 0.85 -38.91 22.81
N GLU A 288 -0.27 -38.32 22.42
CA GLU A 288 -1.58 -38.90 22.55
C GLU A 288 -2.06 -39.33 21.17
N THR A 289 -2.40 -40.61 21.04
CA THR A 289 -2.82 -41.19 19.78
C THR A 289 -4.22 -41.73 19.97
N PRO A 290 -5.24 -40.95 19.60
CA PRO A 290 -6.56 -41.54 19.56
C PRO A 290 -6.60 -42.66 18.54
N PHE A 291 -7.41 -43.68 18.80
CA PHE A 291 -7.61 -44.77 17.84
C PHE A 291 -8.88 -45.51 18.15
N GLY A 292 -9.24 -46.40 17.25
CA GLY A 292 -10.37 -47.30 17.44
C GLY A 292 -9.91 -48.75 17.24
N ILE A 293 -10.71 -49.67 17.76
CA ILE A 293 -10.46 -51.08 17.65
C ILE A 293 -11.57 -51.63 16.81
N ARG A 294 -11.21 -52.13 15.64
CA ARG A 294 -12.17 -52.64 14.68
C ARG A 294 -11.44 -53.51 13.70
N SER A 295 -12.14 -54.48 13.13
CA SER A 295 -11.59 -55.28 12.01
C SER A 295 -12.40 -55.00 10.73
N ILE A 296 -11.70 -55.04 9.61
CA ILE A 296 -12.27 -54.76 8.31
C ILE A 296 -11.81 -55.88 7.39
N LYS A 297 -12.64 -56.26 6.41
CA LYS A 297 -12.22 -57.28 5.47
C LYS A 297 -13.02 -57.20 4.19
N PHE A 298 -12.32 -57.22 3.05
CA PHE A 298 -12.99 -57.29 1.77
C PHE A 298 -12.87 -58.69 1.17
N ASP A 299 -14.00 -59.37 1.09
CA ASP A 299 -14.09 -60.73 0.57
C ASP A 299 -14.69 -60.66 -0.82
N ALA A 300 -13.98 -61.25 -1.78
CA ALA A 300 -14.33 -61.14 -3.19
C ALA A 300 -15.63 -61.84 -3.53
N LYS A 301 -15.95 -62.92 -2.82
CA LYS A 301 -17.19 -63.67 -3.01
C LYS A 301 -18.36 -63.06 -2.23
N LYS A 302 -18.13 -62.67 -0.97
CA LYS A 302 -19.25 -62.36 -0.02
C LYS A 302 -19.50 -60.87 0.35
N GLY A 303 -18.49 -60.02 0.18
CA GLY A 303 -18.65 -58.57 0.31
C GLY A 303 -17.79 -58.02 1.40
N PHE A 304 -18.27 -56.96 2.07
CA PHE A 304 -17.47 -56.23 3.05
C PHE A 304 -17.91 -56.60 4.46
N PHE A 305 -16.93 -56.73 5.36
CA PHE A 305 -17.17 -57.13 6.75
C PHE A 305 -16.55 -56.13 7.74
N LEU A 306 -17.38 -55.47 8.55
CA LEU A 306 -16.92 -54.60 9.65
C LEU A 306 -17.19 -55.29 10.98
N ASN A 307 -16.16 -55.56 11.76
CA ASN A 307 -16.30 -56.33 13.02
C ASN A 307 -17.15 -57.59 12.83
N GLY A 308 -16.97 -58.28 11.71
CA GLY A 308 -17.74 -59.48 11.39
C GLY A 308 -19.17 -59.33 10.91
N LYS A 309 -19.69 -58.10 10.84
CA LYS A 309 -21.03 -57.88 10.30
C LYS A 309 -20.89 -57.60 8.82
N ASN A 310 -21.52 -58.44 7.99
CA ASN A 310 -21.64 -58.17 6.55
C ASN A 310 -22.64 -57.04 6.29
N MET A 311 -22.12 -55.94 5.74
CA MET A 311 -22.90 -54.73 5.55
C MET A 311 -22.54 -54.10 4.22
N LYS A 312 -23.50 -53.37 3.66
CA LYS A 312 -23.30 -52.66 2.41
C LYS A 312 -22.74 -51.28 2.73
N ILE A 313 -21.88 -50.79 1.84
CA ILE A 313 -21.25 -49.48 1.99
C ILE A 313 -22.14 -48.44 1.30
N LYS A 314 -22.72 -47.56 2.11
CA LYS A 314 -23.59 -46.49 1.66
C LYS A 314 -22.76 -45.20 1.61
N GLY A 315 -21.94 -45.11 0.56
CA GLY A 315 -20.90 -44.09 0.46
C GLY A 315 -21.38 -42.86 -0.27
N VAL A 316 -20.75 -41.73 0.03
CA VAL A 316 -20.91 -40.52 -0.76
C VAL A 316 -19.54 -39.89 -0.98
N CYS A 317 -19.37 -39.20 -2.11
CA CYS A 317 -18.14 -38.45 -2.39
C CYS A 317 -18.31 -37.02 -1.89
N LEU A 318 -17.25 -36.48 -1.30
CA LEU A 318 -17.24 -35.11 -0.80
C LEU A 318 -15.98 -34.40 -1.24
N HIS A 319 -16.16 -33.25 -1.88
CA HIS A 319 -15.07 -32.28 -2.04
C HIS A 319 -14.91 -31.54 -0.70
N HIS A 320 -13.95 -30.62 -0.64
CA HIS A 320 -13.47 -30.04 0.64
C HIS A 320 -14.08 -28.68 1.04
N ASP A 321 -14.87 -28.06 0.14
CA ASP A 321 -15.44 -26.73 0.37
C ASP A 321 -16.83 -26.82 1.01
N ALA A 322 -17.18 -25.82 1.80
CA ALA A 322 -18.57 -25.66 2.32
C ALA A 322 -19.20 -24.28 2.01
N SER A 323 -19.00 -23.81 0.77
CA SER A 323 -19.65 -22.62 0.19
C SER A 323 -19.14 -21.31 0.85
N MET A 324 -19.90 -20.71 1.78
CA MET A 324 -19.51 -19.39 2.31
C MET A 324 -18.13 -19.38 2.96
N ILE A 325 -17.78 -20.49 3.61
CA ILE A 325 -16.47 -20.66 4.25
C ILE A 325 -15.37 -21.11 3.28
N GLY A 326 -15.77 -21.68 2.14
CA GLY A 326 -14.80 -22.19 1.17
C GLY A 326 -14.06 -23.39 1.72
N ALA A 327 -12.77 -23.46 1.41
CA ALA A 327 -11.90 -24.55 1.89
C ALA A 327 -11.58 -24.49 3.40
N ALA A 328 -11.78 -23.34 4.04
CA ALA A 328 -11.55 -23.21 5.47
C ALA A 328 -12.27 -24.32 6.23
N LEU A 329 -11.52 -25.06 7.04
CA LEU A 329 -12.07 -26.21 7.75
C LEU A 329 -12.68 -25.77 9.06
N VAL A 330 -13.98 -25.49 9.02
CA VAL A 330 -14.78 -25.16 10.19
C VAL A 330 -15.64 -26.40 10.54
N GLU A 331 -15.36 -27.02 11.69
CA GLU A 331 -15.88 -28.34 12.05
C GLU A 331 -17.37 -28.38 12.24
N ASP A 332 -17.91 -27.41 12.99
CA ASP A 332 -19.36 -27.32 13.20
C ASP A 332 -20.10 -27.29 11.85
N VAL A 333 -19.52 -26.63 10.86
CA VAL A 333 -20.15 -26.56 9.53
C VAL A 333 -20.25 -27.97 8.93
N TRP A 334 -19.16 -28.72 9.00
CA TRP A 334 -19.15 -30.09 8.52
C TRP A 334 -19.95 -31.05 9.40
N ARG A 335 -19.98 -30.83 10.71
CA ARG A 335 -20.81 -31.67 11.60
C ARG A 335 -22.28 -31.72 11.19
N ARG A 336 -22.84 -30.56 10.87
CA ARG A 336 -24.25 -30.47 10.46
C ARG A 336 -24.48 -31.26 9.18
N ARG A 337 -23.59 -31.08 8.21
CA ARG A 337 -23.71 -31.75 6.91
C ARG A 337 -23.62 -33.28 7.04
N LEU A 338 -22.68 -33.74 7.86
CA LEU A 338 -22.53 -35.17 8.13
C LEU A 338 -23.70 -35.73 8.93
N GLN A 339 -24.21 -34.97 9.90
CA GLN A 339 -25.35 -35.46 10.68
C GLN A 339 -26.54 -35.69 9.77
N THR A 340 -26.79 -34.74 8.86
CA THR A 340 -27.83 -34.88 7.85
C THR A 340 -27.60 -36.13 7.02
N LEU A 341 -26.40 -36.26 6.46
CA LEU A 341 -25.99 -37.42 5.64
C LEU A 341 -26.20 -38.76 6.36
N LYS A 342 -25.77 -38.80 7.62
CA LYS A 342 -25.97 -39.98 8.48
C LYS A 342 -27.46 -40.28 8.75
N ASP A 343 -28.27 -39.23 8.96
CA ASP A 343 -29.73 -39.41 9.13
C ASP A 343 -30.37 -39.96 7.83
N GLY A 344 -29.75 -39.66 6.69
CA GLY A 344 -30.14 -40.25 5.41
C GLY A 344 -29.63 -41.67 5.14
N GLY A 345 -28.91 -42.27 6.10
CA GLY A 345 -28.41 -43.63 5.95
C GLY A 345 -26.95 -43.79 5.53
N CYS A 346 -26.30 -42.74 5.03
CA CYS A 346 -24.87 -42.82 4.66
C CYS A 346 -23.98 -43.35 5.80
N ASN A 347 -23.09 -44.29 5.49
CA ASN A 347 -22.08 -44.79 6.45
C ASN A 347 -20.62 -44.65 5.99
N ALA A 348 -20.39 -44.18 4.76
CA ALA A 348 -19.04 -44.06 4.24
C ALA A 348 -18.85 -42.77 3.48
N ILE A 349 -17.61 -42.29 3.44
CA ILE A 349 -17.22 -41.08 2.73
C ILE A 349 -15.96 -41.31 1.90
N ARG A 350 -16.05 -40.99 0.61
CA ARG A 350 -14.89 -40.90 -0.24
C ARG A 350 -14.36 -39.45 -0.26
N LEU A 351 -13.10 -39.25 0.11
CA LEU A 351 -12.47 -37.92 0.07
C LEU A 351 -11.94 -37.63 -1.31
N SER A 352 -12.86 -37.27 -2.21
CA SER A 352 -12.57 -36.98 -3.61
C SER A 352 -11.93 -35.59 -3.77
N HIS A 353 -10.80 -35.43 -4.47
CA HIS A 353 -9.88 -36.47 -4.94
C HIS A 353 -8.51 -36.12 -4.39
N ASN A 354 -8.44 -36.06 -3.07
CA ASN A 354 -7.25 -35.53 -2.41
C ASN A 354 -7.28 -35.84 -0.92
N PRO A 355 -6.13 -35.77 -0.23
CA PRO A 355 -6.10 -35.93 1.23
C PRO A 355 -7.05 -34.97 1.93
N GLY A 356 -7.79 -35.43 2.93
CA GLY A 356 -8.69 -34.57 3.71
C GLY A 356 -7.96 -33.88 4.86
N ALA A 357 -8.74 -33.16 5.68
CA ALA A 357 -8.23 -32.49 6.89
C ALA A 357 -8.22 -33.44 8.05
N ASP A 358 -7.18 -33.35 8.90
CA ASP A 358 -7.11 -34.16 10.11
C ASP A 358 -8.38 -33.99 10.92
N ALA A 359 -8.82 -32.76 11.06
CA ALA A 359 -10.05 -32.44 11.80
C ALA A 359 -11.31 -33.07 11.22
N PHE A 360 -11.36 -33.24 9.89
CA PHE A 360 -12.49 -33.92 9.21
C PHE A 360 -12.52 -35.41 9.51
N LEU A 361 -11.34 -36.03 9.43
CA LEU A 361 -11.14 -37.44 9.81
C LEU A 361 -11.45 -37.66 11.29
N GLU A 362 -11.09 -36.70 12.16
CA GLU A 362 -11.46 -36.77 13.58
C GLU A 362 -12.99 -36.78 13.77
N LEU A 363 -13.66 -35.92 13.02
CA LEU A 363 -15.11 -35.85 12.99
C LEU A 363 -15.72 -37.19 12.56
N CYS A 364 -15.08 -37.85 11.58
CA CYS A 364 -15.57 -39.14 11.09
C CYS A 364 -15.39 -40.27 12.10
N ASP A 365 -14.22 -40.29 12.75
CA ASP A 365 -13.96 -41.22 13.88
C ASP A 365 -15.06 -41.10 14.93
N GLU A 366 -15.35 -39.87 15.33
CA GLU A 366 -16.31 -39.57 16.40
C GLU A 366 -17.77 -39.83 16.01
N MET A 367 -18.15 -39.48 14.79
CA MET A 367 -19.54 -39.63 14.32
C MET A 367 -19.83 -40.99 13.69
N GLY A 368 -18.81 -41.60 13.08
CA GLY A 368 -18.92 -42.98 12.56
C GLY A 368 -19.16 -43.10 11.07
N PHE A 369 -18.15 -42.71 10.29
CA PHE A 369 -18.14 -42.91 8.83
C PHE A 369 -16.90 -43.68 8.44
N LEU A 370 -17.03 -44.58 7.47
CA LEU A 370 -15.88 -45.26 6.88
C LEU A 370 -15.29 -44.36 5.79
N VAL A 371 -13.98 -44.14 5.78
CA VAL A 371 -13.36 -43.11 4.93
C VAL A 371 -12.34 -43.64 3.91
N GLN A 372 -12.62 -43.46 2.61
CA GLN A 372 -11.60 -43.64 1.58
C GLN A 372 -10.88 -42.30 1.43
N GLU A 373 -9.59 -42.25 1.73
CA GLU A 373 -8.77 -41.05 1.51
C GLU A 373 -8.00 -41.22 0.22
N GLU A 374 -8.14 -40.27 -0.73
CA GLU A 374 -7.46 -40.32 -2.05
C GLU A 374 -6.22 -39.46 -2.07
N PHE A 375 -5.12 -39.97 -2.62
CA PHE A 375 -3.88 -39.19 -2.67
C PHE A 375 -3.88 -38.17 -3.81
N PHE A 376 -4.31 -38.58 -5.01
CA PHE A 376 -4.15 -37.78 -6.22
C PHE A 376 -5.31 -37.89 -7.21
N ASP A 377 -5.49 -36.82 -8.00
CA ASP A 377 -6.44 -36.80 -9.14
C ASP A 377 -5.76 -37.07 -10.49
N GLU A 378 -4.44 -37.07 -10.50
CA GLU A 378 -3.65 -37.33 -11.71
C GLU A 378 -2.24 -37.70 -11.29
N TRP A 379 -1.57 -38.53 -12.11
CA TRP A 379 -0.18 -38.94 -11.84
C TRP A 379 0.77 -38.24 -12.81
N ASP A 380 1.33 -38.98 -13.77
CA ASP A 380 2.43 -38.49 -14.62
C ASP A 380 1.98 -37.43 -15.63
N TYR A 381 0.77 -37.62 -16.19
CA TYR A 381 0.23 -36.75 -17.22
C TYR A 381 -0.96 -35.95 -16.68
N PRO A 382 -1.10 -34.67 -17.11
CA PRO A 382 -2.18 -33.84 -16.58
C PRO A 382 -3.54 -34.09 -17.22
N LYS A 383 -4.60 -33.91 -16.43
CA LYS A 383 -5.97 -33.81 -16.93
C LYS A 383 -6.27 -32.38 -17.36
N ASP A 384 -7.21 -32.26 -18.28
CA ASP A 384 -7.76 -30.96 -18.67
C ASP A 384 -8.58 -30.42 -17.50
N LYS A 385 -8.30 -29.19 -17.10
CA LYS A 385 -8.95 -28.61 -15.93
C LYS A 385 -10.37 -28.10 -16.23
N ARG A 386 -10.63 -27.66 -17.46
CA ARG A 386 -11.92 -27.08 -17.84
C ARG A 386 -12.86 -28.16 -18.36
N LEU A 387 -12.36 -28.93 -19.32
CA LEU A 387 -13.02 -30.12 -19.85
C LEU A 387 -12.50 -31.23 -18.95
N ASN A 388 -13.07 -32.43 -18.97
CA ASN A 388 -12.48 -33.47 -18.12
C ASN A 388 -11.38 -34.18 -18.92
N MET A 389 -10.95 -35.36 -18.46
CA MET A 389 -10.18 -36.30 -19.27
C MET A 389 -8.78 -35.72 -19.61
N ASP A 390 -8.17 -36.15 -20.71
CA ASP A 390 -6.79 -35.74 -21.07
C ASP A 390 -6.68 -34.26 -21.36
N GLU A 391 -5.51 -33.68 -21.08
CA GLU A 391 -5.29 -32.27 -21.34
C GLU A 391 -5.21 -32.02 -22.85
N GLN A 392 -6.05 -31.12 -23.35
CA GLN A 392 -6.09 -30.79 -24.78
C GLN A 392 -5.38 -29.45 -25.05
N SER A 393 -5.69 -28.44 -24.25
CA SER A 393 -5.06 -27.11 -24.35
C SER A 393 -3.91 -26.96 -23.34
N ILE A 394 -3.03 -25.99 -23.56
CA ILE A 394 -2.02 -25.58 -22.56
C ILE A 394 -2.04 -24.06 -22.35
N ASP A 395 -2.18 -23.62 -21.09
CA ASP A 395 -2.05 -22.20 -20.72
C ASP A 395 -1.54 -22.10 -19.29
N TYR A 396 -1.03 -20.92 -18.94
CA TYR A 396 -0.38 -20.71 -17.64
C TYR A 396 -1.25 -21.05 -16.43
N ILE A 397 -2.52 -20.65 -16.47
CA ILE A 397 -3.37 -20.69 -15.26
C ILE A 397 -3.90 -22.09 -14.91
N THR A 398 -3.76 -23.04 -15.83
CA THR A 398 -4.09 -24.44 -15.56
C THR A 398 -2.86 -25.31 -15.25
N ARG A 399 -1.67 -24.71 -15.14
CA ARG A 399 -0.47 -25.46 -14.74
C ARG A 399 -0.58 -25.90 -13.28
N GLY A 400 -0.64 -27.22 -13.09
CA GLY A 400 -0.92 -27.82 -11.79
C GLY A 400 0.21 -28.61 -11.19
N TYR A 401 -0.16 -29.51 -10.28
CA TYR A 401 0.78 -30.32 -9.47
C TYR A 401 1.57 -31.33 -10.30
N CYS A 402 1.07 -31.63 -11.50
CA CYS A 402 1.76 -32.51 -12.42
C CYS A 402 3.20 -32.09 -12.73
N GLU A 403 3.45 -30.78 -12.61
CA GLU A 403 4.79 -30.23 -12.74
C GLU A 403 5.74 -30.72 -11.65
N TYR A 404 5.22 -31.08 -10.48
CA TYR A 404 6.07 -31.53 -9.36
C TYR A 404 5.95 -33.02 -8.99
N PHE A 405 5.02 -33.74 -9.61
CA PHE A 405 4.66 -35.11 -9.25
C PHE A 405 5.88 -36.06 -9.20
N GLN A 406 6.73 -35.99 -10.21
CA GLN A 406 7.94 -36.84 -10.24
C GLN A 406 8.81 -36.70 -8.98
N GLU A 407 9.02 -35.47 -8.53
CA GLU A 407 9.86 -35.23 -7.35
C GLU A 407 9.14 -35.31 -6.01
N TRP A 408 7.81 -35.11 -5.99
CA TRP A 408 7.06 -34.94 -4.74
C TRP A 408 6.03 -36.02 -4.35
N ALA A 409 5.58 -36.85 -5.30
CA ALA A 409 4.54 -37.87 -5.04
C ALA A 409 4.84 -38.74 -3.82
N GLU A 410 6.10 -39.15 -3.68
CA GLU A 410 6.54 -39.99 -2.57
C GLU A 410 6.48 -39.28 -1.22
N ARG A 411 7.14 -38.14 -1.10
CA ARG A 411 7.11 -37.35 0.15
C ARG A 411 5.68 -36.98 0.58
N ASP A 412 4.82 -36.69 -0.41
CA ASP A 412 3.45 -36.26 -0.13
C ASP A 412 2.60 -37.46 0.30
N LEU A 413 2.59 -38.53 -0.50
CA LEU A 413 1.77 -39.71 -0.21
C LEU A 413 2.04 -40.23 1.21
N LYS A 414 3.30 -40.26 1.59
CA LYS A 414 3.75 -40.83 2.85
C LYS A 414 3.43 -39.92 4.03
N ASN A 415 3.65 -38.61 3.86
CA ASN A 415 3.30 -37.63 4.88
C ASN A 415 1.81 -37.66 5.17
N VAL A 416 0.98 -37.78 4.14
CA VAL A 416 -0.48 -37.93 4.30
C VAL A 416 -0.75 -39.10 5.22
N MET A 417 -0.12 -40.23 4.90
CA MET A 417 -0.32 -41.48 5.64
C MET A 417 0.27 -41.43 7.04
N LEU A 418 1.43 -40.81 7.23
CA LEU A 418 2.00 -40.60 8.58
C LEU A 418 0.98 -39.88 9.46
N ARG A 419 0.41 -38.81 8.90
CA ARG A 419 -0.66 -38.01 9.51
C ARG A 419 -1.98 -38.77 9.71
N SER A 420 -2.42 -39.51 8.70
CA SER A 420 -3.76 -40.06 8.66
C SER A 420 -3.92 -41.47 9.28
N ARG A 421 -2.86 -42.29 9.25
CA ARG A 421 -2.99 -43.74 9.46
C ARG A 421 -3.54 -44.27 10.81
N ASN A 422 -3.57 -43.46 11.87
CA ASN A 422 -4.15 -43.90 13.15
C ASN A 422 -5.70 -43.81 13.22
N HIS A 423 -6.32 -43.09 12.29
CA HIS A 423 -7.76 -42.79 12.36
C HIS A 423 -8.57 -44.02 12.06
N PRO A 424 -9.36 -44.50 13.04
CA PRO A 424 -10.17 -45.68 12.78
C PRO A 424 -11.14 -45.58 11.61
N CYS A 425 -11.55 -44.36 11.25
CA CYS A 425 -12.50 -44.18 10.13
C CYS A 425 -11.96 -44.67 8.79
N ILE A 426 -10.65 -44.51 8.59
CA ILE A 426 -10.06 -44.79 7.29
C ILE A 426 -10.09 -46.32 7.06
N PHE A 427 -10.82 -46.73 6.03
CA PHE A 427 -10.91 -48.12 5.63
C PHE A 427 -10.44 -48.43 4.19
N GLN A 428 -9.98 -47.42 3.45
CA GLN A 428 -9.40 -47.61 2.12
C GLN A 428 -8.45 -46.46 1.80
N TRP A 429 -7.30 -46.79 1.20
CA TRP A 429 -6.41 -45.77 0.62
C TRP A 429 -6.51 -45.86 -0.89
N SER A 430 -6.85 -44.77 -1.55
CA SER A 430 -7.03 -44.77 -3.01
C SER A 430 -5.94 -43.96 -3.69
N ILE A 431 -5.18 -44.63 -4.55
CA ILE A 431 -3.99 -44.03 -5.13
C ILE A 431 -4.30 -43.11 -6.32
N GLY A 432 -5.53 -43.14 -6.83
CA GLY A 432 -5.88 -42.34 -8.01
C GLY A 432 -7.34 -42.37 -8.46
N ASN A 433 -7.79 -41.28 -9.05
CA ASN A 433 -9.13 -41.16 -9.61
C ASN A 433 -9.08 -41.06 -11.13
N GLU A 434 -9.90 -41.87 -11.82
CA GLU A 434 -10.06 -41.85 -13.30
C GLU A 434 -8.75 -41.54 -14.03
N ILE A 435 -7.73 -42.30 -13.73
CA ILE A 435 -6.39 -42.02 -14.23
C ILE A 435 -6.28 -42.37 -15.70
N GLU A 436 -7.02 -43.39 -16.11
CA GLU A 436 -6.94 -43.98 -17.46
C GLU A 436 -7.09 -42.98 -18.60
N TRP A 437 -7.82 -41.89 -18.39
CA TRP A 437 -7.91 -40.83 -19.40
C TRP A 437 -6.55 -40.22 -19.81
N THR A 438 -5.59 -40.18 -18.89
CA THR A 438 -4.35 -39.42 -19.07
C THR A 438 -3.19 -40.17 -19.75
N TYR A 439 -3.36 -41.46 -20.00
CA TYR A 439 -2.31 -42.27 -20.61
C TYR A 439 -2.75 -42.71 -22.03
N LYS A 440 -1.96 -42.33 -23.05
CA LYS A 440 -2.21 -42.73 -24.45
C LYS A 440 -2.32 -44.25 -24.62
N GLY A 441 -3.50 -44.74 -25.01
CA GLY A 441 -3.69 -46.16 -25.31
C GLY A 441 -4.73 -46.89 -24.47
N CYS A 442 -5.09 -46.33 -23.32
CA CYS A 442 -6.00 -47.02 -22.40
C CYS A 442 -7.39 -47.11 -22.98
N LYS A 443 -7.98 -45.96 -23.30
CA LYS A 443 -9.31 -45.92 -23.88
C LYS A 443 -9.32 -46.55 -25.27
N GLU A 444 -8.21 -46.38 -26.00
CA GLU A 444 -8.06 -46.95 -27.32
C GLU A 444 -8.08 -48.50 -27.25
N SER A 445 -7.46 -49.07 -26.21
CA SER A 445 -7.35 -50.52 -26.09
C SER A 445 -8.63 -51.22 -25.66
N THR A 446 -9.60 -50.47 -25.12
CA THR A 446 -10.96 -50.99 -24.98
C THR A 446 -11.53 -51.01 -26.41
N GLY A 447 -12.74 -51.50 -26.60
CA GLY A 447 -13.35 -51.37 -27.93
C GLY A 447 -14.20 -50.12 -28.13
N PHE A 448 -14.28 -49.28 -27.11
CA PHE A 448 -15.38 -48.31 -27.00
C PHE A 448 -15.30 -47.12 -27.94
N PHE A 449 -14.11 -46.71 -28.36
CA PHE A 449 -13.92 -45.46 -29.13
C PHE A 449 -13.18 -45.68 -30.46
N TYR A 457 -20.01 -45.88 -23.42
CA TYR A 457 -19.33 -46.88 -22.59
C TYR A 457 -20.01 -47.14 -21.23
N PHE A 458 -20.64 -46.11 -20.65
CA PHE A 458 -21.44 -46.24 -19.42
C PHE A 458 -22.35 -47.47 -19.35
N TRP A 459 -23.01 -47.78 -20.45
CA TRP A 459 -24.10 -48.77 -20.44
C TRP A 459 -23.78 -50.11 -21.08
N ASN A 460 -22.55 -50.25 -21.59
CA ASN A 460 -22.13 -51.48 -22.25
C ASN A 460 -20.85 -52.04 -21.66
N GLN A 461 -20.65 -53.32 -21.95
CA GLN A 461 -19.40 -53.99 -21.74
C GLN A 461 -18.60 -53.77 -23.04
N PRO A 462 -17.27 -54.01 -23.03
CA PRO A 462 -16.44 -53.76 -24.23
C PRO A 462 -16.60 -54.80 -25.35
N PRO A 463 -16.62 -54.36 -26.63
CA PRO A 463 -16.74 -55.34 -27.72
C PRO A 463 -15.49 -56.22 -27.92
N TYR A 464 -14.33 -55.81 -27.41
CA TYR A 464 -13.12 -56.64 -27.46
C TYR A 464 -13.06 -57.60 -26.26
N SER A 465 -12.63 -58.84 -26.48
CA SER A 465 -12.40 -59.80 -25.40
C SER A 465 -11.20 -59.39 -24.54
N THR A 466 -11.01 -60.05 -23.40
CA THR A 466 -9.90 -59.72 -22.50
C THR A 466 -8.53 -59.88 -23.17
N GLN A 467 -8.40 -60.92 -24.00
CA GLN A 467 -7.18 -61.15 -24.79
C GLN A 467 -7.01 -60.11 -25.89
N ARG A 468 -8.11 -59.78 -26.58
CA ARG A 468 -8.09 -58.75 -27.61
C ARG A 468 -7.68 -57.39 -27.02
N ILE A 469 -8.18 -57.08 -25.82
CA ILE A 469 -7.78 -55.87 -25.10
C ILE A 469 -6.28 -55.86 -24.81
N ARG A 470 -5.78 -57.00 -24.36
CA ARG A 470 -4.37 -57.18 -24.02
C ARG A 470 -3.46 -57.02 -25.26
N GLU A 471 -3.91 -57.55 -26.39
CA GLU A 471 -3.22 -57.42 -27.69
C GLU A 471 -3.22 -55.98 -28.23
N GLU A 472 -4.35 -55.31 -28.14
CA GLU A 472 -4.42 -53.89 -28.49
C GLU A 472 -3.44 -53.08 -27.63
N TRP A 473 -3.40 -53.37 -26.34
CA TRP A 473 -2.49 -52.71 -25.41
C TRP A 473 -1.00 -52.88 -25.77
N ALA A 474 -0.62 -54.11 -26.12
CA ALA A 474 0.73 -54.39 -26.62
C ALA A 474 1.06 -53.63 -27.93
N LYS A 475 0.03 -53.34 -28.74
CA LYS A 475 0.18 -52.56 -30.00
C LYS A 475 0.34 -51.04 -29.85
N GLN A 476 0.05 -50.49 -28.68
CA GLN A 476 0.13 -49.03 -28.49
C GLN A 476 1.57 -48.62 -28.34
N PRO A 477 1.94 -47.41 -28.78
CA PRO A 477 3.34 -47.01 -28.67
C PRO A 477 3.76 -46.73 -27.24
N LYS A 478 5.03 -47.00 -26.93
CA LYS A 478 5.59 -46.78 -25.59
C LYS A 478 5.63 -45.27 -25.31
N GLN A 479 5.01 -44.84 -24.22
CA GLN A 479 5.13 -43.47 -23.70
C GLN A 479 6.32 -43.39 -22.73
N THR A 480 6.66 -42.16 -22.31
CA THR A 480 7.69 -41.93 -21.29
C THR A 480 7.30 -42.58 -19.97
N TYR A 481 6.02 -42.42 -19.60
CA TYR A 481 5.48 -43.02 -18.38
C TYR A 481 4.42 -44.05 -18.73
N ASP A 482 4.23 -45.03 -17.84
CA ASP A 482 3.26 -46.10 -18.02
C ASP A 482 2.29 -46.13 -16.83
N ILE A 483 1.00 -46.32 -17.11
CA ILE A 483 -0.02 -46.39 -16.06
C ILE A 483 0.23 -47.54 -15.04
N GLY A 484 0.63 -48.70 -15.56
CA GLY A 484 0.98 -49.86 -14.74
C GLY A 484 2.18 -49.64 -13.83
N ARG A 485 3.28 -49.10 -14.37
CA ARG A 485 4.51 -48.92 -13.59
C ARG A 485 4.28 -47.94 -12.45
N THR A 486 3.62 -46.84 -12.75
CA THR A 486 3.37 -45.82 -11.74
C THR A 486 2.36 -46.33 -10.71
N ALA A 487 1.33 -47.05 -11.14
CA ALA A 487 0.42 -47.73 -10.20
C ALA A 487 1.20 -48.58 -9.17
N LYS A 488 2.14 -49.39 -9.67
CA LYS A 488 2.99 -50.25 -8.80
C LYS A 488 3.85 -49.48 -7.80
N LYS A 489 4.46 -48.40 -8.25
CA LYS A 489 5.31 -47.59 -7.37
C LYS A 489 4.48 -46.97 -6.24
N LEU A 490 3.31 -46.42 -6.57
CA LEU A 490 2.37 -45.83 -5.59
C LEU A 490 1.81 -46.87 -4.63
N ALA A 491 1.38 -48.01 -5.19
CA ALA A 491 0.87 -49.11 -4.38
C ALA A 491 1.95 -49.62 -3.42
N ALA A 492 3.19 -49.71 -3.92
CA ALA A 492 4.33 -50.13 -3.12
C ALA A 492 4.65 -49.12 -2.01
N TRP A 493 4.69 -47.83 -2.34
CA TRP A 493 4.91 -46.81 -1.31
C TRP A 493 3.84 -46.88 -0.24
N THR A 494 2.59 -47.02 -0.68
CA THR A 494 1.48 -47.10 0.23
C THR A 494 1.71 -48.22 1.26
N ARG A 495 2.09 -49.41 0.77
CA ARG A 495 2.28 -50.57 1.64
C ARG A 495 3.49 -50.49 2.59
N GLU A 496 4.44 -49.61 2.32
CA GLU A 496 5.53 -49.36 3.27
C GLU A 496 5.02 -48.68 4.56
N MET A 497 3.90 -47.97 4.45
CA MET A 497 3.35 -47.17 5.55
C MET A 497 2.20 -47.86 6.25
N ASP A 498 1.43 -48.67 5.52
CA ASP A 498 0.27 -49.33 6.10
C ASP A 498 -0.14 -50.54 5.24
N THR A 499 -0.19 -51.72 5.84
CA THR A 499 -0.80 -52.91 5.21
C THR A 499 -2.15 -53.32 5.85
N THR A 500 -2.66 -52.49 6.77
CA THR A 500 -3.91 -52.81 7.52
C THR A 500 -5.16 -52.27 6.86
N ARG A 501 -5.01 -51.58 5.74
CA ARG A 501 -6.12 -51.09 4.95
C ARG A 501 -5.83 -51.33 3.46
N PRO A 502 -6.86 -51.77 2.71
CA PRO A 502 -6.64 -52.13 1.30
C PRO A 502 -6.27 -50.93 0.42
N VAL A 503 -5.46 -51.20 -0.59
CA VAL A 503 -5.16 -50.25 -1.62
C VAL A 503 -6.28 -50.36 -2.65
N THR A 504 -6.83 -49.22 -3.06
CA THR A 504 -7.86 -49.20 -4.10
C THR A 504 -7.56 -48.02 -5.03
N ALA A 505 -8.48 -47.82 -5.98
CA ALA A 505 -8.41 -46.72 -6.93
C ALA A 505 -9.75 -46.67 -7.64
N ASN A 506 -10.14 -45.48 -8.09
CA ASN A 506 -11.37 -45.31 -8.85
C ASN A 506 -11.06 -45.45 -10.32
N CYS A 507 -11.23 -46.66 -10.83
CA CYS A 507 -10.97 -46.98 -12.24
C CYS A 507 -12.18 -46.68 -13.13
N ILE A 508 -12.03 -45.72 -14.05
CA ILE A 508 -13.07 -45.37 -15.06
C ILE A 508 -13.15 -46.38 -16.22
N LEU A 509 -12.07 -47.10 -16.49
CA LEU A 509 -12.05 -48.13 -17.56
C LEU A 509 -11.38 -49.40 -17.03
N PRO A 510 -12.10 -50.13 -16.15
CA PRO A 510 -11.53 -51.36 -15.59
C PRO A 510 -11.12 -52.41 -16.63
N SER A 511 -11.87 -52.52 -17.73
CA SER A 511 -11.57 -53.51 -18.78
C SER A 511 -10.09 -53.51 -19.22
N ILE A 512 -9.50 -52.32 -19.39
CA ILE A 512 -8.08 -52.18 -19.78
C ILE A 512 -7.15 -52.17 -18.55
N SER A 513 -7.58 -51.60 -17.44
CA SER A 513 -6.73 -51.56 -16.24
C SER A 513 -6.56 -52.94 -15.59
N TYR A 514 -7.53 -53.83 -15.80
CA TYR A 514 -7.34 -55.28 -15.56
C TYR A 514 -6.12 -55.88 -16.29
N GLU A 515 -5.75 -55.34 -17.46
CA GLU A 515 -4.68 -55.88 -18.30
C GLU A 515 -3.34 -55.11 -18.28
N THR A 516 -3.35 -53.86 -17.81
CA THR A 516 -2.12 -53.05 -17.74
C THR A 516 -1.28 -53.25 -16.47
N GLY A 517 -1.76 -54.07 -15.53
CA GLY A 517 -1.10 -54.25 -14.23
C GLY A 517 -1.53 -53.25 -13.16
N TYR A 518 -2.51 -52.40 -13.47
CA TYR A 518 -3.00 -51.35 -12.56
C TYR A 518 -3.88 -51.98 -11.51
N ILE A 519 -4.92 -52.69 -11.93
CA ILE A 519 -5.82 -53.36 -10.98
C ILE A 519 -5.09 -54.44 -10.18
N ASP A 520 -4.09 -55.07 -10.79
CA ASP A 520 -3.27 -56.06 -10.11
C ASP A 520 -2.49 -55.49 -8.92
N ALA A 521 -2.21 -54.18 -8.93
CA ALA A 521 -1.53 -53.54 -7.79
C ALA A 521 -2.47 -53.25 -6.64
N LEU A 522 -3.77 -53.23 -6.93
CA LEU A 522 -4.83 -52.89 -5.95
C LEU A 522 -5.30 -54.16 -5.22
N ASP A 523 -5.81 -54.01 -4.00
CA ASP A 523 -6.52 -55.09 -3.29
C ASP A 523 -8.01 -55.02 -3.55
N VAL A 524 -8.51 -53.83 -3.86
CA VAL A 524 -9.92 -53.62 -4.18
C VAL A 524 -10.02 -52.76 -5.44
N ALA A 525 -10.52 -53.35 -6.51
CA ALA A 525 -10.80 -52.62 -7.76
C ALA A 525 -12.04 -51.77 -7.53
N GLY A 526 -11.86 -50.45 -7.65
CA GLY A 526 -12.96 -49.49 -7.53
C GLY A 526 -13.37 -49.10 -8.93
N PHE A 527 -14.69 -49.03 -9.15
CA PHE A 527 -15.28 -48.86 -10.48
C PHE A 527 -16.04 -47.53 -10.54
N SER A 528 -15.59 -46.64 -11.42
CA SER A 528 -16.26 -45.34 -11.65
C SER A 528 -17.34 -45.50 -12.73
N TYR A 529 -18.61 -45.54 -12.30
CA TYR A 529 -19.77 -45.60 -13.22
C TYR A 529 -19.81 -46.86 -14.09
N ARG A 530 -19.41 -47.99 -13.50
CA ARG A 530 -19.34 -49.27 -14.24
C ARG A 530 -20.21 -50.34 -13.60
N ARG A 531 -21.47 -50.05 -13.27
CA ARG A 531 -22.35 -51.10 -12.73
C ARG A 531 -22.53 -52.23 -13.76
N VAL A 532 -22.58 -51.84 -15.03
CA VAL A 532 -22.59 -52.77 -16.16
C VAL A 532 -21.35 -53.69 -16.25
N MET A 533 -20.29 -53.41 -15.48
CA MET A 533 -19.10 -54.28 -15.40
C MET A 533 -18.98 -55.11 -14.10
N TYR A 534 -19.97 -55.08 -13.22
CA TYR A 534 -19.91 -55.91 -12.00
C TYR A 534 -19.94 -57.41 -12.34
N ASP A 535 -20.83 -57.82 -13.25
CA ASP A 535 -20.87 -59.20 -13.76
C ASP A 535 -19.59 -59.62 -14.49
N TYR A 536 -18.96 -58.67 -15.20
CA TYR A 536 -17.71 -58.91 -15.94
C TYR A 536 -16.53 -59.13 -14.99
N ALA A 537 -16.49 -58.40 -13.88
CA ALA A 537 -15.46 -58.57 -12.85
C ALA A 537 -15.58 -59.93 -12.16
N HIS A 538 -16.81 -60.28 -11.78
CA HIS A 538 -17.12 -61.59 -11.20
C HIS A 538 -16.76 -62.74 -12.14
N LYS A 539 -17.19 -62.63 -13.40
CA LYS A 539 -16.96 -63.66 -14.41
C LYS A 539 -15.48 -63.85 -14.72
N ASN A 540 -14.79 -62.77 -15.07
CA ASN A 540 -13.43 -62.82 -15.61
C ASN A 540 -12.29 -62.70 -14.57
N TYR A 541 -12.54 -62.02 -13.45
CA TYR A 541 -11.54 -61.86 -12.37
C TYR A 541 -12.19 -61.99 -10.99
N PRO A 542 -12.79 -63.15 -10.70
CA PRO A 542 -13.61 -63.34 -9.48
C PRO A 542 -12.86 -63.19 -8.14
N ASP A 543 -11.57 -63.52 -8.12
CA ASP A 543 -10.81 -63.50 -6.86
C ASP A 543 -10.33 -62.11 -6.46
N LYS A 544 -10.54 -61.11 -7.32
CA LYS A 544 -10.27 -59.71 -7.01
C LYS A 544 -11.54 -58.94 -6.56
N PRO A 545 -11.61 -58.52 -5.27
CA PRO A 545 -12.77 -57.75 -4.80
C PRO A 545 -13.05 -56.48 -5.61
N ALA A 546 -14.30 -56.27 -5.95
CA ALA A 546 -14.72 -55.11 -6.74
C ALA A 546 -15.92 -54.40 -6.12
N MET A 547 -16.09 -53.14 -6.50
CA MET A 547 -16.93 -52.20 -5.76
C MET A 547 -17.18 -50.91 -6.53
N GLY A 548 -18.33 -50.27 -6.28
CA GLY A 548 -18.56 -48.92 -6.80
C GLY A 548 -17.75 -47.89 -6.01
N THR A 549 -16.84 -47.17 -6.66
CA THR A 549 -16.11 -46.07 -6.01
C THR A 549 -16.53 -44.69 -6.48
N GLU A 550 -17.27 -44.63 -7.60
CA GLU A 550 -17.97 -43.40 -7.99
C GLU A 550 -19.24 -43.75 -8.78
N ASN A 551 -20.40 -43.28 -8.28
CA ASN A 551 -21.71 -43.69 -8.78
C ASN A 551 -22.73 -42.57 -8.78
N LEU A 552 -23.78 -42.76 -9.57
CA LEU A 552 -24.86 -41.77 -9.71
C LEU A 552 -25.84 -41.88 -8.55
N GLY A 553 -26.33 -40.75 -8.06
CA GLY A 553 -27.38 -40.75 -7.03
C GLY A 553 -28.71 -41.22 -7.58
N GLN A 554 -28.83 -42.52 -7.85
CA GLN A 554 -30.03 -43.10 -8.49
C GLN A 554 -30.27 -44.51 -7.99
N TRP A 555 -31.54 -44.91 -7.97
CA TRP A 555 -31.95 -46.27 -7.59
C TRP A 555 -31.30 -47.38 -8.44
N HIS A 556 -31.19 -47.19 -9.75
CA HIS A 556 -30.63 -48.23 -10.64
C HIS A 556 -29.16 -48.62 -10.32
N GLU A 557 -28.44 -47.70 -9.68
CA GLU A 557 -27.10 -47.97 -9.15
C GLU A 557 -27.13 -48.86 -7.91
N TRP A 558 -28.06 -48.59 -6.99
CA TRP A 558 -28.21 -49.32 -5.74
C TRP A 558 -28.86 -50.70 -5.92
N LYS A 559 -29.77 -50.81 -6.88
CA LYS A 559 -30.37 -52.10 -7.29
C LYS A 559 -29.27 -53.12 -7.64
N ALA A 560 -28.33 -52.67 -8.47
CA ALA A 560 -27.15 -53.47 -8.85
C ALA A 560 -26.23 -53.86 -7.69
N VAL A 561 -26.11 -53.01 -6.67
CA VAL A 561 -25.35 -53.34 -5.46
C VAL A 561 -26.05 -54.43 -4.65
N ILE A 562 -27.31 -54.26 -4.30
CA ILE A 562 -27.99 -55.20 -3.40
C ILE A 562 -28.35 -56.54 -4.02
N GLU A 563 -28.35 -56.63 -5.35
CA GLU A 563 -28.50 -57.92 -6.06
C GLU A 563 -27.21 -58.74 -6.16
N ARG A 564 -26.07 -58.18 -5.75
CA ARG A 564 -24.75 -58.80 -5.84
C ARG A 564 -23.98 -58.78 -4.51
N ASP A 565 -23.85 -59.95 -3.88
CA ASP A 565 -23.10 -60.08 -2.62
C ASP A 565 -21.60 -59.78 -2.83
N TYR A 566 -21.12 -60.03 -4.05
CA TYR A 566 -19.73 -59.73 -4.41
C TYR A 566 -19.42 -58.23 -4.69
N ILE A 567 -20.45 -57.36 -4.67
CA ILE A 567 -20.29 -55.89 -4.82
C ILE A 567 -20.78 -55.22 -3.53
N PRO A 568 -19.86 -54.85 -2.63
CA PRO A 568 -20.27 -54.44 -1.28
C PRO A 568 -20.75 -53.01 -1.10
N GLY A 569 -20.81 -52.20 -2.16
CA GLY A 569 -21.33 -50.84 -2.00
C GLY A 569 -21.07 -49.89 -3.13
N MET A 570 -21.32 -48.61 -2.85
CA MET A 570 -21.10 -47.54 -3.81
C MET A 570 -20.79 -46.24 -3.11
N PHE A 571 -20.31 -45.27 -3.88
CA PHE A 571 -20.04 -43.92 -3.41
C PHE A 571 -20.68 -42.94 -4.38
N ILE A 572 -21.72 -42.23 -3.93
CA ILE A 572 -22.46 -41.33 -4.81
C ILE A 572 -21.68 -40.06 -5.10
N TRP A 573 -21.76 -39.59 -6.35
CA TRP A 573 -21.28 -38.28 -6.75
C TRP A 573 -22.48 -37.31 -6.80
N THR A 574 -22.63 -36.38 -5.85
CA THR A 574 -21.87 -36.25 -4.59
C THR A 574 -22.84 -36.21 -3.42
N GLY A 575 -22.29 -36.25 -2.19
CA GLY A 575 -23.09 -36.15 -0.97
C GLY A 575 -23.61 -34.76 -0.74
N VAL A 576 -22.73 -33.77 -0.92
CA VAL A 576 -23.07 -32.35 -0.84
C VAL A 576 -22.50 -31.63 -2.08
N ASP A 577 -23.25 -30.70 -2.64
CA ASP A 577 -22.79 -29.86 -3.76
C ASP A 577 -21.51 -29.08 -3.44
N TYR A 578 -20.80 -28.74 -4.50
CA TYR A 578 -19.47 -28.12 -4.40
C TYR A 578 -19.27 -27.05 -5.49
N LEU A 579 -18.39 -26.10 -5.19
CA LEU A 579 -18.07 -25.03 -6.12
C LEU A 579 -17.12 -25.54 -7.20
N GLY A 580 -17.39 -25.11 -8.43
CA GLY A 580 -16.54 -25.40 -9.57
C GLY A 580 -17.09 -26.47 -10.46
N GLU A 581 -16.22 -26.96 -11.34
CA GLU A 581 -16.56 -27.89 -12.42
C GLU A 581 -17.75 -27.40 -13.26
N VAL A 582 -17.70 -26.11 -13.57
CA VAL A 582 -18.71 -25.45 -14.39
C VAL A 582 -18.00 -24.50 -15.38
N GLY A 583 -18.77 -23.74 -16.16
CA GLY A 583 -18.21 -22.89 -17.23
C GLY A 583 -18.22 -23.58 -18.57
N THR A 584 -18.43 -24.90 -18.56
CA THR A 584 -18.56 -25.70 -19.77
C THR A 584 -19.88 -25.35 -20.49
N LYS A 585 -19.97 -25.82 -21.73
CA LYS A 585 -21.19 -25.73 -22.54
C LYS A 585 -22.38 -26.28 -21.73
N GLY A 586 -23.46 -25.49 -21.68
CA GLY A 586 -24.64 -25.83 -20.88
C GLY A 586 -24.62 -25.31 -19.44
N ARG A 587 -23.44 -25.01 -18.89
CA ARG A 587 -23.29 -24.61 -17.48
C ARG A 587 -22.47 -23.34 -17.33
N GLU A 588 -22.87 -22.32 -18.08
CA GLU A 588 -22.16 -21.05 -18.16
C GLU A 588 -22.51 -20.23 -16.93
N TRP A 589 -21.82 -19.10 -16.77
CA TRP A 589 -22.15 -18.12 -15.74
C TRP A 589 -23.66 -17.79 -15.78
N PRO A 590 -24.31 -17.55 -14.63
CA PRO A 590 -23.72 -17.49 -13.29
C PRO A 590 -23.86 -18.79 -12.44
N GLN A 591 -23.96 -19.95 -13.08
CA GLN A 591 -23.94 -21.26 -12.39
C GLN A 591 -22.61 -21.50 -11.68
N ARG A 592 -22.67 -21.82 -10.39
CA ARG A 592 -21.48 -22.11 -9.54
C ARG A 592 -21.19 -23.59 -9.36
N ALA A 593 -22.25 -24.40 -9.23
CA ALA A 593 -22.14 -25.82 -8.95
C ALA A 593 -22.97 -26.62 -9.94
N ILE A 594 -22.68 -27.91 -10.04
CA ILE A 594 -23.41 -28.81 -10.93
C ILE A 594 -24.81 -29.15 -10.39
N GLY A 595 -24.95 -29.28 -9.08
CA GLY A 595 -26.22 -29.73 -8.49
C GLY A 595 -26.40 -31.24 -8.44
N CYS A 596 -25.29 -31.96 -8.55
CA CYS A 596 -25.24 -33.43 -8.43
C CYS A 596 -25.36 -33.92 -7.00
N GLY A 597 -25.12 -33.02 -6.04
CA GLY A 597 -25.18 -33.32 -4.61
C GLY A 597 -26.54 -33.73 -4.06
N LEU A 598 -26.52 -34.57 -3.02
CA LEU A 598 -27.72 -34.91 -2.24
C LEU A 598 -28.14 -33.73 -1.39
N LEU A 599 -27.15 -33.06 -0.80
CA LEU A 599 -27.37 -31.81 -0.09
C LEU A 599 -26.90 -30.66 -0.95
N ASP A 600 -27.64 -29.55 -0.89
CA ASP A 600 -27.27 -28.33 -1.63
C ASP A 600 -26.11 -27.60 -0.95
N LEU A 601 -25.70 -26.46 -1.51
CA LEU A 601 -24.57 -25.72 -0.97
C LEU A 601 -24.80 -25.20 0.45
N ALA A 602 -26.06 -25.04 0.85
CA ALA A 602 -26.42 -24.69 2.22
C ALA A 602 -26.48 -25.91 3.14
N GLY A 603 -26.29 -27.11 2.61
CA GLY A 603 -26.44 -28.34 3.39
C GLY A 603 -27.89 -28.70 3.67
N PHE A 604 -28.81 -28.22 2.83
CA PHE A 604 -30.25 -28.55 2.97
C PHE A 604 -30.56 -29.81 2.19
N GLU A 605 -31.53 -30.55 2.68
CA GLU A 605 -31.93 -31.80 2.07
C GLU A 605 -32.64 -31.51 0.75
N LYS A 606 -32.10 -32.05 -0.36
CA LYS A 606 -32.71 -31.91 -1.70
C LYS A 606 -33.57 -33.14 -2.02
N PRO A 607 -34.21 -33.20 -3.20
CA PRO A 607 -34.97 -34.39 -3.62
C PRO A 607 -34.16 -35.67 -3.72
N SER A 608 -32.94 -35.58 -4.25
CA SER A 608 -32.07 -36.74 -4.38
C SER A 608 -31.69 -37.35 -3.03
N PHE A 609 -31.55 -36.51 -2.01
CA PHE A 609 -31.33 -37.00 -0.64
C PHE A 609 -32.50 -37.88 -0.15
N HIS A 610 -33.74 -37.45 -0.40
CA HIS A 610 -34.92 -38.18 0.10
C HIS A 610 -35.15 -39.50 -0.64
N MET A 611 -34.73 -39.57 -1.91
CA MET A 611 -34.70 -40.85 -2.60
C MET A 611 -33.72 -41.82 -1.91
N MET A 612 -32.48 -41.37 -1.69
CA MET A 612 -31.47 -42.20 -1.02
C MET A 612 -31.88 -42.57 0.41
N LYS A 613 -32.44 -41.63 1.17
CA LYS A 613 -33.04 -41.94 2.47
C LYS A 613 -34.10 -43.05 2.37
N SER A 614 -34.88 -43.04 1.30
CA SER A 614 -35.88 -44.09 1.07
C SER A 614 -35.28 -45.45 0.71
N LEU A 615 -34.00 -45.49 0.33
CA LEU A 615 -33.27 -46.72 0.01
C LEU A 615 -32.28 -47.17 1.09
N TRP A 616 -31.77 -46.23 1.88
CA TRP A 616 -30.70 -46.51 2.84
C TRP A 616 -31.10 -46.58 4.30
N THR A 617 -32.36 -46.26 4.64
CA THR A 617 -32.81 -46.30 6.05
C THR A 617 -34.03 -47.19 6.20
N ASP A 618 -34.20 -47.76 7.39
CA ASP A 618 -35.22 -48.83 7.61
C ASP A 618 -36.53 -48.40 8.27
N ALA A 619 -36.47 -47.42 9.19
CA ALA A 619 -37.67 -46.83 9.78
C ALA A 619 -38.56 -46.27 8.66
N PRO A 620 -39.88 -46.54 8.69
CA PRO A 620 -40.74 -46.17 7.57
C PRO A 620 -40.65 -44.67 7.20
N PHE A 621 -40.66 -44.38 5.90
CA PHE A 621 -40.33 -43.04 5.38
C PHE A 621 -41.04 -42.72 4.06
N ILE A 622 -41.65 -41.54 3.99
CA ILE A 622 -42.30 -41.04 2.77
C ILE A 622 -41.88 -39.60 2.50
N ALA A 623 -41.49 -39.35 1.25
CA ALA A 623 -41.25 -38.01 0.74
C ALA A 623 -42.19 -37.81 -0.44
N ILE A 624 -42.84 -36.65 -0.47
CA ILE A 624 -43.83 -36.34 -1.49
C ILE A 624 -43.35 -35.18 -2.33
N TYR A 625 -43.21 -35.44 -3.63
CA TYR A 625 -42.95 -34.41 -4.61
C TYR A 625 -43.94 -34.54 -5.76
N SER A 626 -43.91 -33.58 -6.66
CA SER A 626 -44.70 -33.61 -7.89
C SER A 626 -44.11 -32.68 -8.94
N GLN A 627 -44.55 -32.87 -10.18
CA GLN A 627 -44.37 -31.90 -11.27
C GLN A 627 -45.68 -31.83 -12.07
N THR A 628 -45.78 -30.82 -12.92
CA THR A 628 -46.88 -30.77 -13.90
C THR A 628 -46.75 -32.01 -14.80
N ALA A 629 -47.87 -32.63 -15.17
CA ALA A 629 -47.86 -33.77 -16.11
C ALA A 629 -47.04 -33.45 -17.37
N ASN A 630 -47.00 -32.17 -17.73
CA ASN A 630 -46.12 -31.69 -18.79
C ASN A 630 -44.64 -31.82 -18.39
N LYS A 631 -44.24 -31.25 -17.26
CA LYS A 631 -42.83 -31.28 -16.81
C LYS A 631 -42.32 -32.63 -16.26
N SER A 632 -43.22 -33.56 -15.90
CA SER A 632 -42.83 -34.87 -15.32
C SER A 632 -42.10 -35.80 -16.29
N SER A 633 -41.20 -36.63 -15.78
CA SER A 633 -40.48 -37.63 -16.59
C SER A 633 -41.28 -38.90 -16.83
N TYR A 634 -42.45 -39.02 -16.20
CA TYR A 634 -43.30 -40.21 -16.29
C TYR A 634 -44.70 -39.80 -16.78
N VAL A 635 -45.45 -40.78 -17.28
CA VAL A 635 -46.79 -40.57 -17.87
C VAL A 635 -47.68 -41.79 -17.59
N GLU A 636 -48.94 -41.56 -17.24
CA GLU A 636 -49.91 -42.64 -17.08
C GLU A 636 -50.78 -42.79 -18.32
N LYS A 637 -50.80 -44.00 -18.89
CA LYS A 637 -51.82 -44.42 -19.87
C LYS A 637 -52.34 -45.79 -19.45
N ASP A 638 -53.66 -45.95 -19.44
CA ASP A 638 -54.35 -47.17 -18.97
C ASP A 638 -54.00 -47.51 -17.52
N GLY A 639 -54.02 -46.49 -16.68
CA GLY A 639 -53.69 -46.64 -15.26
C GLY A 639 -52.35 -47.28 -14.98
N LYS A 640 -51.34 -46.97 -15.81
CA LYS A 640 -50.00 -47.57 -15.70
C LYS A 640 -48.94 -46.55 -16.11
N PHE A 641 -47.93 -46.36 -15.27
CA PHE A 641 -46.86 -45.37 -15.50
C PHE A 641 -45.67 -45.96 -16.26
N THR A 642 -45.18 -45.21 -17.25
CA THR A 642 -43.94 -45.55 -17.94
C THR A 642 -43.10 -44.28 -18.07
N ASP A 643 -41.87 -44.42 -18.57
CA ASP A 643 -41.04 -43.27 -18.91
C ASP A 643 -41.55 -42.63 -20.21
N LYS A 644 -41.53 -41.30 -20.28
CA LYS A 644 -41.88 -40.56 -21.51
C LYS A 644 -40.94 -40.92 -22.65
N ASP A 645 -39.66 -40.59 -22.47
CA ASP A 645 -38.63 -40.76 -23.47
C ASP A 645 -37.97 -42.13 -23.25
N PRO A 646 -38.23 -43.11 -24.14
CA PRO A 646 -37.57 -44.41 -23.99
C PRO A 646 -36.06 -44.41 -24.27
N LYS A 647 -35.56 -43.37 -24.95
CA LYS A 647 -34.12 -43.11 -25.08
C LYS A 647 -33.50 -42.39 -23.85
N LYS A 648 -34.31 -42.09 -22.83
CA LYS A 648 -33.84 -41.60 -21.52
C LYS A 648 -34.61 -42.33 -20.39
N PRO A 649 -34.47 -43.67 -20.30
CA PRO A 649 -35.24 -44.47 -19.35
C PRO A 649 -34.67 -44.44 -17.93
N TRP A 650 -35.44 -44.96 -16.98
CA TRP A 650 -35.11 -44.89 -15.55
C TRP A 650 -33.76 -45.54 -15.17
N THR A 651 -33.39 -46.58 -15.90
CA THR A 651 -32.10 -47.25 -15.71
C THR A 651 -30.87 -46.44 -16.14
N GLN A 652 -31.05 -45.32 -16.85
CA GLN A 652 -29.91 -44.51 -17.32
C GLN A 652 -29.84 -43.07 -16.76
N ARG A 653 -30.56 -42.80 -15.68
CA ARG A 653 -30.63 -41.45 -15.11
C ARG A 653 -29.26 -41.08 -14.58
N LEU A 654 -28.88 -39.82 -14.72
CA LEU A 654 -27.50 -39.39 -14.43
C LEU A 654 -27.40 -38.62 -13.10
N TRP A 655 -26.61 -37.55 -13.06
CA TRP A 655 -26.15 -36.99 -11.76
C TRP A 655 -27.15 -36.08 -11.06
N VAL A 656 -27.86 -35.28 -11.85
CA VAL A 656 -28.66 -34.17 -11.32
C VAL A 656 -30.14 -34.55 -11.35
N TRP A 657 -30.77 -34.47 -10.20
CA TRP A 657 -32.20 -34.78 -10.06
C TRP A 657 -33.02 -33.66 -10.72
N GLU A 658 -34.20 -34.03 -11.23
CA GLU A 658 -35.08 -33.04 -11.85
C GLU A 658 -35.57 -32.05 -10.81
N ASP A 659 -35.89 -30.85 -11.27
CA ASP A 659 -36.35 -29.77 -10.41
C ASP A 659 -37.82 -30.03 -10.04
N VAL A 660 -38.05 -30.95 -9.10
CA VAL A 660 -39.41 -31.31 -8.67
C VAL A 660 -39.90 -30.42 -7.54
N ASN A 661 -41.22 -30.40 -7.31
CA ASN A 661 -41.84 -29.48 -6.35
C ASN A 661 -42.28 -30.19 -5.07
N SER A 662 -41.98 -29.59 -3.92
CA SER A 662 -42.48 -30.06 -2.62
C SER A 662 -43.81 -29.38 -2.23
N HIS A 663 -44.12 -28.26 -2.88
CA HIS A 663 -45.34 -27.50 -2.59
C HIS A 663 -46.60 -28.12 -3.21
N TRP A 664 -47.74 -27.50 -2.93
CA TRP A 664 -49.04 -27.89 -3.48
C TRP A 664 -49.85 -26.64 -3.85
N ASN A 665 -49.34 -25.95 -4.87
CA ASN A 665 -49.66 -24.55 -5.16
C ASN A 665 -49.51 -24.34 -6.66
N TYR A 666 -50.28 -25.09 -7.43
CA TYR A 666 -50.39 -24.91 -8.87
C TYR A 666 -51.61 -24.02 -9.13
N THR A 667 -51.95 -23.82 -10.40
CA THR A 667 -53.23 -23.18 -10.77
C THR A 667 -54.35 -24.24 -10.77
N LYS A 668 -55.56 -23.82 -10.42
CA LYS A 668 -56.71 -24.73 -10.24
C LYS A 668 -56.95 -25.63 -11.46
N GLY A 669 -57.21 -26.93 -11.22
CA GLY A 669 -57.52 -27.89 -12.29
C GLY A 669 -56.37 -28.44 -13.13
N GLU A 670 -55.14 -27.97 -12.91
CA GLU A 670 -53.97 -28.40 -13.72
C GLU A 670 -53.63 -29.88 -13.47
N LYS A 671 -53.29 -30.60 -14.55
CA LYS A 671 -52.98 -32.04 -14.48
C LYS A 671 -51.57 -32.22 -13.89
N VAL A 672 -51.45 -33.06 -12.86
CA VAL A 672 -50.22 -33.20 -12.06
C VAL A 672 -49.84 -34.66 -11.84
N VAL A 673 -48.52 -34.93 -11.85
CA VAL A 673 -47.99 -36.25 -11.53
C VAL A 673 -47.26 -36.18 -10.18
N VAL A 674 -47.91 -36.68 -9.14
CA VAL A 674 -47.31 -36.82 -7.81
C VAL A 674 -46.33 -38.00 -7.81
N GLU A 675 -45.06 -37.73 -7.54
CA GLU A 675 -44.02 -38.76 -7.42
C GLU A 675 -43.48 -38.88 -5.97
N ILE A 676 -43.52 -40.11 -5.43
CA ILE A 676 -43.24 -40.37 -4.01
C ILE A 676 -42.04 -41.32 -3.85
N TYR A 677 -41.10 -40.93 -2.98
CA TYR A 677 -39.88 -41.68 -2.71
C TYR A 677 -39.97 -42.34 -1.32
N SER A 678 -40.15 -43.66 -1.27
CA SER A 678 -40.47 -44.33 -0.02
C SER A 678 -39.97 -45.76 0.08
N ASN A 679 -39.76 -46.17 1.33
CA ASN A 679 -39.42 -47.55 1.70
C ASN A 679 -40.65 -48.37 2.09
N CYS A 680 -41.84 -47.76 2.06
CA CYS A 680 -43.08 -48.48 2.38
C CYS A 680 -43.49 -49.36 1.21
N ASP A 681 -43.86 -50.60 1.52
CA ASP A 681 -44.25 -51.59 0.50
C ASP A 681 -45.68 -51.37 -0.01
N GLU A 682 -46.48 -50.65 0.76
CA GLU A 682 -47.85 -50.26 0.39
C GLU A 682 -48.13 -48.83 0.86
N ILE A 683 -48.57 -47.96 -0.05
CA ILE A 683 -49.00 -46.60 0.28
C ILE A 683 -50.41 -46.38 -0.27
N GLU A 684 -51.24 -45.65 0.50
CA GLU A 684 -52.54 -45.15 0.02
C GLU A 684 -52.54 -43.61 0.06
N LEU A 685 -52.98 -42.99 -1.04
CA LEU A 685 -52.92 -41.53 -1.22
C LEU A 685 -54.32 -40.89 -1.14
N PHE A 686 -54.46 -39.89 -0.26
CA PHE A 686 -55.71 -39.17 -0.07
C PHE A 686 -55.53 -37.72 -0.54
N GLN A 687 -56.42 -37.25 -1.43
CA GLN A 687 -56.50 -35.84 -1.86
C GLN A 687 -57.73 -35.26 -1.17
N ASN A 688 -57.49 -34.39 -0.18
CA ASN A 688 -58.58 -33.79 0.63
C ASN A 688 -59.53 -34.81 1.28
N GLY A 689 -59.02 -36.00 1.62
CA GLY A 689 -59.85 -37.03 2.24
C GLY A 689 -60.46 -38.07 1.32
N LYS A 690 -60.57 -37.77 0.02
CA LYS A 690 -61.04 -38.75 -0.98
C LYS A 690 -59.88 -39.68 -1.38
N SER A 691 -60.08 -40.99 -1.24
CA SER A 691 -59.01 -41.97 -1.44
C SER A 691 -58.69 -42.19 -2.92
N LEU A 692 -57.47 -41.80 -3.33
CA LEU A 692 -57.02 -41.98 -4.72
C LEU A 692 -56.67 -43.43 -5.05
N GLY A 693 -56.58 -44.29 -4.03
CA GLY A 693 -56.38 -45.72 -4.22
C GLY A 693 -55.01 -46.14 -3.72
N LYS A 694 -54.93 -47.35 -3.17
CA LYS A 694 -53.66 -47.93 -2.72
C LYS A 694 -52.82 -48.37 -3.92
N ARG A 695 -51.50 -48.19 -3.81
CA ARG A 695 -50.54 -48.74 -4.76
C ARG A 695 -49.42 -49.46 -3.99
N PHE A 696 -48.67 -50.31 -4.70
CA PHE A 696 -47.65 -51.17 -4.09
C PHE A 696 -46.28 -50.94 -4.73
N LEU A 697 -45.24 -50.83 -3.90
CA LEU A 697 -43.86 -50.65 -4.38
C LEU A 697 -43.44 -51.69 -5.43
N LYS A 698 -43.93 -52.93 -5.28
CA LYS A 698 -43.70 -54.03 -6.26
C LYS A 698 -44.09 -53.68 -7.71
N ASP A 699 -45.15 -52.88 -7.86
CA ASP A 699 -45.61 -52.45 -9.19
C ASP A 699 -44.73 -51.38 -9.86
N PHE A 700 -43.88 -50.69 -9.10
CA PHE A 700 -43.03 -49.61 -9.64
C PHE A 700 -41.55 -50.02 -9.76
N GLU A 701 -41.13 -50.39 -10.98
CA GLU A 701 -39.77 -50.88 -11.26
C GLU A 701 -38.64 -49.90 -10.93
N ASP A 702 -38.91 -48.60 -11.03
CA ASP A 702 -37.91 -47.55 -10.75
C ASP A 702 -37.91 -47.06 -9.29
N HIS A 703 -38.66 -47.76 -8.44
CA HIS A 703 -38.75 -47.48 -7.00
C HIS A 703 -39.42 -46.13 -6.69
N ILE A 704 -40.27 -45.65 -7.59
CA ILE A 704 -40.99 -44.39 -7.38
C ILE A 704 -42.49 -44.61 -7.52
N TYR A 705 -43.18 -44.45 -6.39
CA TYR A 705 -44.65 -44.41 -6.32
C TYR A 705 -45.17 -43.22 -7.12
N LYS A 706 -46.13 -43.45 -7.99
CA LYS A 706 -46.69 -42.41 -8.87
C LYS A 706 -48.22 -42.39 -8.84
N TRP A 707 -48.79 -41.19 -8.91
CA TRP A 707 -50.25 -40.97 -9.01
C TRP A 707 -50.56 -39.82 -9.97
N SER A 708 -51.60 -39.99 -10.78
CA SER A 708 -52.15 -38.88 -11.57
C SER A 708 -53.20 -38.18 -10.74
N VAL A 709 -53.12 -36.84 -10.67
CA VAL A 709 -54.01 -36.04 -9.81
C VAL A 709 -54.43 -34.72 -10.49
N ASP A 710 -55.71 -34.35 -10.30
CA ASP A 710 -56.27 -33.07 -10.78
C ASP A 710 -56.23 -32.06 -9.65
N PHE A 711 -55.30 -31.09 -9.75
CA PHE A 711 -55.05 -30.13 -8.67
C PHE A 711 -56.27 -29.28 -8.29
N LYS A 712 -56.56 -29.26 -7.00
CA LYS A 712 -57.45 -28.27 -6.39
C LYS A 712 -56.88 -27.95 -5.02
N ASP A 713 -57.06 -26.71 -4.58
CA ASP A 713 -56.47 -26.28 -3.32
C ASP A 713 -56.89 -27.22 -2.19
N GLY A 714 -55.98 -27.43 -1.24
CA GLY A 714 -56.21 -28.37 -0.14
C GLY A 714 -54.93 -29.05 0.30
N ASN A 715 -54.91 -30.38 0.27
CA ASN A 715 -53.79 -31.17 0.80
C ASN A 715 -53.70 -32.59 0.24
N ILE A 716 -52.47 -33.11 0.15
CA ILE A 716 -52.19 -34.48 -0.26
C ILE A 716 -51.59 -35.19 0.94
N VAL A 717 -52.12 -36.37 1.25
CA VAL A 717 -51.70 -37.16 2.41
C VAL A 717 -51.37 -38.58 1.97
N ALA A 718 -50.17 -39.06 2.33
CA ALA A 718 -49.76 -40.43 2.05
C ALA A 718 -49.72 -41.20 3.36
N LYS A 719 -50.49 -42.28 3.43
CA LYS A 719 -50.43 -43.22 4.55
C LYS A 719 -49.89 -44.53 4.01
N GLY A 720 -48.77 -44.99 4.56
CA GLY A 720 -48.11 -46.20 4.10
C GLY A 720 -47.73 -47.11 5.25
N LYS A 721 -47.37 -48.35 4.89
CA LYS A 721 -46.89 -49.35 5.83
C LYS A 721 -45.59 -50.04 5.30
N LYS A 722 -44.64 -50.30 6.21
CA LYS A 722 -43.43 -51.09 5.92
C LYS A 722 -43.44 -52.30 6.83
N ASN A 723 -43.97 -53.40 6.30
CA ASN A 723 -44.15 -54.63 7.05
C ASN A 723 -44.92 -54.37 8.35
N GLY A 724 -46.13 -53.81 8.20
CA GLY A 724 -47.05 -53.59 9.31
C GLY A 724 -46.93 -52.29 10.09
N LYS A 725 -45.70 -51.78 10.25
CA LYS A 725 -45.45 -50.48 10.91
C LYS A 725 -45.88 -49.34 9.98
N LYS A 726 -46.63 -48.37 10.49
CA LYS A 726 -47.22 -47.29 9.70
C LYS A 726 -46.40 -46.01 9.69
N THR A 727 -46.64 -45.16 8.68
CA THR A 727 -46.18 -43.76 8.71
C THR A 727 -47.01 -42.85 7.79
N THR A 728 -47.05 -41.58 8.16
CA THR A 728 -47.83 -40.57 7.46
C THR A 728 -47.00 -39.34 7.14
N SER A 729 -47.18 -38.82 5.92
CA SER A 729 -46.59 -37.58 5.46
C SER A 729 -47.62 -36.83 4.62
N ALA A 730 -47.47 -35.52 4.51
CA ALA A 730 -48.42 -34.70 3.75
C ALA A 730 -47.86 -33.33 3.35
N ILE A 731 -48.40 -32.80 2.25
CA ILE A 731 -48.11 -31.44 1.77
C ILE A 731 -49.42 -30.64 1.72
N TYR A 732 -49.33 -29.34 1.97
CA TYR A 732 -50.51 -28.47 2.05
C TYR A 732 -50.41 -27.26 1.11
N THR A 733 -51.54 -26.88 0.51
CA THR A 733 -51.62 -25.62 -0.22
C THR A 733 -51.53 -24.52 0.82
N THR A 734 -50.81 -23.46 0.48
CA THR A 734 -50.58 -22.33 1.37
C THR A 734 -51.18 -21.10 0.72
N LYS A 735 -51.45 -20.07 1.52
CA LYS A 735 -51.75 -18.75 0.98
C LYS A 735 -50.44 -17.98 0.85
N GLU A 736 -50.49 -16.73 0.38
CA GLU A 736 -49.27 -15.94 0.10
C GLU A 736 -48.35 -15.80 1.31
N THR A 737 -47.11 -15.39 1.07
CA THR A 737 -46.11 -15.27 2.13
C THR A 737 -46.54 -14.26 3.18
N ASN A 738 -46.56 -14.69 4.44
CA ASN A 738 -46.91 -13.83 5.57
C ASN A 738 -45.71 -13.50 6.46
N SER A 739 -45.01 -14.52 6.95
CA SER A 739 -43.97 -14.35 7.97
C SER A 739 -42.64 -15.06 7.61
N ILE A 740 -41.57 -14.68 8.31
CA ILE A 740 -40.29 -15.36 8.24
C ILE A 740 -40.14 -16.21 9.52
N LYS A 741 -40.08 -17.54 9.34
CA LYS A 741 -39.77 -18.46 10.43
C LYS A 741 -38.25 -18.66 10.53
N LEU A 742 -37.69 -18.30 11.68
CA LEU A 742 -36.28 -18.49 11.96
C LEU A 742 -36.07 -19.62 12.97
N SER A 743 -35.24 -20.60 12.59
CA SER A 743 -34.80 -21.71 13.46
C SER A 743 -33.29 -21.64 13.64
N VAL A 744 -32.84 -22.12 14.79
CA VAL A 744 -31.43 -22.13 15.14
C VAL A 744 -31.06 -23.55 15.59
N ASP A 745 -29.91 -24.05 15.14
CA ASP A 745 -29.46 -25.41 15.51
C ASP A 745 -28.99 -25.52 16.97
N LYS A 746 -28.40 -24.44 17.50
CA LYS A 746 -27.97 -24.36 18.90
C LYS A 746 -28.46 -23.05 19.51
N VAL A 747 -29.06 -23.13 20.71
CA VAL A 747 -29.44 -21.91 21.45
C VAL A 747 -28.30 -21.40 22.33
N ALA A 748 -27.19 -22.14 22.41
CA ALA A 748 -26.05 -21.71 23.22
C ALA A 748 -24.72 -22.26 22.68
N VAL A 749 -23.71 -21.41 22.67
CA VAL A 749 -22.36 -21.75 22.20
C VAL A 749 -21.33 -21.10 23.10
N ASP A 750 -20.07 -21.51 22.98
CA ASP A 750 -18.97 -20.93 23.75
C ASP A 750 -18.26 -19.84 22.98
N ALA A 751 -17.59 -18.95 23.73
CA ALA A 751 -16.81 -17.85 23.17
C ALA A 751 -15.38 -18.33 22.93
N ASN A 752 -15.24 -19.24 21.97
CA ASN A 752 -13.98 -19.95 21.71
C ASN A 752 -13.38 -19.64 20.33
N ASN A 753 -13.95 -18.64 19.64
CA ASN A 753 -13.58 -18.25 18.26
C ASN A 753 -13.96 -19.28 17.15
N THR A 754 -14.57 -20.41 17.50
CA THR A 754 -14.81 -21.50 16.56
C THR A 754 -16.25 -22.03 16.47
N ASP A 755 -17.03 -21.93 17.55
CA ASP A 755 -18.43 -22.43 17.53
C ASP A 755 -19.31 -21.72 16.51
N VAL A 756 -20.09 -22.48 15.75
CA VAL A 756 -20.93 -21.93 14.71
C VAL A 756 -22.40 -22.02 15.13
N ILE A 757 -23.16 -20.99 14.75
CA ILE A 757 -24.62 -21.00 14.78
C ILE A 757 -25.12 -21.02 13.34
N HIS A 758 -25.98 -21.99 13.00
CA HIS A 758 -26.62 -22.04 11.69
C HIS A 758 -28.05 -21.56 11.87
N VAL A 759 -28.39 -20.40 11.29
CA VAL A 759 -29.75 -19.84 11.32
C VAL A 759 -30.51 -20.15 10.01
N THR A 760 -31.63 -20.84 10.14
CA THR A 760 -32.44 -21.26 9.02
C THR A 760 -33.67 -20.34 8.89
N ALA A 761 -33.81 -19.69 7.74
CA ALA A 761 -34.96 -18.86 7.41
C ALA A 761 -35.91 -19.65 6.50
N GLN A 762 -37.21 -19.58 6.81
CA GLN A 762 -38.24 -20.27 6.06
C GLN A 762 -39.50 -19.40 6.03
N LEU A 763 -40.03 -19.23 4.82
CA LEU A 763 -41.23 -18.44 4.61
C LEU A 763 -42.48 -19.26 4.95
N ILE A 764 -43.41 -18.61 5.65
CA ILE A 764 -44.68 -19.22 6.07
C ILE A 764 -45.87 -18.30 5.75
N ASP A 765 -47.03 -18.90 5.45
CA ASP A 765 -48.29 -18.19 5.32
C ASP A 765 -48.91 -17.82 6.68
N ARG A 766 -50.05 -17.12 6.65
CA ARG A 766 -50.79 -16.64 7.86
C ARG A 766 -50.94 -17.71 8.95
N ASN A 767 -51.11 -18.96 8.52
CA ASN A 767 -51.31 -20.10 9.44
C ASN A 767 -50.04 -20.92 9.75
N GLY A 768 -48.87 -20.42 9.36
CA GLY A 768 -47.59 -21.13 9.61
C GLY A 768 -47.20 -22.24 8.64
N ARG A 769 -47.94 -22.44 7.56
CA ARG A 769 -47.63 -23.48 6.58
C ARG A 769 -46.48 -23.07 5.67
N ASN A 770 -45.51 -23.98 5.48
CA ASN A 770 -44.26 -23.66 4.80
C ASN A 770 -44.42 -23.41 3.29
N ILE A 771 -43.83 -22.31 2.81
CA ILE A 771 -43.85 -21.92 1.40
C ILE A 771 -42.56 -22.39 0.72
N SER A 772 -42.67 -23.00 -0.44
CA SER A 772 -41.49 -23.23 -1.31
C SER A 772 -41.66 -22.75 -2.78
N TRP A 773 -42.81 -22.14 -3.09
CA TRP A 773 -43.22 -21.83 -4.47
C TRP A 773 -42.96 -20.37 -4.92
N GLU A 774 -42.55 -19.51 -3.98
CA GLU A 774 -42.11 -18.15 -4.31
C GLU A 774 -40.95 -17.77 -3.40
N GLU A 775 -40.11 -16.85 -3.88
CA GLU A 775 -38.93 -16.39 -3.15
C GLU A 775 -39.11 -14.96 -2.66
N LYS A 776 -38.32 -14.59 -1.65
CA LYS A 776 -38.30 -13.24 -1.08
C LYS A 776 -36.86 -12.86 -0.75
N GLU A 777 -36.56 -11.56 -0.75
CA GLU A 777 -35.23 -11.07 -0.38
C GLU A 777 -35.25 -10.80 1.12
N ILE A 778 -34.51 -11.62 1.87
CA ILE A 778 -34.51 -11.57 3.33
C ILE A 778 -33.27 -10.84 3.84
N THR A 779 -33.48 -9.85 4.70
CA THR A 779 -32.40 -9.20 5.40
C THR A 779 -32.38 -9.67 6.85
N PHE A 780 -31.26 -10.27 7.27
CA PHE A 780 -31.01 -10.61 8.67
C PHE A 780 -30.41 -9.40 9.37
N ASN A 781 -30.71 -9.25 10.65
CA ASN A 781 -30.07 -8.27 11.55
C ASN A 781 -29.70 -9.02 12.84
N ILE A 782 -28.47 -8.79 13.31
CA ILE A 782 -27.91 -9.48 14.47
C ILE A 782 -27.26 -8.49 15.43
N GLY A 783 -27.66 -8.53 16.70
CA GLY A 783 -27.08 -7.65 17.71
C GLY A 783 -26.13 -8.42 18.58
N GLY A 784 -25.09 -7.76 19.08
CA GLY A 784 -24.06 -8.42 19.91
C GLY A 784 -22.80 -8.77 19.14
N ASN A 785 -21.77 -9.23 19.85
CA ASN A 785 -20.45 -9.60 19.28
C ASN A 785 -20.43 -10.98 18.58
N TYR A 786 -20.34 -10.96 17.26
CA TYR A 786 -20.27 -12.17 16.44
C TYR A 786 -19.37 -11.93 15.20
N ARG A 787 -19.04 -12.99 14.49
CA ARG A 787 -18.34 -12.89 13.20
C ARG A 787 -19.22 -13.54 12.18
N LEU A 788 -19.43 -12.84 11.08
CA LEU A 788 -20.23 -13.38 9.97
C LEU A 788 -19.35 -14.37 9.19
N LEU A 789 -19.92 -15.54 8.92
CA LEU A 789 -19.32 -16.48 7.98
C LEU A 789 -20.04 -16.36 6.65
N GLY A 790 -21.35 -16.19 6.67
CA GLY A 790 -22.06 -15.73 5.48
C GLY A 790 -23.44 -16.30 5.27
N VAL A 791 -23.92 -16.24 4.03
CA VAL A 791 -25.27 -16.64 3.67
C VAL A 791 -25.27 -17.51 2.42
N GLU A 792 -26.23 -18.41 2.36
CA GLU A 792 -26.37 -19.29 1.26
C GLU A 792 -27.84 -19.61 1.17
N ASN A 793 -28.28 -19.91 -0.06
CA ASN A 793 -29.64 -20.34 -0.34
C ASN A 793 -29.79 -21.70 -1.03
N GLY A 794 -28.69 -22.25 -1.55
CA GLY A 794 -28.70 -23.59 -2.16
C GLY A 794 -28.95 -23.66 -3.67
N ASP A 795 -29.02 -22.48 -4.31
CA ASP A 795 -29.27 -22.34 -5.75
C ASP A 795 -27.91 -22.47 -6.47
N HIS A 796 -27.70 -23.64 -7.07
CA HIS A 796 -26.48 -23.92 -7.84
C HIS A 796 -26.35 -23.09 -9.12
N LEU A 797 -27.49 -22.67 -9.67
CA LEU A 797 -27.56 -21.92 -10.92
C LEU A 797 -27.28 -20.40 -10.84
N ASN A 798 -27.15 -19.84 -9.63
CA ASN A 798 -26.97 -18.40 -9.46
C ASN A 798 -26.03 -18.02 -8.35
N VAL A 799 -25.25 -16.98 -8.60
CA VAL A 799 -24.29 -16.45 -7.64
C VAL A 799 -24.97 -15.61 -6.59
N LEU A 800 -24.23 -15.27 -5.55
CA LEU A 800 -24.65 -14.28 -4.56
C LEU A 800 -23.45 -13.82 -3.75
N ASN A 801 -23.60 -12.69 -3.09
CA ASN A 801 -22.55 -12.23 -2.18
C ASN A 801 -22.69 -13.04 -0.90
N TYR A 802 -21.62 -13.76 -0.54
CA TYR A 802 -21.53 -14.50 0.71
C TYR A 802 -21.52 -13.58 1.95
N LYS A 803 -20.83 -12.43 1.85
CA LYS A 803 -20.60 -11.52 2.98
C LYS A 803 -21.72 -10.51 3.31
N SER A 804 -22.87 -10.62 2.64
CA SER A 804 -24.01 -9.74 2.88
C SER A 804 -24.94 -10.39 3.88
N ASN A 805 -25.62 -9.56 4.68
CA ASN A 805 -26.68 -10.02 5.57
C ASN A 805 -27.99 -10.16 4.83
N THR A 806 -28.00 -9.87 3.53
CA THR A 806 -29.17 -10.06 2.69
C THR A 806 -28.94 -11.22 1.73
N VAL A 807 -29.97 -12.04 1.55
CA VAL A 807 -29.90 -13.20 0.68
C VAL A 807 -31.29 -13.51 0.15
N LYS A 808 -31.35 -13.79 -1.15
CA LYS A 808 -32.58 -14.23 -1.78
C LYS A 808 -32.86 -15.67 -1.34
N THR A 809 -34.11 -16.00 -1.09
CA THR A 809 -34.44 -17.38 -0.77
C THR A 809 -34.42 -18.25 -2.02
N TYR A 810 -34.25 -19.55 -1.81
CA TYR A 810 -34.43 -20.54 -2.85
C TYR A 810 -35.28 -21.66 -2.28
N LYS A 811 -36.33 -22.05 -3.01
CA LYS A 811 -37.37 -22.92 -2.49
C LYS A 811 -37.97 -22.45 -1.14
N GLY A 812 -38.13 -21.14 -1.01
CA GLY A 812 -38.67 -20.52 0.20
C GLY A 812 -37.77 -20.50 1.42
N ARG A 813 -36.49 -20.88 1.27
CA ARG A 813 -35.60 -20.99 2.42
C ARG A 813 -34.21 -20.42 2.19
N ALA A 814 -33.51 -20.15 3.29
CA ALA A 814 -32.15 -19.67 3.25
C ALA A 814 -31.44 -19.94 4.56
N LEU A 815 -30.12 -19.76 4.55
CA LEU A 815 -29.25 -20.07 5.68
C LEU A 815 -28.34 -18.90 5.95
N LEU A 816 -28.16 -18.61 7.24
CA LEU A 816 -27.18 -17.63 7.71
C LEU A 816 -26.28 -18.33 8.70
N VAL A 817 -24.97 -18.14 8.55
CA VAL A 817 -23.96 -18.84 9.34
C VAL A 817 -23.13 -17.79 10.07
N LEU A 818 -23.20 -17.82 11.40
CA LEU A 818 -22.49 -16.91 12.28
C LEU A 818 -21.48 -17.73 13.02
N GLN A 819 -20.49 -17.07 13.60
CA GLN A 819 -19.46 -17.75 14.36
C GLN A 819 -19.17 -16.96 15.62
N ALA A 820 -18.99 -17.67 16.73
CA ALA A 820 -18.57 -17.08 17.99
C ALA A 820 -17.19 -16.42 17.89
N THR A 821 -16.90 -15.63 18.90
CA THR A 821 -15.70 -14.81 18.93
C THR A 821 -15.06 -14.94 20.33
N ASP A 822 -14.15 -14.02 20.68
CA ASP A 822 -13.63 -13.87 22.06
C ASP A 822 -14.73 -13.47 23.04
N LYS A 823 -15.60 -12.55 22.60
CA LYS A 823 -16.54 -11.89 23.48
C LYS A 823 -17.79 -12.74 23.73
N ALA A 824 -18.02 -13.04 25.02
CA ALA A 824 -19.30 -13.59 25.49
C ALA A 824 -20.39 -12.51 25.47
N GLY A 825 -21.65 -12.95 25.41
CA GLY A 825 -22.79 -12.06 25.39
C GLY A 825 -23.95 -12.68 24.66
N ILE A 826 -25.01 -11.90 24.49
CA ILE A 826 -26.23 -12.37 23.85
C ILE A 826 -26.24 -11.88 22.41
N LEU A 827 -26.84 -12.66 21.54
CA LEU A 827 -27.06 -12.29 20.16
C LEU A 827 -28.56 -12.28 19.90
N ASN A 828 -29.10 -11.14 19.44
CA ASN A 828 -30.51 -11.01 19.08
C ASN A 828 -30.64 -11.02 17.56
N ILE A 829 -31.30 -12.04 17.05
CA ILE A 829 -31.35 -12.27 15.62
C ILE A 829 -32.78 -12.14 15.15
N ASN A 830 -33.00 -11.38 14.09
CA ASN A 830 -34.32 -11.31 13.48
C ASN A 830 -34.18 -11.04 12.00
N ALA A 831 -35.30 -11.01 11.29
CA ALA A 831 -35.26 -10.71 9.88
C ALA A 831 -36.55 -10.12 9.34
N ASN A 832 -36.47 -9.59 8.13
CA ASN A 832 -37.62 -9.06 7.41
C ASN A 832 -37.41 -9.10 5.88
N SER A 833 -38.49 -8.89 5.14
CA SER A 833 -38.45 -8.72 3.69
C SER A 833 -39.37 -7.56 3.32
N GLY A 834 -39.02 -6.36 3.82
CA GLY A 834 -39.91 -5.20 3.79
C GLY A 834 -41.06 -5.37 4.77
N SER A 835 -42.29 -5.50 4.25
CA SER A 835 -43.51 -5.75 5.05
C SER A 835 -43.36 -6.97 5.95
N ILE A 836 -42.92 -8.07 5.33
CA ILE A 836 -42.76 -9.39 5.96
C ILE A 836 -41.83 -9.28 7.17
N SER A 837 -42.29 -9.66 8.35
CA SER A 837 -41.46 -9.63 9.56
C SER A 837 -41.07 -11.06 9.98
N SER A 838 -40.46 -11.22 11.16
CA SER A 838 -40.05 -12.54 11.68
C SER A 838 -40.24 -12.70 13.17
N ASN A 839 -40.27 -13.95 13.64
CA ASN A 839 -40.08 -14.24 15.06
C ASN A 839 -38.66 -13.80 15.46
N ASP A 840 -38.42 -13.65 16.76
CA ASP A 840 -37.12 -13.18 17.25
C ASP A 840 -36.39 -14.31 17.97
N LEU A 841 -35.11 -14.51 17.64
CA LEU A 841 -34.26 -15.51 18.29
C LEU A 841 -33.22 -14.86 19.19
N LYS A 842 -32.90 -15.57 20.27
CA LYS A 842 -31.83 -15.19 21.20
C LYS A 842 -30.89 -16.39 21.39
N VAL A 843 -29.59 -16.15 21.21
CA VAL A 843 -28.56 -17.19 21.31
C VAL A 843 -27.51 -16.67 22.29
N GLU A 844 -27.23 -17.42 23.36
CA GLU A 844 -26.19 -17.04 24.32
C GLU A 844 -24.82 -17.52 23.84
N VAL A 845 -23.79 -16.74 24.16
CA VAL A 845 -22.38 -17.08 23.90
C VAL A 845 -21.65 -17.15 25.26
N LYS A 846 -21.43 -18.37 25.77
CA LYS A 846 -20.87 -18.60 27.13
C LYS A 846 -19.34 -18.58 27.13
N ASP B 31 30.75 -32.00 -27.55
CA ASP B 31 30.18 -32.56 -26.30
C ASP B 31 28.91 -31.81 -25.81
N PHE B 32 28.38 -32.24 -24.67
CA PHE B 32 27.13 -31.68 -24.08
C PHE B 32 27.09 -30.14 -23.84
N ASN B 33 28.23 -29.54 -23.55
CA ASN B 33 28.31 -28.11 -23.26
C ASN B 33 28.08 -27.16 -24.45
N ASN B 34 28.15 -27.67 -25.68
CA ASN B 34 28.00 -26.83 -26.87
C ASN B 34 26.56 -26.76 -27.26
N GLY B 35 26.18 -25.69 -27.93
CA GLY B 35 24.85 -25.60 -28.55
C GLY B 35 23.69 -25.38 -27.60
N TRP B 36 23.93 -24.62 -26.53
CA TRP B 36 22.88 -24.26 -25.59
C TRP B 36 22.20 -23.01 -26.11
N LYS B 37 20.93 -22.83 -25.76
CA LYS B 37 20.18 -21.62 -26.08
C LYS B 37 20.09 -20.70 -24.86
N PHE B 38 20.36 -19.41 -25.05
CA PHE B 38 20.35 -18.41 -23.97
C PHE B 38 19.50 -17.19 -24.33
N THR B 39 18.78 -16.68 -23.31
CA THR B 39 18.07 -15.42 -23.41
C THR B 39 18.11 -14.66 -22.07
N LEU B 40 18.32 -13.34 -22.14
CA LEU B 40 18.24 -12.45 -21.00
C LEU B 40 16.87 -11.78 -20.99
N SER B 41 15.88 -12.61 -20.64
CA SER B 41 14.48 -12.24 -20.55
C SER B 41 13.82 -13.32 -19.68
N ASP B 42 12.53 -13.14 -19.37
CA ASP B 42 11.83 -14.00 -18.41
C ASP B 42 10.32 -14.05 -18.68
N SER B 43 9.84 -15.24 -19.01
CA SER B 43 8.43 -15.53 -19.13
C SER B 43 8.20 -16.87 -18.42
N VAL B 44 7.01 -17.02 -17.85
CA VAL B 44 6.63 -18.27 -17.19
C VAL B 44 6.64 -19.48 -18.13
N CYS B 45 6.31 -19.28 -19.41
CA CYS B 45 6.17 -20.38 -20.36
C CYS B 45 7.47 -20.94 -20.98
N TYR B 46 8.63 -20.38 -20.65
CA TYR B 46 9.90 -20.95 -21.12
C TYR B 46 10.20 -22.37 -20.62
N SER B 47 9.59 -22.76 -19.50
CA SER B 47 9.71 -24.14 -18.98
C SER B 47 8.77 -25.13 -19.67
N PHE B 48 7.75 -24.64 -20.39
CA PHE B 48 6.69 -25.50 -20.92
C PHE B 48 7.20 -26.49 -21.94
N VAL B 49 6.50 -27.63 -22.05
CA VAL B 49 6.87 -28.68 -23.01
C VAL B 49 6.78 -28.23 -24.45
N ASN B 50 5.88 -27.29 -24.74
CA ASN B 50 5.63 -26.84 -26.12
C ASN B 50 6.34 -25.51 -26.47
N TYR B 51 7.06 -24.90 -25.53
CA TYR B 51 7.83 -23.71 -25.88
C TYR B 51 9.10 -24.07 -26.65
N ASN B 52 9.34 -23.35 -27.75
CA ASN B 52 10.44 -23.58 -28.66
C ASN B 52 11.39 -22.39 -28.56
N PRO B 53 12.63 -22.61 -28.09
CA PRO B 53 13.54 -21.47 -27.88
C PRO B 53 14.44 -21.15 -29.08
N SER B 54 13.99 -21.44 -30.31
CA SER B 54 14.84 -21.28 -31.50
C SER B 54 15.33 -19.84 -31.75
N SER B 55 14.53 -18.85 -31.33
CA SER B 55 14.92 -17.44 -31.46
C SER B 55 16.02 -16.97 -30.48
N TRP B 56 16.30 -17.76 -29.45
CA TRP B 56 17.27 -17.38 -28.42
C TRP B 56 18.68 -17.40 -29.00
N LYS B 57 19.63 -16.78 -28.31
CA LYS B 57 21.02 -16.77 -28.75
C LYS B 57 21.64 -18.14 -28.49
N THR B 58 22.28 -18.74 -29.50
CA THR B 58 23.02 -19.98 -29.32
C THR B 58 24.33 -19.62 -28.60
N VAL B 59 24.70 -20.40 -27.59
CA VAL B 59 25.94 -20.20 -26.81
C VAL B 59 26.58 -21.55 -26.50
N ASN B 60 27.87 -21.51 -26.19
CA ASN B 60 28.59 -22.69 -25.70
C ASN B 60 29.01 -22.43 -24.25
N LEU B 61 28.69 -23.38 -23.35
CA LEU B 61 29.12 -23.28 -21.95
C LEU B 61 30.62 -23.60 -21.88
N PRO B 62 31.39 -22.98 -21.01
CA PRO B 62 30.91 -22.06 -19.97
C PRO B 62 30.55 -20.66 -20.47
N HIS B 63 29.60 -20.02 -19.77
CA HIS B 63 28.98 -18.78 -20.19
C HIS B 63 28.79 -17.84 -19.01
N ASP B 64 29.16 -16.57 -19.17
CA ASP B 64 28.88 -15.51 -18.20
C ASP B 64 28.27 -14.28 -18.92
N TRP B 65 26.96 -14.09 -18.77
CA TRP B 65 26.23 -13.09 -19.57
C TRP B 65 26.50 -11.62 -19.21
N SER B 66 27.06 -11.35 -18.04
CA SER B 66 27.22 -9.96 -17.63
C SER B 66 28.43 -9.23 -18.26
N VAL B 67 29.50 -9.94 -18.66
CA VAL B 67 30.55 -9.27 -19.49
C VAL B 67 30.11 -8.94 -20.93
N ASP B 68 28.92 -9.40 -21.35
CA ASP B 68 28.28 -8.89 -22.57
C ASP B 68 27.51 -7.56 -22.36
N LEU B 69 27.13 -7.26 -21.12
CA LEU B 69 26.49 -5.98 -20.81
C LEU B 69 27.58 -4.94 -20.57
N PRO B 70 27.28 -3.67 -20.90
CA PRO B 70 28.28 -2.62 -20.67
C PRO B 70 28.45 -2.29 -19.19
N PHE B 71 29.64 -1.82 -18.85
CA PHE B 71 29.88 -1.18 -17.56
C PHE B 71 28.93 0.02 -17.39
N GLU B 72 28.31 0.14 -16.22
CA GLU B 72 27.32 1.20 -15.93
C GLU B 72 27.55 1.75 -14.53
N SER B 73 27.48 3.07 -14.40
CA SER B 73 27.49 3.69 -13.07
C SER B 73 26.15 3.47 -12.30
N THR B 74 25.08 3.12 -13.01
CA THR B 74 23.81 2.76 -12.37
C THR B 74 23.73 1.31 -11.86
N ALA B 75 24.77 0.51 -12.15
CA ALA B 75 25.00 -0.75 -11.45
C ALA B 75 25.81 -0.44 -10.19
N GLU B 76 26.28 -1.48 -9.49
CA GLU B 76 26.94 -1.35 -8.19
C GLU B 76 28.44 -1.65 -8.27
N GLY B 77 29.23 -0.85 -7.57
CA GLY B 77 30.68 -0.98 -7.57
C GLY B 77 31.18 -2.26 -6.92
N CYS B 78 30.44 -2.77 -5.94
CA CYS B 78 30.89 -3.95 -5.21
C CYS B 78 30.97 -5.16 -6.14
N THR B 79 30.01 -5.29 -7.08
CA THR B 79 30.05 -6.35 -8.10
C THR B 79 30.54 -5.81 -9.44
N GLY B 80 31.45 -4.83 -9.41
CA GLY B 80 32.20 -4.41 -10.60
C GLY B 80 31.45 -3.64 -11.67
N PHE B 81 30.41 -2.91 -11.26
CA PHE B 81 29.61 -2.05 -12.16
C PHE B 81 29.01 -2.78 -13.37
N LEU B 82 28.67 -4.04 -13.18
CA LEU B 82 27.97 -4.79 -14.21
C LEU B 82 26.69 -5.37 -13.60
N LYS B 83 25.58 -5.19 -14.31
CA LYS B 83 24.27 -5.71 -13.90
C LYS B 83 24.23 -7.25 -13.93
N GLY B 84 23.13 -7.83 -13.42
CA GLY B 84 22.83 -9.25 -13.51
C GLY B 84 21.56 -9.47 -14.29
N GLY B 85 20.43 -9.62 -13.58
CA GLY B 85 19.11 -9.79 -14.18
C GLY B 85 18.60 -11.22 -14.10
N ILE B 86 17.63 -11.55 -14.94
CA ILE B 86 17.06 -12.87 -14.97
C ILE B 86 17.21 -13.43 -16.38
N GLY B 87 17.93 -14.56 -16.45
CA GLY B 87 18.21 -15.24 -17.70
C GLY B 87 17.77 -16.69 -17.65
N TRP B 88 17.46 -17.23 -18.83
CA TRP B 88 17.18 -18.64 -19.01
C TRP B 88 18.18 -19.31 -19.96
N TYR B 89 18.41 -20.60 -19.74
CA TYR B 89 19.06 -21.46 -20.71
C TYR B 89 18.16 -22.62 -21.08
N SER B 90 18.35 -23.12 -22.29
CA SER B 90 17.68 -24.34 -22.76
C SER B 90 18.68 -25.25 -23.47
N LYS B 91 18.46 -26.55 -23.37
CA LYS B 91 19.33 -27.54 -24.01
C LYS B 91 18.52 -28.75 -24.36
N THR B 92 18.49 -29.09 -25.64
CA THR B 92 17.89 -30.32 -26.08
C THR B 92 18.94 -31.41 -26.26
N PHE B 93 18.51 -32.65 -26.05
CA PHE B 93 19.34 -33.83 -26.33
C PHE B 93 18.46 -35.05 -26.46
N ASP B 94 18.88 -36.00 -27.27
CA ASP B 94 18.12 -37.23 -27.51
C ASP B 94 18.45 -38.30 -26.49
N THR B 95 17.43 -39.09 -26.13
CA THR B 95 17.66 -40.32 -25.37
C THR B 95 18.50 -41.25 -26.26
N PRO B 96 19.64 -41.77 -25.75
CA PRO B 96 20.41 -42.74 -26.55
C PRO B 96 19.60 -43.99 -26.93
N ASP B 97 19.93 -44.60 -28.07
CA ASP B 97 19.21 -45.82 -28.52
C ASP B 97 19.38 -47.04 -27.59
N ASN B 98 20.44 -47.05 -26.78
CA ASN B 98 20.71 -48.14 -25.82
C ASN B 98 20.26 -47.85 -24.39
N PHE B 99 19.33 -46.90 -24.20
CA PHE B 99 18.81 -46.54 -22.86
C PHE B 99 17.74 -47.53 -22.38
N VAL B 100 18.22 -48.69 -21.92
CA VAL B 100 17.42 -49.69 -21.21
C VAL B 100 18.24 -50.10 -19.99
N ASP B 101 17.59 -50.21 -18.83
CA ASP B 101 18.27 -50.50 -17.56
C ASP B 101 19.50 -49.61 -17.34
N LYS B 102 19.28 -48.31 -17.49
CA LYS B 102 20.31 -47.32 -17.28
C LYS B 102 19.81 -46.16 -16.41
N LYS B 103 20.77 -45.39 -15.93
CA LYS B 103 20.56 -44.14 -15.23
C LYS B 103 21.13 -43.00 -16.05
N CYS B 104 20.66 -41.79 -15.76
CA CYS B 104 21.14 -40.57 -16.40
C CYS B 104 21.22 -39.48 -15.35
N TYR B 105 22.42 -38.92 -15.18
CA TYR B 105 22.63 -37.80 -14.27
C TYR B 105 23.07 -36.59 -15.07
N ILE B 106 22.77 -35.41 -14.56
CA ILE B 106 23.25 -34.19 -15.17
C ILE B 106 24.00 -33.46 -14.09
N VAL B 107 25.27 -33.14 -14.36
CA VAL B 107 26.14 -32.53 -13.37
C VAL B 107 26.41 -31.07 -13.76
N PHE B 108 26.37 -30.19 -12.76
CA PHE B 108 26.64 -28.77 -12.88
C PHE B 108 27.74 -28.45 -11.88
N ASP B 109 28.85 -27.94 -12.37
CA ASP B 109 29.99 -27.66 -11.53
C ASP B 109 29.87 -26.30 -10.82
N GLY B 110 28.97 -25.44 -11.30
CA GLY B 110 28.67 -24.15 -10.66
C GLY B 110 27.75 -23.29 -11.51
N VAL B 111 26.76 -22.68 -10.90
CA VAL B 111 25.84 -21.79 -11.59
C VAL B 111 25.62 -20.60 -10.66
N TYR B 112 25.85 -19.37 -11.16
CA TYR B 112 25.59 -18.16 -10.36
C TYR B 112 24.33 -17.40 -10.83
N ASN B 113 23.27 -17.33 -10.02
CA ASN B 113 22.99 -18.17 -8.83
C ASN B 113 21.46 -18.25 -8.70
N ASN B 114 20.96 -18.72 -7.56
CA ASN B 114 19.51 -18.78 -7.28
C ASN B 114 18.78 -19.43 -8.47
N SER B 115 19.26 -20.59 -8.88
CA SER B 115 18.86 -21.21 -10.15
C SER B 115 17.80 -22.29 -10.00
N GLU B 116 16.96 -22.43 -11.02
CA GLU B 116 15.88 -23.41 -11.06
C GLU B 116 15.97 -24.23 -12.33
N TYR B 117 15.58 -25.50 -12.26
CA TYR B 117 15.83 -26.49 -13.32
C TYR B 117 14.59 -27.31 -13.64
N TRP B 118 14.20 -27.32 -14.91
CA TRP B 118 13.14 -28.22 -15.39
C TRP B 118 13.70 -29.18 -16.44
N ILE B 119 13.04 -30.33 -16.60
CA ILE B 119 13.24 -31.18 -17.78
C ILE B 119 11.89 -31.70 -18.26
N ASN B 120 11.64 -31.55 -19.58
CA ASN B 120 10.42 -31.99 -20.22
C ASN B 120 9.17 -31.50 -19.48
N GLY B 121 9.17 -30.21 -19.15
CA GLY B 121 8.02 -29.55 -18.52
C GLY B 121 7.92 -29.66 -17.01
N ARG B 122 8.89 -30.31 -16.38
CA ARG B 122 8.73 -30.76 -15.00
C ARG B 122 9.87 -30.28 -14.14
N LYS B 123 9.55 -29.86 -12.92
CA LYS B 123 10.50 -29.16 -12.07
C LYS B 123 11.43 -30.11 -11.35
N LEU B 124 12.74 -29.94 -11.57
CA LEU B 124 13.75 -30.74 -10.89
C LEU B 124 14.10 -30.20 -9.50
N GLY B 125 14.27 -28.89 -9.38
CA GLY B 125 14.63 -28.35 -8.08
C GLY B 125 15.17 -26.95 -8.17
N PHE B 126 15.60 -26.46 -7.01
CA PHE B 126 16.14 -25.13 -6.84
C PHE B 126 17.51 -25.27 -6.17
N HIS B 127 18.49 -24.49 -6.65
CA HIS B 127 19.85 -24.50 -6.09
C HIS B 127 20.32 -23.06 -5.83
N PRO B 128 20.35 -22.64 -4.56
CA PRO B 128 20.70 -21.23 -4.28
C PRO B 128 22.16 -20.84 -4.51
N TYR B 129 23.09 -21.57 -3.91
CA TYR B 129 24.49 -21.14 -3.83
C TYR B 129 25.16 -21.12 -5.18
N GLY B 130 25.88 -20.03 -5.43
CA GLY B 130 26.47 -19.77 -6.73
C GLY B 130 27.76 -20.49 -7.08
N TYR B 131 28.34 -21.21 -6.11
CA TYR B 131 29.66 -21.84 -6.24
C TYR B 131 29.74 -23.36 -5.98
N SER B 132 28.70 -23.96 -5.41
CA SER B 132 28.73 -25.38 -5.08
C SER B 132 28.30 -26.19 -6.30
N PRO B 133 29.01 -27.31 -6.59
CA PRO B 133 28.57 -28.14 -7.69
C PRO B 133 27.42 -29.05 -7.25
N PHE B 134 26.67 -29.63 -8.19
CA PHE B 134 25.51 -30.48 -7.88
C PHE B 134 25.03 -31.24 -9.12
N PHE B 135 24.15 -32.21 -8.92
CA PHE B 135 23.59 -32.97 -10.04
C PHE B 135 22.18 -33.45 -9.77
N TYR B 136 21.45 -33.75 -10.84
CA TYR B 136 20.09 -34.29 -10.77
C TYR B 136 19.98 -35.64 -11.48
N ASP B 137 19.30 -36.59 -10.83
CA ASP B 137 18.96 -37.87 -11.43
C ASP B 137 17.75 -37.59 -12.28
N ILE B 138 17.90 -37.72 -13.59
CA ILE B 138 16.83 -37.40 -14.54
C ILE B 138 16.36 -38.64 -15.34
N SER B 139 16.69 -39.82 -14.82
CA SER B 139 16.47 -41.10 -15.50
C SER B 139 15.03 -41.34 -15.94
N ASP B 140 14.10 -41.14 -15.02
CA ASP B 140 12.69 -41.44 -15.28
C ASP B 140 11.99 -40.38 -16.13
N TYR B 141 12.63 -39.21 -16.25
CA TYR B 141 12.11 -38.14 -17.08
C TYR B 141 12.33 -38.32 -18.57
N LEU B 142 13.39 -39.04 -18.96
CA LEU B 142 13.81 -39.11 -20.36
C LEU B 142 12.76 -39.79 -21.21
N ASN B 143 12.50 -39.22 -22.38
CA ASN B 143 11.52 -39.77 -23.33
C ASN B 143 12.09 -41.01 -24.06
N PRO B 144 11.23 -41.82 -24.73
CA PRO B 144 11.70 -43.08 -25.36
C PRO B 144 12.89 -42.95 -26.33
N LYS B 145 13.65 -44.04 -26.52
CA LYS B 145 14.89 -44.03 -27.31
C LYS B 145 14.73 -43.26 -28.64
N GLY B 146 15.70 -42.39 -28.94
CA GLY B 146 15.68 -41.57 -30.15
C GLY B 146 15.01 -40.20 -30.02
N GLN B 147 13.90 -40.13 -29.28
CA GLN B 147 13.14 -38.88 -29.10
C GLN B 147 13.91 -37.82 -28.33
N GLU B 148 13.48 -36.58 -28.52
CA GLU B 148 14.14 -35.39 -27.99
C GLU B 148 13.71 -35.10 -26.54
N ASN B 149 14.66 -34.60 -25.75
CA ASN B 149 14.44 -34.09 -24.40
C ASN B 149 14.90 -32.63 -24.36
N ARG B 150 14.33 -31.83 -23.45
CA ARG B 150 14.76 -30.43 -23.24
C ARG B 150 14.92 -30.07 -21.76
N ILE B 151 16.13 -29.65 -21.39
CA ILE B 151 16.37 -29.04 -20.08
C ILE B 151 16.06 -27.55 -20.15
N SER B 152 15.48 -26.99 -19.10
CA SER B 152 15.40 -25.54 -18.91
C SER B 152 16.03 -25.14 -17.57
N VAL B 153 16.71 -24.00 -17.58
CA VAL B 153 17.39 -23.47 -16.40
C VAL B 153 17.06 -21.99 -16.28
N ARG B 154 16.38 -21.62 -15.20
CA ARG B 154 16.10 -20.21 -14.91
C ARG B 154 17.13 -19.75 -13.89
N ILE B 155 17.66 -18.56 -14.10
CA ILE B 155 18.73 -18.03 -13.27
C ILE B 155 18.34 -16.64 -12.79
N ASP B 156 18.16 -16.50 -11.48
CA ASP B 156 17.77 -15.22 -10.88
C ASP B 156 18.97 -14.53 -10.25
N HIS B 157 19.64 -13.69 -11.05
CA HIS B 157 20.64 -12.75 -10.53
C HIS B 157 20.07 -11.33 -10.50
N SER B 158 18.83 -11.20 -10.03
CA SER B 158 18.23 -9.88 -9.78
C SER B 158 18.88 -9.26 -8.56
N ARG B 159 19.25 -10.08 -7.59
CA ARG B 159 20.07 -9.58 -6.48
C ARG B 159 21.54 -9.47 -6.98
N TYR B 160 21.78 -8.43 -7.81
CA TYR B 160 23.03 -8.25 -8.54
C TYR B 160 24.15 -7.57 -7.74
N ALA B 161 23.90 -7.27 -6.46
CA ALA B 161 24.93 -6.79 -5.55
C ALA B 161 25.00 -7.66 -4.31
N ASP B 162 24.65 -8.95 -4.48
CA ASP B 162 24.65 -9.93 -3.38
C ASP B 162 26.05 -10.48 -3.02
N SER B 163 27.10 -9.84 -3.52
CA SER B 163 28.47 -10.25 -3.32
C SER B 163 29.36 -9.02 -3.10
N ARG B 164 30.42 -9.19 -2.32
CA ARG B 164 31.44 -8.15 -2.11
C ARG B 164 32.39 -7.98 -3.32
N TRP B 165 32.43 -8.99 -4.21
CA TRP B 165 33.28 -8.98 -5.42
C TRP B 165 32.43 -9.33 -6.63
N TYR B 166 32.98 -9.13 -7.83
CA TYR B 166 32.24 -9.49 -9.07
C TYR B 166 32.07 -11.01 -9.17
N THR B 167 30.84 -11.44 -9.38
CA THR B 167 30.49 -12.87 -9.45
C THR B 167 30.17 -13.35 -10.85
N GLY B 168 29.72 -12.45 -11.72
CA GLY B 168 29.16 -12.85 -13.01
C GLY B 168 27.78 -13.46 -12.83
N SER B 169 27.19 -13.83 -13.97
CA SER B 169 25.86 -14.39 -14.05
C SER B 169 25.84 -15.57 -15.00
N GLY B 170 25.33 -16.72 -14.55
CA GLY B 170 24.95 -17.85 -15.45
C GLY B 170 25.68 -19.16 -15.23
N ILE B 171 25.58 -20.06 -16.20
CA ILE B 171 26.25 -21.37 -16.12
C ILE B 171 27.73 -21.24 -16.56
N TYR B 172 28.56 -20.87 -15.59
CA TYR B 172 29.91 -20.35 -15.85
C TYR B 172 31.03 -21.41 -15.74
N ARG B 173 30.63 -22.63 -15.35
CA ARG B 173 31.53 -23.78 -15.30
C ARG B 173 30.92 -24.89 -16.12
N GLU B 174 31.74 -25.83 -16.59
CA GLU B 174 31.22 -26.83 -17.54
C GLU B 174 30.27 -27.85 -16.90
N THR B 175 29.31 -28.31 -17.70
CA THR B 175 28.33 -29.32 -17.32
C THR B 175 28.70 -30.70 -17.85
N GLN B 176 28.00 -31.73 -17.38
CA GLN B 176 28.17 -33.10 -17.88
C GLN B 176 26.83 -33.83 -17.90
N LEU B 177 26.66 -34.69 -18.91
CA LEU B 177 25.55 -35.59 -19.02
C LEU B 177 26.14 -37.00 -19.00
N ILE B 178 25.76 -37.78 -17.99
CA ILE B 178 26.41 -39.06 -17.69
C ILE B 178 25.36 -40.16 -17.75
N PHE B 179 25.64 -41.17 -18.58
CA PHE B 179 24.85 -42.39 -18.63
C PHE B 179 25.60 -43.50 -17.90
N THR B 180 24.86 -44.33 -17.15
CA THR B 180 25.43 -45.47 -16.42
C THR B 180 24.46 -46.65 -16.43
N ASP B 181 24.98 -47.84 -16.19
CA ASP B 181 24.18 -49.01 -15.82
C ASP B 181 23.50 -48.73 -14.48
N LYS B 182 22.39 -49.41 -14.20
CA LYS B 182 21.74 -49.29 -12.88
C LYS B 182 22.65 -49.80 -11.74
N LEU B 183 23.59 -50.68 -12.07
CA LEU B 183 24.67 -51.03 -11.18
C LEU B 183 25.86 -50.17 -11.55
N HIS B 184 26.21 -49.21 -10.69
CA HIS B 184 27.25 -48.23 -11.04
C HIS B 184 27.94 -47.62 -9.86
N ILE B 185 29.08 -47.02 -10.17
CA ILE B 185 29.76 -46.11 -9.29
C ILE B 185 29.00 -44.79 -9.43
N PRO B 186 28.57 -44.16 -8.31
CA PRO B 186 27.86 -42.86 -8.38
C PRO B 186 28.75 -41.71 -8.86
N VAL B 187 28.13 -40.54 -9.13
CA VAL B 187 28.93 -39.39 -9.56
C VAL B 187 29.65 -38.89 -8.31
N TRP B 188 30.91 -38.49 -8.50
CA TRP B 188 31.86 -38.29 -7.39
C TRP B 188 31.96 -39.51 -6.45
N GLY B 189 31.81 -40.71 -7.01
CA GLY B 189 31.76 -41.94 -6.21
C GLY B 189 33.08 -42.64 -5.92
N THR B 190 34.21 -41.92 -6.00
CA THR B 190 35.54 -42.45 -5.68
C THR B 190 36.31 -41.47 -4.82
N PHE B 191 37.09 -42.01 -3.88
CA PHE B 191 37.92 -41.22 -2.99
C PHE B 191 39.26 -41.94 -2.83
N VAL B 192 40.28 -41.44 -3.52
CA VAL B 192 41.63 -42.00 -3.42
C VAL B 192 42.35 -41.32 -2.26
N THR B 193 42.92 -42.12 -1.35
CA THR B 193 43.78 -41.64 -0.27
C THR B 193 45.11 -42.40 -0.26
N THR B 194 46.13 -41.83 0.40
CA THR B 194 47.48 -42.38 0.42
C THR B 194 48.15 -42.19 1.80
N PRO B 195 47.74 -43.02 2.80
CA PRO B 195 48.13 -42.82 4.22
C PRO B 195 49.61 -42.96 4.57
N VAL B 196 50.35 -43.75 3.79
CA VAL B 196 51.76 -44.01 4.06
C VAL B 196 52.47 -43.73 2.76
N VAL B 197 53.39 -42.75 2.80
CA VAL B 197 54.10 -42.27 1.61
C VAL B 197 55.58 -42.05 1.90
N SER B 198 56.43 -42.66 1.08
CA SER B 198 57.87 -42.31 1.00
C SER B 198 58.39 -42.59 -0.41
N SER B 199 59.64 -42.22 -0.67
CA SER B 199 60.26 -42.47 -1.99
C SER B 199 60.38 -43.96 -2.31
N GLU B 200 60.48 -44.79 -1.27
CA GLU B 200 60.59 -46.24 -1.42
C GLU B 200 59.28 -46.86 -1.95
N ARG B 201 58.17 -46.53 -1.29
CA ARG B 201 56.85 -47.01 -1.68
C ARG B 201 55.76 -46.17 -1.06
N ALA B 202 54.54 -46.35 -1.55
CA ALA B 202 53.37 -45.65 -1.01
C ALA B 202 52.17 -46.59 -0.98
N THR B 203 51.37 -46.50 0.08
CA THR B 203 50.08 -47.19 0.15
C THR B 203 49.05 -46.29 -0.53
N VAL B 204 48.21 -46.89 -1.38
CA VAL B 204 47.22 -46.16 -2.18
C VAL B 204 45.87 -46.87 -1.99
N ASN B 205 44.98 -46.24 -1.23
CA ASN B 205 43.69 -46.81 -0.87
C ASN B 205 42.64 -46.08 -1.66
N ILE B 206 41.64 -46.80 -2.15
CA ILE B 206 40.48 -46.19 -2.81
C ILE B 206 39.19 -46.70 -2.17
N GLU B 207 38.27 -45.79 -1.87
CA GLU B 207 36.90 -46.13 -1.49
C GLU B 207 36.07 -45.97 -2.74
N VAL B 208 35.50 -47.07 -3.24
CA VAL B 208 34.62 -47.02 -4.42
C VAL B 208 33.20 -47.33 -3.98
N ARG B 209 32.32 -46.34 -4.13
CA ARG B 209 30.90 -46.53 -3.83
C ARG B 209 30.24 -47.23 -5.00
N VAL B 210 29.38 -48.21 -4.71
CA VAL B 210 28.64 -48.91 -5.74
C VAL B 210 27.17 -48.93 -5.37
N LYS B 211 26.33 -48.48 -6.31
CA LYS B 211 24.91 -48.36 -6.07
C LYS B 211 24.17 -49.32 -6.97
N ASN B 212 23.29 -50.12 -6.35
CA ASN B 212 22.41 -51.01 -7.07
C ASN B 212 21.02 -50.38 -7.20
N ASP B 213 20.74 -49.81 -8.38
CA ASP B 213 19.41 -49.29 -8.69
C ASP B 213 18.52 -50.31 -9.41
N TYR B 214 18.94 -51.58 -9.48
CA TYR B 214 18.03 -52.63 -9.96
C TYR B 214 17.03 -52.99 -8.83
N SER B 215 15.98 -53.71 -9.23
CA SER B 215 14.88 -54.10 -8.34
C SER B 215 15.12 -55.38 -7.51
N GLY B 216 16.29 -56.00 -7.64
CA GLY B 216 16.65 -57.16 -6.80
C GLY B 216 18.12 -57.14 -6.46
N PRO B 217 18.63 -58.17 -5.76
CA PRO B 217 20.06 -58.23 -5.48
C PRO B 217 20.88 -58.40 -6.75
N ARG B 218 22.06 -57.81 -6.76
N ARG B 218 22.06 -57.80 -6.77
CA ARG B 218 22.97 -57.89 -7.90
CA ARG B 218 22.97 -57.92 -7.90
C ARG B 218 24.39 -58.10 -7.40
C ARG B 218 24.38 -58.09 -7.40
N ALA B 219 25.15 -58.91 -8.13
CA ALA B 219 26.53 -59.26 -7.78
C ALA B 219 27.48 -58.83 -8.87
N GLY B 220 28.74 -58.70 -8.49
CA GLY B 220 29.80 -58.37 -9.44
C GLY B 220 31.12 -58.15 -8.74
N GLU B 221 32.02 -57.44 -9.41
CA GLU B 221 33.35 -57.17 -8.89
C GLU B 221 33.76 -55.71 -9.16
N VAL B 222 34.59 -55.15 -8.29
CA VAL B 222 35.24 -53.87 -8.58
C VAL B 222 36.69 -54.17 -8.94
N ARG B 223 37.10 -53.83 -10.16
CA ARG B 223 38.51 -53.90 -10.56
C ARG B 223 39.12 -52.51 -10.71
N THR B 224 39.95 -52.10 -9.74
CA THR B 224 40.67 -50.84 -9.81
C THR B 224 42.11 -51.06 -10.30
N SER B 225 42.41 -50.51 -11.48
CA SER B 225 43.72 -50.60 -12.10
C SER B 225 44.40 -49.22 -12.01
N TYR B 226 45.64 -49.21 -11.52
CA TYR B 226 46.41 -47.98 -11.38
C TYR B 226 47.43 -47.84 -12.51
N PHE B 227 47.50 -46.64 -13.09
CA PHE B 227 48.39 -46.32 -14.21
C PHE B 227 49.24 -45.09 -13.91
N ASP B 228 50.55 -45.18 -14.17
CA ASP B 228 51.45 -44.02 -14.02
C ASP B 228 51.35 -43.07 -15.22
N SER B 229 52.12 -41.97 -15.19
CA SER B 229 52.00 -40.90 -16.21
C SER B 229 52.39 -41.32 -17.62
N LYS B 230 53.21 -42.36 -17.77
CA LYS B 230 53.49 -42.96 -19.08
C LYS B 230 52.47 -44.04 -19.50
N ASN B 231 51.33 -44.17 -18.79
CA ASN B 231 50.30 -45.20 -19.03
C ASN B 231 50.72 -46.67 -18.77
N LYS B 232 51.76 -46.89 -17.96
CA LYS B 232 52.14 -48.24 -17.51
C LYS B 232 51.30 -48.61 -16.30
N LYS B 233 50.70 -49.81 -16.31
CA LYS B 233 49.98 -50.34 -15.15
C LYS B 233 50.95 -50.63 -14.01
N VAL B 234 50.64 -50.14 -12.82
CA VAL B 234 51.53 -50.27 -11.65
C VAL B 234 50.84 -50.85 -10.42
N GLY B 235 49.60 -51.30 -10.59
CA GLY B 235 48.81 -51.79 -9.48
C GLY B 235 47.46 -52.29 -9.98
N GLU B 236 46.87 -53.20 -9.22
CA GLU B 236 45.54 -53.71 -9.53
C GLU B 236 44.97 -54.34 -8.27
N LYS B 237 43.64 -54.34 -8.17
CA LYS B 237 42.96 -54.99 -7.07
C LYS B 237 41.56 -55.36 -7.49
N LEU B 238 41.14 -56.56 -7.12
CA LEU B 238 39.86 -57.13 -7.50
C LEU B 238 39.12 -57.47 -6.21
N THR B 239 37.83 -57.13 -6.16
CA THR B 239 37.00 -57.38 -4.99
C THR B 239 35.59 -57.70 -5.44
N SER B 240 35.09 -58.85 -5.00
CA SER B 240 33.70 -59.26 -5.25
C SER B 240 32.73 -58.52 -4.33
N PHE B 241 31.47 -58.37 -4.76
CA PHE B 241 30.38 -57.85 -3.90
C PHE B 241 29.02 -58.50 -4.20
N LEU B 242 28.13 -58.42 -3.23
CA LEU B 242 26.70 -58.68 -3.43
C LEU B 242 26.03 -57.50 -2.75
N ILE B 243 25.14 -56.80 -3.45
CA ILE B 243 24.50 -55.59 -2.95
C ILE B 243 22.99 -55.75 -3.10
N GLU B 244 22.25 -55.41 -2.05
CA GLU B 244 20.78 -55.53 -2.08
C GLU B 244 20.14 -54.51 -3.00
N ALA B 245 18.90 -54.79 -3.41
CA ALA B 245 18.09 -53.87 -4.22
C ALA B 245 18.02 -52.50 -3.54
N GLY B 246 18.48 -51.46 -4.24
CA GLY B 246 18.39 -50.09 -3.75
C GLY B 246 19.34 -49.63 -2.65
N LYS B 247 20.31 -50.45 -2.26
CA LYS B 247 21.32 -50.05 -1.28
C LYS B 247 22.59 -49.62 -2.01
N GLU B 248 23.50 -48.98 -1.27
CA GLU B 248 24.80 -48.58 -1.77
C GLU B 248 25.83 -49.24 -0.87
N MET B 249 27.00 -49.57 -1.43
CA MET B 249 28.08 -50.20 -0.66
C MET B 249 29.38 -49.46 -0.92
N LYS B 250 30.18 -49.32 0.13
CA LYS B 250 31.53 -48.79 0.03
C LYS B 250 32.56 -49.93 0.01
N ILE B 251 33.25 -50.06 -1.12
CA ILE B 251 34.29 -51.07 -1.28
C ILE B 251 35.66 -50.41 -1.13
N ASN B 252 36.44 -50.88 -0.17
CA ASN B 252 37.79 -50.35 0.07
C ASN B 252 38.88 -51.29 -0.45
N GLN B 253 39.72 -50.77 -1.35
CA GLN B 253 40.80 -51.54 -1.98
C GLN B 253 42.10 -50.85 -1.68
N SER B 254 43.14 -51.63 -1.46
CA SER B 254 44.43 -51.13 -1.01
C SER B 254 45.54 -51.81 -1.81
N VAL B 255 46.53 -51.04 -2.24
CA VAL B 255 47.68 -51.55 -3.01
C VAL B 255 48.93 -50.83 -2.57
N GLU B 256 50.08 -51.37 -2.97
CA GLU B 256 51.38 -50.76 -2.73
C GLU B 256 51.99 -50.39 -4.07
N ILE B 257 52.24 -49.10 -4.27
CA ILE B 257 52.97 -48.61 -5.44
C ILE B 257 54.43 -48.48 -5.03
N SER B 258 55.34 -49.02 -5.84
CA SER B 258 56.79 -48.98 -5.54
C SER B 258 57.53 -47.93 -6.38
N ASN B 259 58.50 -47.26 -5.75
CA ASN B 259 59.23 -46.14 -6.35
C ASN B 259 58.31 -45.14 -7.05
N PRO B 260 57.31 -44.60 -6.31
CA PRO B 260 56.31 -43.74 -6.93
C PRO B 260 56.91 -42.39 -7.37
N SER B 261 56.34 -41.80 -8.43
CA SER B 261 56.67 -40.43 -8.81
C SER B 261 55.83 -39.53 -7.90
N LEU B 262 56.46 -38.95 -6.88
CA LEU B 262 55.73 -38.16 -5.89
C LEU B 262 55.34 -36.80 -6.48
N TRP B 263 54.05 -36.46 -6.31
CA TRP B 263 53.52 -35.14 -6.63
C TRP B 263 54.22 -34.09 -5.78
N ASP B 264 54.77 -33.10 -6.45
CA ASP B 264 55.42 -31.96 -5.83
C ASP B 264 55.08 -30.74 -6.68
N VAL B 265 55.23 -29.56 -6.10
CA VAL B 265 55.00 -28.30 -6.83
C VAL B 265 55.91 -28.09 -8.05
N ASP B 266 57.14 -28.59 -8.01
CA ASP B 266 58.05 -28.52 -9.18
C ASP B 266 58.29 -29.87 -9.85
N SER B 267 57.38 -30.82 -9.62
CA SER B 267 57.38 -32.12 -10.29
C SER B 267 55.99 -32.72 -10.04
N PRO B 268 54.96 -32.15 -10.69
CA PRO B 268 53.56 -32.45 -10.35
C PRO B 268 53.04 -33.71 -11.04
N SER B 269 53.59 -34.87 -10.66
CA SER B 269 53.30 -36.12 -11.32
C SER B 269 51.92 -36.61 -10.91
N MET B 270 51.12 -36.91 -11.92
CA MET B 270 49.80 -37.46 -11.71
C MET B 270 49.81 -38.98 -11.94
N TYR B 271 48.83 -39.64 -11.31
CA TYR B 271 48.45 -41.00 -11.59
C TYR B 271 46.99 -41.03 -12.05
N LEU B 272 46.55 -42.21 -12.47
CA LEU B 272 45.17 -42.45 -12.89
C LEU B 272 44.72 -43.76 -12.26
N ALA B 273 43.57 -43.74 -11.59
CA ALA B 273 42.92 -44.95 -11.10
C ALA B 273 41.69 -45.21 -11.98
N LYS B 274 41.61 -46.42 -12.51
CA LYS B 274 40.51 -46.80 -13.36
C LYS B 274 39.78 -47.92 -12.63
N SER B 275 38.61 -47.58 -12.11
CA SER B 275 37.76 -48.53 -11.37
C SER B 275 36.68 -49.01 -12.32
N GLU B 276 36.67 -50.32 -12.57
CA GLU B 276 35.68 -50.96 -13.45
C GLU B 276 34.80 -51.84 -12.59
N ILE B 277 33.51 -51.90 -12.95
CA ILE B 277 32.50 -52.76 -12.30
C ILE B 277 32.20 -53.90 -13.26
N LEU B 278 32.50 -55.12 -12.84
CA LEU B 278 32.39 -56.30 -13.72
C LEU B 278 31.21 -57.14 -13.29
N VAL B 279 30.34 -57.47 -14.23
CA VAL B 279 29.30 -58.48 -14.03
C VAL B 279 29.56 -59.60 -15.05
N ASP B 280 29.72 -60.83 -14.55
CA ASP B 280 30.33 -61.93 -15.33
C ASP B 280 31.72 -61.44 -15.83
N GLY B 281 32.04 -61.61 -17.11
CA GLY B 281 33.32 -61.14 -17.62
C GLY B 281 33.33 -59.68 -18.05
N ASN B 282 32.17 -59.00 -17.99
CA ASN B 282 31.97 -57.77 -18.74
C ASN B 282 32.05 -56.51 -17.91
N VAL B 283 32.70 -55.49 -18.45
CA VAL B 283 32.73 -54.16 -17.85
C VAL B 283 31.34 -53.52 -18.04
N VAL B 284 30.69 -53.23 -16.92
CA VAL B 284 29.34 -52.68 -16.87
C VAL B 284 29.34 -51.14 -16.61
N ASP B 285 30.27 -50.65 -15.81
CA ASP B 285 30.44 -49.21 -15.55
C ASP B 285 31.91 -48.94 -15.30
N THR B 286 32.35 -47.71 -15.57
CA THR B 286 33.77 -47.32 -15.41
C THR B 286 33.88 -45.91 -14.83
N LYS B 287 34.78 -45.70 -13.87
CA LYS B 287 35.16 -44.34 -13.43
C LYS B 287 36.66 -44.16 -13.38
N GLU B 288 37.10 -43.06 -13.96
CA GLU B 288 38.51 -42.68 -13.96
C GLU B 288 38.69 -41.56 -12.95
N THR B 289 39.70 -41.72 -12.11
CA THR B 289 39.93 -40.86 -10.97
C THR B 289 41.40 -40.45 -11.01
N PRO B 290 41.71 -39.28 -11.61
CA PRO B 290 43.09 -38.83 -11.57
C PRO B 290 43.42 -38.45 -10.13
N PHE B 291 44.66 -38.73 -9.71
CA PHE B 291 45.12 -38.42 -8.36
C PHE B 291 46.63 -38.29 -8.38
N GLY B 292 47.18 -37.95 -7.21
CA GLY B 292 48.61 -37.78 -7.03
C GLY B 292 48.99 -38.30 -5.67
N ILE B 293 50.26 -38.72 -5.55
CA ILE B 293 50.78 -39.35 -4.35
C ILE B 293 51.70 -38.34 -3.71
N ARG B 294 51.33 -37.85 -2.54
CA ARG B 294 52.20 -36.96 -1.74
C ARG B 294 51.75 -36.95 -0.29
N SER B 295 52.65 -36.64 0.63
CA SER B 295 52.27 -36.40 2.05
C SER B 295 52.32 -34.92 2.42
N ILE B 296 51.40 -34.51 3.30
CA ILE B 296 51.32 -33.13 3.81
C ILE B 296 51.26 -33.13 5.34
N LYS B 297 51.99 -32.22 5.98
CA LYS B 297 52.04 -32.16 7.43
C LYS B 297 52.34 -30.74 7.91
N PHE B 298 51.48 -30.19 8.78
CA PHE B 298 51.72 -28.90 9.42
C PHE B 298 52.15 -29.17 10.86
N ASP B 299 53.37 -28.74 11.18
CA ASP B 299 53.91 -28.88 12.53
C ASP B 299 53.92 -27.51 13.16
N ALA B 300 53.37 -27.41 14.36
CA ALA B 300 53.27 -26.13 15.09
C ALA B 300 54.62 -25.47 15.36
N LYS B 301 55.64 -26.27 15.68
CA LYS B 301 56.98 -25.75 15.96
C LYS B 301 57.85 -25.59 14.69
N LYS B 302 57.73 -26.54 13.75
CA LYS B 302 58.72 -26.72 12.66
C LYS B 302 58.28 -26.20 11.28
N GLY B 303 56.98 -26.12 11.03
CA GLY B 303 56.44 -25.55 9.78
C GLY B 303 55.72 -26.58 8.91
N PHE B 304 55.82 -26.41 7.60
CA PHE B 304 55.09 -27.23 6.63
C PHE B 304 56.05 -28.12 5.85
N PHE B 305 55.71 -29.41 5.76
CA PHE B 305 56.53 -30.42 5.07
C PHE B 305 55.74 -31.12 3.94
N LEU B 306 56.25 -31.05 2.73
CA LEU B 306 55.67 -31.76 1.57
C LEU B 306 56.61 -32.90 1.19
N ASN B 307 56.07 -34.13 1.23
CA ASN B 307 56.86 -35.37 1.06
C ASN B 307 58.05 -35.47 2.02
N GLY B 308 57.83 -35.03 3.27
CA GLY B 308 58.90 -34.89 4.24
C GLY B 308 59.84 -33.69 4.08
N LYS B 309 59.77 -32.98 2.94
CA LYS B 309 60.64 -31.83 2.66
C LYS B 309 60.02 -30.50 3.16
N ASN B 310 60.71 -29.84 4.09
CA ASN B 310 60.27 -28.55 4.65
C ASN B 310 60.33 -27.47 3.56
N MET B 311 59.27 -26.69 3.43
CA MET B 311 59.24 -25.56 2.49
C MET B 311 58.42 -24.42 3.07
N LYS B 312 58.60 -23.21 2.52
CA LYS B 312 57.69 -22.09 2.80
C LYS B 312 56.56 -22.03 1.78
N ILE B 313 55.36 -21.69 2.25
CA ILE B 313 54.18 -21.54 1.39
C ILE B 313 54.18 -20.11 0.87
N LYS B 314 54.42 -19.98 -0.44
CA LYS B 314 54.51 -18.70 -1.13
C LYS B 314 53.19 -18.47 -1.86
N GLY B 315 52.16 -18.14 -1.08
CA GLY B 315 50.77 -18.16 -1.55
C GLY B 315 50.30 -16.85 -2.11
N VAL B 316 49.30 -16.90 -2.99
CA VAL B 316 48.49 -15.74 -3.35
C VAL B 316 47.01 -16.10 -3.34
N CYS B 317 46.15 -15.11 -3.08
CA CYS B 317 44.71 -15.31 -3.13
C CYS B 317 44.23 -14.99 -4.54
N LEU B 318 43.19 -15.69 -5.00
CA LEU B 318 42.58 -15.41 -6.29
C LEU B 318 41.06 -15.49 -6.23
N HIS B 319 40.42 -14.53 -6.91
CA HIS B 319 39.02 -14.62 -7.22
C HIS B 319 38.88 -15.35 -8.54
N HIS B 320 37.65 -15.52 -8.98
CA HIS B 320 37.33 -16.45 -10.04
C HIS B 320 37.11 -15.80 -11.40
N ASP B 321 37.09 -14.46 -11.48
CA ASP B 321 36.97 -13.77 -12.78
C ASP B 321 38.32 -13.60 -13.47
N ALA B 322 38.28 -13.52 -14.81
CA ALA B 322 39.45 -13.14 -15.62
C ALA B 322 39.11 -12.01 -16.59
N SER B 323 38.48 -10.97 -16.05
CA SER B 323 38.11 -9.77 -16.80
C SER B 323 37.18 -10.02 -18.01
N MET B 324 37.69 -10.16 -19.24
CA MET B 324 36.82 -10.17 -20.44
C MET B 324 35.91 -11.39 -20.58
N ILE B 325 36.39 -12.53 -20.12
CA ILE B 325 35.58 -13.75 -20.00
C ILE B 325 34.75 -13.78 -18.71
N GLY B 326 35.13 -12.96 -17.73
CA GLY B 326 34.44 -12.87 -16.45
C GLY B 326 34.59 -14.16 -15.66
N ALA B 327 33.46 -14.75 -15.26
CA ALA B 327 33.44 -15.96 -14.43
C ALA B 327 33.60 -17.24 -15.24
N ALA B 328 33.32 -17.17 -16.55
CA ALA B 328 33.47 -18.32 -17.46
C ALA B 328 34.87 -18.92 -17.36
N LEU B 329 34.94 -20.22 -17.06
CA LEU B 329 36.23 -20.88 -16.84
C LEU B 329 36.79 -21.35 -18.18
N VAL B 330 37.63 -20.50 -18.78
CA VAL B 330 38.41 -20.85 -19.96
C VAL B 330 39.81 -21.16 -19.48
N GLU B 331 40.20 -22.43 -19.65
CA GLU B 331 41.38 -23.00 -19.00
C GLU B 331 42.71 -22.35 -19.42
N ASP B 332 42.86 -22.01 -20.71
CA ASP B 332 44.11 -21.39 -21.22
C ASP B 332 44.32 -20.00 -20.65
N VAL B 333 43.22 -19.28 -20.39
CA VAL B 333 43.33 -17.94 -19.85
C VAL B 333 43.95 -18.04 -18.47
N TRP B 334 43.47 -18.98 -17.66
CA TRP B 334 44.03 -19.21 -16.34
C TRP B 334 45.44 -19.82 -16.41
N ARG B 335 45.69 -20.67 -17.41
CA ARG B 335 47.02 -21.24 -17.60
C ARG B 335 48.12 -20.17 -17.72
N ARG B 336 47.88 -19.12 -18.51
CA ARG B 336 48.87 -18.03 -18.63
C ARG B 336 49.08 -17.28 -17.31
N ARG B 337 47.99 -17.00 -16.59
CA ARG B 337 48.08 -16.29 -15.30
C ARG B 337 48.89 -17.08 -14.27
N LEU B 338 48.59 -18.36 -14.14
CA LEU B 338 49.24 -19.26 -13.20
C LEU B 338 50.69 -19.50 -13.59
N GLN B 339 50.93 -19.65 -14.89
CA GLN B 339 52.31 -19.77 -15.40
C GLN B 339 53.15 -18.55 -15.06
N THR B 340 52.58 -17.35 -15.21
CA THR B 340 53.26 -16.11 -14.80
C THR B 340 53.50 -16.13 -13.26
N LEU B 341 52.48 -16.51 -12.50
CA LEU B 341 52.60 -16.61 -11.03
C LEU B 341 53.73 -17.54 -10.62
N LYS B 342 53.76 -18.69 -11.29
CA LYS B 342 54.79 -19.71 -11.09
C LYS B 342 56.19 -19.13 -11.32
N ASP B 343 56.39 -18.50 -12.47
CA ASP B 343 57.67 -17.80 -12.81
C ASP B 343 58.05 -16.77 -11.74
N GLY B 344 57.04 -16.17 -11.11
CA GLY B 344 57.23 -15.22 -10.00
C GLY B 344 57.64 -15.79 -8.65
N GLY B 345 57.66 -17.11 -8.53
CA GLY B 345 58.07 -17.79 -7.29
C GLY B 345 56.91 -18.33 -6.45
N CYS B 346 55.68 -18.20 -6.94
CA CYS B 346 54.48 -18.62 -6.20
C CYS B 346 54.30 -20.16 -6.24
N ASN B 347 53.97 -20.76 -5.09
CA ASN B 347 53.68 -22.22 -5.01
C ASN B 347 52.34 -22.61 -4.36
N ALA B 348 51.49 -21.61 -4.08
CA ALA B 348 50.20 -21.87 -3.44
C ALA B 348 49.14 -20.85 -3.85
N ILE B 349 47.90 -21.32 -3.87
CA ILE B 349 46.75 -20.50 -4.23
C ILE B 349 45.64 -20.67 -3.19
N ARG B 350 45.13 -19.56 -2.66
CA ARG B 350 43.93 -19.59 -1.80
C ARG B 350 42.72 -19.16 -2.61
N LEU B 351 41.70 -20.03 -2.66
CA LEU B 351 40.48 -19.78 -3.42
C LEU B 351 39.49 -18.90 -2.65
N SER B 352 39.81 -17.61 -2.62
CA SER B 352 39.05 -16.62 -1.88
C SER B 352 37.76 -16.25 -2.63
N HIS B 353 36.57 -16.33 -2.02
CA HIS B 353 36.29 -16.96 -0.73
C HIS B 353 35.18 -17.98 -0.96
N ASN B 354 35.50 -18.98 -1.78
CA ASN B 354 34.48 -19.89 -2.29
C ASN B 354 35.06 -21.14 -2.95
N PRO B 355 34.23 -22.18 -3.15
CA PRO B 355 34.63 -23.32 -3.96
C PRO B 355 35.10 -22.93 -5.38
N GLY B 356 36.15 -23.61 -5.86
CA GLY B 356 36.68 -23.38 -7.21
C GLY B 356 35.95 -24.24 -8.23
N ALA B 357 36.35 -24.10 -9.49
CA ALA B 357 35.85 -24.98 -10.55
C ALA B 357 36.74 -26.20 -10.59
N ASP B 358 36.16 -27.33 -10.98
CA ASP B 358 36.90 -28.58 -11.05
C ASP B 358 38.07 -28.40 -12.02
N ALA B 359 37.74 -27.84 -13.19
CA ALA B 359 38.72 -27.52 -14.22
C ALA B 359 39.88 -26.64 -13.74
N PHE B 360 39.63 -25.73 -12.82
CA PHE B 360 40.72 -24.94 -12.21
C PHE B 360 41.57 -25.79 -11.27
N LEU B 361 40.94 -26.66 -10.51
CA LEU B 361 41.70 -27.53 -9.58
C LEU B 361 42.60 -28.52 -10.35
N GLU B 362 42.08 -29.07 -11.46
CA GLU B 362 42.84 -29.91 -12.38
C GLU B 362 44.08 -29.18 -12.89
N LEU B 363 43.90 -27.93 -13.27
CA LEU B 363 44.99 -27.10 -13.73
C LEU B 363 46.07 -26.93 -12.63
N CYS B 364 45.66 -26.77 -11.37
CA CYS B 364 46.62 -26.70 -10.25
C CYS B 364 47.32 -28.03 -9.96
N ASP B 365 46.61 -29.15 -10.11
CA ASP B 365 47.23 -30.49 -10.03
C ASP B 365 48.35 -30.63 -11.07
N GLU B 366 48.04 -30.21 -12.29
CA GLU B 366 48.90 -30.34 -13.44
C GLU B 366 50.14 -29.43 -13.43
N MET B 367 49.99 -28.20 -12.93
CA MET B 367 51.07 -27.21 -12.95
C MET B 367 51.85 -27.13 -11.64
N GLY B 368 51.30 -27.73 -10.58
CA GLY B 368 51.98 -27.77 -9.29
C GLY B 368 51.73 -26.55 -8.42
N PHE B 369 50.51 -26.45 -7.90
CA PHE B 369 50.14 -25.39 -6.97
C PHE B 369 49.43 -26.03 -5.79
N LEU B 370 49.88 -25.74 -4.58
CA LEU B 370 49.16 -26.15 -3.38
C LEU B 370 47.90 -25.28 -3.29
N VAL B 371 46.77 -25.85 -2.87
CA VAL B 371 45.47 -25.15 -2.92
C VAL B 371 44.65 -25.18 -1.62
N GLN B 372 44.18 -24.00 -1.18
CA GLN B 372 43.16 -23.88 -0.13
C GLN B 372 41.80 -23.57 -0.74
N GLU B 373 40.85 -24.50 -0.66
CA GLU B 373 39.48 -24.25 -1.11
C GLU B 373 38.64 -23.79 0.09
N GLU B 374 38.05 -22.59 0.02
CA GLU B 374 37.16 -22.05 1.07
C GLU B 374 35.71 -22.38 0.80
N PHE B 375 34.95 -22.70 1.83
CA PHE B 375 33.53 -22.98 1.62
C PHE B 375 32.68 -21.70 1.58
N PHE B 376 32.98 -20.74 2.46
CA PHE B 376 32.10 -19.60 2.67
C PHE B 376 32.83 -18.28 2.91
N ASP B 377 32.19 -17.18 2.52
CA ASP B 377 32.60 -15.82 2.92
C ASP B 377 31.92 -15.39 4.24
N GLU B 378 30.71 -15.93 4.47
CA GLU B 378 29.89 -15.63 5.65
C GLU B 378 29.10 -16.86 6.07
N TRP B 379 28.79 -16.91 7.37
CA TRP B 379 28.00 -18.00 7.94
C TRP B 379 26.57 -17.51 8.27
N ASP B 380 26.25 -17.37 9.55
CA ASP B 380 24.87 -17.12 9.98
C ASP B 380 24.39 -15.69 9.73
N TYR B 381 25.33 -14.74 9.71
CA TYR B 381 25.02 -13.32 9.66
C TYR B 381 25.66 -12.67 8.42
N PRO B 382 24.88 -11.88 7.66
CA PRO B 382 25.41 -11.33 6.42
C PRO B 382 26.45 -10.24 6.66
N LYS B 383 27.54 -10.26 5.89
CA LYS B 383 28.43 -9.09 5.80
C LYS B 383 27.81 -8.03 4.92
N ASP B 384 28.24 -6.77 5.11
CA ASP B 384 27.83 -5.69 4.20
C ASP B 384 28.48 -5.96 2.86
N LYS B 385 27.72 -5.89 1.77
CA LYS B 385 28.27 -6.11 0.44
C LYS B 385 29.02 -4.90 -0.12
N ARG B 386 28.64 -3.70 0.28
CA ARG B 386 29.26 -2.47 -0.24
C ARG B 386 30.46 -2.06 0.61
N LEU B 387 30.24 -2.01 1.92
CA LEU B 387 31.31 -1.86 2.90
C LEU B 387 31.71 -3.27 3.21
N ASN B 388 32.76 -3.46 3.98
CA ASN B 388 33.09 -4.83 4.39
C ASN B 388 32.36 -5.07 5.72
N MET B 389 32.75 -6.11 6.47
CA MET B 389 32.36 -6.28 7.87
C MET B 389 30.84 -6.51 8.00
N ASP B 390 30.29 -6.33 9.20
CA ASP B 390 28.85 -6.59 9.45
C ASP B 390 27.91 -5.71 8.63
N GLU B 391 26.82 -6.31 8.15
CA GLU B 391 25.83 -5.60 7.33
C GLU B 391 25.14 -4.47 8.13
N GLN B 392 25.16 -3.26 7.56
CA GLN B 392 24.67 -2.05 8.24
C GLN B 392 23.32 -1.55 7.75
N SER B 393 22.95 -1.87 6.51
CA SER B 393 21.62 -1.61 5.98
C SER B 393 21.11 -2.83 5.23
N ILE B 394 19.83 -2.81 4.89
CA ILE B 394 19.17 -3.91 4.21
C ILE B 394 18.40 -3.39 3.00
N ASP B 395 18.80 -3.83 1.81
CA ASP B 395 18.05 -3.62 0.56
C ASP B 395 17.94 -4.91 -0.27
N TYR B 396 17.02 -4.92 -1.22
CA TYR B 396 16.73 -6.11 -1.99
C TYR B 396 17.94 -6.69 -2.72
N ILE B 397 18.66 -5.83 -3.44
CA ILE B 397 19.77 -6.28 -4.33
C ILE B 397 21.06 -6.79 -3.64
N THR B 398 21.12 -6.76 -2.31
CA THR B 398 22.25 -7.31 -1.55
C THR B 398 21.85 -8.50 -0.66
N ARG B 399 20.63 -9.01 -0.82
CA ARG B 399 20.22 -10.26 -0.14
C ARG B 399 21.02 -11.41 -0.77
N GLY B 400 21.79 -12.12 0.04
CA GLY B 400 22.61 -13.23 -0.46
C GLY B 400 22.28 -14.58 0.12
N TYR B 401 23.26 -15.47 0.01
CA TYR B 401 23.18 -16.86 0.46
C TYR B 401 22.82 -17.02 1.95
N CYS B 402 23.09 -16.01 2.78
CA CYS B 402 22.65 -16.02 4.19
C CYS B 402 21.16 -16.37 4.42
N GLU B 403 20.33 -16.10 3.41
CA GLU B 403 18.92 -16.48 3.39
C GLU B 403 18.71 -18.01 3.34
N TYR B 404 19.68 -18.72 2.78
CA TYR B 404 19.60 -20.17 2.59
C TYR B 404 20.54 -20.98 3.47
N PHE B 405 21.50 -20.31 4.13
CA PHE B 405 22.63 -20.98 4.81
C PHE B 405 22.22 -22.11 5.75
N GLN B 406 21.12 -21.93 6.47
CA GLN B 406 20.72 -22.88 7.51
C GLN B 406 20.26 -24.22 6.96
N GLU B 407 19.57 -24.21 5.83
CA GLU B 407 19.10 -25.45 5.20
C GLU B 407 20.07 -26.01 4.17
N TRP B 408 21.05 -25.21 3.73
CA TRP B 408 21.88 -25.57 2.59
C TRP B 408 23.38 -25.71 2.84
N ALA B 409 23.90 -25.24 3.96
CA ALA B 409 25.35 -25.23 4.19
C ALA B 409 25.93 -26.62 4.16
N GLU B 410 25.26 -27.55 4.84
CA GLU B 410 25.69 -28.96 4.84
C GLU B 410 25.75 -29.53 3.42
N ARG B 411 24.61 -29.55 2.70
CA ARG B 411 24.56 -30.05 1.31
C ARG B 411 25.65 -29.46 0.42
N ASP B 412 25.87 -28.15 0.55
CA ASP B 412 26.81 -27.43 -0.31
C ASP B 412 28.27 -27.76 0.04
N LEU B 413 28.62 -27.70 1.33
CA LEU B 413 29.96 -28.03 1.80
C LEU B 413 30.37 -29.45 1.39
N LYS B 414 29.46 -30.41 1.58
CA LYS B 414 29.73 -31.83 1.29
C LYS B 414 29.78 -32.18 -0.21
N ASN B 415 28.89 -31.60 -1.01
CA ASN B 415 28.98 -31.71 -2.47
C ASN B 415 30.31 -31.16 -2.97
N VAL B 416 30.78 -30.07 -2.37
CA VAL B 416 32.05 -29.46 -2.79
C VAL B 416 33.20 -30.44 -2.55
N MET B 417 33.20 -31.08 -1.38
CA MET B 417 34.27 -31.98 -1.01
C MET B 417 34.25 -33.28 -1.81
N LEU B 418 33.05 -33.84 -2.05
CA LEU B 418 32.88 -34.97 -2.99
C LEU B 418 33.50 -34.67 -4.36
N ARG B 419 33.25 -33.48 -4.88
CA ARG B 419 33.81 -33.04 -6.16
C ARG B 419 35.33 -32.83 -6.09
N SER B 420 35.78 -32.23 -4.99
CA SER B 420 37.13 -31.73 -4.87
C SER B 420 38.17 -32.70 -4.26
N ARG B 421 37.76 -33.67 -3.45
CA ARG B 421 38.70 -34.36 -2.53
C ARG B 421 39.77 -35.31 -3.13
N ASN B 422 39.72 -35.58 -4.43
CA ASN B 422 40.76 -36.39 -5.08
C ASN B 422 41.91 -35.52 -5.57
N HIS B 423 41.71 -34.21 -5.64
CA HIS B 423 42.74 -33.32 -6.20
C HIS B 423 43.96 -33.24 -5.26
N PRO B 424 45.16 -33.69 -5.74
CA PRO B 424 46.37 -33.57 -4.91
C PRO B 424 46.78 -32.13 -4.59
N CYS B 425 46.44 -31.19 -5.47
CA CYS B 425 46.68 -29.76 -5.20
C CYS B 425 46.10 -29.30 -3.85
N ILE B 426 44.92 -29.83 -3.47
CA ILE B 426 44.25 -29.38 -2.26
C ILE B 426 44.97 -29.93 -1.03
N PHE B 427 45.43 -29.01 -0.19
CA PHE B 427 46.20 -29.28 1.02
C PHE B 427 45.65 -28.53 2.24
N GLN B 428 44.41 -28.03 2.15
CA GLN B 428 43.77 -27.19 3.19
C GLN B 428 42.31 -26.96 2.80
N TRP B 429 41.40 -27.09 3.77
CA TRP B 429 39.98 -26.71 3.57
C TRP B 429 39.71 -25.57 4.55
N SER B 430 39.28 -24.43 4.04
CA SER B 430 38.92 -23.30 4.91
C SER B 430 37.41 -23.22 5.08
N ILE B 431 36.95 -23.21 6.34
CA ILE B 431 35.51 -23.20 6.63
C ILE B 431 34.87 -21.82 6.50
N GLY B 432 35.64 -20.75 6.63
CA GLY B 432 35.13 -19.40 6.42
C GLY B 432 36.19 -18.32 6.33
N ASN B 433 35.79 -17.17 5.79
CA ASN B 433 36.67 -16.00 5.63
C ASN B 433 36.24 -14.81 6.50
N GLU B 434 37.13 -14.34 7.38
CA GLU B 434 36.92 -13.14 8.23
C GLU B 434 35.50 -13.13 8.80
N ILE B 435 35.18 -14.17 9.54
CA ILE B 435 33.82 -14.34 10.05
C ILE B 435 33.54 -13.45 11.28
N GLU B 436 34.58 -13.12 12.04
CA GLU B 436 34.42 -12.49 13.36
C GLU B 436 33.56 -11.22 13.37
N TRP B 437 33.70 -10.41 12.32
CA TRP B 437 32.92 -9.18 12.11
C TRP B 437 31.41 -9.38 12.24
N THR B 438 30.92 -10.52 11.78
CA THR B 438 29.48 -10.75 11.66
C THR B 438 28.75 -11.20 12.95
N TYR B 439 29.50 -11.56 14.01
CA TYR B 439 28.91 -12.00 15.29
C TYR B 439 29.13 -10.94 16.39
N LYS B 440 28.05 -10.33 16.86
CA LYS B 440 28.10 -9.27 17.88
C LYS B 440 28.87 -9.77 19.09
N GLY B 441 29.82 -8.96 19.55
CA GLY B 441 30.68 -9.33 20.69
C GLY B 441 32.14 -9.60 20.37
N CYS B 442 32.44 -10.11 19.18
CA CYS B 442 33.83 -10.49 18.85
C CYS B 442 34.81 -9.32 18.89
N LYS B 443 34.60 -8.33 18.05
CA LYS B 443 35.47 -7.14 18.01
C LYS B 443 35.47 -6.36 19.34
N GLU B 444 34.31 -6.33 20.00
CA GLU B 444 34.16 -5.68 21.31
C GLU B 444 34.98 -6.39 22.41
N SER B 445 35.10 -7.72 22.30
CA SER B 445 35.80 -8.52 23.33
C SER B 445 37.33 -8.47 23.23
N THR B 446 37.86 -8.00 22.10
CA THR B 446 39.25 -7.57 22.03
C THR B 446 39.28 -6.18 22.63
N GLY B 447 40.47 -5.69 22.94
CA GLY B 447 40.60 -4.31 23.40
C GLY B 447 40.75 -3.25 22.31
N PHE B 448 40.63 -3.65 21.04
CA PHE B 448 41.05 -2.82 19.92
C PHE B 448 40.17 -1.61 19.64
N PHE B 449 38.85 -1.74 19.80
CA PHE B 449 37.90 -0.71 19.36
C PHE B 449 37.14 -0.04 20.51
N SER B 450 37.78 0.03 21.69
CA SER B 450 37.14 0.48 22.94
C SER B 450 36.86 2.00 22.97
N TYR B 457 44.60 -1.74 14.71
CA TYR B 457 44.79 -3.14 15.13
C TYR B 457 45.75 -3.96 14.26
N PHE B 458 45.93 -3.58 13.00
CA PHE B 458 46.90 -4.24 12.11
C PHE B 458 48.32 -4.35 12.66
N TRP B 459 48.73 -3.35 13.45
CA TRP B 459 50.12 -3.24 13.92
C TRP B 459 50.24 -3.36 15.45
N ASN B 460 49.17 -3.85 16.09
CA ASN B 460 49.09 -3.95 17.55
C ASN B 460 48.61 -5.33 18.00
N GLN B 461 49.16 -5.81 19.11
CA GLN B 461 48.56 -6.90 19.88
C GLN B 461 47.44 -6.27 20.72
N PRO B 462 46.46 -7.08 21.18
CA PRO B 462 45.36 -6.46 21.93
C PRO B 462 45.82 -5.96 23.31
N PRO B 463 45.22 -4.88 23.82
CA PRO B 463 45.57 -4.37 25.15
C PRO B 463 45.01 -5.21 26.29
N TYR B 464 43.88 -5.90 26.06
CA TYR B 464 43.34 -6.88 27.02
C TYR B 464 44.19 -8.14 27.06
N SER B 465 44.36 -8.72 28.25
CA SER B 465 45.01 -10.04 28.41
C SER B 465 44.07 -11.18 27.99
N THR B 466 44.65 -12.38 27.83
CA THR B 466 43.89 -13.60 27.51
C THR B 466 42.65 -13.75 28.41
N GLN B 467 42.89 -13.65 29.72
CA GLN B 467 41.86 -13.73 30.77
C GLN B 467 40.79 -12.65 30.59
N ARG B 468 41.24 -11.44 30.31
CA ARG B 468 40.33 -10.30 30.11
C ARG B 468 39.46 -10.50 28.86
N ILE B 469 40.02 -11.10 27.81
CA ILE B 469 39.26 -11.37 26.59
C ILE B 469 38.17 -12.40 26.86
N ARG B 470 38.48 -13.43 27.66
CA ARG B 470 37.52 -14.47 28.03
C ARG B 470 36.29 -13.93 28.80
N GLU B 471 36.57 -13.09 29.82
CA GLU B 471 35.53 -12.49 30.67
C GLU B 471 34.62 -11.51 29.92
N GLU B 472 35.20 -10.75 29.00
CA GLU B 472 34.42 -9.87 28.11
C GLU B 472 33.46 -10.70 27.28
N TRP B 473 33.96 -11.79 26.70
CA TRP B 473 33.16 -12.71 25.89
C TRP B 473 31.98 -13.33 26.65
N ALA B 474 32.22 -13.74 27.90
CA ALA B 474 31.15 -14.21 28.81
C ALA B 474 30.01 -13.17 28.99
N LYS B 475 30.39 -11.89 29.16
CA LYS B 475 29.41 -10.82 29.41
C LYS B 475 28.53 -10.43 28.20
N GLN B 476 28.93 -10.81 26.97
CA GLN B 476 28.21 -10.40 25.74
C GLN B 476 26.85 -11.08 25.64
N PRO B 477 25.80 -10.35 25.22
CA PRO B 477 24.47 -10.97 25.12
C PRO B 477 24.44 -12.19 24.17
N LYS B 478 23.80 -13.29 24.62
CA LYS B 478 23.77 -14.60 23.95
C LYS B 478 23.70 -14.61 22.41
N GLN B 479 22.72 -13.91 21.83
CA GLN B 479 22.52 -13.88 20.36
C GLN B 479 22.02 -15.24 19.80
N THR B 480 21.30 -15.21 18.68
CA THR B 480 20.66 -16.42 18.15
C THR B 480 21.67 -17.46 17.69
N TYR B 481 22.75 -17.02 17.05
CA TYR B 481 23.80 -17.93 16.57
C TYR B 481 25.12 -17.60 17.28
N ASP B 482 25.94 -18.62 17.50
CA ASP B 482 27.25 -18.43 18.14
C ASP B 482 28.34 -18.89 17.18
N ILE B 483 29.40 -18.08 17.08
CA ILE B 483 30.47 -18.34 16.13
C ILE B 483 31.23 -19.66 16.39
N GLY B 484 31.46 -19.97 17.67
CA GLY B 484 32.17 -21.21 18.01
C GLY B 484 31.35 -22.46 17.72
N ARG B 485 30.03 -22.34 17.88
CA ARG B 485 29.12 -23.46 17.70
C ARG B 485 29.00 -23.80 16.21
N THR B 486 28.81 -22.77 15.38
CA THR B 486 28.74 -22.94 13.93
C THR B 486 30.09 -23.43 13.37
N ALA B 487 31.20 -22.87 13.87
CA ALA B 487 32.55 -23.36 13.49
C ALA B 487 32.72 -24.87 13.74
N LYS B 488 32.09 -25.36 14.81
CA LYS B 488 32.12 -26.79 15.15
C LYS B 488 31.25 -27.69 14.26
N LYS B 489 30.11 -27.21 13.77
CA LYS B 489 29.29 -28.00 12.82
C LYS B 489 29.99 -28.14 11.46
N LEU B 490 30.51 -27.02 10.95
CA LEU B 490 31.21 -26.96 9.68
C LEU B 490 32.49 -27.77 9.66
N ALA B 491 33.25 -27.70 10.74
CA ALA B 491 34.48 -28.49 10.88
C ALA B 491 34.17 -29.98 11.07
N ALA B 492 33.06 -30.29 11.74
CA ALA B 492 32.63 -31.69 11.92
C ALA B 492 32.11 -32.28 10.62
N TRP B 493 31.35 -31.49 9.87
CA TRP B 493 30.92 -31.87 8.52
C TRP B 493 32.11 -32.10 7.59
N THR B 494 33.14 -31.24 7.68
CA THR B 494 34.35 -31.35 6.83
C THR B 494 35.09 -32.66 7.13
N ARG B 495 35.36 -32.92 8.40
CA ARG B 495 36.06 -34.12 8.83
C ARG B 495 35.34 -35.44 8.53
N GLU B 496 34.01 -35.41 8.44
CA GLU B 496 33.25 -36.58 8.00
C GLU B 496 33.63 -36.94 6.58
N MET B 497 33.92 -35.93 5.76
CA MET B 497 34.25 -36.14 4.35
C MET B 497 35.75 -36.40 4.10
N ASP B 498 36.63 -35.89 4.97
CA ASP B 498 38.07 -35.96 4.70
C ASP B 498 38.94 -35.54 5.92
N THR B 499 39.74 -36.48 6.43
CA THR B 499 40.67 -36.23 7.55
C THR B 499 42.13 -36.05 7.07
N THR B 500 42.32 -36.11 5.77
CA THR B 500 43.65 -36.19 5.17
C THR B 500 44.25 -34.82 4.82
N ARG B 501 43.47 -33.76 4.99
CA ARG B 501 43.93 -32.37 4.85
C ARG B 501 43.37 -31.56 6.03
N PRO B 502 44.15 -30.59 6.55
CA PRO B 502 43.70 -29.82 7.72
C PRO B 502 42.52 -28.90 7.46
N VAL B 503 41.66 -28.76 8.47
CA VAL B 503 40.61 -27.77 8.48
C VAL B 503 41.30 -26.49 8.92
N THR B 504 41.04 -25.39 8.19
CA THR B 504 41.56 -24.08 8.55
C THR B 504 40.46 -23.02 8.39
N ALA B 505 40.82 -21.76 8.66
CA ALA B 505 39.97 -20.61 8.40
C ALA B 505 40.83 -19.35 8.36
N ASN B 506 40.30 -18.31 7.71
CA ASN B 506 40.97 -17.01 7.68
C ASN B 506 40.39 -16.09 8.77
N CYS B 507 41.06 -16.07 9.94
CA CYS B 507 40.61 -15.34 11.13
C CYS B 507 41.15 -13.91 11.13
N ILE B 508 40.23 -12.93 11.16
CA ILE B 508 40.61 -11.51 11.25
C ILE B 508 40.99 -11.03 12.66
N LEU B 509 40.41 -11.67 13.68
CA LEU B 509 40.70 -11.34 15.09
C LEU B 509 40.93 -12.66 15.84
N PRO B 510 42.11 -13.27 15.63
CA PRO B 510 42.43 -14.54 16.28
C PRO B 510 42.47 -14.44 17.80
N SER B 511 42.84 -13.28 18.33
CA SER B 511 42.83 -13.04 19.77
C SER B 511 41.54 -13.49 20.47
N ILE B 512 40.39 -13.11 19.91
CA ILE B 512 39.08 -13.55 20.42
C ILE B 512 38.69 -14.96 19.92
N SER B 513 39.11 -15.33 18.71
CA SER B 513 38.77 -16.65 18.16
C SER B 513 39.47 -17.83 18.85
N TYR B 514 40.59 -17.57 19.54
CA TYR B 514 41.23 -18.57 20.44
C TYR B 514 40.36 -18.96 21.66
N GLU B 515 39.40 -18.11 22.03
CA GLU B 515 38.59 -18.32 23.23
C GLU B 515 37.13 -18.67 22.96
N THR B 516 36.68 -18.52 21.72
CA THR B 516 35.27 -18.71 21.37
C THR B 516 34.90 -20.15 21.03
N GLY B 517 35.91 -20.98 20.75
CA GLY B 517 35.72 -22.32 20.18
C GLY B 517 36.00 -22.39 18.68
N TYR B 518 36.29 -21.25 18.07
CA TYR B 518 36.47 -21.13 16.62
C TYR B 518 37.79 -21.78 16.25
N ILE B 519 38.89 -21.21 16.73
CA ILE B 519 40.22 -21.74 16.43
C ILE B 519 40.39 -23.12 17.04
N ASP B 520 39.74 -23.38 18.18
CA ASP B 520 39.73 -24.73 18.78
C ASP B 520 39.28 -25.84 17.79
N ALA B 521 38.31 -25.55 16.91
CA ALA B 521 37.83 -26.54 15.94
C ALA B 521 38.73 -26.72 14.70
N LEU B 522 39.73 -25.85 14.53
CA LEU B 522 40.62 -25.87 13.36
C LEU B 522 41.91 -26.67 13.61
N ASP B 523 42.47 -27.25 12.56
CA ASP B 523 43.75 -27.94 12.68
C ASP B 523 44.88 -26.94 12.51
N VAL B 524 44.67 -25.96 11.62
CA VAL B 524 45.60 -24.84 11.38
C VAL B 524 44.87 -23.51 11.45
N ALA B 525 45.36 -22.61 12.30
CA ALA B 525 44.80 -21.26 12.45
C ALA B 525 45.35 -20.36 11.36
N GLY B 526 44.49 -19.89 10.45
CA GLY B 526 44.86 -18.85 9.48
C GLY B 526 44.69 -17.44 10.06
N PHE B 527 45.69 -16.58 9.83
CA PHE B 527 45.69 -15.21 10.34
C PHE B 527 45.58 -14.22 9.18
N SER B 528 44.49 -13.44 9.18
CA SER B 528 44.22 -12.40 8.18
C SER B 528 44.81 -11.05 8.60
N TYR B 529 45.97 -10.70 8.04
CA TYR B 529 46.67 -9.45 8.32
C TYR B 529 47.05 -9.30 9.81
N ARG B 530 47.59 -10.38 10.39
CA ARG B 530 48.00 -10.40 11.79
C ARG B 530 49.42 -10.96 11.90
N ARG B 531 50.36 -10.38 11.15
CA ARG B 531 51.76 -10.75 11.34
C ARG B 531 52.29 -10.37 12.72
N VAL B 532 51.75 -9.28 13.31
CA VAL B 532 52.09 -8.92 14.70
C VAL B 532 51.56 -9.91 15.74
N MET B 533 50.59 -10.73 15.37
CA MET B 533 50.08 -11.80 16.23
C MET B 533 50.83 -13.13 16.10
N TYR B 534 51.83 -13.22 15.22
CA TYR B 534 52.62 -14.45 15.09
C TYR B 534 53.32 -14.82 16.42
N ASP B 535 53.85 -13.83 17.13
CA ASP B 535 54.49 -14.07 18.45
C ASP B 535 53.50 -14.41 19.56
N TYR B 536 52.32 -13.79 19.54
CA TYR B 536 51.20 -14.11 20.46
C TYR B 536 50.79 -15.57 20.34
N ALA B 537 50.68 -16.08 19.11
CA ALA B 537 50.32 -17.47 18.83
C ALA B 537 51.37 -18.48 19.34
N HIS B 538 52.64 -18.19 19.03
CA HIS B 538 53.77 -19.02 19.51
C HIS B 538 53.92 -19.01 21.03
N LYS B 539 53.50 -17.93 21.69
CA LYS B 539 53.60 -17.82 23.15
C LYS B 539 52.44 -18.53 23.86
N ASN B 540 51.22 -18.16 23.49
CA ASN B 540 50.01 -18.55 24.23
C ASN B 540 49.32 -19.84 23.76
N TYR B 541 49.39 -20.13 22.45
CA TYR B 541 48.82 -21.36 21.89
C TYR B 541 49.84 -22.07 20.96
N PRO B 542 51.02 -22.44 21.52
CA PRO B 542 52.15 -23.02 20.74
C PRO B 542 51.90 -24.40 20.11
N ASP B 543 50.92 -25.14 20.62
CA ASP B 543 50.55 -26.44 20.06
C ASP B 543 49.69 -26.34 18.79
N LYS B 544 49.18 -25.14 18.50
CA LYS B 544 48.34 -24.89 17.33
C LYS B 544 49.14 -24.38 16.16
N PRO B 545 49.14 -25.12 15.03
CA PRO B 545 49.75 -24.52 13.83
C PRO B 545 49.06 -23.21 13.47
N ALA B 546 49.85 -22.21 13.12
CA ALA B 546 49.32 -20.96 12.59
C ALA B 546 50.18 -20.43 11.43
N MET B 547 49.50 -19.80 10.48
CA MET B 547 50.15 -19.20 9.32
C MET B 547 49.32 -18.01 8.82
N GLY B 548 49.95 -17.15 8.00
CA GLY B 548 49.22 -16.11 7.27
C GLY B 548 48.33 -16.66 6.15
N THR B 549 47.02 -16.42 6.23
CA THR B 549 46.08 -16.84 5.18
C THR B 549 45.55 -15.70 4.31
N GLU B 550 45.70 -14.46 4.76
CA GLU B 550 45.55 -13.30 3.87
C GLU B 550 46.56 -12.24 4.28
N ASN B 551 47.24 -11.64 3.30
CA ASN B 551 48.44 -10.84 3.56
C ASN B 551 48.68 -9.78 2.48
N LEU B 552 49.42 -8.75 2.85
CA LEU B 552 49.74 -7.64 1.97
C LEU B 552 50.92 -8.03 1.07
N GLY B 553 50.95 -7.51 -0.15
CA GLY B 553 52.05 -7.76 -1.09
C GLY B 553 53.26 -6.88 -0.80
N GLN B 554 53.93 -7.16 0.32
CA GLN B 554 55.03 -6.34 0.81
C GLN B 554 56.11 -7.18 1.49
N TRP B 555 57.37 -6.76 1.34
CA TRP B 555 58.52 -7.33 2.06
C TRP B 555 58.35 -7.52 3.57
N HIS B 556 57.65 -6.60 4.23
CA HIS B 556 57.45 -6.71 5.67
C HIS B 556 56.58 -7.91 6.08
N GLU B 557 55.72 -8.39 5.17
CA GLU B 557 54.92 -9.60 5.40
C GLU B 557 55.76 -10.86 5.23
N TRP B 558 56.58 -10.89 4.18
CA TRP B 558 57.49 -12.01 3.91
C TRP B 558 58.65 -12.06 4.89
N LYS B 559 59.13 -10.90 5.34
CA LYS B 559 60.19 -10.82 6.37
C LYS B 559 59.76 -11.49 7.67
N ALA B 560 58.51 -11.27 8.08
CA ALA B 560 57.95 -11.88 9.29
C ALA B 560 57.86 -13.41 9.18
N VAL B 561 57.57 -13.90 7.97
CA VAL B 561 57.47 -15.34 7.70
C VAL B 561 58.83 -16.00 7.78
N ILE B 562 59.82 -15.47 7.06
CA ILE B 562 61.15 -16.10 7.00
C ILE B 562 61.90 -16.11 8.34
N GLU B 563 61.58 -15.17 9.22
CA GLU B 563 62.22 -15.12 10.56
C GLU B 563 61.73 -16.23 11.51
N ARG B 564 60.54 -16.77 11.25
CA ARG B 564 59.88 -17.71 12.15
C ARG B 564 59.69 -19.09 11.47
N ASP B 565 60.37 -20.09 12.02
CA ASP B 565 60.24 -21.46 11.54
C ASP B 565 58.85 -22.04 11.81
N TYR B 566 58.20 -21.50 12.84
CA TYR B 566 56.81 -21.83 13.21
C TYR B 566 55.72 -21.11 12.38
N ILE B 567 56.11 -20.29 11.39
CA ILE B 567 55.14 -19.68 10.48
C ILE B 567 55.47 -20.10 9.06
N PRO B 568 54.77 -21.11 8.55
CA PRO B 568 55.15 -21.72 7.27
C PRO B 568 54.88 -20.87 6.02
N GLY B 569 54.09 -19.80 6.12
CA GLY B 569 53.85 -18.96 4.94
C GLY B 569 52.75 -17.91 5.02
N MET B 570 52.43 -17.38 3.84
CA MET B 570 51.43 -16.33 3.66
C MET B 570 50.69 -16.48 2.32
N PHE B 571 49.53 -15.87 2.21
CA PHE B 571 48.80 -15.79 0.94
C PHE B 571 48.54 -14.31 0.61
N ILE B 572 49.17 -13.78 -0.44
CA ILE B 572 49.03 -12.37 -0.80
C ILE B 572 47.64 -12.07 -1.36
N TRP B 573 47.03 -10.97 -0.88
CA TRP B 573 45.84 -10.39 -1.48
C TRP B 573 46.32 -9.28 -2.44
N THR B 574 46.21 -9.45 -3.76
CA THR B 574 45.88 -10.69 -4.47
C THR B 574 46.98 -11.01 -5.48
N GLY B 575 46.87 -12.19 -6.09
CA GLY B 575 47.77 -12.60 -7.15
C GLY B 575 47.42 -11.92 -8.46
N VAL B 576 46.15 -11.73 -8.70
CA VAL B 576 45.66 -11.03 -9.88
C VAL B 576 44.54 -10.11 -9.44
N ASP B 577 44.47 -8.94 -10.09
CA ASP B 577 43.33 -8.07 -9.86
C ASP B 577 42.04 -8.81 -10.26
N TYR B 578 40.95 -8.34 -9.66
CA TYR B 578 39.61 -8.90 -9.86
C TYR B 578 38.63 -7.74 -9.94
N LEU B 579 37.58 -7.93 -10.73
CA LEU B 579 36.50 -6.97 -10.85
C LEU B 579 35.74 -6.83 -9.52
N GLY B 580 35.29 -5.62 -9.25
CA GLY B 580 34.45 -5.33 -8.08
C GLY B 580 35.22 -4.97 -6.82
N GLU B 581 34.49 -5.00 -5.71
CA GLU B 581 34.92 -4.41 -4.43
C GLU B 581 35.32 -2.91 -4.53
N VAL B 582 34.64 -2.19 -5.43
CA VAL B 582 34.83 -0.74 -5.62
C VAL B 582 33.47 -0.04 -5.37
N GLY B 583 33.38 1.25 -5.69
CA GLY B 583 32.17 2.05 -5.45
C GLY B 583 32.15 2.81 -4.13
N THR B 584 33.04 2.48 -3.19
CA THR B 584 33.17 3.22 -1.93
C THR B 584 33.79 4.61 -2.16
N LYS B 585 33.93 5.41 -1.09
CA LYS B 585 34.53 6.75 -1.17
C LYS B 585 35.99 6.63 -1.55
N GLY B 586 36.41 7.40 -2.55
CA GLY B 586 37.72 7.26 -3.17
C GLY B 586 37.81 6.29 -4.33
N ARG B 587 36.86 5.35 -4.43
CA ARG B 587 36.90 4.28 -5.44
C ARG B 587 35.70 4.37 -6.39
N GLU B 588 35.30 5.61 -6.70
CA GLU B 588 34.10 5.86 -7.51
C GLU B 588 34.32 5.36 -8.93
N TRP B 589 33.23 5.17 -9.65
CA TRP B 589 33.27 5.02 -11.08
C TRP B 589 34.14 6.14 -11.68
N PRO B 590 34.97 5.85 -12.69
CA PRO B 590 34.96 4.61 -13.48
C PRO B 590 35.96 3.50 -13.05
N GLN B 591 36.55 3.62 -11.85
CA GLN B 591 37.39 2.55 -11.25
C GLN B 591 36.63 1.22 -11.15
N ARG B 592 37.22 0.13 -11.65
CA ARG B 592 36.56 -1.19 -11.60
C ARG B 592 37.32 -2.28 -10.84
N ALA B 593 38.46 -1.95 -10.24
CA ALA B 593 39.12 -2.85 -9.31
C ALA B 593 40.01 -2.09 -8.37
N ILE B 594 40.31 -2.68 -7.23
CA ILE B 594 41.15 -2.02 -6.22
C ILE B 594 42.57 -1.78 -6.73
N GLY B 595 43.13 -2.76 -7.44
CA GLY B 595 44.53 -2.71 -7.89
C GLY B 595 45.50 -3.33 -6.90
N CYS B 596 44.98 -4.26 -6.08
CA CYS B 596 45.77 -4.94 -5.05
C CYS B 596 46.63 -6.09 -5.62
N GLY B 597 46.38 -6.46 -6.87
CA GLY B 597 47.02 -7.63 -7.47
C GLY B 597 48.50 -7.53 -7.78
N LEU B 598 49.16 -8.69 -7.84
CA LEU B 598 50.52 -8.82 -8.38
C LEU B 598 50.50 -8.74 -9.91
N LEU B 599 49.53 -9.38 -10.54
CA LEU B 599 49.26 -9.14 -11.95
C LEU B 599 47.99 -8.31 -12.08
N ASP B 600 47.78 -7.73 -13.27
CA ASP B 600 46.63 -6.88 -13.57
C ASP B 600 45.56 -7.67 -14.32
N LEU B 601 44.46 -7.03 -14.69
CA LEU B 601 43.31 -7.72 -15.32
C LEU B 601 43.62 -8.32 -16.71
N ALA B 602 44.71 -7.88 -17.32
CA ALA B 602 45.24 -8.50 -18.54
C ALA B 602 46.26 -9.60 -18.27
N GLY B 603 46.55 -9.89 -17.01
CA GLY B 603 47.56 -10.84 -16.65
C GLY B 603 48.98 -10.37 -16.85
N PHE B 604 49.21 -9.07 -17.06
CA PHE B 604 50.56 -8.53 -17.18
C PHE B 604 51.19 -8.34 -15.80
N GLU B 605 52.52 -8.28 -15.78
CA GLU B 605 53.29 -8.22 -14.54
C GLU B 605 53.35 -6.78 -14.01
N LYS B 606 52.81 -6.56 -12.81
CA LYS B 606 52.83 -5.23 -12.19
C LYS B 606 54.10 -5.11 -11.36
N PRO B 607 54.43 -3.90 -10.86
CA PRO B 607 55.59 -3.74 -9.96
C PRO B 607 55.59 -4.64 -8.72
N SER B 608 54.41 -4.85 -8.13
CA SER B 608 54.29 -5.72 -6.94
C SER B 608 54.69 -7.17 -7.23
N PHE B 609 54.42 -7.65 -8.44
CA PHE B 609 54.86 -8.98 -8.89
C PHE B 609 56.40 -9.07 -8.92
N HIS B 610 57.04 -8.09 -9.59
CA HIS B 610 58.50 -8.02 -9.68
C HIS B 610 59.15 -7.83 -8.30
N MET B 611 58.47 -7.11 -7.41
CA MET B 611 58.93 -7.02 -6.05
C MET B 611 58.90 -8.42 -5.42
N MET B 612 57.77 -9.12 -5.57
CA MET B 612 57.64 -10.46 -4.98
C MET B 612 58.58 -11.48 -5.60
N LYS B 613 58.75 -11.41 -6.92
CA LYS B 613 59.71 -12.24 -7.66
C LYS B 613 61.14 -12.15 -7.12
N SER B 614 61.54 -10.96 -6.67
CA SER B 614 62.85 -10.79 -6.03
C SER B 614 62.95 -11.50 -4.66
N LEU B 615 61.82 -11.61 -3.96
CA LEU B 615 61.77 -12.27 -2.65
C LEU B 615 61.54 -13.77 -2.72
N TRP B 616 60.96 -14.24 -3.83
CA TRP B 616 60.50 -15.62 -3.98
C TRP B 616 61.24 -16.51 -5.01
N THR B 617 62.05 -15.93 -5.90
CA THR B 617 62.92 -16.72 -6.81
C THR B 617 64.38 -16.56 -6.39
N ASP B 618 65.18 -17.60 -6.60
CA ASP B 618 66.59 -17.59 -6.23
C ASP B 618 67.55 -17.24 -7.42
N ALA B 619 67.07 -17.36 -8.67
CA ALA B 619 67.85 -16.95 -9.85
C ALA B 619 68.03 -15.42 -9.89
N PRO B 620 69.29 -14.93 -10.09
CA PRO B 620 69.56 -13.48 -10.03
C PRO B 620 68.55 -12.65 -10.82
N PHE B 621 67.99 -11.62 -10.18
CA PHE B 621 66.90 -10.83 -10.74
C PHE B 621 67.00 -9.34 -10.37
N ILE B 622 66.80 -8.47 -11.36
CA ILE B 622 66.83 -7.01 -11.19
C ILE B 622 65.65 -6.42 -11.97
N ALA B 623 64.73 -5.76 -11.27
CA ALA B 623 63.65 -4.97 -11.92
C ALA B 623 63.86 -3.50 -11.58
N ILE B 624 63.90 -2.67 -12.61
CA ILE B 624 64.25 -1.25 -12.46
C ILE B 624 62.99 -0.42 -12.58
N TYR B 625 62.75 0.43 -11.58
CA TYR B 625 61.66 1.41 -11.61
C TYR B 625 62.15 2.78 -11.14
N SER B 626 61.34 3.80 -11.43
CA SER B 626 61.61 5.16 -10.95
C SER B 626 60.32 5.96 -10.79
N GLN B 627 60.33 6.89 -9.84
CA GLN B 627 59.38 8.01 -9.79
C GLN B 627 60.17 9.31 -9.61
N THR B 628 59.55 10.45 -9.92
CA THR B 628 60.16 11.77 -9.69
C THR B 628 60.41 11.95 -8.19
N ALA B 629 61.33 12.84 -7.83
CA ALA B 629 61.68 13.03 -6.41
C ALA B 629 60.51 13.52 -5.55
N ASN B 630 59.58 14.25 -6.16
CA ASN B 630 58.35 14.69 -5.48
C ASN B 630 57.26 13.62 -5.39
N LYS B 631 57.14 12.77 -6.42
CA LYS B 631 56.20 11.64 -6.38
C LYS B 631 56.66 10.49 -5.45
N SER B 632 57.95 10.16 -5.48
CA SER B 632 58.54 9.04 -4.70
C SER B 632 58.18 9.06 -3.21
N SER B 633 58.11 7.86 -2.63
CA SER B 633 57.85 7.67 -1.18
C SER B 633 59.12 7.70 -0.33
N TYR B 634 60.29 7.85 -0.97
CA TYR B 634 61.60 7.80 -0.29
C TYR B 634 62.38 9.06 -0.63
N VAL B 635 63.24 9.53 0.31
CA VAL B 635 64.09 10.74 0.13
C VAL B 635 65.50 10.55 0.70
N GLU B 636 66.50 11.03 -0.04
CA GLU B 636 67.93 10.99 0.35
C GLU B 636 68.39 12.31 1.02
N LYS B 637 68.99 12.21 2.20
CA LYS B 637 69.79 13.27 2.79
C LYS B 637 71.07 12.60 3.29
N ASP B 638 72.22 13.28 3.11
CA ASP B 638 73.54 12.78 3.56
C ASP B 638 73.90 11.38 3.00
N GLY B 639 73.43 11.06 1.80
CA GLY B 639 73.67 9.73 1.20
C GLY B 639 73.06 8.53 1.91
N LYS B 640 71.94 8.75 2.61
CA LYS B 640 71.20 7.68 3.29
C LYS B 640 69.70 7.91 3.05
N PHE B 641 69.10 7.08 2.21
CA PHE B 641 67.65 7.15 1.87
C PHE B 641 66.75 6.72 3.04
N THR B 642 65.64 7.44 3.26
CA THR B 642 64.64 7.10 4.29
C THR B 642 63.21 7.30 3.75
N ASP B 643 62.21 6.80 4.48
CA ASP B 643 60.79 7.02 4.14
C ASP B 643 60.43 8.52 4.26
N LYS B 644 59.67 9.04 3.30
CA LYS B 644 59.20 10.45 3.37
C LYS B 644 58.38 10.72 4.64
N ASP B 645 57.17 10.17 4.69
CA ASP B 645 56.28 10.36 5.82
C ASP B 645 56.61 9.32 6.90
N PRO B 646 57.10 9.76 8.08
CA PRO B 646 57.45 8.77 9.12
C PRO B 646 56.25 8.03 9.76
N LYS B 647 55.03 8.56 9.60
CA LYS B 647 53.80 7.90 10.06
C LYS B 647 53.23 6.92 9.02
N LYS B 648 53.86 6.80 7.85
CA LYS B 648 53.50 5.79 6.84
C LYS B 648 54.77 5.08 6.33
N PRO B 649 55.49 4.38 7.24
CA PRO B 649 56.78 3.81 6.89
C PRO B 649 56.65 2.46 6.14
N TRP B 650 57.80 1.93 5.73
CA TRP B 650 57.84 0.68 4.96
C TRP B 650 57.25 -0.51 5.71
N THR B 651 57.36 -0.52 7.04
CA THR B 651 56.80 -1.60 7.85
C THR B 651 55.27 -1.64 7.88
N GLN B 652 54.60 -0.61 7.37
CA GLN B 652 53.12 -0.57 7.33
C GLN B 652 52.53 -0.32 5.94
N ARG B 653 53.24 -0.70 4.90
CA ARG B 653 52.75 -0.54 3.53
C ARG B 653 51.62 -1.53 3.29
N LEU B 654 50.62 -1.10 2.52
CA LEU B 654 49.37 -1.83 2.36
C LEU B 654 49.26 -2.53 1.00
N TRP B 655 48.06 -2.57 0.41
CA TRP B 655 47.76 -3.47 -0.68
C TRP B 655 48.30 -2.98 -2.01
N VAL B 656 47.92 -1.77 -2.37
CA VAL B 656 48.15 -1.24 -3.70
C VAL B 656 49.52 -0.60 -3.76
N TRP B 657 50.33 -1.02 -4.73
CA TRP B 657 51.68 -0.49 -4.95
C TRP B 657 51.56 0.90 -5.61
N GLU B 658 52.62 1.70 -5.50
CA GLU B 658 52.64 3.04 -6.10
C GLU B 658 52.60 2.93 -7.60
N ASP B 659 52.19 4.01 -8.24
CA ASP B 659 52.13 4.05 -9.70
C ASP B 659 53.53 4.39 -10.28
N VAL B 660 54.49 3.49 -10.09
CA VAL B 660 55.88 3.76 -10.49
C VAL B 660 56.05 3.57 -12.00
N ASN B 661 57.16 4.11 -12.53
CA ASN B 661 57.43 4.14 -13.96
C ASN B 661 58.54 3.15 -14.36
N SER B 662 58.29 2.37 -15.41
CA SER B 662 59.33 1.52 -16.02
C SER B 662 60.12 2.29 -17.08
N HIS B 663 59.52 3.34 -17.65
CA HIS B 663 60.19 4.18 -18.68
C HIS B 663 61.35 5.01 -18.16
N TRP B 664 62.07 5.62 -19.10
CA TRP B 664 63.14 6.58 -18.80
C TRP B 664 63.01 7.77 -19.75
N ASN B 665 61.85 8.42 -19.67
CA ASN B 665 61.51 9.57 -20.52
C ASN B 665 60.92 10.68 -19.66
N TYR B 666 61.74 11.18 -18.73
CA TYR B 666 61.42 12.36 -17.93
C TYR B 666 61.77 13.63 -18.73
N THR B 667 61.89 14.79 -18.08
CA THR B 667 62.41 16.01 -18.74
C THR B 667 63.81 16.35 -18.21
N LYS B 668 64.69 16.78 -19.12
CA LYS B 668 66.10 17.07 -18.81
C LYS B 668 66.28 17.83 -17.48
N GLY B 669 67.10 17.29 -16.59
CA GLY B 669 67.42 17.93 -15.30
C GLY B 669 66.54 17.58 -14.11
N GLU B 670 65.37 16.99 -14.37
CA GLU B 670 64.38 16.60 -13.34
C GLU B 670 64.94 15.56 -12.37
N LYS B 671 65.04 15.92 -11.08
CA LYS B 671 65.61 15.05 -10.02
C LYS B 671 64.71 13.83 -9.73
N VAL B 672 65.27 12.62 -9.86
CA VAL B 672 64.51 11.35 -9.86
C VAL B 672 65.11 10.35 -8.85
N VAL B 673 64.24 9.54 -8.25
CA VAL B 673 64.61 8.46 -7.33
C VAL B 673 64.34 7.15 -8.07
N VAL B 674 65.41 6.41 -8.37
CA VAL B 674 65.29 5.11 -9.03
C VAL B 674 65.13 4.06 -7.92
N GLU B 675 64.08 3.26 -8.00
CA GLU B 675 63.87 2.11 -7.09
C GLU B 675 64.03 0.78 -7.83
N ILE B 676 64.90 -0.07 -7.30
CA ILE B 676 65.30 -1.35 -7.91
C ILE B 676 64.87 -2.50 -7.00
N TYR B 677 64.15 -3.48 -7.54
CA TYR B 677 63.75 -4.67 -6.75
C TYR B 677 64.65 -5.84 -7.15
N SER B 678 65.38 -6.40 -6.20
CA SER B 678 66.43 -7.37 -6.53
C SER B 678 66.84 -8.28 -5.37
N ASN B 679 67.12 -9.55 -5.72
CA ASN B 679 67.76 -10.54 -4.82
C ASN B 679 69.30 -10.47 -4.82
N CYS B 680 69.87 -9.62 -5.67
CA CYS B 680 71.33 -9.45 -5.72
C CYS B 680 71.82 -8.73 -4.47
N ASP B 681 72.86 -9.29 -3.85
CA ASP B 681 73.48 -8.68 -2.67
C ASP B 681 74.22 -7.36 -2.98
N GLU B 682 74.65 -7.18 -4.24
CA GLU B 682 75.36 -5.97 -4.66
C GLU B 682 74.88 -5.58 -6.05
N ILE B 683 74.69 -4.28 -6.27
CA ILE B 683 74.35 -3.74 -7.59
C ILE B 683 75.14 -2.44 -7.82
N GLU B 684 75.56 -2.22 -9.08
CA GLU B 684 76.14 -0.93 -9.50
C GLU B 684 75.30 -0.32 -10.62
N LEU B 685 74.99 0.97 -10.48
CA LEU B 685 74.11 1.67 -11.41
C LEU B 685 74.93 2.60 -12.32
N PHE B 686 74.65 2.56 -13.62
CA PHE B 686 75.42 3.28 -14.63
C PHE B 686 74.52 4.23 -15.40
N GLN B 687 74.80 5.53 -15.32
CA GLN B 687 74.14 6.54 -16.14
C GLN B 687 74.97 6.80 -17.39
N ASN B 688 74.46 6.34 -18.53
CA ASN B 688 75.13 6.49 -19.84
C ASN B 688 76.61 6.06 -19.84
N GLY B 689 76.97 5.09 -19.00
CA GLY B 689 78.35 4.67 -18.85
C GLY B 689 79.02 5.16 -17.57
N LYS B 690 78.70 6.36 -17.10
CA LYS B 690 79.28 6.84 -15.83
C LYS B 690 78.61 6.14 -14.65
N SER B 691 79.41 5.50 -13.80
CA SER B 691 78.91 4.82 -12.61
C SER B 691 78.31 5.82 -11.62
N LEU B 692 77.32 5.37 -10.85
CA LEU B 692 76.69 6.16 -9.76
C LEU B 692 77.04 5.60 -8.36
N GLY B 693 78.07 4.75 -8.28
CA GLY B 693 78.43 4.02 -7.05
C GLY B 693 77.89 2.60 -7.01
N LYS B 694 78.57 1.74 -6.26
CA LYS B 694 78.07 0.41 -5.89
C LYS B 694 77.30 0.59 -4.60
N ARG B 695 76.17 -0.10 -4.47
CA ARG B 695 75.40 -0.15 -3.22
C ARG B 695 75.03 -1.62 -2.92
N PHE B 696 74.71 -1.91 -1.65
CA PHE B 696 74.44 -3.28 -1.19
C PHE B 696 73.03 -3.45 -0.59
N LEU B 697 72.45 -4.64 -0.75
CA LEU B 697 71.10 -4.93 -0.26
C LEU B 697 70.96 -4.83 1.26
N LYS B 698 71.99 -5.21 2.00
CA LYS B 698 72.02 -5.05 3.47
C LYS B 698 71.69 -3.63 3.91
N ASP B 699 72.09 -2.64 3.12
CA ASP B 699 71.92 -1.21 3.45
C ASP B 699 70.50 -0.63 3.25
N PHE B 700 69.57 -1.42 2.70
CA PHE B 700 68.17 -0.98 2.53
C PHE B 700 67.19 -1.89 3.28
N GLU B 701 66.82 -1.45 4.47
CA GLU B 701 65.91 -2.20 5.37
C GLU B 701 64.61 -2.66 4.69
N ASP B 702 64.12 -1.89 3.74
CA ASP B 702 62.89 -2.22 3.01
C ASP B 702 63.09 -3.08 1.76
N HIS B 703 64.28 -3.66 1.59
CA HIS B 703 64.58 -4.56 0.47
C HIS B 703 64.36 -3.93 -0.92
N ILE B 704 64.57 -2.61 -0.99
CA ILE B 704 64.47 -1.85 -2.24
C ILE B 704 65.73 -1.00 -2.37
N TYR B 705 66.53 -1.27 -3.40
CA TYR B 705 67.71 -0.46 -3.74
C TYR B 705 67.24 0.90 -4.25
N LYS B 706 67.79 1.97 -3.68
CA LYS B 706 67.38 3.33 -4.03
C LYS B 706 68.60 4.19 -4.40
N TRP B 707 68.45 4.96 -5.47
CA TRP B 707 69.53 5.80 -6.02
C TRP B 707 68.98 7.16 -6.46
N SER B 708 69.67 8.24 -6.07
CA SER B 708 69.39 9.58 -6.60
C SER B 708 70.01 9.74 -7.99
N VAL B 709 69.27 10.37 -8.89
CA VAL B 709 69.79 10.71 -10.22
C VAL B 709 69.06 11.91 -10.84
N ASP B 710 69.83 12.79 -11.48
CA ASP B 710 69.27 13.87 -12.31
C ASP B 710 69.11 13.28 -13.71
N PHE B 711 67.92 13.41 -14.30
CA PHE B 711 67.64 12.81 -15.61
C PHE B 711 68.44 13.50 -16.72
N LYS B 712 68.92 12.70 -17.67
CA LYS B 712 69.35 13.19 -18.99
C LYS B 712 69.12 12.07 -20.01
N ASP B 713 68.64 12.45 -21.20
CA ASP B 713 68.34 11.50 -22.28
C ASP B 713 69.42 10.44 -22.42
N GLY B 714 69.03 9.16 -22.32
CA GLY B 714 69.96 8.06 -22.57
C GLY B 714 69.52 6.71 -22.03
N ASN B 715 70.18 6.26 -20.96
CA ASN B 715 69.91 4.94 -20.38
C ASN B 715 70.45 4.79 -18.97
N ILE B 716 69.89 3.82 -18.25
CA ILE B 716 70.35 3.43 -16.94
C ILE B 716 70.52 1.92 -16.99
N VAL B 717 71.72 1.46 -16.60
CA VAL B 717 72.06 0.03 -16.52
C VAL B 717 72.33 -0.32 -15.07
N ALA B 718 71.75 -1.44 -14.61
CA ALA B 718 72.04 -2.01 -13.29
C ALA B 718 72.77 -3.33 -13.49
N LYS B 719 73.92 -3.49 -12.83
CA LYS B 719 74.73 -4.71 -12.90
C LYS B 719 74.85 -5.27 -11.50
N GLY B 720 74.40 -6.52 -11.32
CA GLY B 720 74.34 -7.13 -10.01
C GLY B 720 75.07 -8.47 -9.92
N LYS B 721 75.57 -8.77 -8.72
CA LYS B 721 76.16 -10.06 -8.36
C LYS B 721 75.28 -10.75 -7.32
N LYS B 722 75.16 -12.08 -7.41
CA LYS B 722 74.55 -12.91 -6.34
C LYS B 722 75.38 -14.18 -6.06
N ASN B 723 76.20 -14.11 -5.00
CA ASN B 723 77.27 -15.09 -4.69
C ASN B 723 78.30 -15.22 -5.82
N GLY B 724 78.50 -14.13 -6.57
CA GLY B 724 79.31 -14.16 -7.80
C GLY B 724 78.54 -14.34 -9.10
N LYS B 725 77.34 -14.93 -9.06
CA LYS B 725 76.51 -15.07 -10.28
C LYS B 725 76.02 -13.71 -10.80
N LYS B 726 76.25 -13.45 -12.10
CA LYS B 726 75.96 -12.15 -12.70
C LYS B 726 74.60 -12.09 -13.39
N THR B 727 74.00 -10.90 -13.34
CA THR B 727 72.84 -10.57 -14.16
C THR B 727 72.85 -9.05 -14.38
N THR B 728 72.34 -8.61 -15.53
CA THR B 728 72.13 -7.18 -15.82
C THR B 728 70.79 -6.93 -16.53
N SER B 729 70.12 -5.85 -16.15
CA SER B 729 69.03 -5.28 -16.98
C SER B 729 69.20 -3.76 -17.05
N ALA B 730 68.43 -3.14 -17.96
CA ALA B 730 68.53 -1.73 -18.23
C ALA B 730 67.24 -1.16 -18.82
N ILE B 731 67.12 0.18 -18.73
CA ILE B 731 66.01 0.92 -19.32
C ILE B 731 66.57 2.11 -20.09
N TYR B 732 65.96 2.37 -21.26
CA TYR B 732 66.44 3.33 -22.24
C TYR B 732 65.38 4.41 -22.50
N THR B 733 65.82 5.67 -22.63
CA THR B 733 64.98 6.73 -23.16
C THR B 733 64.60 6.35 -24.58
N THR B 734 63.30 6.28 -24.85
CA THR B 734 62.80 5.96 -26.18
C THR B 734 62.43 7.26 -26.86
N LYS B 735 62.04 7.18 -28.12
CA LYS B 735 61.44 8.29 -28.82
C LYS B 735 60.00 7.95 -29.16
N GLU B 736 59.27 8.87 -29.78
CA GLU B 736 57.81 8.72 -29.95
C GLU B 736 57.42 7.43 -30.66
N THR B 737 56.17 7.04 -30.45
CA THR B 737 55.65 5.82 -31.05
C THR B 737 55.80 5.86 -32.57
N ASN B 738 56.33 4.77 -33.13
CA ASN B 738 56.46 4.57 -34.58
C ASN B 738 55.67 3.34 -35.09
N SER B 739 55.62 2.29 -34.28
CA SER B 739 54.99 1.03 -34.68
C SER B 739 54.31 0.33 -33.50
N ILE B 740 53.38 -0.57 -33.81
CA ILE B 740 52.81 -1.46 -32.81
C ILE B 740 53.39 -2.86 -32.98
N LYS B 741 54.15 -3.31 -31.99
CA LYS B 741 54.73 -4.66 -31.98
C LYS B 741 53.71 -5.68 -31.51
N LEU B 742 53.20 -6.50 -32.44
CA LEU B 742 52.34 -7.62 -32.06
C LEU B 742 53.16 -8.87 -31.73
N SER B 743 52.92 -9.39 -30.53
CA SER B 743 53.52 -10.61 -30.01
C SER B 743 52.40 -11.67 -29.93
N VAL B 744 52.75 -12.96 -29.90
CA VAL B 744 51.75 -14.03 -29.74
C VAL B 744 52.29 -15.22 -28.94
N ASP B 745 51.45 -15.79 -28.08
CA ASP B 745 51.87 -16.86 -27.16
C ASP B 745 51.99 -18.23 -27.82
N LYS B 746 51.05 -18.56 -28.71
CA LYS B 746 51.04 -19.83 -29.45
C LYS B 746 50.74 -19.57 -30.91
N VAL B 747 51.67 -19.93 -31.79
CA VAL B 747 51.46 -19.80 -33.26
C VAL B 747 50.48 -20.83 -33.87
N ALA B 748 50.08 -21.84 -33.10
CA ALA B 748 49.05 -22.80 -33.56
C ALA B 748 48.21 -23.44 -32.43
N VAL B 749 46.96 -23.74 -32.77
CA VAL B 749 45.97 -24.27 -31.83
C VAL B 749 45.03 -25.26 -32.53
N ASP B 750 44.23 -25.97 -31.75
CA ASP B 750 43.28 -26.94 -32.28
C ASP B 750 41.90 -26.35 -32.43
N ALA B 751 41.16 -26.82 -33.44
CA ALA B 751 39.78 -26.39 -33.71
C ALA B 751 38.82 -27.13 -32.76
N ASN B 752 39.12 -27.02 -31.47
CA ASN B 752 38.47 -27.77 -30.40
C ASN B 752 37.40 -26.93 -29.68
N ASN B 753 37.17 -25.72 -30.19
CA ASN B 753 36.16 -24.81 -29.68
C ASN B 753 36.52 -24.18 -28.32
N THR B 754 37.76 -24.36 -27.85
CA THR B 754 38.18 -23.94 -26.50
C THR B 754 39.60 -23.32 -26.37
N ASP B 755 40.52 -23.64 -27.28
CA ASP B 755 41.88 -23.06 -27.24
C ASP B 755 41.90 -21.55 -27.48
N VAL B 756 42.86 -20.89 -26.83
CA VAL B 756 42.93 -19.44 -26.77
C VAL B 756 44.27 -18.90 -27.30
N ILE B 757 44.17 -17.85 -28.12
CA ILE B 757 45.32 -17.07 -28.59
C ILE B 757 45.40 -15.82 -27.71
N HIS B 758 46.52 -15.64 -27.01
CA HIS B 758 46.85 -14.36 -26.37
C HIS B 758 47.75 -13.49 -27.26
N VAL B 759 47.14 -12.55 -28.01
CA VAL B 759 47.88 -11.55 -28.79
C VAL B 759 48.17 -10.30 -27.94
N THR B 760 49.42 -10.15 -27.54
CA THR B 760 49.89 -8.94 -26.86
C THR B 760 50.31 -7.92 -27.92
N ALA B 761 50.11 -6.64 -27.63
CA ALA B 761 50.54 -5.51 -28.47
C ALA B 761 51.33 -4.51 -27.63
N GLN B 762 52.51 -4.11 -28.11
CA GLN B 762 53.41 -3.25 -27.35
C GLN B 762 53.85 -2.09 -28.24
N LEU B 763 53.80 -0.87 -27.71
CA LEU B 763 54.24 0.30 -28.45
C LEU B 763 55.76 0.34 -28.58
N ILE B 764 56.24 0.64 -29.78
CA ILE B 764 57.68 0.79 -30.05
C ILE B 764 57.97 2.01 -30.93
N ASP B 765 59.14 2.59 -30.73
CA ASP B 765 59.62 3.66 -31.61
C ASP B 765 60.26 3.05 -32.88
N ARG B 766 60.88 3.89 -33.71
CA ARG B 766 61.53 3.43 -34.95
C ARG B 766 62.78 2.55 -34.74
N ASN B 767 63.44 2.70 -33.58
CA ASN B 767 64.56 1.84 -33.17
C ASN B 767 64.11 0.61 -32.37
N GLY B 768 62.82 0.22 -32.50
CA GLY B 768 62.27 -0.95 -31.81
C GLY B 768 62.34 -0.96 -30.28
N ARG B 769 62.40 0.20 -29.64
CA ARG B 769 62.45 0.30 -28.17
C ARG B 769 61.05 0.44 -27.59
N ASN B 770 60.82 -0.15 -26.41
CA ASN B 770 59.48 -0.26 -25.81
C ASN B 770 59.03 1.04 -25.18
N ILE B 771 57.80 1.45 -25.48
CA ILE B 771 57.21 2.67 -24.94
C ILE B 771 56.23 2.28 -23.82
N SER B 772 56.42 2.83 -22.62
CA SER B 772 55.40 2.77 -21.57
C SER B 772 54.91 4.14 -21.06
N TRP B 773 55.33 5.22 -21.74
CA TRP B 773 55.06 6.62 -21.28
C TRP B 773 53.94 7.35 -22.05
N GLU B 774 53.47 6.81 -23.17
CA GLU B 774 52.30 7.33 -23.88
C GLU B 774 51.41 6.20 -24.37
N GLU B 775 50.17 6.52 -24.74
CA GLU B 775 49.14 5.53 -25.04
C GLU B 775 48.48 5.83 -26.37
N LYS B 776 47.97 4.79 -27.03
CA LYS B 776 47.29 4.93 -28.32
C LYS B 776 46.05 4.06 -28.40
N GLU B 777 45.05 4.53 -29.14
CA GLU B 777 43.89 3.73 -29.51
C GLU B 777 44.36 2.74 -30.54
N ILE B 778 44.25 1.45 -30.24
CA ILE B 778 44.67 0.39 -31.17
C ILE B 778 43.45 -0.41 -31.65
N THR B 779 43.28 -0.47 -32.98
CA THR B 779 42.26 -1.32 -33.60
C THR B 779 42.92 -2.56 -34.17
N PHE B 780 42.52 -3.74 -33.67
CA PHE B 780 42.98 -5.03 -34.19
C PHE B 780 42.15 -5.40 -35.41
N ASN B 781 42.74 -6.21 -36.28
CA ASN B 781 42.11 -6.66 -37.51
C ASN B 781 42.35 -8.15 -37.69
N ILE B 782 41.30 -8.94 -37.53
CA ILE B 782 41.42 -10.40 -37.56
C ILE B 782 40.60 -10.98 -38.71
N GLY B 783 41.30 -11.51 -39.73
CA GLY B 783 40.69 -12.35 -40.77
C GLY B 783 40.80 -13.83 -40.41
N GLY B 784 39.82 -14.62 -40.86
CA GLY B 784 39.72 -16.04 -40.53
C GLY B 784 38.50 -16.35 -39.68
N ASN B 785 38.35 -17.62 -39.28
CA ASN B 785 37.22 -18.06 -38.46
C ASN B 785 37.67 -18.24 -37.01
N TYR B 786 36.98 -17.58 -36.09
CA TYR B 786 37.39 -17.50 -34.68
C TYR B 786 36.25 -16.87 -33.86
N ARG B 787 36.50 -16.61 -32.57
CA ARG B 787 35.55 -15.94 -31.69
C ARG B 787 36.29 -14.98 -30.78
N LEU B 788 35.77 -13.77 -30.69
CA LEU B 788 36.40 -12.73 -29.87
C LEU B 788 35.94 -12.95 -28.43
N LEU B 789 36.90 -13.15 -27.53
CA LEU B 789 36.61 -13.21 -26.09
C LEU B 789 36.69 -11.82 -25.51
N GLY B 790 37.74 -11.09 -25.91
CA GLY B 790 37.75 -9.65 -25.72
C GLY B 790 39.12 -9.03 -25.63
N VAL B 791 39.13 -7.75 -25.25
CA VAL B 791 40.34 -6.96 -25.10
C VAL B 791 40.43 -6.47 -23.66
N GLU B 792 41.64 -6.05 -23.28
CA GLU B 792 41.89 -5.56 -21.93
C GLU B 792 43.25 -4.88 -21.92
N ASN B 793 43.44 -3.91 -21.01
CA ASN B 793 44.71 -3.17 -20.88
C ASN B 793 45.36 -3.17 -19.48
N GLY B 794 44.63 -3.64 -18.47
CA GLY B 794 45.13 -3.67 -17.09
C GLY B 794 44.89 -2.43 -16.25
N ASP B 795 44.26 -1.41 -16.85
CA ASP B 795 43.99 -0.16 -16.16
C ASP B 795 42.78 -0.42 -15.24
N HIS B 796 43.05 -0.49 -13.94
CA HIS B 796 42.02 -0.70 -12.92
C HIS B 796 41.16 0.54 -12.61
N LEU B 797 41.64 1.73 -13.00
CA LEU B 797 40.93 3.00 -12.77
C LEU B 797 39.93 3.43 -13.87
N ASN B 798 39.89 2.70 -15.00
CA ASN B 798 38.92 2.95 -16.08
C ASN B 798 38.21 1.71 -16.53
N VAL B 799 37.05 1.91 -17.15
CA VAL B 799 36.30 0.86 -17.82
C VAL B 799 36.66 0.85 -19.29
N LEU B 800 36.31 -0.22 -19.98
CA LEU B 800 36.38 -0.24 -21.44
C LEU B 800 35.44 -1.30 -21.96
N ASN B 801 35.20 -1.29 -23.26
CA ASN B 801 34.32 -2.28 -23.89
C ASN B 801 35.15 -3.53 -24.21
N TYR B 802 34.79 -4.63 -23.56
CA TYR B 802 35.46 -5.91 -23.76
C TYR B 802 35.28 -6.42 -25.18
N LYS B 803 34.05 -6.38 -25.70
CA LYS B 803 33.71 -7.06 -26.96
C LYS B 803 33.85 -6.13 -28.18
N SER B 804 35.02 -5.51 -28.25
CA SER B 804 35.41 -4.59 -29.31
C SER B 804 36.82 -4.95 -29.79
N ASN B 805 37.04 -4.77 -31.09
CA ASN B 805 38.39 -4.85 -31.65
C ASN B 805 39.29 -3.67 -31.26
N THR B 806 38.75 -2.62 -30.66
CA THR B 806 39.54 -1.44 -30.33
C THR B 806 39.69 -1.29 -28.81
N VAL B 807 40.85 -0.79 -28.39
CA VAL B 807 41.17 -0.64 -26.98
C VAL B 807 42.33 0.33 -26.75
N LYS B 808 42.24 1.07 -25.65
CA LYS B 808 43.29 2.01 -25.28
C LYS B 808 44.38 1.23 -24.55
N THR B 809 45.64 1.45 -24.91
CA THR B 809 46.75 0.85 -24.20
C THR B 809 46.84 1.46 -22.81
N TYR B 810 47.56 0.78 -21.92
CA TYR B 810 47.87 1.30 -20.59
C TYR B 810 49.28 0.81 -20.24
N LYS B 811 50.13 1.75 -19.83
CA LYS B 811 51.58 1.57 -19.82
C LYS B 811 52.10 1.10 -21.19
N GLY B 812 51.43 1.54 -22.27
CA GLY B 812 51.83 1.23 -23.63
C GLY B 812 51.75 -0.24 -24.02
N ARG B 813 50.76 -0.95 -23.49
CA ARG B 813 50.48 -2.33 -23.91
C ARG B 813 48.99 -2.65 -23.82
N ALA B 814 48.59 -3.67 -24.55
CA ALA B 814 47.20 -4.13 -24.59
C ALA B 814 47.20 -5.64 -24.81
N LEU B 815 46.02 -6.25 -24.66
CA LEU B 815 45.86 -7.69 -24.82
C LEU B 815 44.64 -7.98 -25.67
N LEU B 816 44.79 -8.75 -26.72
CA LEU B 816 43.66 -9.33 -27.44
C LEU B 816 43.58 -10.84 -27.15
N VAL B 817 42.36 -11.32 -26.88
CA VAL B 817 42.09 -12.74 -26.60
C VAL B 817 41.06 -13.28 -27.60
N LEU B 818 41.46 -14.32 -28.35
CA LEU B 818 40.60 -14.97 -29.35
C LEU B 818 40.50 -16.43 -29.00
N GLN B 819 39.42 -17.06 -29.43
CA GLN B 819 39.20 -18.48 -29.16
C GLN B 819 38.93 -19.22 -30.45
N ALA B 820 39.38 -20.46 -30.49
CA ALA B 820 39.09 -21.35 -31.59
C ALA B 820 37.60 -21.62 -31.68
N THR B 821 37.16 -21.94 -32.88
CA THR B 821 35.81 -22.33 -33.14
C THR B 821 35.89 -23.85 -33.45
N ASP B 822 34.91 -24.42 -34.15
CA ASP B 822 35.04 -25.80 -34.70
C ASP B 822 35.59 -25.82 -36.16
N LYS B 823 35.57 -24.66 -36.84
CA LYS B 823 36.23 -24.48 -38.14
C LYS B 823 37.77 -24.31 -38.04
N ALA B 824 38.50 -25.11 -38.82
CA ALA B 824 39.96 -25.04 -38.91
C ALA B 824 40.38 -24.04 -39.98
N GLY B 825 41.63 -23.62 -39.94
CA GLY B 825 42.16 -22.68 -40.96
C GLY B 825 43.13 -21.69 -40.39
N ILE B 826 43.37 -20.61 -41.14
CA ILE B 826 44.42 -19.65 -40.81
C ILE B 826 43.81 -18.35 -40.29
N LEU B 827 44.50 -17.74 -39.33
CA LEU B 827 44.15 -16.42 -38.79
C LEU B 827 45.22 -15.41 -39.16
N ASN B 828 44.79 -14.27 -39.71
CA ASN B 828 45.67 -13.13 -40.02
C ASN B 828 45.36 -12.02 -39.04
N ILE B 829 46.38 -11.54 -38.34
CA ILE B 829 46.21 -10.54 -37.28
C ILE B 829 47.19 -9.38 -37.44
N ASN B 830 46.66 -8.17 -37.61
CA ASN B 830 47.47 -6.93 -37.58
C ASN B 830 46.75 -5.81 -36.81
N ALA B 831 47.44 -4.71 -36.55
CA ALA B 831 46.96 -3.64 -35.67
C ALA B 831 47.22 -2.25 -36.24
N ASN B 832 46.32 -1.31 -35.95
CA ASN B 832 46.31 0.03 -36.54
C ASN B 832 46.10 1.11 -35.49
N SER B 833 46.63 2.28 -35.77
CA SER B 833 46.34 3.49 -35.01
C SER B 833 46.25 4.67 -35.99
N GLY B 834 45.44 4.48 -37.04
CA GLY B 834 45.40 5.39 -38.18
C GLY B 834 46.63 5.23 -39.06
N SER B 835 47.59 6.14 -38.89
CA SER B 835 48.86 6.08 -39.61
C SER B 835 49.77 4.96 -39.09
N ILE B 836 49.92 4.87 -37.76
CA ILE B 836 50.71 3.80 -37.12
C ILE B 836 50.12 2.42 -37.48
N SER B 837 50.98 1.46 -37.80
CA SER B 837 50.58 0.09 -38.12
C SER B 837 51.48 -0.93 -37.39
N SER B 838 51.27 -2.22 -37.67
CA SER B 838 51.98 -3.30 -36.99
C SER B 838 52.61 -4.28 -37.96
N ASN B 839 53.45 -5.15 -37.41
CA ASN B 839 53.77 -6.42 -38.06
C ASN B 839 52.52 -7.31 -38.12
N ASP B 840 52.41 -8.13 -39.17
CA ASP B 840 51.34 -9.14 -39.30
C ASP B 840 51.67 -10.42 -38.51
N LEU B 841 50.65 -11.24 -38.24
CA LEU B 841 50.79 -12.55 -37.58
C LEU B 841 49.92 -13.60 -38.25
N LYS B 842 50.45 -14.82 -38.38
CA LYS B 842 49.70 -15.97 -38.89
C LYS B 842 49.63 -17.02 -37.78
N VAL B 843 48.40 -17.28 -37.29
CA VAL B 843 48.14 -18.38 -36.37
C VAL B 843 47.35 -19.45 -37.14
N GLU B 844 47.71 -20.72 -36.95
CA GLU B 844 47.02 -21.84 -37.58
C GLU B 844 46.07 -22.54 -36.61
N VAL B 845 44.90 -22.94 -37.11
CA VAL B 845 43.94 -23.75 -36.35
C VAL B 845 43.76 -25.09 -37.09
N LYS B 846 44.22 -26.18 -36.47
CA LYS B 846 44.30 -27.52 -37.11
C LYS B 846 42.93 -28.09 -37.48
N SER C 30 -41.05 30.85 3.34
CA SER C 30 -41.77 29.54 3.50
C SER C 30 -41.85 28.78 2.17
N ASP C 31 -42.39 29.46 1.14
CA ASP C 31 -42.47 28.94 -0.24
C ASP C 31 -41.12 28.39 -0.78
N PHE C 32 -40.02 29.08 -0.47
CA PHE C 32 -38.65 28.69 -0.88
C PHE C 32 -38.22 27.28 -0.43
N ASN C 33 -38.79 26.77 0.64
CA ASN C 33 -38.44 25.43 1.14
C ASN C 33 -39.09 24.28 0.38
N ASN C 34 -40.13 24.57 -0.40
CA ASN C 34 -40.82 23.54 -1.17
C ASN C 34 -40.14 23.31 -2.51
N GLY C 35 -40.29 22.12 -3.05
CA GLY C 35 -39.84 21.81 -4.40
C GLY C 35 -38.33 21.71 -4.58
N TRP C 36 -37.61 21.34 -3.53
CA TRP C 36 -36.19 20.98 -3.64
C TRP C 36 -36.10 19.59 -4.28
N LYS C 37 -34.92 19.28 -4.84
CA LYS C 37 -34.58 17.95 -5.35
C LYS C 37 -33.51 17.31 -4.47
N PHE C 38 -33.65 16.02 -4.17
CA PHE C 38 -32.70 15.28 -3.35
C PHE C 38 -32.36 13.92 -3.94
N THR C 39 -31.10 13.54 -3.85
CA THR C 39 -30.66 12.20 -4.20
C THR C 39 -29.64 11.69 -3.18
N LEU C 40 -29.74 10.39 -2.83
CA LEU C 40 -28.73 9.72 -2.01
C LEU C 40 -27.75 9.00 -2.93
N SER C 41 -26.88 9.81 -3.54
CA SER C 41 -25.85 9.40 -4.48
C SER C 41 -24.84 10.53 -4.54
N ASP C 42 -23.74 10.33 -5.25
CA ASP C 42 -22.66 11.32 -5.33
C ASP C 42 -21.91 11.20 -6.67
N SER C 43 -21.64 12.34 -7.29
CA SER C 43 -21.17 12.39 -8.66
C SER C 43 -20.62 13.79 -8.89
N VAL C 44 -19.38 13.87 -9.35
CA VAL C 44 -18.71 15.15 -9.54
C VAL C 44 -19.54 16.18 -10.31
N CYS C 45 -20.23 15.74 -11.35
CA CYS C 45 -21.00 16.64 -12.23
C CYS C 45 -22.38 17.11 -11.71
N TYR C 46 -22.78 16.77 -10.48
CA TYR C 46 -24.02 17.31 -9.87
C TYR C 46 -24.02 18.83 -9.59
N SER C 47 -22.82 19.42 -9.51
CA SER C 47 -22.63 20.86 -9.34
C SER C 47 -22.62 21.64 -10.68
N PHE C 48 -22.51 20.93 -11.81
CA PHE C 48 -22.28 21.57 -13.11
C PHE C 48 -23.48 22.39 -13.59
N VAL C 49 -23.19 23.49 -14.27
CA VAL C 49 -24.24 24.38 -14.83
C VAL C 49 -25.26 23.67 -15.75
N ASN C 50 -24.76 22.73 -16.54
CA ASN C 50 -25.60 21.98 -17.49
C ASN C 50 -26.26 20.72 -16.89
N TYR C 51 -25.96 20.36 -15.64
CA TYR C 51 -26.58 19.17 -15.03
C TYR C 51 -28.04 19.41 -14.65
N ASN C 52 -28.88 18.40 -14.89
CA ASN C 52 -30.32 18.50 -14.69
C ASN C 52 -30.75 17.43 -13.69
N PRO C 53 -31.15 17.84 -12.46
CA PRO C 53 -31.58 16.89 -11.45
C PRO C 53 -33.07 16.47 -11.53
N SER C 54 -33.67 16.47 -12.72
CA SER C 54 -35.10 16.18 -12.88
C SER C 54 -35.54 14.78 -12.41
N SER C 55 -34.63 13.82 -12.50
CA SER C 55 -34.88 12.46 -12.05
C SER C 55 -34.67 12.24 -10.53
N TRP C 56 -34.20 13.26 -9.82
CA TRP C 56 -34.02 13.20 -8.36
C TRP C 56 -35.40 13.26 -7.71
N LYS C 57 -35.48 12.89 -6.45
CA LYS C 57 -36.75 12.85 -5.71
C LYS C 57 -37.10 14.27 -5.27
N THR C 58 -38.37 14.65 -5.39
CA THR C 58 -38.80 15.98 -4.94
C THR C 58 -39.10 15.94 -3.44
N VAL C 59 -38.47 16.85 -2.69
CA VAL C 59 -38.75 16.97 -1.25
C VAL C 59 -39.00 18.43 -0.86
N ASN C 60 -39.76 18.61 0.21
CA ASN C 60 -39.95 19.91 0.85
C ASN C 60 -39.10 19.91 2.12
N LEU C 61 -38.38 21.00 2.36
CA LEU C 61 -37.60 21.17 3.60
C LEU C 61 -38.56 21.59 4.76
N PRO C 62 -38.26 21.23 6.02
CA PRO C 62 -37.02 20.55 6.43
C PRO C 62 -37.02 19.04 6.10
N HIS C 63 -35.82 18.47 6.00
CA HIS C 63 -35.64 17.11 5.47
C HIS C 63 -34.51 16.39 6.21
N ASP C 64 -34.74 15.11 6.53
CA ASP C 64 -33.74 14.23 7.13
C ASP C 64 -33.79 12.91 6.39
N TRP C 65 -32.76 12.60 5.61
CA TRP C 65 -32.78 11.39 4.74
C TRP C 65 -32.59 10.05 5.44
N SER C 66 -31.93 10.05 6.60
N SER C 66 -31.92 10.06 6.60
CA SER C 66 -31.61 8.81 7.31
CA SER C 66 -31.59 8.85 7.35
C SER C 66 -32.83 8.07 7.87
C SER C 66 -32.82 8.08 7.87
N VAL C 67 -33.92 8.79 8.14
CA VAL C 67 -35.18 8.13 8.59
C VAL C 67 -35.97 7.53 7.44
N ASP C 68 -35.55 7.72 6.20
CA ASP C 68 -36.08 6.96 5.06
C ASP C 68 -35.29 5.66 4.78
N LEU C 69 -34.15 5.49 5.44
CA LEU C 69 -33.39 4.25 5.39
C LEU C 69 -33.82 3.34 6.54
N PRO C 70 -33.83 2.02 6.30
CA PRO C 70 -34.22 1.13 7.39
C PRO C 70 -33.20 1.12 8.55
N PHE C 71 -33.70 0.82 9.76
CA PHE C 71 -32.82 0.53 10.91
C PHE C 71 -31.95 -0.69 10.59
N GLU C 72 -30.65 -0.59 10.85
CA GLU C 72 -29.67 -1.66 10.51
C GLU C 72 -28.75 -2.06 11.66
N SER C 73 -28.68 -3.37 11.89
CA SER C 73 -27.68 -3.99 12.74
C SER C 73 -26.23 -3.60 12.35
N THR C 74 -25.98 -3.47 11.04
CA THR C 74 -24.65 -3.14 10.51
C THR C 74 -24.26 -1.68 10.74
N ALA C 75 -25.25 -0.82 11.01
CA ALA C 75 -24.98 0.55 11.41
C ALA C 75 -24.47 0.61 12.85
N GLU C 76 -24.21 1.81 13.33
CA GLU C 76 -23.76 2.06 14.70
C GLU C 76 -24.94 2.47 15.61
N GLY C 77 -24.95 1.90 16.82
CA GLY C 77 -25.97 2.19 17.81
C GLY C 77 -25.82 3.55 18.48
N CYS C 78 -24.63 4.14 18.43
CA CYS C 78 -24.42 5.47 18.99
C CYS C 78 -25.18 6.56 18.22
N THR C 79 -25.41 6.34 16.91
CA THR C 79 -26.31 7.19 16.13
C THR C 79 -27.58 6.43 15.70
N GLY C 80 -28.12 5.63 16.62
CA GLY C 80 -29.44 5.01 16.47
C GLY C 80 -29.61 3.98 15.37
N PHE C 81 -28.53 3.28 15.03
CA PHE C 81 -28.57 2.17 14.05
C PHE C 81 -29.17 2.58 12.69
N LEU C 82 -28.86 3.81 12.28
CA LEU C 82 -29.25 4.33 10.97
C LEU C 82 -28.04 4.94 10.30
N LYS C 83 -27.89 4.64 9.00
CA LYS C 83 -26.72 5.10 8.23
C LYS C 83 -26.85 6.58 7.83
N GLY C 84 -25.71 7.14 7.41
CA GLY C 84 -25.63 8.49 6.87
C GLY C 84 -25.48 8.38 5.36
N GLY C 85 -24.27 8.62 4.87
CA GLY C 85 -23.98 8.57 3.44
C GLY C 85 -23.61 9.92 2.87
N ILE C 86 -23.53 9.99 1.56
CA ILE C 86 -23.28 11.21 0.84
C ILE C 86 -24.47 11.48 -0.06
N GLY C 87 -25.14 12.60 0.19
CA GLY C 87 -26.32 13.04 -0.54
C GLY C 87 -26.17 14.45 -1.06
N TRP C 88 -27.03 14.80 -2.02
CA TRP C 88 -27.02 16.10 -2.67
C TRP C 88 -28.42 16.67 -2.67
N TYR C 89 -28.46 18.01 -2.56
CA TYR C 89 -29.68 18.77 -2.75
C TYR C 89 -29.54 19.73 -3.92
N SER C 90 -30.66 20.03 -4.58
CA SER C 90 -30.71 21.03 -5.63
C SER C 90 -32.00 21.84 -5.55
N LYS C 91 -31.89 23.14 -5.85
CA LYS C 91 -33.04 24.03 -5.81
C LYS C 91 -32.91 25.08 -6.88
N THR C 92 -33.94 25.22 -7.71
CA THR C 92 -33.99 26.26 -8.72
C THR C 92 -34.80 27.47 -8.23
N PHE C 93 -34.38 28.66 -8.64
CA PHE C 93 -35.21 29.87 -8.48
C PHE C 93 -34.83 30.90 -9.54
N ASP C 94 -35.82 31.69 -9.94
CA ASP C 94 -35.63 32.74 -10.91
C ASP C 94 -35.23 34.02 -10.23
N THR C 95 -34.33 34.76 -10.85
CA THR C 95 -34.00 36.11 -10.42
C THR C 95 -35.29 36.95 -10.52
N PRO C 96 -35.64 37.72 -9.45
CA PRO C 96 -36.84 38.58 -9.53
C PRO C 96 -36.69 39.68 -10.59
N ASP C 97 -37.82 40.11 -11.17
CA ASP C 97 -37.81 41.21 -12.18
C ASP C 97 -37.17 42.51 -11.67
N ASN C 98 -37.33 42.81 -10.38
CA ASN C 98 -36.82 44.03 -9.77
C ASN C 98 -35.47 43.86 -9.07
N PHE C 99 -34.60 43.01 -9.61
CA PHE C 99 -33.28 42.81 -8.98
C PHE C 99 -32.27 43.84 -9.50
N VAL C 100 -32.46 45.08 -9.03
CA VAL C 100 -31.63 46.23 -9.38
C VAL C 100 -31.30 46.94 -8.07
N ASP C 101 -30.03 47.26 -7.86
CA ASP C 101 -29.54 47.87 -6.61
C ASP C 101 -29.96 47.04 -5.39
N LYS C 102 -29.79 45.71 -5.54
CA LYS C 102 -30.21 44.75 -4.53
C LYS C 102 -29.09 43.77 -4.19
N LYS C 103 -29.23 43.19 -2.99
CA LYS C 103 -28.40 42.11 -2.49
C LYS C 103 -29.31 40.90 -2.27
N CYS C 104 -28.74 39.70 -2.43
CA CYS C 104 -29.46 38.44 -2.18
C CYS C 104 -28.70 37.54 -1.21
N TYR C 105 -29.40 37.04 -0.20
CA TYR C 105 -28.78 36.17 0.80
C TYR C 105 -29.54 34.85 0.93
N ILE C 106 -28.77 33.76 1.02
CA ILE C 106 -29.34 32.46 1.36
C ILE C 106 -28.92 32.08 2.78
N VAL C 107 -29.90 31.75 3.62
CA VAL C 107 -29.69 31.44 5.03
C VAL C 107 -30.11 29.99 5.29
N PHE C 108 -29.21 29.25 5.93
CA PHE C 108 -29.46 27.89 6.39
C PHE C 108 -29.40 27.92 7.92
N ASP C 109 -30.50 27.50 8.56
CA ASP C 109 -30.54 27.48 10.03
C ASP C 109 -29.78 26.30 10.64
N GLY C 110 -29.59 25.24 9.86
CA GLY C 110 -28.73 24.11 10.28
C GLY C 110 -28.71 23.03 9.22
N VAL C 111 -27.53 22.46 9.02
CA VAL C 111 -27.33 21.37 8.05
C VAL C 111 -26.36 20.38 8.66
N TYR C 112 -26.72 19.09 8.66
CA TYR C 112 -25.89 18.03 9.23
C TYR C 112 -25.34 17.08 8.17
N ASN C 113 -24.04 17.08 7.87
CA ASN C 113 -23.03 18.08 8.28
C ASN C 113 -21.91 18.04 7.21
N ASN C 114 -20.77 18.72 7.45
CA ASN C 114 -19.67 18.78 6.46
C ASN C 114 -20.23 19.04 5.05
N SER C 115 -20.88 20.17 4.88
CA SER C 115 -21.65 20.46 3.67
C SER C 115 -20.96 21.53 2.83
N GLU C 116 -21.17 21.39 1.52
CA GLU C 116 -20.57 22.27 0.52
C GLU C 116 -21.65 22.83 -0.38
N TYR C 117 -21.44 24.07 -0.80
CA TYR C 117 -22.47 24.88 -1.43
C TYR C 117 -21.95 25.45 -2.73
N TRP C 118 -22.73 25.26 -3.81
CA TRP C 118 -22.50 25.89 -5.10
C TRP C 118 -23.71 26.68 -5.51
N ILE C 119 -23.51 27.75 -6.27
CA ILE C 119 -24.57 28.34 -7.07
C ILE C 119 -24.07 28.51 -8.52
N ASN C 120 -24.92 28.11 -9.48
CA ASN C 120 -24.63 28.24 -10.92
C ASN C 120 -23.22 27.77 -11.26
N GLY C 121 -22.85 26.58 -10.79
CA GLY C 121 -21.57 25.97 -11.13
C GLY C 121 -20.33 26.48 -10.41
N ARG C 122 -20.53 27.38 -9.43
CA ARG C 122 -19.43 28.06 -8.74
C ARG C 122 -19.54 27.82 -7.24
N LYS C 123 -18.39 27.72 -6.57
CA LYS C 123 -18.31 27.20 -5.22
C LYS C 123 -18.44 28.29 -4.16
N LEU C 124 -19.50 28.23 -3.36
CA LEU C 124 -19.69 29.21 -2.28
C LEU C 124 -18.76 28.98 -1.08
N GLY C 125 -18.71 27.75 -0.60
CA GLY C 125 -17.91 27.44 0.58
C GLY C 125 -18.28 26.11 1.20
N PHE C 126 -17.80 25.92 2.42
CA PHE C 126 -17.89 24.65 3.13
C PHE C 126 -18.23 24.95 4.59
N HIS C 127 -19.22 24.23 5.13
CA HIS C 127 -19.68 24.45 6.51
C HIS C 127 -19.62 23.14 7.30
N PRO C 128 -18.60 22.98 8.17
CA PRO C 128 -18.41 21.70 8.90
C PRO C 128 -19.47 21.39 9.96
N TYR C 129 -19.72 22.33 10.86
CA TYR C 129 -20.56 22.07 12.04
C TYR C 129 -22.01 21.86 11.65
N GLY C 130 -22.61 20.81 12.23
CA GLY C 130 -23.94 20.37 11.84
C GLY C 130 -25.09 21.10 12.48
N TYR C 131 -24.79 21.99 13.42
CA TYR C 131 -25.80 22.69 14.21
C TYR C 131 -25.79 24.22 14.15
N SER C 132 -24.70 24.86 13.71
CA SER C 132 -24.65 26.32 13.66
C SER C 132 -25.32 26.85 12.39
N PRO C 133 -26.08 27.96 12.48
CA PRO C 133 -26.67 28.56 11.29
C PRO C 133 -25.66 29.42 10.55
N PHE C 134 -25.96 29.70 9.30
CA PHE C 134 -25.07 30.47 8.44
C PHE C 134 -25.79 31.00 7.20
N PHE C 135 -25.10 31.88 6.47
CA PHE C 135 -25.59 32.41 5.22
C PHE C 135 -24.47 32.79 4.25
N TYR C 136 -24.81 32.77 2.98
CA TYR C 136 -23.92 33.19 1.92
C TYR C 136 -24.55 34.34 1.15
N ASP C 137 -23.70 35.32 0.79
CA ASP C 137 -24.08 36.44 -0.07
C ASP C 137 -23.93 35.98 -1.52
N ILE C 138 -25.05 35.92 -2.25
CA ILE C 138 -25.06 35.39 -3.62
C ILE C 138 -25.48 36.45 -4.64
N SER C 139 -25.29 37.73 -4.30
CA SER C 139 -25.73 38.85 -5.15
C SER C 139 -25.14 38.78 -6.55
N ASP C 140 -23.81 38.72 -6.61
CA ASP C 140 -23.07 38.76 -7.87
C ASP C 140 -23.24 37.48 -8.70
N TYR C 141 -23.63 36.39 -8.05
CA TYR C 141 -23.83 35.11 -8.73
C TYR C 141 -25.14 35.05 -9.51
N LEU C 142 -26.14 35.82 -9.08
CA LEU C 142 -27.47 35.71 -9.67
C LEU C 142 -27.48 36.07 -11.16
N ASN C 143 -28.13 35.23 -11.96
CA ASN C 143 -28.29 35.46 -13.39
C ASN C 143 -29.30 36.62 -13.65
N PRO C 144 -29.42 37.07 -14.92
CA PRO C 144 -30.25 38.25 -15.23
C PRO C 144 -31.75 38.10 -14.99
N LYS C 145 -32.43 39.24 -14.84
CA LYS C 145 -33.83 39.33 -14.41
C LYS C 145 -34.68 38.31 -15.16
N GLY C 146 -35.33 37.41 -14.42
CA GLY C 146 -36.23 36.40 -15.00
C GLY C 146 -35.63 35.06 -15.41
N GLN C 147 -34.30 34.98 -15.53
CA GLN C 147 -33.62 33.69 -15.85
C GLN C 147 -33.39 32.82 -14.61
N GLU C 148 -33.19 31.53 -14.85
CA GLU C 148 -33.11 30.52 -13.79
C GLU C 148 -31.75 30.52 -13.09
N ASN C 149 -31.75 30.23 -11.79
CA ASN C 149 -30.54 29.94 -11.01
C ASN C 149 -30.70 28.56 -10.36
N ARG C 150 -29.59 27.91 -10.04
CA ARG C 150 -29.63 26.65 -9.32
C ARG C 150 -28.57 26.63 -8.20
N ILE C 151 -29.02 26.30 -7.00
CA ILE C 151 -28.13 26.03 -5.85
C ILE C 151 -27.90 24.54 -5.76
N SER C 152 -26.66 24.13 -5.51
CA SER C 152 -26.34 22.73 -5.19
C SER C 152 -25.69 22.65 -3.83
N VAL C 153 -26.03 21.60 -3.07
CA VAL C 153 -25.48 21.36 -1.73
C VAL C 153 -25.05 19.90 -1.65
N ARG C 154 -23.77 19.68 -1.32
CA ARG C 154 -23.25 18.34 -1.10
C ARG C 154 -23.11 18.15 0.38
N ILE C 155 -23.54 16.99 0.85
CA ILE C 155 -23.56 16.71 2.27
C ILE C 155 -22.80 15.43 2.54
N ASP C 156 -21.68 15.57 3.26
CA ASP C 156 -20.84 14.44 3.61
C ASP C 156 -21.14 13.97 5.03
N HIS C 157 -22.07 13.03 5.14
CA HIS C 157 -22.29 12.27 6.36
C HIS C 157 -21.78 10.82 6.21
N SER C 158 -20.61 10.67 5.59
CA SER C 158 -19.94 9.38 5.52
C SER C 158 -19.42 9.00 6.91
N ARG C 159 -18.99 10.01 7.69
CA ARG C 159 -18.68 9.81 9.11
C ARG C 159 -19.99 9.75 9.92
N TYR C 160 -20.74 8.66 9.73
CA TYR C 160 -22.11 8.53 10.27
C TYR C 160 -22.20 8.17 11.76
N ALA C 161 -21.05 7.99 12.42
CA ALA C 161 -21.02 7.78 13.86
C ALA C 161 -20.19 8.86 14.56
N ASP C 162 -20.17 10.07 14.00
CA ASP C 162 -19.39 11.20 14.54
C ASP C 162 -20.06 11.93 15.72
N SER C 163 -20.93 11.21 16.43
CA SER C 163 -21.86 11.78 17.40
C SER C 163 -22.18 10.71 18.45
N ARG C 164 -22.39 11.15 19.69
CA ARG C 164 -22.82 10.27 20.75
C ARG C 164 -24.32 9.96 20.71
N TRP C 165 -25.08 10.75 19.93
CA TRP C 165 -26.53 10.59 19.77
C TRP C 165 -26.90 10.66 18.27
N TYR C 166 -28.12 10.24 17.93
CA TYR C 166 -28.60 10.34 16.54
C TYR C 166 -28.65 11.78 16.07
N THR C 167 -28.07 12.02 14.90
CA THR C 167 -27.97 13.35 14.30
C THR C 167 -28.94 13.55 13.15
N GLY C 168 -29.23 12.46 12.44
CA GLY C 168 -29.90 12.55 11.13
C GLY C 168 -28.91 13.01 10.08
N SER C 169 -29.43 13.24 8.87
CA SER C 169 -28.63 13.67 7.73
C SER C 169 -29.39 14.67 6.85
N GLY C 170 -28.78 15.82 6.58
CA GLY C 170 -29.27 16.72 5.54
C GLY C 170 -29.64 18.11 6.00
N ILE C 171 -30.50 18.77 5.24
CA ILE C 171 -31.01 20.11 5.54
C ILE C 171 -32.29 20.00 6.40
N TYR C 172 -32.06 19.90 7.70
CA TYR C 172 -33.08 19.52 8.68
C TYR C 172 -33.78 20.71 9.33
N ARG C 173 -33.30 21.91 9.06
CA ARG C 173 -33.93 23.14 9.53
C ARG C 173 -34.24 23.98 8.31
N GLU C 174 -35.25 24.85 8.46
CA GLU C 174 -35.74 25.64 7.33
C GLU C 174 -34.75 26.72 6.85
N THR C 175 -34.81 26.97 5.55
CA THR C 175 -33.93 27.91 4.85
C THR C 175 -34.68 29.21 4.53
N GLN C 176 -33.96 30.18 3.98
CA GLN C 176 -34.54 31.46 3.54
C GLN C 176 -33.78 32.06 2.36
N LEU C 177 -34.52 32.61 1.41
CA LEU C 177 -33.94 33.41 0.33
C LEU C 177 -34.38 34.84 0.61
N ILE C 178 -33.42 35.70 0.95
CA ILE C 178 -33.69 37.08 1.39
C ILE C 178 -33.20 38.06 0.34
N PHE C 179 -34.09 38.91 -0.16
CA PHE C 179 -33.74 40.02 -1.06
C PHE C 179 -33.85 41.33 -0.32
N THR C 180 -32.78 42.13 -0.36
CA THR C 180 -32.74 43.43 0.29
C THR C 180 -32.24 44.50 -0.68
N ASP C 181 -32.38 45.75 -0.25
CA ASP C 181 -31.77 46.90 -0.90
C ASP C 181 -30.26 46.89 -0.62
N LYS C 182 -29.43 47.55 -1.43
CA LYS C 182 -27.98 47.66 -1.11
C LYS C 182 -27.72 48.47 0.18
N LEU C 183 -28.69 49.29 0.60
CA LEU C 183 -28.68 49.87 1.93
C LEU C 183 -29.68 49.09 2.75
N HIS C 184 -29.21 48.44 3.82
CA HIS C 184 -30.07 47.50 4.53
C HIS C 184 -29.58 47.13 5.93
N ILE C 185 -30.50 46.51 6.65
CA ILE C 185 -30.20 45.84 7.89
C ILE C 185 -29.77 44.46 7.43
N PRO C 186 -28.56 44.01 7.82
CA PRO C 186 -28.09 42.69 7.39
C PRO C 186 -28.83 41.56 8.12
N VAL C 187 -28.62 40.32 7.65
CA VAL C 187 -29.32 39.18 8.26
C VAL C 187 -28.84 39.01 9.72
N TRP C 188 -29.79 38.75 10.61
CA TRP C 188 -29.59 38.86 12.07
C TRP C 188 -29.01 40.22 12.53
N GLY C 189 -29.35 41.30 11.85
CA GLY C 189 -28.79 42.62 12.15
C GLY C 189 -29.42 43.45 13.27
N THR C 190 -30.31 42.85 14.06
CA THR C 190 -30.93 43.53 15.20
C THR C 190 -30.64 42.80 16.53
N PHE C 191 -30.64 43.55 17.63
CA PHE C 191 -30.46 43.00 18.96
C PHE C 191 -31.21 43.83 20.00
N VAL C 192 -32.38 43.35 20.40
CA VAL C 192 -33.22 44.01 21.40
C VAL C 192 -32.78 43.59 22.81
N THR C 193 -32.52 44.57 23.69
CA THR C 193 -32.19 44.33 25.11
C THR C 193 -33.10 45.18 25.99
N THR C 194 -33.21 44.81 27.28
CA THR C 194 -34.11 45.48 28.24
C THR C 194 -33.43 45.56 29.60
N PRO C 195 -32.51 46.53 29.76
CA PRO C 195 -31.67 46.60 30.98
C PRO C 195 -32.36 47.14 32.26
N VAL C 196 -33.54 47.75 32.11
CA VAL C 196 -34.35 48.24 33.23
C VAL C 196 -35.78 47.76 33.01
N VAL C 197 -36.27 46.86 33.88
CA VAL C 197 -37.64 46.31 33.80
C VAL C 197 -38.32 46.35 35.17
N SER C 198 -39.55 46.85 35.20
CA SER C 198 -40.46 46.64 36.32
C SER C 198 -41.88 46.55 35.79
N SER C 199 -42.83 46.26 36.68
CA SER C 199 -44.26 46.23 36.33
C SER C 199 -44.77 47.57 35.74
N GLU C 200 -44.05 48.66 36.02
CA GLU C 200 -44.47 50.02 35.71
C GLU C 200 -43.85 50.52 34.41
N ARG C 201 -42.54 50.34 34.26
CA ARG C 201 -41.77 50.87 33.12
C ARG C 201 -40.72 49.86 32.68
N ALA C 202 -40.57 49.69 31.38
CA ALA C 202 -39.49 48.90 30.80
C ALA C 202 -38.73 49.77 29.82
N THR C 203 -37.39 49.85 29.97
CA THR C 203 -36.52 50.45 28.96
C THR C 203 -36.22 49.40 27.91
N VAL C 204 -36.59 49.66 26.65
CA VAL C 204 -36.32 48.75 25.53
C VAL C 204 -35.32 49.40 24.58
N ASN C 205 -34.09 48.89 24.58
CA ASN C 205 -33.01 49.37 23.69
C ASN C 205 -32.82 48.39 22.55
N ILE C 206 -32.61 48.91 21.34
CA ILE C 206 -32.32 48.09 20.16
C ILE C 206 -31.05 48.59 19.45
N GLU C 207 -30.16 47.65 19.09
CA GLU C 207 -29.04 47.95 18.21
C GLU C 207 -29.46 47.49 16.82
N VAL C 208 -29.58 48.44 15.88
CA VAL C 208 -29.88 48.13 14.48
C VAL C 208 -28.61 48.39 13.68
N ARG C 209 -28.09 47.35 13.04
CA ARG C 209 -26.94 47.47 12.17
C ARG C 209 -27.40 47.83 10.76
N VAL C 210 -26.68 48.73 10.11
CA VAL C 210 -27.02 49.17 8.77
C VAL C 210 -25.77 49.08 7.91
N LYS C 211 -25.88 48.32 6.82
CA LYS C 211 -24.78 48.12 5.90
C LYS C 211 -25.08 48.88 4.63
N ASN C 212 -24.11 49.71 4.23
CA ASN C 212 -24.15 50.45 2.97
C ASN C 212 -23.31 49.75 1.91
N ASP C 213 -23.99 48.97 1.06
CA ASP C 213 -23.34 48.25 -0.04
C ASP C 213 -23.30 49.01 -1.37
N TYR C 214 -23.78 50.26 -1.40
CA TYR C 214 -23.57 51.13 -2.57
C TYR C 214 -22.08 51.58 -2.64
N SER C 215 -21.68 52.20 -3.74
CA SER C 215 -20.28 52.63 -3.95
C SER C 215 -19.95 54.07 -3.52
N GLY C 216 -20.93 54.77 -2.97
CA GLY C 216 -20.70 56.09 -2.41
C GLY C 216 -21.48 56.20 -1.12
N PRO C 217 -21.29 57.31 -0.37
CA PRO C 217 -22.02 57.47 0.89
C PRO C 217 -23.54 57.59 0.68
N ARG C 218 -24.31 57.12 1.66
N ARG C 218 -24.29 57.11 1.67
CA ARG C 218 -25.76 57.12 1.61
CA ARG C 218 -25.75 57.15 1.64
C ARG C 218 -26.29 57.54 2.99
C ARG C 218 -26.29 57.55 3.00
N ALA C 219 -27.38 58.31 2.98
CA ALA C 219 -28.03 58.84 4.19
C ALA C 219 -29.43 58.32 4.27
N GLY C 220 -29.97 58.33 5.48
CA GLY C 220 -31.33 57.94 5.70
C GLY C 220 -31.72 57.92 7.15
N GLU C 221 -32.74 57.14 7.46
CA GLU C 221 -33.28 57.09 8.80
C GLU C 221 -33.60 55.66 9.19
N VAL C 222 -33.39 55.34 10.46
CA VAL C 222 -33.87 54.12 11.06
C VAL C 222 -35.09 54.52 11.88
N ARG C 223 -36.26 54.03 11.49
CA ARG C 223 -37.47 54.14 12.28
C ARG C 223 -37.82 52.77 12.79
N THR C 224 -37.76 52.56 14.11
CA THR C 224 -38.26 51.31 14.72
C THR C 224 -39.51 51.61 15.52
N SER C 225 -40.53 50.77 15.34
CA SER C 225 -41.84 50.93 15.95
C SER C 225 -42.11 49.71 16.80
N TYR C 226 -42.63 49.91 18.01
CA TYR C 226 -42.90 48.81 18.93
C TYR C 226 -44.40 48.53 19.06
N PHE C 227 -44.78 47.27 18.89
CA PHE C 227 -46.18 46.82 18.93
C PHE C 227 -46.38 45.70 19.97
N ASP C 228 -47.50 45.75 20.69
CA ASP C 228 -47.84 44.71 21.69
C ASP C 228 -48.65 43.55 21.08
N SER C 229 -48.98 42.56 21.93
CA SER C 229 -49.83 41.39 21.59
C SER C 229 -51.00 41.73 20.67
N LYS C 230 -51.81 42.71 21.08
CA LYS C 230 -53.00 43.12 20.32
C LYS C 230 -52.68 44.09 19.16
N ASN C 231 -51.39 44.28 18.85
CA ASN C 231 -50.91 45.01 17.67
C ASN C 231 -51.00 46.55 17.77
N LYS C 232 -51.24 47.07 18.98
CA LYS C 232 -51.27 48.51 19.21
C LYS C 232 -49.84 49.01 19.35
N LYS C 233 -49.56 50.18 18.75
CA LYS C 233 -48.23 50.76 18.79
C LYS C 233 -47.98 51.35 20.19
N VAL C 234 -46.84 51.02 20.78
CA VAL C 234 -46.52 51.44 22.16
C VAL C 234 -45.19 52.19 22.30
N GLY C 235 -44.53 52.47 21.19
CA GLY C 235 -43.26 53.20 21.20
C GLY C 235 -42.77 53.39 19.78
N GLU C 236 -41.87 54.33 19.60
CA GLU C 236 -41.30 54.62 18.29
C GLU C 236 -40.05 55.46 18.45
N LYS C 237 -39.03 55.18 17.63
CA LYS C 237 -37.81 55.97 17.65
C LYS C 237 -37.27 56.14 16.23
N LEU C 238 -36.87 57.37 15.93
CA LEU C 238 -36.41 57.79 14.61
C LEU C 238 -35.00 58.38 14.76
N THR C 239 -34.03 57.91 13.96
CA THR C 239 -32.65 58.39 14.03
C THR C 239 -32.04 58.53 12.63
N SER C 240 -31.39 59.67 12.38
CA SER C 240 -30.64 59.92 11.12
C SER C 240 -29.33 59.17 11.12
N PHE C 241 -28.87 58.80 9.93
CA PHE C 241 -27.49 58.36 9.73
C PHE C 241 -26.88 58.81 8.41
N LEU C 242 -25.56 58.82 8.38
CA LEU C 242 -24.79 58.94 7.14
C LEU C 242 -23.71 57.89 7.24
N ILE C 243 -23.62 57.02 6.22
CA ILE C 243 -22.69 55.87 6.23
C ILE C 243 -21.82 55.89 4.97
N GLU C 244 -20.50 55.88 5.15
CA GLU C 244 -19.57 55.87 4.01
C GLU C 244 -19.65 54.57 3.20
N ALA C 245 -19.27 54.61 1.93
CA ALA C 245 -19.38 53.45 1.02
C ALA C 245 -18.77 52.17 1.61
N GLY C 246 -19.48 51.06 1.51
CA GLY C 246 -18.99 49.76 1.99
C GLY C 246 -18.81 49.59 3.49
N LYS C 247 -19.39 50.49 4.30
CA LYS C 247 -19.27 50.43 5.76
C LYS C 247 -20.57 49.95 6.44
N GLU C 248 -20.42 49.60 7.71
CA GLU C 248 -21.52 49.27 8.59
C GLU C 248 -21.51 50.22 9.79
N MET C 249 -22.70 50.56 10.24
CA MET C 249 -22.91 51.45 11.38
C MET C 249 -23.90 50.80 12.33
N LYS C 250 -23.62 50.93 13.63
CA LYS C 250 -24.53 50.49 14.67
C LYS C 250 -25.34 51.67 15.20
N ILE C 251 -26.65 51.60 15.00
CA ILE C 251 -27.58 52.63 15.45
C ILE C 251 -28.25 52.11 16.72
N ASN C 252 -28.12 52.86 17.81
CA ASN C 252 -28.74 52.52 19.09
C ASN C 252 -29.92 53.45 19.41
N GLN C 253 -31.11 52.85 19.58
CA GLN C 253 -32.34 53.55 19.90
C GLN C 253 -32.94 53.04 21.22
N SER C 254 -33.49 53.94 22.01
CA SER C 254 -33.96 53.64 23.36
C SER C 254 -35.35 54.22 23.52
N VAL C 255 -36.26 53.46 24.14
CA VAL C 255 -37.62 53.93 24.46
C VAL C 255 -38.05 53.40 25.82
N GLU C 256 -39.18 53.93 26.31
CA GLU C 256 -39.85 53.47 27.51
C GLU C 256 -41.22 52.90 27.13
N ILE C 257 -41.48 51.64 27.50
CA ILE C 257 -42.81 51.04 27.39
C ILE C 257 -43.41 51.06 28.80
N SER C 258 -44.54 51.76 28.95
CA SER C 258 -45.25 51.84 30.24
C SER C 258 -46.19 50.64 30.43
N ASN C 259 -46.29 50.17 31.67
CA ASN C 259 -47.08 48.98 32.01
C ASN C 259 -46.93 47.90 30.95
N PRO C 260 -45.73 47.31 30.85
CA PRO C 260 -45.50 46.24 29.91
C PRO C 260 -46.17 44.94 30.34
N SER C 261 -46.65 44.17 29.37
CA SER C 261 -46.98 42.75 29.60
C SER C 261 -45.63 42.00 29.62
N LEU C 262 -45.14 41.72 30.84
CA LEU C 262 -43.84 41.11 31.02
C LEU C 262 -43.91 39.64 30.63
N TRP C 263 -42.90 39.20 29.88
CA TRP C 263 -42.75 37.81 29.51
C TRP C 263 -42.48 36.95 30.77
N ASP C 264 -43.33 35.95 30.98
CA ASP C 264 -43.20 34.99 32.07
C ASP C 264 -43.47 33.58 31.52
N VAL C 265 -43.02 32.54 32.22
CA VAL C 265 -43.30 31.15 31.79
C VAL C 265 -44.80 30.80 31.77
N ASP C 266 -45.58 31.43 32.65
CA ASP C 266 -47.04 31.29 32.69
C ASP C 266 -47.77 32.39 31.90
N SER C 267 -47.05 33.44 31.50
CA SER C 267 -47.62 34.57 30.79
C SER C 267 -46.59 35.07 29.76
N PRO C 268 -46.46 34.34 28.64
CA PRO C 268 -45.39 34.60 27.67
C PRO C 268 -45.81 35.62 26.61
N SER C 269 -45.93 36.87 27.04
CA SER C 269 -46.32 37.98 26.17
C SER C 269 -45.16 38.42 25.27
N MET C 270 -45.44 38.45 23.98
CA MET C 270 -44.48 38.83 22.96
C MET C 270 -44.74 40.23 22.39
N TYR C 271 -43.65 40.96 22.16
CA TYR C 271 -43.69 42.25 21.47
C TYR C 271 -43.11 42.11 20.05
N LEU C 272 -43.18 43.19 19.27
CA LEU C 272 -42.60 43.25 17.92
C LEU C 272 -41.90 44.58 17.69
N ALA C 273 -40.58 44.53 17.49
CA ALA C 273 -39.83 45.67 16.94
C ALA C 273 -39.92 45.57 15.42
N LYS C 274 -40.26 46.67 14.78
CA LYS C 274 -40.32 46.75 13.33
C LYS C 274 -39.40 47.90 12.90
N SER C 275 -38.16 47.57 12.57
CA SER C 275 -37.16 48.55 12.16
C SER C 275 -37.18 48.73 10.63
N GLU C 276 -37.38 49.97 10.19
CA GLU C 276 -37.53 50.31 8.78
C GLU C 276 -36.47 51.33 8.41
N ILE C 277 -35.78 51.09 7.30
CA ILE C 277 -34.79 52.01 6.76
C ILE C 277 -35.51 52.94 5.79
N LEU C 278 -35.39 54.25 6.02
CA LEU C 278 -36.07 55.26 5.22
C LEU C 278 -35.05 56.08 4.48
N VAL C 279 -35.19 56.13 3.16
CA VAL C 279 -34.47 57.12 2.34
C VAL C 279 -35.57 58.00 1.75
N ASP C 280 -35.46 59.30 2.03
CA ASP C 280 -36.60 60.24 1.99
C ASP C 280 -37.79 59.75 2.85
N GLY C 281 -38.97 59.59 2.26
CA GLY C 281 -40.13 59.09 3.01
C GLY C 281 -40.49 57.69 2.59
N ASN C 282 -39.58 57.03 1.86
CA ASN C 282 -39.81 55.67 1.35
C ASN C 282 -39.07 54.65 2.20
N VAL C 283 -39.80 53.65 2.64
CA VAL C 283 -39.24 52.48 3.30
C VAL C 283 -38.50 51.67 2.23
N VAL C 284 -37.18 51.57 2.34
CA VAL C 284 -36.35 50.74 1.42
C VAL C 284 -36.10 49.31 1.92
N ASP C 285 -35.94 49.13 3.24
CA ASP C 285 -35.69 47.83 3.85
C ASP C 285 -36.39 47.74 5.20
N THR C 286 -36.80 46.54 5.59
CA THR C 286 -37.56 46.32 6.82
C THR C 286 -37.13 45.03 7.52
N LYS C 287 -36.85 45.09 8.83
CA LYS C 287 -36.68 43.87 9.66
C LYS C 287 -37.62 43.83 10.86
N GLU C 288 -38.19 42.64 11.12
CA GLU C 288 -39.10 42.40 12.24
C GLU C 288 -38.41 41.52 13.28
N THR C 289 -38.25 42.05 14.49
CA THR C 289 -37.57 41.37 15.58
C THR C 289 -38.58 41.09 16.69
N PRO C 290 -39.10 39.84 16.79
CA PRO C 290 -39.97 39.56 17.93
C PRO C 290 -39.14 39.43 19.20
N PHE C 291 -39.68 39.89 20.33
CA PHE C 291 -38.96 39.90 21.60
C PHE C 291 -39.92 39.91 22.78
N GLY C 292 -39.35 39.76 23.98
CA GLY C 292 -40.13 39.74 25.21
C GLY C 292 -39.43 40.58 26.25
N ILE C 293 -40.23 41.17 27.14
CA ILE C 293 -39.71 42.02 28.20
C ILE C 293 -39.72 41.22 29.51
N ARG C 294 -38.54 40.91 30.00
CA ARG C 294 -38.42 40.31 31.31
C ARG C 294 -37.07 40.59 31.88
N SER C 295 -36.92 40.41 33.18
CA SER C 295 -35.60 40.41 33.80
C SER C 295 -35.29 39.02 34.34
N ILE C 296 -33.99 38.70 34.33
CA ILE C 296 -33.46 37.42 34.81
C ILE C 296 -32.27 37.69 35.70
N LYS C 297 -32.21 37.01 36.85
CA LYS C 297 -31.17 37.21 37.83
C LYS C 297 -30.90 35.90 38.55
N PHE C 298 -29.61 35.57 38.69
CA PHE C 298 -29.15 34.43 39.48
C PHE C 298 -28.39 34.96 40.69
N ASP C 299 -28.94 34.77 41.89
CA ASP C 299 -28.26 35.16 43.14
C ASP C 299 -27.65 33.91 43.79
N ALA C 300 -26.38 34.01 44.16
CA ALA C 300 -25.63 32.86 44.69
C ALA C 300 -26.18 32.31 46.02
N LYS C 301 -26.65 33.20 46.90
CA LYS C 301 -27.24 32.83 48.19
C LYS C 301 -28.77 32.53 48.11
N LYS C 302 -29.51 33.31 47.33
CA LYS C 302 -30.99 33.34 47.37
C LYS C 302 -31.72 32.64 46.22
N GLY C 303 -31.05 32.45 45.07
CA GLY C 303 -31.58 31.64 43.95
C GLY C 303 -31.78 32.37 42.64
N PHE C 304 -32.79 31.95 41.86
CA PHE C 304 -33.13 32.54 40.56
C PHE C 304 -34.41 33.35 40.63
N PHE C 305 -34.43 34.51 39.96
CA PHE C 305 -35.60 35.40 39.93
C PHE C 305 -35.99 35.76 38.49
N LEU C 306 -37.26 35.56 38.14
CA LEU C 306 -37.82 35.98 36.84
C LEU C 306 -38.79 37.13 37.07
N ASN C 307 -38.46 38.32 36.56
CA ASN C 307 -39.24 39.54 36.82
C ASN C 307 -39.32 39.86 38.31
N GLY C 308 -38.21 39.72 39.03
CA GLY C 308 -38.19 39.88 40.47
C GLY C 308 -38.79 38.73 41.29
N LYS C 309 -39.55 37.81 40.68
CA LYS C 309 -40.18 36.71 41.42
C LYS C 309 -39.28 35.48 41.46
N ASN C 310 -38.87 35.09 42.67
CA ASN C 310 -38.08 33.90 42.89
C ASN C 310 -38.85 32.63 42.51
N MET C 311 -38.19 31.76 41.75
CA MET C 311 -38.79 30.51 41.29
C MET C 311 -37.74 29.43 41.11
N LYS C 312 -38.21 28.19 41.15
CA LYS C 312 -37.37 27.03 40.84
C LYS C 312 -37.46 26.68 39.37
N ILE C 313 -36.29 26.38 38.80
CA ILE C 313 -36.17 25.98 37.41
C ILE C 313 -36.49 24.50 37.33
N LYS C 314 -37.62 24.16 36.72
CA LYS C 314 -38.06 22.77 36.56
C LYS C 314 -37.71 22.31 35.15
N GLY C 315 -36.44 21.97 34.95
CA GLY C 315 -35.87 21.81 33.62
C GLY C 315 -35.80 20.38 33.11
N VAL C 316 -35.85 20.22 31.79
CA VAL C 316 -35.57 18.93 31.13
C VAL C 316 -34.58 19.11 29.96
N CYS C 317 -33.70 18.14 29.75
CA CYS C 317 -32.83 18.13 28.58
C CYS C 317 -33.57 17.49 27.40
N LEU C 318 -33.28 17.97 26.19
CA LEU C 318 -33.81 17.39 24.96
C LEU C 318 -32.74 17.37 23.88
N HIS C 319 -32.69 16.25 23.19
CA HIS C 319 -32.02 16.18 21.91
C HIS C 319 -32.99 16.63 20.82
N HIS C 320 -32.44 16.76 19.62
CA HIS C 320 -33.12 17.38 18.50
C HIS C 320 -34.00 16.48 17.64
N ASP C 321 -34.03 15.16 17.89
CA ASP C 321 -34.86 14.28 17.03
C ASP C 321 -36.26 14.08 17.60
N ALA C 322 -37.22 13.79 16.72
CA ALA C 322 -38.54 13.36 17.15
C ALA C 322 -38.94 12.03 16.54
N SER C 323 -37.99 11.10 16.46
CA SER C 323 -38.21 9.73 16.00
C SER C 323 -38.56 9.61 14.49
N MET C 324 -39.84 9.51 14.11
CA MET C 324 -40.20 9.22 12.71
C MET C 324 -39.83 10.33 11.71
N ILE C 325 -39.80 11.57 12.18
CA ILE C 325 -39.30 12.73 11.38
C ILE C 325 -37.79 12.96 11.50
N GLY C 326 -37.13 12.24 12.42
CA GLY C 326 -35.71 12.40 12.63
C GLY C 326 -35.40 13.81 13.11
N ALA C 327 -34.36 14.41 12.53
CA ALA C 327 -33.92 15.77 12.89
C ALA C 327 -34.82 16.86 12.31
N ALA C 328 -35.58 16.53 11.25
CA ALA C 328 -36.40 17.54 10.56
C ALA C 328 -37.30 18.30 11.54
N LEU C 329 -37.11 19.62 11.60
CA LEU C 329 -37.83 20.46 12.55
C LEU C 329 -39.26 20.73 12.08
N VAL C 330 -40.16 19.80 12.41
CA VAL C 330 -41.59 19.98 12.14
C VAL C 330 -42.19 20.60 13.38
N GLU C 331 -42.64 21.84 13.27
CA GLU C 331 -43.11 22.65 14.41
C GLU C 331 -44.19 21.99 15.28
N ASP C 332 -45.24 21.43 14.66
CA ASP C 332 -46.38 20.87 15.44
C ASP C 332 -46.07 19.62 16.26
N VAL C 333 -45.06 18.86 15.82
CA VAL C 333 -44.68 17.64 16.52
C VAL C 333 -44.02 18.02 17.85
N TRP C 334 -43.13 19.00 17.79
CA TRP C 334 -42.55 19.57 19.01
C TRP C 334 -43.57 20.36 19.85
N ARG C 335 -44.52 21.03 19.23
CA ARG C 335 -45.60 21.67 19.99
C ARG C 335 -46.34 20.68 20.91
N ARG C 336 -46.68 19.50 20.38
CA ARG C 336 -47.40 18.49 21.19
C ARG C 336 -46.58 18.03 22.38
N ARG C 337 -45.31 17.73 22.11
CA ARG C 337 -44.37 17.24 23.11
C ARG C 337 -44.14 18.28 24.21
N LEU C 338 -43.91 19.52 23.80
CA LEU C 338 -43.72 20.63 24.73
C LEU C 338 -44.98 20.93 25.51
N GLN C 339 -46.16 20.79 24.88
CA GLN C 339 -47.43 20.95 25.62
C GLN C 339 -47.57 19.93 26.73
N THR C 340 -47.20 18.67 26.43
CA THR C 340 -47.27 17.57 27.40
C THR C 340 -46.30 17.86 28.57
N LEU C 341 -45.06 18.25 28.24
CA LEU C 341 -44.07 18.68 29.24
C LEU C 341 -44.56 19.87 30.08
N LYS C 342 -45.23 20.82 29.43
CA LYS C 342 -45.85 21.94 30.12
C LYS C 342 -46.86 21.44 31.15
N ASP C 343 -47.75 20.55 30.73
CA ASP C 343 -48.79 20.02 31.63
C ASP C 343 -48.23 19.19 32.78
N GLY C 344 -47.01 18.65 32.60
CA GLY C 344 -46.23 18.03 33.68
C GLY C 344 -45.53 19.00 34.62
N GLY C 345 -45.66 20.31 34.38
CA GLY C 345 -45.08 21.34 35.22
C GLY C 345 -43.67 21.75 34.86
N CYS C 346 -43.15 21.29 33.72
CA CYS C 346 -41.82 21.73 33.23
C CYS C 346 -41.89 23.19 32.79
N ASN C 347 -40.91 23.99 33.21
CA ASN C 347 -40.80 25.40 32.78
C ASN C 347 -39.45 25.75 32.17
N ALA C 348 -38.62 24.76 31.87
CA ALA C 348 -37.26 25.02 31.35
C ALA C 348 -36.71 23.87 30.51
N ILE C 349 -35.88 24.23 29.52
CA ILE C 349 -35.34 23.27 28.57
C ILE C 349 -33.86 23.50 28.30
N ARG C 350 -33.05 22.47 28.50
CA ARG C 350 -31.63 22.49 28.11
C ARG C 350 -31.44 21.84 26.74
N LEU C 351 -30.98 22.61 25.77
CA LEU C 351 -30.69 22.08 24.44
C LEU C 351 -29.33 21.37 24.50
N SER C 352 -29.40 20.08 24.81
CA SER C 352 -28.24 19.23 24.97
C SER C 352 -27.94 18.58 23.61
N HIS C 353 -26.72 18.67 23.07
CA HIS C 353 -25.61 19.49 23.55
C HIS C 353 -25.09 20.38 22.44
N ASN C 354 -25.99 21.22 21.94
CA ASN C 354 -25.78 21.93 20.68
C ASN C 354 -26.76 23.09 20.50
N PRO C 355 -26.47 23.98 19.53
CA PRO C 355 -27.43 25.00 19.16
C PRO C 355 -28.75 24.40 18.66
N GLY C 356 -29.86 25.02 19.07
CA GLY C 356 -31.18 24.63 18.62
C GLY C 356 -31.55 25.22 17.28
N ALA C 357 -32.79 25.00 16.89
CA ALA C 357 -33.36 25.55 15.68
C ALA C 357 -34.14 26.78 16.06
N ASP C 358 -34.20 27.74 15.14
CA ASP C 358 -34.84 29.02 15.42
C ASP C 358 -36.33 28.80 15.65
N ALA C 359 -36.93 27.97 14.80
CA ALA C 359 -38.34 27.60 14.93
C ALA C 359 -38.69 26.96 16.28
N PHE C 360 -37.76 26.19 16.85
CA PHE C 360 -37.95 25.62 18.19
C PHE C 360 -37.92 26.70 19.28
N LEU C 361 -36.92 27.58 19.22
CA LEU C 361 -36.80 28.69 20.18
C LEU C 361 -38.04 29.62 20.16
N GLU C 362 -38.62 29.81 18.98
CA GLU C 362 -39.83 30.61 18.83
C GLU C 362 -41.00 29.93 19.55
N LEU C 363 -41.08 28.61 19.45
CA LEU C 363 -42.09 27.83 20.17
C LEU C 363 -41.93 27.99 21.67
N CYS C 364 -40.69 27.99 22.15
CA CYS C 364 -40.38 28.24 23.57
C CYS C 364 -40.71 29.67 24.01
N ASP C 365 -40.44 30.66 23.16
CA ASP C 365 -40.88 32.05 23.41
C ASP C 365 -42.39 32.13 23.57
N GLU C 366 -43.08 31.49 22.64
CA GLU C 366 -44.52 31.50 22.57
C GLU C 366 -45.18 30.67 23.67
N MET C 367 -44.58 29.54 24.04
CA MET C 367 -45.23 28.61 24.99
C MET C 367 -44.82 28.83 26.44
N GLY C 368 -43.61 29.35 26.66
CA GLY C 368 -43.16 29.75 27.98
C GLY C 368 -42.24 28.73 28.63
N PHE C 369 -41.06 28.56 28.05
CA PHE C 369 -40.00 27.76 28.68
C PHE C 369 -38.76 28.62 28.74
N LEU C 370 -38.10 28.68 29.90
CA LEU C 370 -36.73 29.22 29.98
C LEU C 370 -35.76 28.24 29.28
N VAL C 371 -34.81 28.74 28.50
CA VAL C 371 -33.98 27.88 27.63
C VAL C 371 -32.48 28.05 27.84
N GLN C 372 -31.76 26.94 27.89
CA GLN C 372 -30.31 26.96 27.79
C GLN C 372 -29.90 26.48 26.40
N GLU C 373 -29.14 27.31 25.68
CA GLU C 373 -28.55 26.91 24.41
C GLU C 373 -27.05 26.58 24.64
N GLU C 374 -26.66 25.38 24.23
CA GLU C 374 -25.30 24.85 24.40
C GLU C 374 -24.59 24.98 23.10
N PHE C 375 -23.36 25.47 23.10
CA PHE C 375 -22.62 25.55 21.83
C PHE C 375 -21.99 24.21 21.42
N PHE C 376 -21.37 23.50 22.36
CA PHE C 376 -20.51 22.35 22.02
C PHE C 376 -20.60 21.20 23.01
N ASP C 377 -20.44 19.97 22.51
CA ASP C 377 -20.38 18.75 23.29
C ASP C 377 -18.94 18.36 23.66
N GLU C 378 -17.95 19.02 23.04
CA GLU C 378 -16.53 18.76 23.28
C GLU C 378 -15.79 19.95 22.72
N TRP C 379 -14.59 20.24 23.24
CA TRP C 379 -13.77 21.35 22.72
C TRP C 379 -12.53 20.83 21.98
N ASP C 380 -11.35 20.94 22.60
CA ASP C 380 -10.07 20.71 21.91
C ASP C 380 -9.80 19.25 21.61
N TYR C 381 -10.32 18.36 22.46
CA TYR C 381 -10.04 16.94 22.41
C TYR C 381 -11.36 16.18 22.23
N PRO C 382 -11.38 15.14 21.35
CA PRO C 382 -12.61 14.38 21.12
C PRO C 382 -12.99 13.45 22.28
N LYS C 383 -14.29 13.36 22.55
CA LYS C 383 -14.86 12.29 23.37
C LYS C 383 -15.02 11.02 22.53
N ASP C 384 -15.08 9.84 23.15
CA ASP C 384 -15.43 8.61 22.42
C ASP C 384 -16.90 8.73 22.03
N LYS C 385 -17.25 8.28 20.83
CA LYS C 385 -18.63 8.39 20.35
C LYS C 385 -19.52 7.22 20.78
N ARG C 386 -18.92 6.03 20.88
CA ARG C 386 -19.64 4.80 21.22
C ARG C 386 -19.78 4.67 22.72
N LEU C 387 -18.68 4.94 23.40
CA LEU C 387 -18.61 4.99 24.84
C LEU C 387 -18.71 6.47 25.09
N ASN C 388 -18.69 6.89 26.34
CA ASN C 388 -18.69 8.32 26.60
C ASN C 388 -17.26 8.70 26.94
N MET C 389 -17.06 9.89 27.51
CA MET C 389 -15.80 10.28 28.14
C MET C 389 -14.72 10.40 27.06
N ASP C 390 -13.45 10.47 27.46
CA ASP C 390 -12.36 10.63 26.49
C ASP C 390 -12.33 9.51 25.47
N GLU C 391 -11.91 9.86 24.26
CA GLU C 391 -11.82 8.94 23.16
C GLU C 391 -10.73 7.89 23.40
N GLN C 392 -11.05 6.64 23.08
CA GLN C 392 -10.16 5.48 23.35
C GLN C 392 -9.63 4.78 22.10
N SER C 393 -10.37 4.85 20.98
CA SER C 393 -9.90 4.36 19.69
C SER C 393 -10.13 5.40 18.61
N ILE C 394 -9.41 5.27 17.50
CA ILE C 394 -9.57 6.15 16.35
C ILE C 394 -10.00 5.33 15.13
N ASP C 395 -11.13 5.69 14.53
CA ASP C 395 -11.51 5.19 13.20
C ASP C 395 -12.13 6.31 12.34
N TYR C 396 -12.41 6.01 11.08
CA TYR C 396 -12.93 7.01 10.15
C TYR C 396 -14.32 7.52 10.52
N ILE C 397 -15.27 6.61 10.70
CA ILE C 397 -16.69 6.99 10.85
C ILE C 397 -17.07 7.73 12.13
N THR C 398 -16.13 7.88 13.07
CA THR C 398 -16.32 8.66 14.30
C THR C 398 -15.43 9.92 14.35
N ARG C 399 -14.92 10.39 13.21
CA ARG C 399 -14.20 11.68 13.14
C ARG C 399 -15.24 12.80 13.18
N GLY C 400 -15.13 13.72 14.14
CA GLY C 400 -16.12 14.79 14.30
C GLY C 400 -15.63 16.21 14.08
N TYR C 401 -16.40 17.14 14.66
CA TYR C 401 -16.18 18.58 14.57
C TYR C 401 -14.85 19.01 15.23
N CYS C 402 -14.32 18.17 16.11
CA CYS C 402 -12.96 18.37 16.65
C CYS C 402 -11.85 18.64 15.61
N GLU C 403 -12.01 18.10 14.39
CA GLU C 403 -11.08 18.34 13.28
C GLU C 403 -11.06 19.79 12.79
N TYR C 404 -12.19 20.48 12.99
CA TYR C 404 -12.36 21.87 12.58
C TYR C 404 -12.38 22.89 13.72
N PHE C 405 -12.56 22.41 14.96
CA PHE C 405 -12.83 23.27 16.16
C PHE C 405 -11.90 24.48 16.32
N GLN C 406 -10.62 24.30 16.07
CA GLN C 406 -9.66 25.39 16.25
C GLN C 406 -9.93 26.58 15.33
N GLU C 407 -10.27 26.32 14.07
CA GLU C 407 -10.59 27.40 13.10
C GLU C 407 -12.03 27.86 13.17
N TRP C 408 -12.96 26.98 13.56
CA TRP C 408 -14.39 27.23 13.39
C TRP C 408 -15.23 27.55 14.66
N ALA C 409 -14.61 27.55 15.84
CA ALA C 409 -15.37 27.70 17.10
C ALA C 409 -15.97 29.08 17.27
N GLU C 410 -15.14 30.10 17.06
CA GLU C 410 -15.57 31.50 17.17
C GLU C 410 -16.68 31.79 16.16
N ARG C 411 -16.41 31.52 14.87
CA ARG C 411 -17.40 31.69 13.77
C ARG C 411 -18.74 31.04 14.10
N ASP C 412 -18.70 29.78 14.54
CA ASP C 412 -19.91 29.01 14.84
C ASP C 412 -20.65 29.54 16.09
N LEU C 413 -19.91 29.77 17.18
CA LEU C 413 -20.47 30.32 18.41
C LEU C 413 -21.21 31.63 18.15
N LYS C 414 -20.53 32.55 17.48
CA LYS C 414 -21.05 33.90 17.26
C LYS C 414 -22.23 33.94 16.30
N ASN C 415 -22.19 33.14 15.23
CA ASN C 415 -23.36 32.96 14.33
C ASN C 415 -24.60 32.49 15.11
N VAL C 416 -24.41 31.55 16.04
CA VAL C 416 -25.51 31.06 16.86
C VAL C 416 -26.10 32.21 17.70
N MET C 417 -25.23 32.95 18.37
CA MET C 417 -25.65 34.07 19.23
C MET C 417 -26.32 35.20 18.43
N LEU C 418 -25.81 35.50 17.24
CA LEU C 418 -26.49 36.44 16.34
C LEU C 418 -27.90 36.00 15.99
N ARG C 419 -28.07 34.73 15.67
CA ARG C 419 -29.36 34.15 15.28
C ARG C 419 -30.32 34.06 16.47
N SER C 420 -29.77 33.80 17.65
CA SER C 420 -30.56 33.44 18.84
C SER C 420 -30.83 34.56 19.83
N ARG C 421 -29.96 35.58 19.89
CA ARG C 421 -29.93 36.47 21.08
C ARG C 421 -31.17 37.34 21.38
N ASN C 422 -32.14 37.41 20.46
CA ASN C 422 -33.38 38.14 20.70
C ASN C 422 -34.47 37.34 21.39
N HIS C 423 -34.33 36.02 21.42
CA HIS C 423 -35.35 35.15 22.00
C HIS C 423 -35.41 35.32 23.52
N PRO C 424 -36.59 35.74 24.04
CA PRO C 424 -36.73 35.89 25.49
C PRO C 424 -36.61 34.58 26.25
N CYS C 425 -36.94 33.46 25.60
CA CYS C 425 -36.86 32.14 26.22
C CYS C 425 -35.44 31.83 26.70
N ILE C 426 -34.44 32.27 25.93
CA ILE C 426 -33.03 31.98 26.29
C ILE C 426 -32.64 32.77 27.53
N PHE C 427 -32.20 32.03 28.56
CA PHE C 427 -31.79 32.60 29.85
C PHE C 427 -30.43 32.10 30.34
N GLN C 428 -29.72 31.31 29.51
CA GLN C 428 -28.36 30.83 29.77
C GLN C 428 -27.66 30.44 28.47
N TRP C 429 -26.37 30.76 28.36
CA TRP C 429 -25.50 30.25 27.29
C TRP C 429 -24.52 29.28 27.91
N SER C 430 -24.63 27.99 27.60
CA SER C 430 -23.66 27.00 28.04
C SER C 430 -22.55 26.83 26.98
N ILE C 431 -21.30 26.91 27.41
CA ILE C 431 -20.15 26.80 26.49
C ILE C 431 -19.67 25.38 26.26
N GLY C 432 -20.10 24.44 27.10
CA GLY C 432 -19.65 23.06 27.01
C GLY C 432 -20.44 22.10 27.88
N ASN C 433 -20.28 20.81 27.59
CA ASN C 433 -20.93 19.73 28.33
C ASN C 433 -19.90 18.67 28.73
N GLU C 434 -19.93 18.24 30.00
CA GLU C 434 -19.02 17.21 30.58
C GLU C 434 -17.60 17.21 29.95
N ILE C 435 -17.06 18.41 29.83
CA ILE C 435 -15.83 18.66 29.11
C ILE C 435 -14.62 18.04 29.85
N GLU C 436 -14.68 18.03 31.19
CA GLU C 436 -13.56 17.62 32.06
C GLU C 436 -12.88 16.29 31.65
N TRP C 437 -13.69 15.33 31.21
CA TRP C 437 -13.22 14.03 30.71
C TRP C 437 -12.14 14.10 29.63
N THR C 438 -12.16 15.16 28.81
CA THR C 438 -11.37 15.21 27.57
C THR C 438 -9.96 15.79 27.69
N TYR C 439 -9.62 16.36 28.85
CA TYR C 439 -8.28 16.93 29.10
C TYR C 439 -7.57 16.08 30.16
N LYS C 440 -6.44 15.47 29.78
CA LYS C 440 -5.61 14.68 30.71
C LYS C 440 -5.28 15.49 31.94
N GLY C 441 -5.53 14.90 33.11
CA GLY C 441 -5.24 15.52 34.40
C GLY C 441 -6.44 15.85 35.29
N CYS C 442 -7.62 16.05 34.70
CA CYS C 442 -8.79 16.51 35.46
C CYS C 442 -9.29 15.48 36.46
N LYS C 443 -9.74 14.34 35.96
CA LYS C 443 -10.26 13.27 36.81
C LYS C 443 -9.20 12.75 37.79
N GLU C 444 -7.93 12.77 37.36
CA GLU C 444 -6.79 12.34 38.19
C GLU C 444 -6.51 13.28 39.37
N SER C 445 -6.87 14.56 39.22
CA SER C 445 -6.61 15.59 40.25
C SER C 445 -7.70 15.65 41.34
N THR C 446 -8.84 15.03 41.08
CA THR C 446 -9.77 14.65 42.13
C THR C 446 -9.24 13.33 42.70
N GLY C 447 -9.70 12.95 43.87
CA GLY C 447 -9.39 11.62 44.39
C GLY C 447 -10.12 10.48 43.69
N PHE C 448 -11.26 10.80 43.06
CA PHE C 448 -12.32 9.82 42.77
C PHE C 448 -11.94 8.51 42.10
N PHE C 449 -10.85 8.47 41.31
CA PHE C 449 -10.47 7.26 40.55
C PHE C 449 -9.03 6.80 40.86
N SER C 450 -8.66 6.89 42.14
CA SER C 450 -7.29 6.73 42.67
C SER C 450 -6.51 5.53 42.11
N TYR C 457 -18.29 8.14 42.43
CA TYR C 457 -18.22 9.61 42.45
C TYR C 457 -19.58 10.33 42.41
N PHE C 458 -20.62 9.69 41.86
CA PHE C 458 -22.00 10.22 41.90
C PHE C 458 -22.45 10.53 43.32
N TRP C 459 -22.13 9.65 44.26
CA TRP C 459 -22.71 9.71 45.61
C TRP C 459 -21.73 10.19 46.69
N ASN C 460 -20.61 10.81 46.29
CA ASN C 460 -19.58 11.22 47.23
C ASN C 460 -18.89 12.50 46.84
N GLN C 461 -18.42 13.23 47.85
CA GLN C 461 -17.51 14.36 47.66
C GLN C 461 -16.08 13.81 47.53
N PRO C 462 -15.15 14.59 46.93
CA PRO C 462 -13.80 14.07 46.70
C PRO C 462 -13.10 13.53 47.94
N PRO C 463 -12.30 12.46 47.78
CA PRO C 463 -11.37 12.04 48.83
C PRO C 463 -10.39 13.16 49.19
N TYR C 464 -9.85 13.82 48.18
CA TYR C 464 -8.93 14.93 48.40
C TYR C 464 -9.70 16.15 48.88
N SER C 465 -9.00 17.04 49.60
CA SER C 465 -9.56 18.31 50.03
C SER C 465 -9.34 19.33 48.92
N THR C 466 -9.79 20.57 49.15
CA THR C 466 -9.59 21.68 48.21
C THR C 466 -8.09 21.93 47.91
N GLN C 467 -7.29 22.01 48.97
CA GLN C 467 -5.85 22.24 48.85
C GLN C 467 -5.13 21.13 48.09
N ARG C 468 -5.52 19.89 48.34
CA ARG C 468 -4.90 18.73 47.69
C ARG C 468 -5.27 18.64 46.19
N ILE C 469 -6.49 19.03 45.85
CA ILE C 469 -6.93 19.09 44.45
C ILE C 469 -6.08 20.11 43.68
N ARG C 470 -5.74 21.22 44.32
CA ARG C 470 -4.84 22.24 43.73
C ARG C 470 -3.39 21.77 43.56
N GLU C 471 -2.88 21.07 44.57
CA GLU C 471 -1.53 20.51 44.54
C GLU C 471 -1.37 19.46 43.44
N GLU C 472 -2.42 18.67 43.24
CA GLU C 472 -2.40 17.59 42.26
C GLU C 472 -2.53 18.12 40.83
N TRP C 473 -3.38 19.13 40.62
CA TRP C 473 -3.51 19.78 39.31
C TRP C 473 -2.20 20.42 38.83
N ALA C 474 -1.51 21.16 39.71
CA ALA C 474 -0.24 21.80 39.37
C ALA C 474 0.90 20.82 39.08
N LYS C 475 0.77 19.58 39.55
CA LYS C 475 1.74 18.52 39.22
C LYS C 475 1.48 17.91 37.84
N GLN C 476 0.23 17.92 37.37
CA GLN C 476 -0.12 17.35 36.06
C GLN C 476 0.62 18.07 34.93
N PRO C 477 1.15 17.29 33.97
CA PRO C 477 1.98 17.90 32.94
C PRO C 477 1.15 18.62 31.86
N LYS C 478 1.71 19.71 31.33
CA LYS C 478 1.04 20.51 30.30
C LYS C 478 0.81 19.74 28.98
N GLN C 479 -0.45 19.70 28.55
CA GLN C 479 -0.82 19.31 27.19
C GLN C 479 -0.70 20.55 26.27
N THR C 480 -0.93 20.29 24.98
CA THR C 480 -1.11 21.32 23.97
C THR C 480 -2.18 22.34 24.37
N TYR C 481 -3.34 21.84 24.79
CA TYR C 481 -4.47 22.67 25.22
C TYR C 481 -4.76 22.50 26.72
N ASP C 482 -5.48 23.47 27.28
CA ASP C 482 -5.80 23.51 28.70
C ASP C 482 -7.27 23.90 28.88
N ILE C 483 -8.02 23.09 29.63
CA ILE C 483 -9.45 23.32 29.83
C ILE C 483 -9.81 24.73 30.30
N GLY C 484 -8.97 25.32 31.14
CA GLY C 484 -9.22 26.67 31.67
C GLY C 484 -9.04 27.80 30.65
N ARG C 485 -7.97 27.74 29.87
CA ARG C 485 -7.67 28.77 28.84
C ARG C 485 -8.67 28.74 27.66
N THR C 486 -9.10 27.54 27.26
CA THR C 486 -10.14 27.41 26.23
C THR C 486 -11.52 27.93 26.76
N ALA C 487 -11.94 27.46 27.93
CA ALA C 487 -13.14 28.00 28.60
C ALA C 487 -13.19 29.53 28.62
N LYS C 488 -12.04 30.13 28.94
CA LYS C 488 -11.91 31.59 29.03
C LYS C 488 -12.11 32.28 27.66
N LYS C 489 -11.56 31.70 26.59
CA LYS C 489 -11.77 32.25 25.25
C LYS C 489 -13.21 32.17 24.82
N LEU C 490 -13.78 30.97 24.95
CA LEU C 490 -15.19 30.71 24.61
C LEU C 490 -16.16 31.59 25.39
N ALA C 491 -15.83 31.81 26.68
CA ALA C 491 -16.58 32.72 27.52
C ALA C 491 -16.46 34.18 27.08
N ALA C 492 -15.23 34.62 26.79
CA ALA C 492 -15.00 35.99 26.32
C ALA C 492 -15.64 36.27 24.95
N TRP C 493 -15.68 35.26 24.07
CA TRP C 493 -16.46 35.37 22.82
C TRP C 493 -17.96 35.47 23.09
N THR C 494 -18.46 34.72 24.08
CA THR C 494 -19.87 34.78 24.43
C THR C 494 -20.21 36.18 24.94
N ARG C 495 -19.39 36.71 25.85
CA ARG C 495 -19.61 38.02 26.46
C ARG C 495 -19.56 39.16 25.44
N GLU C 496 -18.78 39.00 24.38
CA GLU C 496 -18.75 39.95 23.25
C GLU C 496 -20.07 40.08 22.54
N MET C 497 -20.82 38.99 22.47
CA MET C 497 -22.11 39.00 21.79
C MET C 497 -23.29 39.38 22.70
N ASP C 498 -23.15 39.16 24.02
CA ASP C 498 -24.27 39.27 24.96
C ASP C 498 -23.77 39.13 26.41
N THR C 499 -24.01 40.17 27.22
CA THR C 499 -23.82 40.11 28.66
C THR C 499 -25.15 40.08 29.42
N THR C 500 -26.29 40.09 28.70
CA THR C 500 -27.61 40.11 29.34
C THR C 500 -28.10 38.72 29.78
N ARG C 501 -27.34 37.68 29.48
CA ARG C 501 -27.64 36.33 29.98
C ARG C 501 -26.35 35.68 30.50
N PRO C 502 -26.47 34.85 31.55
CA PRO C 502 -25.28 34.26 32.16
C PRO C 502 -24.62 33.16 31.30
N VAL C 503 -23.28 33.20 31.26
CA VAL C 503 -22.45 32.15 30.68
C VAL C 503 -22.36 31.01 31.70
N THR C 504 -22.65 29.80 31.27
CA THR C 504 -22.67 28.63 32.15
C THR C 504 -21.91 27.49 31.49
N ALA C 505 -21.90 26.32 32.12
CA ALA C 505 -21.41 25.07 31.50
C ALA C 505 -21.84 23.89 32.36
N ASN C 506 -22.03 22.72 31.74
CA ASN C 506 -22.37 21.50 32.47
C ASN C 506 -21.11 20.71 32.90
N CYS C 507 -20.68 20.96 34.14
CA CYS C 507 -19.48 20.37 34.75
C CYS C 507 -19.71 18.99 35.41
N ILE C 508 -19.10 17.95 34.87
CA ILE C 508 -19.15 16.59 35.45
C ILE C 508 -18.25 16.42 36.71
N LEU C 509 -17.26 17.31 36.89
CA LEU C 509 -16.34 17.25 38.03
C LEU C 509 -16.01 18.68 38.50
N PRO C 510 -16.97 19.33 39.17
CA PRO C 510 -16.76 20.72 39.63
C PRO C 510 -15.66 20.87 40.67
N SER C 511 -15.46 19.83 41.49
CA SER C 511 -14.31 19.76 42.40
C SER C 511 -13.01 20.25 41.76
N ILE C 512 -12.69 19.71 40.58
CA ILE C 512 -11.48 20.13 39.83
C ILE C 512 -11.74 21.44 39.07
N SER C 513 -12.92 21.57 38.49
CA SER C 513 -13.22 22.73 37.62
C SER C 513 -13.26 24.07 38.35
N TYR C 514 -13.59 24.04 39.64
CA TYR C 514 -13.43 25.20 40.55
C TYR C 514 -12.00 25.72 40.64
N GLU C 515 -10.99 24.87 40.43
CA GLU C 515 -9.59 25.26 40.57
C GLU C 515 -8.82 25.53 39.26
N THR C 516 -9.34 25.06 38.13
CA THR C 516 -8.62 25.15 36.85
C THR C 516 -8.81 26.46 36.07
N GLY C 517 -9.78 27.29 36.47
CA GLY C 517 -10.12 28.52 35.74
C GLY C 517 -11.37 28.39 34.88
N TYR C 518 -11.86 27.15 34.74
CA TYR C 518 -13.09 26.83 34.02
C TYR C 518 -14.28 27.50 34.70
N ILE C 519 -14.57 27.11 35.94
CA ILE C 519 -15.72 27.67 36.68
C ILE C 519 -15.53 29.16 36.94
N ASP C 520 -14.28 29.61 37.06
CA ASP C 520 -13.94 31.06 37.20
C ASP C 520 -14.45 31.90 36.02
N ALA C 521 -14.52 31.31 34.83
CA ALA C 521 -15.06 31.99 33.65
C ALA C 521 -16.59 31.91 33.50
N LEU C 522 -17.28 31.32 34.49
CA LEU C 522 -18.74 31.12 34.42
C LEU C 522 -19.51 32.03 35.36
N ASP C 523 -20.64 32.54 34.90
CA ASP C 523 -21.56 33.31 35.74
C ASP C 523 -22.31 32.35 36.64
N VAL C 524 -22.80 31.24 36.07
CA VAL C 524 -23.41 30.14 36.82
C VAL C 524 -22.63 28.84 36.60
N ALA C 525 -22.23 28.20 37.70
CA ALA C 525 -21.64 26.87 37.69
C ALA C 525 -22.75 25.83 37.55
N GLY C 526 -22.82 25.16 36.41
CA GLY C 526 -23.73 24.02 36.25
C GLY C 526 -23.10 22.71 36.68
N PHE C 527 -23.86 21.89 37.41
CA PHE C 527 -23.39 20.60 37.94
C PHE C 527 -24.09 19.43 37.22
N SER C 528 -23.29 18.48 36.72
CA SER C 528 -23.80 17.28 36.05
C SER C 528 -23.75 16.11 37.01
N TYR C 529 -24.91 15.78 37.56
CA TYR C 529 -25.06 14.68 38.52
C TYR C 529 -24.21 14.86 39.80
N ARG C 530 -24.18 16.08 40.33
CA ARG C 530 -23.44 16.38 41.54
C ARG C 530 -24.34 17.03 42.59
N ARG C 531 -25.44 16.36 42.95
CA ARG C 531 -26.25 16.86 44.08
C ARG C 531 -25.53 16.75 45.45
N VAL C 532 -24.63 15.77 45.59
CA VAL C 532 -23.77 15.67 46.79
C VAL C 532 -22.68 16.74 46.84
N MET C 533 -22.54 17.54 45.78
CA MET C 533 -21.65 18.72 45.79
C MET C 533 -22.36 20.06 46.00
N TYR C 534 -23.68 20.08 46.19
CA TYR C 534 -24.39 21.35 46.42
C TYR C 534 -23.93 22.04 47.71
N ASP C 535 -23.79 21.27 48.78
CA ASP C 535 -23.25 21.77 50.06
C ASP C 535 -21.79 22.15 49.93
N TYR C 536 -21.03 21.38 49.13
CA TYR C 536 -19.63 21.70 48.83
C TYR C 536 -19.52 23.11 48.24
N ALA C 537 -20.31 23.39 47.21
CA ALA C 537 -20.35 24.69 46.54
C ALA C 537 -20.64 25.81 47.52
N HIS C 538 -21.71 25.65 48.30
CA HIS C 538 -22.12 26.66 49.28
C HIS C 538 -21.09 26.90 50.40
N LYS C 539 -20.33 25.87 50.77
CA LYS C 539 -19.26 26.02 51.76
C LYS C 539 -18.01 26.69 51.16
N ASN C 540 -17.54 26.16 50.03
CA ASN C 540 -16.21 26.53 49.50
C ASN C 540 -16.19 27.70 48.53
N TYR C 541 -17.25 27.86 47.73
CA TYR C 541 -17.36 28.95 46.76
C TYR C 541 -18.77 29.56 46.76
N PRO C 542 -19.20 30.12 47.91
CA PRO C 542 -20.58 30.67 48.07
C PRO C 542 -20.97 31.81 47.12
N ASP C 543 -20.00 32.53 46.57
CA ASP C 543 -20.27 33.68 45.72
C ASP C 543 -20.57 33.31 44.27
N LYS C 544 -20.23 32.10 43.81
CA LYS C 544 -20.64 31.64 42.44
C LYS C 544 -21.88 30.77 42.48
N PRO C 545 -22.96 31.24 41.85
CA PRO C 545 -24.18 30.44 41.75
C PRO C 545 -23.94 29.04 41.20
N ALA C 546 -24.61 28.05 41.79
CA ALA C 546 -24.52 26.66 41.38
C ALA C 546 -25.92 26.09 41.17
N MET C 547 -26.02 25.15 40.23
CA MET C 547 -27.30 24.65 39.76
C MET C 547 -27.11 23.27 39.16
N GLY C 548 -28.18 22.46 39.16
CA GLY C 548 -28.19 21.19 38.46
C GLY C 548 -28.42 21.46 36.97
N THR C 549 -27.40 21.26 36.15
CA THR C 549 -27.53 21.40 34.69
C THR C 549 -27.77 20.06 33.99
N GLU C 550 -27.57 18.93 34.68
CA GLU C 550 -28.04 17.63 34.17
C GLU C 550 -28.28 16.67 35.34
N ASN C 551 -29.48 16.09 35.38
CA ASN C 551 -29.95 15.34 36.53
C ASN C 551 -30.87 14.18 36.17
N LEU C 552 -31.03 13.27 37.13
CA LEU C 552 -31.80 12.04 36.97
C LEU C 552 -33.26 12.31 37.25
N GLY C 553 -34.15 11.58 36.56
CA GLY C 553 -35.59 11.76 36.72
C GLY C 553 -36.10 11.07 37.97
N GLN C 554 -35.69 11.57 39.13
CA GLN C 554 -35.97 10.94 40.43
C GLN C 554 -36.25 11.97 41.52
N TRP C 555 -37.00 11.56 42.53
CA TRP C 555 -37.38 12.42 43.66
C TRP C 555 -36.16 12.89 44.49
N HIS C 556 -35.14 12.05 44.58
CA HIS C 556 -33.96 12.42 45.36
C HIS C 556 -33.17 13.63 44.81
N GLU C 557 -33.43 13.98 43.54
CA GLU C 557 -32.84 15.16 42.89
C GLU C 557 -33.66 16.42 43.12
N TRP C 558 -34.99 16.29 42.99
CA TRP C 558 -35.88 17.41 43.25
C TRP C 558 -35.92 17.76 44.75
N LYS C 559 -35.86 16.73 45.59
CA LYS C 559 -35.72 16.88 47.06
C LYS C 559 -34.52 17.75 47.44
N ALA C 560 -33.37 17.51 46.79
CA ALA C 560 -32.12 18.26 47.06
C ALA C 560 -32.17 19.73 46.60
N VAL C 561 -32.99 20.00 45.60
CA VAL C 561 -33.24 21.37 45.10
C VAL C 561 -34.11 22.15 46.09
N ILE C 562 -35.28 21.59 46.42
CA ILE C 562 -36.27 22.32 47.26
C ILE C 562 -35.81 22.61 48.69
N GLU C 563 -34.89 21.80 49.21
CA GLU C 563 -34.27 22.02 50.52
C GLU C 563 -33.19 23.11 50.55
N ARG C 564 -32.74 23.57 49.38
CA ARG C 564 -31.64 24.53 49.27
C ARG C 564 -32.04 25.75 48.43
N ASP C 565 -32.11 26.91 49.07
CA ASP C 565 -32.43 28.16 48.37
C ASP C 565 -31.29 28.57 47.43
N TYR C 566 -30.07 28.20 47.80
CA TYR C 566 -28.88 28.45 46.96
C TYR C 566 -28.72 27.52 45.75
N ILE C 567 -29.69 26.63 45.48
CA ILE C 567 -29.71 25.80 44.28
C ILE C 567 -31.05 26.00 43.56
N PRO C 568 -31.05 26.81 42.49
CA PRO C 568 -32.33 27.18 41.91
C PRO C 568 -33.04 26.13 41.07
N GLY C 569 -32.36 25.05 40.69
CA GLY C 569 -33.05 24.01 39.91
C GLY C 569 -32.22 22.90 39.32
N MET C 570 -32.90 22.10 38.49
CA MET C 570 -32.34 20.90 37.90
C MET C 570 -32.84 20.74 36.45
N PHE C 571 -32.10 19.94 35.68
CA PHE C 571 -32.43 19.64 34.29
C PHE C 571 -32.43 18.12 34.05
N ILE C 572 -33.62 17.53 33.98
CA ILE C 572 -33.77 16.06 33.89
C ILE C 572 -33.26 15.51 32.55
N TRP C 573 -32.48 14.43 32.62
CA TRP C 573 -32.02 13.71 31.45
C TRP C 573 -32.95 12.49 31.28
N THR C 574 -33.89 12.47 30.35
CA THR C 574 -34.25 13.54 29.41
C THR C 574 -35.75 13.80 29.52
N GLY C 575 -36.20 14.87 28.87
CA GLY C 575 -37.63 15.14 28.74
C GLY C 575 -38.31 14.18 27.79
N VAL C 576 -37.60 13.79 26.74
CA VAL C 576 -38.11 12.82 25.76
C VAL C 576 -37.01 11.86 25.31
N ASP C 577 -37.40 10.60 25.14
CA ASP C 577 -36.53 9.62 24.54
C ASP C 577 -36.02 10.11 23.19
N TYR C 578 -34.75 9.79 22.93
CA TYR C 578 -34.03 10.21 21.70
C TYR C 578 -33.30 9.00 21.13
N LEU C 579 -33.28 8.89 19.80
CA LEU C 579 -32.59 7.82 19.10
C LEU C 579 -31.09 7.87 19.35
N GLY C 580 -30.48 6.70 19.58
CA GLY C 580 -29.04 6.57 19.74
C GLY C 580 -28.53 6.54 21.18
N GLU C 581 -27.20 6.66 21.32
CA GLU C 581 -26.47 6.40 22.57
C GLU C 581 -26.74 4.97 23.08
N VAL C 582 -26.86 4.03 22.15
CA VAL C 582 -27.03 2.59 22.42
C VAL C 582 -25.92 1.82 21.67
N GLY C 583 -26.04 0.49 21.60
CA GLY C 583 -25.00 -0.37 21.01
C GLY C 583 -23.89 -0.84 21.95
N THR C 584 -23.86 -0.35 23.19
CA THR C 584 -22.90 -0.85 24.20
C THR C 584 -23.38 -2.18 24.79
N LYS C 585 -22.54 -2.84 25.61
CA LYS C 585 -22.82 -4.22 26.09
C LYS C 585 -24.22 -4.44 26.67
N GLY C 586 -24.75 -3.47 27.41
CA GLY C 586 -26.14 -3.60 27.89
C GLY C 586 -27.24 -3.58 26.83
N ARG C 587 -26.99 -2.93 25.70
CA ARG C 587 -28.06 -2.33 24.87
C ARG C 587 -27.92 -2.67 23.39
N GLU C 588 -27.78 -3.96 23.09
CA GLU C 588 -27.59 -4.42 21.72
C GLU C 588 -28.77 -4.08 20.85
N TRP C 589 -28.55 -4.08 19.54
CA TRP C 589 -29.63 -4.13 18.58
C TRP C 589 -30.60 -5.23 19.01
N PRO C 590 -31.92 -5.02 18.95
CA PRO C 590 -32.58 -3.90 18.27
C PRO C 590 -33.02 -2.71 19.17
N GLN C 591 -32.41 -2.58 20.35
CA GLN C 591 -32.59 -1.38 21.15
C GLN C 591 -32.15 -0.14 20.35
N ARG C 592 -33.03 0.86 20.27
CA ARG C 592 -32.69 2.11 19.57
C ARG C 592 -32.65 3.36 20.46
N ALA C 593 -32.95 3.22 21.75
CA ALA C 593 -32.93 4.33 22.70
C ALA C 593 -32.73 3.82 24.14
N ILE C 594 -32.21 4.69 25.01
CA ILE C 594 -31.98 4.33 26.40
C ILE C 594 -33.30 4.10 27.15
N GLY C 595 -34.29 4.97 26.94
CA GLY C 595 -35.52 4.95 27.77
C GLY C 595 -35.41 5.86 28.99
N CYS C 596 -34.45 6.79 28.96
CA CYS C 596 -34.21 7.72 30.06
C CYS C 596 -35.27 8.83 30.15
N GLY C 597 -36.08 8.97 29.11
CA GLY C 597 -37.01 10.09 28.98
C GLY C 597 -38.33 9.99 29.72
N LEU C 598 -38.88 11.14 30.10
CA LEU C 598 -40.20 11.21 30.73
C LEU C 598 -41.27 10.83 29.70
N LEU C 599 -41.12 11.33 28.47
CA LEU C 599 -41.98 10.95 27.34
C LEU C 599 -41.27 9.97 26.40
N ASP C 600 -42.02 8.96 25.92
CA ASP C 600 -41.46 7.98 24.98
C ASP C 600 -41.26 8.59 23.60
N LEU C 601 -40.73 7.79 22.68
CA LEU C 601 -40.39 8.23 21.34
C LEU C 601 -41.59 8.70 20.51
N ALA C 602 -42.78 8.25 20.89
CA ALA C 602 -44.04 8.73 20.33
C ALA C 602 -44.58 9.96 21.04
N GLY C 603 -43.91 10.44 22.08
CA GLY C 603 -44.39 11.53 22.88
C GLY C 603 -45.50 11.16 23.86
N PHE C 604 -45.74 9.87 24.09
CA PHE C 604 -46.71 9.43 25.10
C PHE C 604 -46.13 9.63 26.50
N GLU C 605 -47.01 9.75 27.48
CA GLU C 605 -46.60 9.90 28.87
C GLU C 605 -46.15 8.56 29.43
N LYS C 606 -44.91 8.49 29.90
CA LYS C 606 -44.40 7.27 30.53
C LYS C 606 -44.55 7.42 32.04
N PRO C 607 -44.37 6.31 32.79
CA PRO C 607 -44.41 6.35 34.24
C PRO C 607 -43.59 7.45 34.92
N SER C 608 -42.34 7.66 34.50
CA SER C 608 -41.49 8.70 35.08
C SER C 608 -42.04 10.12 34.87
N PHE C 609 -42.79 10.33 33.81
CA PHE C 609 -43.48 11.61 33.60
C PHE C 609 -44.54 11.84 34.67
N HIS C 610 -45.35 10.81 34.93
CA HIS C 610 -46.38 10.90 35.98
C HIS C 610 -45.78 11.11 37.35
N MET C 611 -44.57 10.58 37.60
CA MET C 611 -43.86 10.84 38.85
C MET C 611 -43.46 12.32 38.94
N MET C 612 -42.75 12.81 37.93
CA MET C 612 -42.34 14.21 37.90
C MET C 612 -43.55 15.18 37.92
N LYS C 613 -44.64 14.78 37.27
CA LYS C 613 -45.91 15.53 37.35
C LYS C 613 -46.43 15.68 38.78
N SER C 614 -46.26 14.64 39.58
CA SER C 614 -46.66 14.64 40.99
C SER C 614 -45.80 15.58 41.87
N LEU C 615 -44.57 15.85 41.43
CA LEU C 615 -43.66 16.72 42.15
C LEU C 615 -43.70 18.16 41.64
N TRP C 616 -44.21 18.37 40.43
CA TRP C 616 -44.12 19.68 39.75
C TRP C 616 -45.43 20.44 39.53
N THR C 617 -46.58 19.79 39.59
CA THR C 617 -47.88 20.49 39.49
C THR C 617 -48.49 20.61 40.89
N ASP C 618 -49.31 21.65 41.08
CA ASP C 618 -50.01 21.92 42.35
C ASP C 618 -51.40 21.27 42.44
N ALA C 619 -52.11 21.19 41.32
CA ALA C 619 -53.46 20.61 41.34
C ALA C 619 -53.42 19.15 41.79
N PRO C 620 -54.42 18.71 42.58
CA PRO C 620 -54.33 17.37 43.13
C PRO C 620 -54.32 16.33 42.02
N PHE C 621 -53.23 15.54 41.98
CA PHE C 621 -52.94 14.57 40.92
C PHE C 621 -52.65 13.18 41.52
N ILE C 622 -53.14 12.12 40.86
CA ILE C 622 -52.89 10.73 41.28
C ILE C 622 -52.69 9.85 40.03
N ALA C 623 -51.54 9.19 39.94
CA ALA C 623 -51.23 8.22 38.86
C ALA C 623 -51.00 6.81 39.46
N ILE C 624 -51.76 5.82 38.98
CA ILE C 624 -51.79 4.50 39.59
C ILE C 624 -50.99 3.49 38.77
N TYR C 625 -50.06 2.82 39.44
CA TYR C 625 -49.24 1.78 38.82
C TYR C 625 -49.17 0.54 39.72
N SER C 626 -48.59 -0.53 39.20
CA SER C 626 -48.34 -1.76 39.96
C SER C 626 -47.33 -2.67 39.24
N GLN C 627 -46.59 -3.44 40.05
CA GLN C 627 -45.84 -4.62 39.59
C GLN C 627 -46.30 -5.83 40.43
N THR C 628 -45.88 -7.05 40.05
CA THR C 628 -46.06 -8.22 40.93
C THR C 628 -45.12 -8.04 42.11
N ALA C 629 -45.49 -8.53 43.29
CA ALA C 629 -44.64 -8.40 44.48
C ALA C 629 -43.22 -8.94 44.26
N ASN C 630 -43.11 -9.94 43.37
CA ASN C 630 -41.82 -10.53 42.95
C ASN C 630 -40.96 -9.59 42.10
N LYS C 631 -41.58 -8.89 41.15
CA LYS C 631 -40.88 -7.94 40.28
C LYS C 631 -40.74 -6.52 40.85
N SER C 632 -41.42 -6.22 41.95
CA SER C 632 -41.40 -4.87 42.54
C SER C 632 -40.07 -4.52 43.19
N SER C 633 -39.76 -3.22 43.22
CA SER C 633 -38.54 -2.72 43.86
C SER C 633 -38.73 -2.42 45.35
N TYR C 634 -39.90 -2.76 45.89
CA TYR C 634 -40.27 -2.48 47.29
C TYR C 634 -40.97 -3.70 47.89
N VAL C 635 -40.85 -3.84 49.21
CA VAL C 635 -41.39 -4.98 49.95
C VAL C 635 -42.04 -4.51 51.26
N GLU C 636 -43.09 -5.21 51.69
CA GLU C 636 -43.79 -4.92 52.94
C GLU C 636 -43.40 -5.89 54.08
N LYS C 637 -43.00 -5.34 55.23
CA LYS C 637 -42.73 -6.11 56.47
C LYS C 637 -43.38 -5.42 57.68
N ASP C 638 -44.29 -6.13 58.35
CA ASP C 638 -44.94 -5.65 59.59
C ASP C 638 -45.71 -4.33 59.40
N GLY C 639 -46.30 -4.14 58.22
CA GLY C 639 -47.10 -2.96 57.89
C GLY C 639 -46.45 -1.95 56.96
N LYS C 640 -45.15 -1.69 57.16
CA LYS C 640 -44.41 -0.63 56.42
C LYS C 640 -43.66 -1.16 55.20
N PHE C 641 -43.43 -0.28 54.22
CA PHE C 641 -42.74 -0.61 52.97
C PHE C 641 -41.30 -0.11 52.98
N THR C 642 -40.36 -0.92 52.49
CA THR C 642 -38.94 -0.52 52.32
C THR C 642 -38.42 -0.94 50.96
N ASP C 643 -37.23 -0.44 50.60
CA ASP C 643 -36.55 -0.86 49.37
C ASP C 643 -36.19 -2.34 49.47
N LYS C 644 -36.39 -3.07 48.39
CA LYS C 644 -36.11 -4.51 48.35
C LYS C 644 -34.62 -4.82 48.49
N ASP C 645 -33.81 -4.13 47.69
CA ASP C 645 -32.36 -4.31 47.65
C ASP C 645 -31.69 -3.05 48.25
N PRO C 646 -31.06 -3.17 49.44
CA PRO C 646 -30.41 -1.98 50.04
C PRO C 646 -29.12 -1.50 49.37
N LYS C 647 -28.55 -2.28 48.45
CA LYS C 647 -27.49 -1.78 47.57
C LYS C 647 -28.02 -0.68 46.65
N LYS C 648 -29.30 -0.77 46.30
CA LYS C 648 -29.95 0.13 45.33
C LYS C 648 -31.10 0.89 46.01
N PRO C 649 -30.77 1.80 46.95
CA PRO C 649 -31.80 2.53 47.70
C PRO C 649 -32.52 3.58 46.85
N TRP C 650 -33.70 4.02 47.31
CA TRP C 650 -34.46 5.07 46.62
C TRP C 650 -33.63 6.35 46.45
N THR C 651 -32.70 6.60 47.38
CA THR C 651 -31.77 7.73 47.30
C THR C 651 -30.81 7.72 46.09
N GLN C 652 -30.62 6.57 45.43
CA GLN C 652 -29.63 6.44 44.33
C GLN C 652 -30.20 5.87 43.02
N ARG C 653 -31.51 6.00 42.83
CA ARG C 653 -32.16 5.54 41.62
C ARG C 653 -31.65 6.37 40.43
N LEU C 654 -31.45 5.71 39.29
CA LEU C 654 -30.76 6.35 38.17
C LEU C 654 -31.76 6.87 37.10
N TRP C 655 -31.43 6.71 35.81
CA TRP C 655 -32.13 7.36 34.72
C TRP C 655 -33.45 6.65 34.39
N VAL C 656 -33.36 5.37 34.04
CA VAL C 656 -34.48 4.64 33.43
C VAL C 656 -35.38 4.06 34.51
N TRP C 657 -36.67 4.40 34.45
CA TRP C 657 -37.67 3.90 35.39
C TRP C 657 -37.92 2.40 35.19
N GLU C 658 -38.59 1.78 36.16
CA GLU C 658 -39.01 0.38 36.04
C GLU C 658 -40.11 0.23 35.00
N ASP C 659 -40.22 -0.96 34.42
CA ASP C 659 -41.27 -1.29 33.46
C ASP C 659 -42.54 -1.63 34.22
N VAL C 660 -43.18 -0.63 34.82
CA VAL C 660 -44.36 -0.88 35.65
C VAL C 660 -45.62 -0.99 34.80
N ASN C 661 -46.66 -1.63 35.33
CA ASN C 661 -47.96 -1.81 34.65
C ASN C 661 -49.04 -0.81 35.11
N SER C 662 -49.70 -0.17 34.14
CA SER C 662 -50.88 0.65 34.40
C SER C 662 -52.14 -0.22 34.53
N HIS C 663 -52.10 -1.41 33.93
CA HIS C 663 -53.25 -2.30 33.88
C HIS C 663 -53.56 -3.03 35.20
N TRP C 664 -54.71 -3.69 35.21
CA TRP C 664 -55.19 -4.49 36.33
C TRP C 664 -55.75 -5.79 35.78
N ASN C 665 -54.84 -6.62 35.28
CA ASN C 665 -55.15 -7.82 34.49
C ASN C 665 -54.06 -8.84 34.80
N TYR C 666 -53.94 -9.17 36.09
CA TYR C 666 -53.04 -10.22 36.58
C TYR C 666 -53.80 -11.56 36.62
N THR C 667 -53.23 -12.59 37.26
CA THR C 667 -53.96 -13.87 37.52
C THR C 667 -54.40 -13.95 38.98
N LYS C 668 -55.63 -14.45 39.20
CA LYS C 668 -56.24 -14.50 40.53
C LYS C 668 -55.28 -15.13 41.55
N GLY C 669 -55.21 -14.52 42.72
CA GLY C 669 -54.31 -14.96 43.78
C GLY C 669 -53.01 -14.18 43.86
N GLU C 670 -52.42 -13.86 42.70
CA GLU C 670 -51.10 -13.20 42.59
C GLU C 670 -50.94 -11.96 43.50
N LYS C 671 -49.98 -12.04 44.42
CA LYS C 671 -49.68 -10.93 45.32
C LYS C 671 -49.04 -9.79 44.51
N VAL C 672 -49.50 -8.57 44.72
CA VAL C 672 -49.11 -7.42 43.89
C VAL C 672 -48.88 -6.20 44.79
N VAL C 673 -47.85 -5.40 44.46
CA VAL C 673 -47.60 -4.12 45.13
C VAL C 673 -48.00 -2.94 44.21
N VAL C 674 -49.14 -2.34 44.54
CA VAL C 674 -49.61 -1.11 43.90
C VAL C 674 -48.69 0.05 44.31
N GLU C 675 -48.19 0.81 43.33
CA GLU C 675 -47.42 2.03 43.57
C GLU C 675 -48.08 3.22 42.88
N ILE C 676 -48.25 4.29 43.66
CA ILE C 676 -48.99 5.48 43.25
C ILE C 676 -48.09 6.70 43.42
N TYR C 677 -48.04 7.56 42.40
CA TYR C 677 -47.29 8.83 42.48
C TYR C 677 -48.32 9.96 42.57
N SER C 678 -48.22 10.80 43.60
CA SER C 678 -49.23 11.82 43.85
C SER C 678 -48.68 12.96 44.66
N ASN C 679 -49.30 14.14 44.51
CA ASN C 679 -49.05 15.31 45.38
C ASN C 679 -50.09 15.45 46.51
N CYS C 680 -51.10 14.57 46.53
CA CYS C 680 -52.07 14.48 47.63
C CYS C 680 -51.37 14.00 48.91
N ASP C 681 -51.72 14.64 50.04
CA ASP C 681 -51.08 14.35 51.35
C ASP C 681 -51.75 13.20 52.11
N GLU C 682 -52.91 12.75 51.59
CA GLU C 682 -53.62 11.59 52.09
C GLU C 682 -54.30 10.91 50.88
N ILE C 683 -54.19 9.58 50.80
CA ILE C 683 -54.95 8.79 49.81
C ILE C 683 -55.51 7.56 50.50
N GLU C 684 -56.79 7.27 50.22
CA GLU C 684 -57.42 5.98 50.57
C GLU C 684 -57.51 5.17 49.28
N LEU C 685 -57.22 3.88 49.38
CA LEU C 685 -57.26 2.95 48.25
C LEU C 685 -58.41 1.98 48.43
N PHE C 686 -59.07 1.63 47.33
CA PHE C 686 -60.23 0.73 47.34
C PHE C 686 -60.01 -0.38 46.31
N GLN C 687 -60.25 -1.63 46.70
CA GLN C 687 -60.29 -2.78 45.80
C GLN C 687 -61.74 -3.23 45.71
N ASN C 688 -62.35 -3.10 44.53
CA ASN C 688 -63.72 -3.56 44.28
C ASN C 688 -64.73 -2.99 45.29
N GLY C 689 -64.48 -1.77 45.78
CA GLY C 689 -65.35 -1.13 46.77
C GLY C 689 -64.92 -1.25 48.22
N LYS C 690 -64.24 -2.34 48.59
CA LYS C 690 -63.74 -2.52 49.97
C LYS C 690 -62.46 -1.72 50.15
N SER C 691 -62.41 -0.92 51.21
CA SER C 691 -61.25 -0.09 51.54
C SER C 691 -60.01 -0.94 51.89
N LEU C 692 -58.86 -0.55 51.36
CA LEU C 692 -57.55 -1.16 51.66
C LEU C 692 -56.75 -0.32 52.66
N GLY C 693 -57.32 0.80 53.09
CA GLY C 693 -56.68 1.68 54.06
C GLY C 693 -56.33 3.06 53.52
N LYS C 694 -56.39 4.06 54.39
CA LYS C 694 -55.86 5.39 54.10
C LYS C 694 -54.38 5.38 54.41
N ARG C 695 -53.59 6.03 53.59
CA ARG C 695 -52.16 6.23 53.87
C ARG C 695 -51.83 7.69 53.64
N PHE C 696 -50.64 8.09 54.07
CA PHE C 696 -50.22 9.49 54.05
C PHE C 696 -48.88 9.66 53.35
N LEU C 697 -48.79 10.63 52.42
CA LEU C 697 -47.56 10.92 51.65
C LEU C 697 -46.36 11.09 52.58
N LYS C 698 -46.58 11.86 53.62
CA LYS C 698 -45.66 12.01 54.75
C LYS C 698 -44.93 10.70 55.15
N ASP C 699 -45.66 9.59 55.19
CA ASP C 699 -45.14 8.28 55.63
C ASP C 699 -44.19 7.56 54.65
N PHE C 700 -44.22 7.89 53.36
CA PHE C 700 -43.36 7.24 52.36
C PHE C 700 -42.22 8.17 51.97
N GLU C 701 -41.03 7.83 52.41
CA GLU C 701 -39.83 8.68 52.29
C GLU C 701 -39.38 8.95 50.85
N ASP C 702 -39.71 8.03 49.93
CA ASP C 702 -39.36 8.12 48.51
C ASP C 702 -40.47 8.73 47.61
N HIS C 703 -41.47 9.34 48.24
CA HIS C 703 -42.57 10.05 47.55
C HIS C 703 -43.49 9.14 46.74
N ILE C 704 -43.51 7.85 47.10
CA ILE C 704 -44.30 6.86 46.39
C ILE C 704 -45.23 6.12 47.37
N TYR C 705 -46.53 6.37 47.26
CA TYR C 705 -47.55 5.61 47.99
C TYR C 705 -47.44 4.15 47.55
N LYS C 706 -47.68 3.23 48.49
CA LYS C 706 -47.63 1.79 48.21
C LYS C 706 -48.68 1.03 49.00
N TRP C 707 -49.23 0.00 48.38
CA TRP C 707 -50.17 -0.91 49.04
C TRP C 707 -49.88 -2.34 48.59
N SER C 708 -49.82 -3.27 49.54
CA SER C 708 -49.85 -4.70 49.22
C SER C 708 -51.29 -5.07 48.89
N VAL C 709 -51.49 -5.87 47.85
CA VAL C 709 -52.81 -6.24 47.34
C VAL C 709 -52.74 -7.67 46.82
N ASP C 710 -53.69 -8.52 47.21
CA ASP C 710 -53.88 -9.82 46.55
C ASP C 710 -54.82 -9.57 45.37
N PHE C 711 -54.43 -9.92 44.15
CA PHE C 711 -55.27 -9.64 42.97
C PHE C 711 -56.56 -10.49 42.86
N LYS C 712 -57.66 -9.85 42.45
CA LYS C 712 -58.82 -10.52 41.82
C LYS C 712 -59.41 -9.61 40.71
N ASP C 713 -60.28 -10.15 39.85
CA ASP C 713 -60.94 -9.35 38.80
C ASP C 713 -61.79 -8.22 39.37
N GLY C 714 -61.57 -6.99 38.87
CA GLY C 714 -62.38 -5.83 39.24
C GLY C 714 -61.73 -4.50 38.95
N ASN C 715 -61.35 -3.79 40.01
CA ASN C 715 -60.82 -2.43 39.88
C ASN C 715 -60.20 -1.94 41.18
N ILE C 716 -59.20 -1.07 41.04
CA ILE C 716 -58.66 -0.29 42.15
C ILE C 716 -59.09 1.15 41.93
N VAL C 717 -59.62 1.77 42.99
CA VAL C 717 -59.94 3.20 42.98
C VAL C 717 -59.08 3.85 44.06
N ALA C 718 -58.64 5.08 43.80
CA ALA C 718 -57.81 5.84 44.75
C ALA C 718 -58.39 7.24 44.94
N LYS C 719 -58.90 7.51 46.15
CA LYS C 719 -59.49 8.81 46.48
C LYS C 719 -58.50 9.59 47.33
N GLY C 720 -57.99 10.69 46.78
CA GLY C 720 -56.96 11.49 47.44
C GLY C 720 -57.40 12.93 47.67
N LYS C 721 -56.79 13.56 48.67
CA LYS C 721 -57.03 14.96 49.02
C LYS C 721 -55.72 15.73 49.18
N LYS C 722 -55.69 16.95 48.65
CA LYS C 722 -54.59 17.89 48.87
C LYS C 722 -55.15 19.18 49.44
N ASN C 723 -54.84 19.45 50.72
CA ASN C 723 -55.32 20.65 51.43
C ASN C 723 -56.86 20.88 51.38
N GLY C 724 -57.62 19.80 51.24
CA GLY C 724 -59.07 19.88 51.04
C GLY C 724 -59.53 19.65 49.62
N LYS C 725 -58.70 19.98 48.62
CA LYS C 725 -59.04 19.74 47.21
C LYS C 725 -58.89 18.25 46.91
N LYS C 726 -59.93 17.66 46.32
CA LYS C 726 -60.00 16.21 46.08
C LYS C 726 -59.71 15.83 44.62
N THR C 727 -59.31 14.57 44.42
CA THR C 727 -59.29 13.96 43.10
C THR C 727 -59.43 12.45 43.25
N THR C 728 -59.99 11.84 42.22
CA THR C 728 -60.19 10.39 42.13
C THR C 728 -59.33 9.89 40.96
N SER C 729 -58.97 8.61 41.00
CA SER C 729 -58.26 7.95 39.91
C SER C 729 -58.54 6.46 39.99
N ALA C 730 -58.65 5.80 38.85
CA ALA C 730 -59.05 4.39 38.81
C ALA C 730 -58.35 3.60 37.73
N ILE C 731 -58.32 2.28 37.93
CA ILE C 731 -57.88 1.32 36.92
C ILE C 731 -58.81 0.10 37.00
N TYR C 732 -59.12 -0.47 35.83
CA TYR C 732 -60.12 -1.53 35.71
C TYR C 732 -59.57 -2.78 35.01
N THR C 733 -60.02 -3.96 35.45
CA THR C 733 -59.79 -5.20 34.70
C THR C 733 -60.63 -5.15 33.42
N THR C 734 -60.07 -5.66 32.33
CA THR C 734 -60.70 -5.57 31.01
C THR C 734 -60.90 -6.99 30.49
N LYS C 735 -61.80 -7.15 29.51
CA LYS C 735 -61.88 -8.35 28.69
C LYS C 735 -60.79 -8.29 27.62
N GLU C 736 -60.80 -9.26 26.69
CA GLU C 736 -59.90 -9.25 25.54
C GLU C 736 -60.16 -8.05 24.62
N THR C 737 -59.21 -7.78 23.73
CA THR C 737 -59.35 -6.73 22.74
C THR C 737 -60.51 -7.01 21.78
N ASN C 738 -61.50 -6.11 21.78
CA ASN C 738 -62.62 -6.12 20.84
C ASN C 738 -62.47 -5.06 19.73
N SER C 739 -61.81 -3.94 20.03
CA SER C 739 -61.84 -2.78 19.15
C SER C 739 -60.60 -1.86 19.30
N ILE C 740 -60.23 -1.21 18.19
CA ILE C 740 -59.19 -0.18 18.21
C ILE C 740 -59.88 1.18 18.32
N LYS C 741 -59.55 1.93 19.37
CA LYS C 741 -60.08 3.29 19.59
C LYS C 741 -59.14 4.34 19.02
N LEU C 742 -59.58 5.02 17.96
CA LEU C 742 -58.83 6.11 17.35
C LEU C 742 -59.29 7.49 17.84
N SER C 743 -58.31 8.28 18.32
CA SER C 743 -58.52 9.68 18.71
C SER C 743 -57.64 10.55 17.83
N VAL C 744 -57.87 11.86 17.87
CA VAL C 744 -57.10 12.81 17.07
C VAL C 744 -56.96 14.13 17.81
N ASP C 745 -55.84 14.82 17.60
CA ASP C 745 -55.56 16.06 18.35
C ASP C 745 -56.33 17.28 17.79
N LYS C 746 -56.44 17.38 16.47
CA LYS C 746 -57.17 18.44 15.79
C LYS C 746 -58.12 17.85 14.77
N VAL C 747 -59.39 18.23 14.81
CA VAL C 747 -60.34 17.85 13.75
C VAL C 747 -60.16 18.62 12.43
N ALA C 748 -59.49 19.78 12.47
CA ALA C 748 -59.27 20.63 11.28
C ALA C 748 -57.89 21.25 11.25
N VAL C 749 -57.29 21.28 10.06
CA VAL C 749 -55.98 21.91 9.81
C VAL C 749 -55.94 22.66 8.47
N ASP C 750 -54.82 23.33 8.20
CA ASP C 750 -54.64 24.07 6.94
C ASP C 750 -53.78 23.32 5.94
N ALA C 751 -54.07 23.57 4.66
CA ALA C 751 -53.40 22.93 3.54
C ALA C 751 -52.15 23.72 3.16
N ASN C 752 -51.19 23.75 4.08
CA ASN C 752 -50.02 24.66 4.03
C ASN C 752 -48.69 23.91 3.96
N ASN C 753 -48.75 22.61 3.60
CA ASN C 753 -47.59 21.72 3.56
C ASN C 753 -46.87 21.46 4.91
N THR C 754 -47.45 21.88 6.04
CA THR C 754 -46.76 21.79 7.34
C THR C 754 -47.59 21.28 8.52
N ASP C 755 -48.87 21.68 8.60
CA ASP C 755 -49.77 21.22 9.68
C ASP C 755 -49.81 19.69 9.83
N VAL C 756 -49.60 19.18 11.05
CA VAL C 756 -49.66 17.74 11.29
C VAL C 756 -50.93 17.28 12.03
N ILE C 757 -51.36 16.06 11.72
CA ILE C 757 -52.40 15.35 12.45
C ILE C 757 -51.69 14.31 13.32
N HIS C 758 -51.89 14.36 14.63
CA HIS C 758 -51.51 13.26 15.53
C HIS C 758 -52.69 12.33 15.82
N VAL C 759 -52.68 11.12 15.23
CA VAL C 759 -53.72 10.09 15.46
C VAL C 759 -53.23 9.05 16.48
N THR C 760 -53.95 8.96 17.60
CA THR C 760 -53.63 8.01 18.68
C THR C 760 -54.57 6.79 18.60
N ALA C 761 -54.00 5.59 18.54
CA ALA C 761 -54.74 4.32 18.49
C ALA C 761 -54.59 3.58 19.83
N GLN C 762 -55.71 3.17 20.41
CA GLN C 762 -55.72 2.56 21.75
C GLN C 762 -56.65 1.35 21.74
N LEU C 763 -56.10 0.18 22.06
CA LEU C 763 -56.87 -1.07 22.13
C LEU C 763 -57.90 -1.00 23.27
N ILE C 764 -59.15 -1.38 22.97
CA ILE C 764 -60.24 -1.38 23.97
C ILE C 764 -61.07 -2.65 23.92
N ASP C 765 -61.57 -3.08 25.09
CA ASP C 765 -62.46 -4.25 25.17
C ASP C 765 -63.90 -3.91 24.70
N ARG C 766 -64.80 -4.89 24.75
CA ARG C 766 -66.20 -4.69 24.33
C ARG C 766 -67.00 -3.70 25.20
N ASN C 767 -66.57 -3.48 26.45
CA ASN C 767 -67.16 -2.43 27.29
C ASN C 767 -66.47 -1.07 27.19
N GLY C 768 -65.55 -0.92 26.24
CA GLY C 768 -64.83 0.34 26.00
C GLY C 768 -63.69 0.66 26.96
N ARG C 769 -63.22 -0.32 27.73
CA ARG C 769 -62.13 -0.09 28.69
C ARG C 769 -60.75 -0.25 28.02
N ASN C 770 -59.78 0.53 28.49
CA ASN C 770 -58.45 0.62 27.85
C ASN C 770 -57.58 -0.57 28.19
N ILE C 771 -56.91 -1.10 27.17
CA ILE C 771 -56.05 -2.26 27.31
C ILE C 771 -54.60 -1.84 27.12
N SER C 772 -53.75 -2.13 28.11
CA SER C 772 -52.30 -1.98 27.99
C SER C 772 -51.50 -3.26 28.21
N TRP C 773 -52.17 -4.42 28.24
CA TRP C 773 -51.56 -5.72 28.64
C TRP C 773 -51.33 -6.74 27.50
N GLU C 774 -51.92 -6.50 26.32
CA GLU C 774 -51.61 -7.25 25.09
C GLU C 774 -51.41 -6.27 23.93
N GLU C 775 -50.74 -6.73 22.86
CA GLU C 775 -50.49 -5.92 21.67
C GLU C 775 -51.16 -6.49 20.44
N LYS C 776 -51.22 -5.67 19.38
CA LYS C 776 -51.71 -6.09 18.07
C LYS C 776 -50.93 -5.43 16.95
N GLU C 777 -50.91 -6.08 15.79
CA GLU C 777 -50.49 -5.43 14.54
C GLU C 777 -51.68 -4.62 14.07
N ILE C 778 -51.53 -3.29 14.09
CA ILE C 778 -52.56 -2.36 13.66
C ILE C 778 -52.19 -1.81 12.29
N THR C 779 -53.18 -1.75 11.39
CA THR C 779 -53.02 -1.17 10.06
C THR C 779 -53.99 0.00 9.88
N PHE C 780 -53.45 1.21 9.71
CA PHE C 780 -54.24 2.40 9.44
C PHE C 780 -54.59 2.44 7.96
N ASN C 781 -55.74 3.04 7.66
CA ASN C 781 -56.28 3.08 6.31
C ASN C 781 -56.82 4.47 6.04
N ILE C 782 -56.02 5.26 5.33
CA ILE C 782 -56.28 6.67 5.08
C ILE C 782 -56.68 6.89 3.62
N GLY C 783 -57.85 7.50 3.41
CA GLY C 783 -58.26 8.03 2.09
C GLY C 783 -58.20 9.56 2.07
N GLY C 784 -57.75 10.13 0.96
CA GLY C 784 -57.60 11.58 0.82
C GLY C 784 -56.18 11.94 0.44
N ASN C 785 -55.90 13.25 0.38
CA ASN C 785 -54.59 13.77 -0.04
C ASN C 785 -53.78 14.25 1.18
N TYR C 786 -52.74 13.49 1.51
CA TYR C 786 -51.95 13.72 2.71
C TYR C 786 -50.52 13.21 2.51
N ARG C 787 -49.67 13.44 3.51
CA ARG C 787 -48.30 12.91 3.53
C ARG C 787 -48.10 12.15 4.83
N LEU C 788 -47.46 10.98 4.73
CA LEU C 788 -47.15 10.14 5.89
C LEU C 788 -45.79 10.53 6.47
N LEU C 789 -45.80 11.04 7.70
CA LEU C 789 -44.56 11.34 8.41
C LEU C 789 -44.04 10.07 9.11
N GLY C 790 -44.97 9.30 9.66
CA GLY C 790 -44.68 7.93 10.06
C GLY C 790 -45.55 7.36 11.15
N VAL C 791 -45.06 6.26 11.71
CA VAL C 791 -45.67 5.66 12.89
C VAL C 791 -44.59 5.46 13.96
N GLU C 792 -45.05 5.27 15.20
CA GLU C 792 -44.16 5.03 16.33
C GLU C 792 -44.99 4.40 17.43
N ASN C 793 -44.37 3.62 18.32
CA ASN C 793 -45.08 3.04 19.48
C ASN C 793 -44.51 3.35 20.86
N GLY C 794 -43.29 3.88 20.91
CA GLY C 794 -42.64 4.20 22.20
C GLY C 794 -41.74 3.10 22.75
N ASP C 795 -41.68 1.96 22.07
CA ASP C 795 -40.84 0.85 22.49
C ASP C 795 -39.37 1.16 22.18
N HIS C 796 -38.62 1.54 23.20
CA HIS C 796 -37.19 1.81 23.02
C HIS C 796 -36.31 0.56 22.78
N LEU C 797 -36.84 -0.63 23.07
CA LEU C 797 -36.07 -1.88 22.97
C LEU C 797 -36.17 -2.56 21.59
N ASN C 798 -37.09 -2.11 20.74
CA ASN C 798 -37.28 -2.66 19.42
C ASN C 798 -37.33 -1.59 18.35
N VAL C 799 -37.30 -2.04 17.09
CA VAL C 799 -37.31 -1.17 15.95
C VAL C 799 -38.59 -1.43 15.17
N LEU C 800 -38.89 -0.52 14.26
CA LEU C 800 -39.97 -0.72 13.32
C LEU C 800 -39.76 0.14 12.09
N ASN C 801 -40.51 -0.15 11.04
CA ASN C 801 -40.50 0.63 9.81
C ASN C 801 -41.36 1.88 10.05
N TYR C 802 -40.71 3.04 10.00
CA TYR C 802 -41.37 4.33 10.22
C TYR C 802 -42.38 4.62 9.13
N LYS C 803 -41.95 4.56 7.86
N LYS C 803 -41.94 4.55 7.87
CA LYS C 803 -42.79 4.91 6.73
CA LYS C 803 -42.78 4.88 6.72
C LYS C 803 -43.66 3.74 6.30
C LYS C 803 -43.65 3.71 6.29
N SER C 804 -44.53 3.29 7.19
CA SER C 804 -45.44 2.16 6.97
C SER C 804 -46.80 2.51 7.55
N ASN C 805 -47.85 1.98 6.92
CA ASN C 805 -49.23 2.13 7.40
C ASN C 805 -49.57 1.14 8.52
N THR C 806 -48.72 0.15 8.74
CA THR C 806 -48.91 -0.82 9.81
C THR C 806 -47.86 -0.64 10.91
N VAL C 807 -48.31 -0.71 12.17
CA VAL C 807 -47.43 -0.61 13.35
C VAL C 807 -47.90 -1.55 14.46
N LYS C 808 -46.93 -2.02 15.24
CA LYS C 808 -47.17 -2.83 16.40
C LYS C 808 -47.39 -1.91 17.61
N THR C 809 -48.50 -2.08 18.32
CA THR C 809 -48.73 -1.34 19.56
C THR C 809 -47.70 -1.67 20.64
N TYR C 810 -47.59 -0.80 21.65
CA TYR C 810 -46.74 -1.07 22.82
C TYR C 810 -47.42 -0.46 24.02
N LYS C 811 -47.70 -1.28 25.03
CA LYS C 811 -48.66 -0.95 26.09
C LYS C 811 -50.05 -0.64 25.51
N GLY C 812 -50.38 -1.29 24.40
CA GLY C 812 -51.70 -1.20 23.80
C GLY C 812 -52.03 0.08 23.07
N ARG C 813 -51.03 0.89 22.76
CA ARG C 813 -51.24 2.12 21.99
C ARG C 813 -50.21 2.30 20.86
N ALA C 814 -50.52 3.19 19.94
CA ALA C 814 -49.60 3.60 18.88
C ALA C 814 -50.00 4.95 18.30
N LEU C 815 -49.01 5.61 17.67
CA LEU C 815 -49.16 6.95 17.11
C LEU C 815 -49.00 6.90 15.59
N LEU C 816 -49.97 7.46 14.86
CA LEU C 816 -49.82 7.75 13.42
C LEU C 816 -49.69 9.27 13.24
N VAL C 817 -48.60 9.71 12.60
CA VAL C 817 -48.39 11.14 12.30
C VAL C 817 -48.53 11.42 10.77
N LEU C 818 -49.52 12.23 10.40
CA LEU C 818 -49.76 12.67 9.02
C LEU C 818 -49.48 14.17 8.87
N GLN C 819 -49.33 14.62 7.63
CA GLN C 819 -49.04 16.03 7.33
C GLN C 819 -49.90 16.48 6.17
N ALA C 820 -50.30 17.76 6.18
CA ALA C 820 -51.05 18.34 5.07
C ALA C 820 -50.15 18.58 3.87
N THR C 821 -50.77 18.61 2.69
CA THR C 821 -50.11 18.94 1.43
C THR C 821 -50.57 20.33 0.95
N ASP C 822 -50.70 20.52 -0.37
CA ASP C 822 -51.44 21.64 -0.95
C ASP C 822 -52.94 21.33 -1.00
N LYS C 823 -53.27 20.17 -1.53
CA LYS C 823 -54.65 19.72 -1.71
C LYS C 823 -55.49 19.81 -0.44
N ALA C 824 -56.45 20.74 -0.44
CA ALA C 824 -57.51 20.78 0.56
C ALA C 824 -58.52 19.68 0.26
N GLY C 825 -59.26 19.25 1.29
CA GLY C 825 -60.20 18.13 1.19
C GLY C 825 -60.36 17.41 2.52
N ILE C 826 -61.07 16.28 2.48
CA ILE C 826 -61.43 15.50 3.67
C ILE C 826 -60.54 14.26 3.78
N LEU C 827 -60.02 13.99 4.98
CA LEU C 827 -59.28 12.77 5.27
C LEU C 827 -60.16 11.80 6.04
N ASN C 828 -60.28 10.56 5.53
CA ASN C 828 -61.00 9.48 6.21
C ASN C 828 -59.99 8.48 6.74
N ILE C 829 -59.98 8.29 8.06
CA ILE C 829 -59.02 7.46 8.75
C ILE C 829 -59.75 6.38 9.57
N ASN C 830 -59.40 5.11 9.37
CA ASN C 830 -59.76 4.03 10.31
C ASN C 830 -58.62 3.01 10.42
N ALA C 831 -58.82 1.90 11.13
CA ALA C 831 -57.72 0.98 11.45
C ALA C 831 -58.17 -0.46 11.71
N ASN C 832 -57.30 -1.41 11.41
CA ASN C 832 -57.64 -2.84 11.47
C ASN C 832 -56.56 -3.70 12.08
N SER C 833 -56.98 -4.85 12.60
CA SER C 833 -56.08 -5.91 13.00
C SER C 833 -56.82 -7.24 12.78
N GLY C 834 -56.84 -7.70 11.53
CA GLY C 834 -57.67 -8.83 11.12
C GLY C 834 -59.13 -8.44 11.22
N SER C 835 -59.91 -9.23 11.99
CA SER C 835 -61.32 -8.92 12.26
C SER C 835 -61.55 -7.71 13.18
N ILE C 836 -60.55 -7.32 13.97
CA ILE C 836 -60.68 -6.14 14.86
C ILE C 836 -60.63 -4.86 14.03
N SER C 837 -61.64 -4.01 14.19
CA SER C 837 -61.78 -2.76 13.43
C SER C 837 -61.91 -1.57 14.39
N SER C 838 -62.00 -0.35 13.83
CA SER C 838 -62.00 0.87 14.63
C SER C 838 -63.20 1.78 14.34
N ASN C 839 -63.40 2.75 15.23
CA ASN C 839 -64.21 3.92 14.92
C ASN C 839 -63.54 4.68 13.76
N ASP C 840 -64.35 5.23 12.87
CA ASP C 840 -63.85 6.00 11.70
C ASP C 840 -63.62 7.45 12.09
N LEU C 841 -62.67 8.11 11.44
CA LEU C 841 -62.38 9.53 11.72
C LEU C 841 -62.49 10.38 10.44
N LYS C 842 -62.83 11.66 10.62
CA LYS C 842 -62.84 12.64 9.55
C LYS C 842 -62.05 13.86 10.01
N VAL C 843 -61.01 14.21 9.23
CA VAL C 843 -60.20 15.40 9.47
C VAL C 843 -60.28 16.28 8.24
N GLU C 844 -60.61 17.56 8.46
CA GLU C 844 -60.73 18.52 7.37
C GLU C 844 -59.39 19.23 7.10
N VAL C 845 -59.04 19.35 5.82
CA VAL C 845 -57.91 20.17 5.37
C VAL C 845 -58.50 21.19 4.41
N LYS C 846 -58.16 22.47 4.60
CA LYS C 846 -58.89 23.60 4.00
C LYS C 846 -57.99 24.73 3.47
N SER D 30 15.13 27.24 4.90
CA SER D 30 15.87 26.58 3.78
C SER D 30 15.87 25.05 3.95
N ASP D 31 16.39 24.59 5.09
CA ASP D 31 16.39 23.18 5.43
C ASP D 31 15.06 22.68 6.02
N PHE D 32 14.09 23.57 6.22
CA PHE D 32 12.69 23.17 6.38
C PHE D 32 12.13 22.47 5.13
N ASN D 33 12.64 22.83 3.95
CA ASN D 33 12.20 22.23 2.69
C ASN D 33 12.66 20.79 2.47
N ASN D 34 13.70 20.36 3.20
CA ASN D 34 14.26 19.03 3.01
C ASN D 34 13.51 18.02 3.86
N GLY D 35 13.56 16.77 3.44
CA GLY D 35 13.04 15.66 4.23
C GLY D 35 11.54 15.69 4.46
N TRP D 36 10.78 16.09 3.45
CA TRP D 36 9.33 15.89 3.45
C TRP D 36 9.07 14.46 2.98
N LYS D 37 7.89 13.95 3.29
CA LYS D 37 7.44 12.67 2.75
C LYS D 37 6.42 12.90 1.65
N PHE D 38 6.29 11.94 0.74
CA PHE D 38 5.35 12.02 -0.37
C PHE D 38 4.94 10.67 -0.91
N THR D 39 3.64 10.54 -1.21
CA THR D 39 3.06 9.36 -1.84
C THR D 39 2.07 9.81 -2.91
N LEU D 40 2.01 9.10 -4.03
CA LEU D 40 0.94 9.30 -5.03
C LEU D 40 -0.17 8.29 -4.76
N SER D 41 -0.82 8.47 -3.61
CA SER D 41 -1.96 7.64 -3.18
C SER D 41 -2.88 8.55 -2.40
N ASP D 42 -4.03 8.01 -1.99
CA ASP D 42 -4.99 8.79 -1.24
C ASP D 42 -5.79 7.90 -0.32
N SER D 43 -5.72 8.22 0.98
CA SER D 43 -6.49 7.55 2.01
C SER D 43 -6.88 8.60 3.04
N VAL D 44 -8.14 8.52 3.49
CA VAL D 44 -8.66 9.38 4.56
C VAL D 44 -7.79 9.38 5.83
N CYS D 45 -7.20 8.23 6.17
N CYS D 45 -7.20 8.22 6.14
CA CYS D 45 -6.42 8.13 7.41
CA CYS D 45 -6.38 8.05 7.35
C CYS D 45 -5.08 8.89 7.41
C CYS D 45 -5.10 8.90 7.39
N TYR D 46 -4.63 9.38 6.25
CA TYR D 46 -3.31 10.08 6.16
C TYR D 46 -3.14 11.36 7.00
N SER D 47 -4.26 12.04 7.32
CA SER D 47 -4.22 13.21 8.20
C SER D 47 -4.24 12.84 9.69
N PHE D 48 -4.70 11.64 10.03
CA PHE D 48 -4.86 11.22 11.42
C PHE D 48 -3.60 11.43 12.25
N VAL D 49 -3.79 11.79 13.53
CA VAL D 49 -2.71 12.03 14.51
C VAL D 49 -1.77 10.83 14.68
N ASN D 50 -2.36 9.64 14.62
CA ASN D 50 -1.66 8.36 14.83
C ASN D 50 -1.17 7.67 13.55
N TYR D 51 -1.15 8.35 12.42
CA TYR D 51 -0.64 7.77 11.16
C TYR D 51 0.85 8.11 10.99
N ASN D 52 1.69 7.10 10.77
CA ASN D 52 3.12 7.28 10.44
C ASN D 52 3.34 7.12 8.93
N PRO D 53 3.89 8.15 8.26
CA PRO D 53 4.13 8.08 6.81
C PRO D 53 5.56 7.62 6.40
N SER D 54 6.30 6.93 7.28
CA SER D 54 7.69 6.56 6.99
C SER D 54 7.90 5.63 5.79
N SER D 55 6.88 4.87 5.39
CA SER D 55 6.94 4.07 4.14
C SER D 55 6.79 4.88 2.83
N TRP D 56 6.48 6.17 2.94
CA TRP D 56 6.36 7.06 1.77
C TRP D 56 7.74 7.46 1.27
N LYS D 57 7.82 7.86 0.01
CA LYS D 57 9.07 8.36 -0.58
C LYS D 57 9.48 9.69 0.10
N THR D 58 10.77 9.83 0.45
CA THR D 58 11.31 11.11 0.96
C THR D 58 11.67 12.02 -0.23
N VAL D 59 11.33 13.31 -0.14
CA VAL D 59 11.66 14.31 -1.16
C VAL D 59 12.14 15.59 -0.52
N ASN D 60 12.75 16.43 -1.35
CA ASN D 60 13.12 17.78 -0.98
C ASN D 60 12.33 18.72 -1.84
N LEU D 61 11.70 19.70 -1.20
CA LEU D 61 10.97 20.72 -1.92
C LEU D 61 11.98 21.75 -2.44
N PRO D 62 11.73 22.36 -3.61
CA PRO D 62 10.52 22.22 -4.41
C PRO D 62 10.40 20.86 -5.14
N HIS D 63 9.17 20.48 -5.44
CA HIS D 63 8.86 19.15 -5.95
C HIS D 63 7.64 19.15 -6.89
N ASP D 64 7.80 18.54 -8.05
CA ASP D 64 6.71 18.37 -9.01
C ASP D 64 6.70 16.88 -9.36
N TRP D 65 5.64 16.17 -8.97
CA TRP D 65 5.60 14.72 -9.15
C TRP D 65 5.25 14.26 -10.56
N SER D 66 4.60 15.09 -11.37
N SER D 66 4.60 15.11 -11.35
CA SER D 66 4.15 14.64 -12.69
CA SER D 66 4.15 14.74 -12.69
C SER D 66 5.30 14.39 -13.66
C SER D 66 5.30 14.41 -13.64
N VAL D 67 6.48 14.96 -13.39
CA VAL D 67 7.70 14.65 -14.18
C VAL D 67 8.39 13.34 -13.81
N ASP D 68 7.87 12.63 -12.80
CA ASP D 68 8.28 11.24 -12.50
C ASP D 68 7.29 10.21 -13.07
N LEU D 69 6.31 10.70 -13.82
CA LEU D 69 5.40 9.85 -14.53
C LEU D 69 5.83 9.87 -15.97
N PRO D 70 5.58 8.77 -16.69
CA PRO D 70 5.87 8.76 -18.12
C PRO D 70 4.87 9.58 -18.92
N PHE D 71 5.32 10.05 -20.08
CA PHE D 71 4.42 10.65 -21.06
C PHE D 71 3.49 9.54 -21.60
N GLU D 72 2.21 9.87 -21.79
CA GLU D 72 1.21 8.88 -22.21
C GLU D 72 0.28 9.44 -23.28
N SER D 73 0.02 8.65 -24.32
CA SER D 73 -0.91 9.06 -25.38
C SER D 73 -2.35 9.23 -24.88
N THR D 74 -2.67 8.61 -23.75
CA THR D 74 -3.99 8.73 -23.12
C THR D 74 -4.09 9.80 -22.01
N ALA D 75 -3.03 10.58 -21.84
CA ALA D 75 -3.09 11.82 -21.05
C ALA D 75 -3.60 12.94 -21.97
N GLU D 76 -3.67 14.17 -21.46
CA GLU D 76 -4.23 15.29 -22.23
C GLU D 76 -3.11 16.17 -22.76
N GLY D 77 -3.29 16.60 -24.01
CA GLY D 77 -2.28 17.38 -24.72
C GLY D 77 -2.17 18.82 -24.26
N CYS D 78 -3.25 19.38 -23.71
CA CYS D 78 -3.19 20.73 -23.15
C CYS D 78 -2.23 20.81 -21.95
N THR D 79 -2.12 19.76 -21.14
CA THR D 79 -1.14 19.73 -20.02
C THR D 79 0.10 18.84 -20.30
N GLY D 80 0.45 18.70 -21.59
CA GLY D 80 1.72 18.12 -21.98
C GLY D 80 1.81 16.60 -21.92
N PHE D 81 0.66 15.92 -22.01
CA PHE D 81 0.60 14.45 -21.95
C PHE D 81 1.23 13.86 -20.68
N LEU D 82 1.03 14.53 -19.55
CA LEU D 82 1.44 14.00 -18.25
C LEU D 82 0.24 14.07 -17.30
N LYS D 83 0.03 13.00 -16.53
CA LYS D 83 -1.11 12.92 -15.60
C LYS D 83 -0.83 13.73 -14.33
N GLY D 84 -1.90 13.94 -13.57
CA GLY D 84 -1.80 14.55 -12.25
C GLY D 84 -2.09 13.49 -11.21
N GLY D 85 -3.37 13.40 -10.81
CA GLY D 85 -3.82 12.54 -9.73
C GLY D 85 -3.90 13.22 -8.37
N ILE D 86 -4.24 12.42 -7.36
CA ILE D 86 -4.41 12.91 -6.01
C ILE D 86 -3.20 12.41 -5.22
N GLY D 87 -2.52 13.32 -4.53
CA GLY D 87 -1.28 13.00 -3.81
C GLY D 87 -1.13 13.75 -2.50
N TRP D 88 -0.23 13.27 -1.64
CA TRP D 88 -0.07 13.83 -0.30
C TRP D 88 1.39 14.13 0.00
N TYR D 89 1.60 15.16 0.82
CA TYR D 89 2.88 15.41 1.46
C TYR D 89 2.72 15.38 2.96
N SER D 90 3.81 15.06 3.66
CA SER D 90 3.83 15.14 5.11
C SER D 90 5.17 15.64 5.56
N LYS D 91 5.19 16.29 6.70
CA LYS D 91 6.39 16.94 7.20
C LYS D 91 6.35 16.97 8.70
N THR D 92 7.39 16.46 9.31
CA THR D 92 7.48 16.39 10.73
C THR D 92 8.55 17.40 11.20
N PHE D 93 8.27 18.08 12.30
CA PHE D 93 9.18 19.05 12.93
C PHE D 93 8.82 19.24 14.40
N ASP D 94 9.82 19.53 15.25
CA ASP D 94 9.58 19.71 16.69
C ASP D 94 9.27 21.15 17.05
N THR D 95 8.47 21.31 18.09
CA THR D 95 8.29 22.60 18.70
C THR D 95 9.65 22.99 19.32
N PRO D 96 10.18 24.19 19.01
CA PRO D 96 11.43 24.65 19.64
C PRO D 96 11.39 24.68 21.16
N ASP D 97 12.55 24.63 21.80
CA ASP D 97 12.65 24.82 23.25
C ASP D 97 12.23 26.23 23.67
N ASN D 98 12.57 27.22 22.86
CA ASN D 98 12.28 28.65 23.16
C ASN D 98 10.87 29.16 22.79
N PHE D 99 9.92 28.27 22.48
CA PHE D 99 8.54 28.67 22.10
C PHE D 99 7.67 29.04 23.31
N VAL D 100 7.94 30.23 23.86
CA VAL D 100 7.16 30.81 24.97
C VAL D 100 6.92 32.28 24.63
N ASP D 101 5.64 32.68 24.58
CA ASP D 101 5.22 34.03 24.15
C ASP D 101 5.70 34.36 22.72
N LYS D 102 5.45 33.43 21.79
CA LYS D 102 5.85 33.57 20.38
C LYS D 102 4.77 33.03 19.42
N LYS D 103 4.87 33.42 18.15
CA LYS D 103 4.00 32.97 17.05
C LYS D 103 4.76 32.08 16.03
N CYS D 104 4.02 31.16 15.40
CA CYS D 104 4.57 30.31 14.35
C CYS D 104 3.70 30.38 13.07
N TYR D 105 4.36 30.72 11.95
CA TYR D 105 3.71 30.80 10.63
C TYR D 105 4.40 29.84 9.67
N ILE D 106 3.59 29.23 8.80
CA ILE D 106 4.07 28.34 7.74
C ILE D 106 3.62 28.96 6.41
N VAL D 107 4.58 29.17 5.51
CA VAL D 107 4.34 29.91 4.28
C VAL D 107 4.56 29.00 3.07
N PHE D 108 3.63 29.06 2.10
CA PHE D 108 3.71 28.30 0.83
C PHE D 108 3.72 29.27 -0.34
N ASP D 109 4.84 29.36 -1.04
CA ASP D 109 4.94 30.31 -2.16
C ASP D 109 4.10 29.91 -3.38
N GLY D 110 3.73 28.64 -3.48
CA GLY D 110 2.77 28.18 -4.50
C GLY D 110 2.60 26.67 -4.48
N VAL D 111 1.36 26.21 -4.63
CA VAL D 111 1.03 24.77 -4.57
C VAL D 111 -0.06 24.46 -5.59
N TYR D 112 0.24 23.57 -6.56
CA TYR D 112 -0.73 23.22 -7.63
C TYR D 112 -1.33 21.83 -7.43
N ASN D 113 -2.63 21.69 -7.18
CA ASN D 113 -3.56 22.75 -6.80
C ASN D 113 -4.69 22.09 -6.01
N ASN D 114 -5.70 22.87 -5.64
CA ASN D 114 -6.83 22.36 -4.88
C ASN D 114 -6.29 21.61 -3.68
N SER D 115 -5.45 22.30 -2.92
CA SER D 115 -4.67 21.70 -1.84
C SER D 115 -5.35 21.95 -0.51
N GLU D 116 -5.42 20.89 0.31
CA GLU D 116 -5.91 20.92 1.70
C GLU D 116 -4.77 20.72 2.71
N TYR D 117 -4.89 21.33 3.90
CA TYR D 117 -3.78 21.43 4.89
C TYR D 117 -4.23 21.05 6.28
N TRP D 118 -3.49 20.15 6.93
CA TRP D 118 -3.70 19.77 8.32
C TRP D 118 -2.42 19.96 9.13
N ILE D 119 -2.58 20.21 10.42
CA ILE D 119 -1.48 20.01 11.39
C ILE D 119 -2.02 19.24 12.60
N ASN D 120 -1.26 18.25 13.06
CA ASN D 120 -1.61 17.44 14.24
C ASN D 120 -3.07 17.00 14.24
N GLY D 121 -3.55 16.51 13.09
CA GLY D 121 -4.89 15.96 12.93
C GLY D 121 -6.04 16.95 12.70
N ARG D 122 -5.74 18.24 12.76
CA ARG D 122 -6.77 19.28 12.72
C ARG D 122 -6.61 20.11 11.45
N LYS D 123 -7.75 20.51 10.87
CA LYS D 123 -7.81 21.06 9.52
C LYS D 123 -7.47 22.58 9.52
N LEU D 124 -6.46 22.97 8.74
CA LEU D 124 -6.08 24.38 8.61
C LEU D 124 -6.87 25.11 7.52
N GLY D 125 -7.14 24.44 6.40
CA GLY D 125 -8.03 24.98 5.38
C GLY D 125 -7.91 24.38 3.98
N PHE D 126 -8.37 25.14 3.00
CA PHE D 126 -8.36 24.75 1.58
C PHE D 126 -7.80 25.92 0.78
N HIS D 127 -7.00 25.63 -0.23
CA HIS D 127 -6.42 26.67 -1.09
C HIS D 127 -6.50 26.27 -2.57
N PRO D 128 -7.49 26.81 -3.30
CA PRO D 128 -7.73 26.34 -4.67
C PRO D 128 -6.69 26.72 -5.71
N TYR D 129 -6.24 27.98 -5.73
CA TYR D 129 -5.42 28.47 -6.84
C TYR D 129 -4.03 27.90 -6.76
N GLY D 130 -3.56 27.38 -7.88
CA GLY D 130 -2.27 26.71 -7.95
C GLY D 130 -1.04 27.60 -7.97
N TYR D 131 -1.23 28.92 -8.12
CA TYR D 131 -0.14 29.89 -8.31
C TYR D 131 0.06 30.96 -7.21
N SER D 132 -0.98 31.25 -6.43
CA SER D 132 -0.91 32.29 -5.39
C SER D 132 -0.18 31.79 -4.15
N PRO D 133 0.65 32.64 -3.53
CA PRO D 133 1.24 32.28 -2.24
C PRO D 133 0.25 32.47 -1.07
N PHE D 134 0.58 31.90 0.09
CA PHE D 134 -0.28 31.98 1.28
C PHE D 134 0.40 31.46 2.54
N PHE D 135 -0.24 31.68 3.69
CA PHE D 135 0.29 31.18 4.96
C PHE D 135 -0.80 30.81 5.95
N TYR D 136 -0.41 30.10 6.99
CA TYR D 136 -1.30 29.77 8.09
C TYR D 136 -0.63 30.13 9.41
N ASP D 137 -1.45 30.59 10.37
CA ASP D 137 -0.98 30.75 11.75
C ASP D 137 -1.24 29.42 12.44
N ILE D 138 -0.16 28.78 12.90
CA ILE D 138 -0.26 27.48 13.57
C ILE D 138 0.24 27.51 15.03
N SER D 139 0.38 28.71 15.60
CA SER D 139 0.93 28.86 16.94
C SER D 139 0.18 27.98 17.94
N ASP D 140 -1.14 28.12 17.95
CA ASP D 140 -2.01 27.38 18.88
C ASP D 140 -2.09 25.87 18.63
N TYR D 141 -1.75 25.42 17.42
CA TYR D 141 -1.68 23.98 17.10
C TYR D 141 -0.44 23.22 17.63
N LEU D 142 0.67 23.93 17.88
CA LEU D 142 1.94 23.26 18.23
C LEU D 142 1.90 22.56 19.58
N ASN D 143 2.56 21.40 19.65
CA ASN D 143 2.61 20.61 20.87
C ASN D 143 3.74 21.17 21.74
N PRO D 144 3.84 20.77 23.03
CA PRO D 144 4.74 21.50 23.95
C PRO D 144 6.23 21.35 23.67
N LYS D 145 7.01 22.28 24.24
CA LYS D 145 8.46 22.38 24.04
C LYS D 145 9.12 21.01 23.79
N GLY D 146 9.68 20.83 22.59
CA GLY D 146 10.45 19.62 22.24
C GLY D 146 9.69 18.42 21.67
N GLN D 147 8.36 18.41 21.74
CA GLN D 147 7.58 17.33 21.12
C GLN D 147 7.37 17.53 19.61
N GLU D 148 6.98 16.45 18.94
CA GLU D 148 6.85 16.41 17.49
C GLU D 148 5.50 16.95 16.98
N ASN D 149 5.53 17.63 15.83
CA ASN D 149 4.33 18.12 15.11
C ASN D 149 4.34 17.60 13.68
N ARG D 150 3.19 17.19 13.17
CA ARG D 150 3.09 16.68 11.78
C ARG D 150 2.09 17.51 10.94
N ILE D 151 2.61 18.18 9.90
CA ILE D 151 1.79 18.84 8.87
C ILE D 151 1.52 17.85 7.75
N SER D 152 0.27 17.80 7.29
CA SER D 152 -0.10 16.97 6.15
C SER D 152 -0.69 17.86 5.10
N VAL D 153 -0.47 17.51 3.83
CA VAL D 153 -1.01 18.27 2.69
C VAL D 153 -1.58 17.31 1.66
N ARG D 154 -2.83 17.53 1.28
CA ARG D 154 -3.48 16.72 0.25
C ARG D 154 -3.68 17.55 -1.00
N ILE D 155 -3.24 17.05 -2.14
CA ILE D 155 -3.31 17.77 -3.40
C ILE D 155 -4.22 17.03 -4.35
N ASP D 156 -5.26 17.73 -4.82
CA ASP D 156 -6.26 17.13 -5.68
C ASP D 156 -6.02 17.66 -7.08
N HIS D 157 -5.14 16.98 -7.82
CA HIS D 157 -4.92 17.32 -9.23
C HIS D 157 -5.55 16.26 -10.12
N SER D 158 -6.77 15.85 -9.78
CA SER D 158 -7.53 14.87 -10.55
C SER D 158 -8.10 15.52 -11.82
N ARG D 159 -8.36 16.82 -11.72
CA ARG D 159 -8.69 17.64 -12.87
C ARG D 159 -7.37 18.04 -13.56
N TYR D 160 -6.73 17.04 -14.18
CA TYR D 160 -5.36 17.15 -14.71
C TYR D 160 -5.25 17.80 -16.10
N ALA D 161 -6.38 18.29 -16.61
CA ALA D 161 -6.42 19.10 -17.83
C ALA D 161 -7.11 20.46 -17.58
N ASP D 162 -6.98 20.98 -16.36
CA ASP D 162 -7.63 22.24 -15.97
C ASP D 162 -6.84 23.51 -16.40
N SER D 163 -5.92 23.36 -17.35
CA SER D 163 -4.96 24.40 -17.74
C SER D 163 -4.61 24.28 -19.22
N ARG D 164 -4.52 25.40 -19.92
CA ARG D 164 -4.20 25.39 -21.36
C ARG D 164 -2.75 24.96 -21.65
N TRP D 165 -1.90 25.02 -20.63
CA TRP D 165 -0.48 24.66 -20.70
C TRP D 165 -0.13 23.72 -19.52
N TYR D 166 1.04 23.06 -19.57
CA TYR D 166 1.50 22.17 -18.48
C TYR D 166 1.62 22.89 -17.11
N THR D 167 1.08 22.26 -16.06
CA THR D 167 1.09 22.84 -14.70
C THR D 167 2.02 22.13 -13.74
N GLY D 168 2.01 20.80 -13.79
CA GLY D 168 2.68 19.98 -12.78
C GLY D 168 1.75 19.77 -11.60
N SER D 169 2.31 19.16 -10.56
CA SER D 169 1.53 18.73 -9.39
C SER D 169 2.36 18.77 -8.10
N GLY D 170 1.85 19.47 -7.08
CA GLY D 170 2.42 19.44 -5.72
C GLY D 170 3.07 20.74 -5.30
N ILE D 171 3.99 20.64 -4.34
CA ILE D 171 4.62 21.79 -3.75
C ILE D 171 5.85 22.15 -4.60
N TYR D 172 5.58 22.89 -5.69
CA TYR D 172 6.60 23.24 -6.71
C TYR D 172 7.40 24.53 -6.43
N ARG D 173 7.09 25.22 -5.32
CA ARG D 173 7.92 26.32 -4.80
C ARG D 173 8.25 26.08 -3.34
N GLU D 174 9.34 26.70 -2.91
CA GLU D 174 9.83 26.51 -1.55
C GLU D 174 8.86 27.02 -0.49
N THR D 175 8.99 26.47 0.71
CA THR D 175 8.14 26.80 1.82
C THR D 175 9.00 27.44 2.90
N GLN D 176 8.35 27.94 3.94
CA GLN D 176 9.03 28.53 5.08
C GLN D 176 8.31 28.22 6.36
N LEU D 177 9.09 28.12 7.44
CA LEU D 177 8.59 27.97 8.79
C LEU D 177 9.21 29.10 9.56
N ILE D 178 8.37 30.00 10.05
CA ILE D 178 8.82 31.25 10.64
C ILE D 178 8.38 31.30 12.08
N PHE D 179 9.31 31.61 12.97
CA PHE D 179 9.03 31.80 14.39
C PHE D 179 9.31 33.27 14.70
N THR D 180 8.33 33.95 15.28
CA THR D 180 8.43 35.35 15.66
C THR D 180 7.91 35.59 17.08
N ASP D 181 8.31 36.71 17.65
CA ASP D 181 7.73 37.22 18.89
C ASP D 181 6.24 37.56 18.66
N LYS D 182 5.44 37.64 19.71
CA LYS D 182 4.04 38.08 19.56
C LYS D 182 3.90 39.56 19.18
N LEU D 183 4.99 40.32 19.36
CA LEU D 183 5.15 41.64 18.78
C LEU D 183 6.12 41.55 17.60
N HIS D 184 5.57 41.59 16.38
CA HIS D 184 6.34 41.27 15.18
C HIS D 184 5.77 41.90 13.92
N ILE D 185 6.62 41.98 12.91
CA ILE D 185 6.22 42.40 11.58
C ILE D 185 5.60 41.17 10.94
N PRO D 186 4.35 41.26 10.43
CA PRO D 186 3.75 40.07 9.84
C PRO D 186 4.47 39.57 8.59
N VAL D 187 4.07 38.38 8.14
CA VAL D 187 4.54 37.82 6.87
C VAL D 187 4.19 38.81 5.76
N TRP D 188 5.17 39.12 4.91
CA TRP D 188 5.05 40.18 3.88
C TRP D 188 4.63 41.55 4.43
N GLY D 189 5.11 41.92 5.62
CA GLY D 189 4.65 43.12 6.33
C GLY D 189 5.33 44.44 5.98
N THR D 190 6.30 44.44 5.07
CA THR D 190 6.93 45.67 4.62
C THR D 190 6.51 46.01 3.20
N PHE D 191 6.57 47.30 2.87
CA PHE D 191 6.40 47.75 1.50
C PHE D 191 7.26 48.99 1.27
N VAL D 192 8.42 48.80 0.64
CA VAL D 192 9.33 49.89 0.27
C VAL D 192 8.93 50.49 -1.07
N THR D 193 8.90 51.83 -1.11
CA THR D 193 8.60 52.60 -2.32
C THR D 193 9.62 53.75 -2.44
N THR D 194 9.79 54.31 -3.64
CA THR D 194 10.72 55.42 -3.86
C THR D 194 10.10 56.47 -4.81
N PRO D 195 9.18 57.31 -4.28
CA PRO D 195 8.42 58.19 -5.17
C PRO D 195 9.22 59.35 -5.78
N VAL D 196 10.39 59.69 -5.24
CA VAL D 196 11.22 60.76 -5.79
C VAL D 196 12.64 60.24 -5.98
N VAL D 197 13.12 60.22 -7.23
CA VAL D 197 14.44 59.66 -7.57
C VAL D 197 15.21 60.56 -8.50
N SER D 198 16.42 60.94 -8.08
CA SER D 198 17.39 61.64 -8.95
C SER D 198 18.76 61.02 -8.72
N SER D 199 19.77 61.51 -9.45
CA SER D 199 21.14 61.04 -9.23
C SER D 199 21.75 61.59 -7.95
N GLU D 200 21.22 62.70 -7.42
CA GLU D 200 21.71 63.23 -6.14
C GLU D 200 21.06 62.61 -4.93
N ARG D 201 19.77 62.30 -5.04
CA ARG D 201 18.97 61.87 -3.90
C ARG D 201 17.74 61.07 -4.31
N ALA D 202 17.42 60.04 -3.52
CA ALA D 202 16.16 59.32 -3.64
C ALA D 202 15.43 59.36 -2.31
N THR D 203 14.14 59.71 -2.33
CA THR D 203 13.28 59.53 -1.16
C THR D 203 12.89 58.05 -1.09
N VAL D 204 13.30 57.37 -0.03
CA VAL D 204 13.01 55.95 0.17
C VAL D 204 12.07 55.81 1.37
N ASN D 205 10.84 55.43 1.07
CA ASN D 205 9.81 55.24 2.09
C ASN D 205 9.52 53.75 2.29
N ILE D 206 9.24 53.39 3.54
CA ILE D 206 8.87 52.04 3.90
C ILE D 206 7.66 52.10 4.81
N GLU D 207 6.66 51.27 4.52
CA GLU D 207 5.54 51.04 5.44
C GLU D 207 5.79 49.71 6.17
N VAL D 208 6.04 49.78 7.49
CA VAL D 208 6.27 48.59 8.34
C VAL D 208 5.00 48.35 9.13
N ARG D 209 4.33 47.21 8.87
CA ARG D 209 3.17 46.83 9.68
C ARG D 209 3.68 46.13 10.93
N VAL D 210 3.06 46.38 12.07
CA VAL D 210 3.43 45.74 13.33
C VAL D 210 2.18 45.25 14.02
N LYS D 211 2.08 43.92 14.19
CA LYS D 211 0.97 43.26 14.89
C LYS D 211 1.37 43.09 16.34
N ASN D 212 0.41 43.31 17.24
CA ASN D 212 0.57 43.00 18.66
C ASN D 212 -0.38 41.87 19.05
N ASP D 213 0.16 40.64 19.15
CA ASP D 213 -0.63 39.47 19.53
C ASP D 213 -0.53 39.14 21.04
N TYR D 214 0.14 39.98 21.82
CA TYR D 214 0.04 39.91 23.29
C TYR D 214 -1.35 40.36 23.71
N SER D 215 -1.73 40.06 24.95
CA SER D 215 -3.09 40.34 25.45
C SER D 215 -3.28 41.73 26.09
N GLY D 216 -2.20 42.51 26.20
CA GLY D 216 -2.28 43.89 26.69
C GLY D 216 -1.48 44.83 25.79
N PRO D 217 -1.64 46.16 25.96
CA PRO D 217 -0.88 47.13 25.17
C PRO D 217 0.62 46.96 25.26
N ARG D 218 1.33 47.26 24.18
N ARG D 218 1.34 47.21 24.17
CA ARG D 218 2.78 47.13 24.07
CA ARG D 218 2.80 47.14 24.14
C ARG D 218 3.36 48.38 23.40
C ARG D 218 3.37 48.35 23.42
N ALA D 219 4.40 48.94 24.02
CA ALA D 219 5.06 50.14 23.50
C ALA D 219 6.47 49.82 23.00
N GLY D 220 6.86 50.41 21.87
CA GLY D 220 8.19 50.15 21.30
C GLY D 220 8.64 51.12 20.22
N GLU D 221 9.72 50.73 19.55
CA GLU D 221 10.30 51.50 18.45
C GLU D 221 10.52 50.61 17.23
N VAL D 222 10.21 51.12 16.04
CA VAL D 222 10.65 50.52 14.77
C VAL D 222 11.92 51.25 14.30
N ARG D 223 13.01 50.51 14.11
CA ARG D 223 14.26 51.08 13.56
C ARG D 223 14.62 50.38 12.26
N THR D 224 14.47 51.08 11.14
CA THR D 224 14.77 50.56 9.81
C THR D 224 16.09 51.14 9.34
N SER D 225 17.09 50.28 9.12
CA SER D 225 18.41 50.69 8.61
C SER D 225 18.57 50.23 7.18
N TYR D 226 19.14 51.10 6.35
CA TYR D 226 19.33 50.85 4.92
C TYR D 226 20.81 50.58 4.62
N PHE D 227 21.06 49.61 3.73
CA PHE D 227 22.42 49.21 3.36
C PHE D 227 22.57 49.05 1.86
N ASP D 228 23.72 49.50 1.31
CA ASP D 228 23.98 49.46 -0.14
C ASP D 228 24.64 48.14 -0.60
N SER D 229 24.95 48.03 -1.90
CA SER D 229 25.59 46.83 -2.49
C SER D 229 26.79 46.28 -1.72
N LYS D 230 27.63 47.16 -1.18
CA LYS D 230 28.85 46.76 -0.47
C LYS D 230 28.65 46.64 1.06
N ASN D 231 27.38 46.60 1.51
CA ASN D 231 26.98 46.54 2.93
C ASN D 231 27.37 47.73 3.84
N LYS D 232 27.62 48.90 3.24
CA LYS D 232 27.74 50.14 3.98
C LYS D 232 26.33 50.61 4.38
N LYS D 233 26.19 51.12 5.61
CA LYS D 233 24.94 51.72 6.06
C LYS D 233 24.80 53.12 5.45
N VAL D 234 23.61 53.41 4.93
CA VAL D 234 23.35 54.66 4.21
C VAL D 234 22.12 55.42 4.74
N GLY D 235 21.52 54.96 5.82
CA GLY D 235 20.26 55.54 6.31
C GLY D 235 19.68 54.84 7.52
N GLU D 236 18.84 55.59 8.26
CA GLU D 236 18.20 55.09 9.48
C GLU D 236 17.02 55.96 9.90
N LYS D 237 15.98 55.33 10.42
CA LYS D 237 14.81 56.04 10.90
C LYS D 237 14.20 55.27 12.07
N LEU D 238 14.13 55.94 13.23
CA LEU D 238 13.66 55.36 14.48
C LEU D 238 12.34 56.03 14.78
N THR D 239 11.25 55.26 14.81
CA THR D 239 9.90 55.80 15.08
C THR D 239 9.28 55.02 16.23
N SER D 240 8.76 55.74 17.23
CA SER D 240 8.12 55.12 18.40
C SER D 240 6.67 54.78 18.14
N PHE D 241 6.18 53.78 18.86
CA PHE D 241 4.79 53.37 18.76
C PHE D 241 4.28 52.77 20.07
N LEU D 242 2.96 52.87 20.25
CA LEU D 242 2.21 52.16 21.26
C LEU D 242 1.04 51.51 20.54
N ILE D 243 0.92 50.19 20.64
CA ILE D 243 -0.12 49.45 19.94
C ILE D 243 -0.96 48.69 20.95
N GLU D 244 -2.29 48.77 20.82
CA GLU D 244 -3.20 48.03 21.68
C GLU D 244 -3.23 46.53 21.34
N ALA D 245 -3.58 45.72 22.33
CA ALA D 245 -3.70 44.27 22.20
C ALA D 245 -4.56 43.86 21.02
N GLY D 246 -4.07 42.89 20.23
CA GLY D 246 -4.82 42.38 19.06
C GLY D 246 -4.97 43.33 17.87
N LYS D 247 -4.34 44.51 17.94
CA LYS D 247 -4.39 45.53 16.90
C LYS D 247 -3.07 45.50 16.12
N GLU D 248 -3.13 45.95 14.87
CA GLU D 248 -1.98 46.04 13.97
C GLU D 248 -1.82 47.51 13.64
N MET D 249 -0.60 47.95 13.36
CA MET D 249 -0.35 49.37 13.06
C MET D 249 0.67 49.56 11.94
N LYS D 250 0.43 50.56 11.10
CA LYS D 250 1.31 50.91 9.98
C LYS D 250 2.23 52.05 10.39
N ILE D 251 3.53 51.75 10.50
CA ILE D 251 4.55 52.75 10.76
C ILE D 251 5.20 53.12 9.42
N ASN D 252 4.89 54.31 8.93
CA ASN D 252 5.56 54.87 7.75
C ASN D 252 6.85 55.55 8.18
N GLN D 253 7.90 55.37 7.39
CA GLN D 253 9.22 55.96 7.64
C GLN D 253 9.85 56.40 6.32
N SER D 254 10.60 57.49 6.37
CA SER D 254 11.10 58.13 5.16
C SER D 254 12.55 58.54 5.37
N VAL D 255 13.38 58.33 4.35
CA VAL D 255 14.76 58.80 4.36
C VAL D 255 15.19 59.28 2.99
N GLU D 256 16.28 60.05 2.98
CA GLU D 256 16.94 60.47 1.76
C GLU D 256 18.23 59.68 1.65
N ILE D 257 18.37 58.91 0.58
CA ILE D 257 19.60 58.19 0.28
C ILE D 257 20.34 59.03 -0.75
N SER D 258 21.56 59.42 -0.45
CA SER D 258 22.34 60.29 -1.35
C SER D 258 23.08 59.47 -2.40
N ASN D 259 23.29 60.07 -3.57
CA ASN D 259 23.91 59.44 -4.74
C ASN D 259 23.57 57.96 -4.90
N PRO D 260 22.26 57.65 -4.99
CA PRO D 260 21.86 56.25 -5.06
C PRO D 260 22.46 55.52 -6.26
N SER D 261 22.66 54.20 -6.10
CA SER D 261 23.01 53.32 -7.19
C SER D 261 21.71 52.84 -7.73
N LEU D 262 21.37 53.33 -8.92
CA LEU D 262 20.06 53.12 -9.50
C LEU D 262 20.01 51.75 -10.11
N TRP D 263 18.94 51.01 -9.79
CA TRP D 263 18.71 49.69 -10.33
C TRP D 263 18.41 49.86 -11.80
N ASP D 264 19.14 49.11 -12.63
CA ASP D 264 18.92 49.12 -14.09
C ASP D 264 19.02 47.69 -14.63
N VAL D 265 18.45 47.45 -15.80
CA VAL D 265 18.64 46.17 -16.48
C VAL D 265 20.13 45.83 -16.74
N ASP D 266 20.96 46.85 -17.00
CA ASP D 266 22.43 46.67 -17.15
C ASP D 266 23.24 47.01 -15.89
N SER D 267 22.57 47.33 -14.79
CA SER D 267 23.24 47.61 -13.52
C SER D 267 22.23 47.38 -12.39
N PRO D 268 21.92 46.11 -12.11
CA PRO D 268 20.81 45.82 -11.19
C PRO D 268 21.24 45.88 -9.71
N SER D 269 21.61 47.07 -9.24
CA SER D 269 22.11 47.24 -7.87
C SER D 269 20.98 47.09 -6.86
N MET D 270 21.29 46.48 -5.72
CA MET D 270 20.28 46.11 -4.76
C MET D 270 20.59 46.70 -3.40
N TYR D 271 19.54 47.16 -2.72
CA TYR D 271 19.64 47.67 -1.37
C TYR D 271 18.94 46.73 -0.40
N LEU D 272 19.27 46.89 0.88
CA LEU D 272 18.67 46.10 1.94
C LEU D 272 18.11 47.01 3.03
N ALA D 273 16.81 46.86 3.31
CA ALA D 273 16.17 47.52 4.43
C ALA D 273 16.06 46.51 5.55
N LYS D 274 16.50 46.92 6.73
CA LYS D 274 16.48 46.05 7.89
C LYS D 274 15.63 46.72 8.96
N SER D 275 14.35 46.33 9.01
CA SER D 275 13.39 46.80 9.99
C SER D 275 13.46 45.93 11.23
N GLU D 276 13.80 46.54 12.37
CA GLU D 276 13.87 45.87 13.66
C GLU D 276 12.80 46.45 14.59
N ILE D 277 12.09 45.58 15.31
CA ILE D 277 11.20 45.99 16.38
C ILE D 277 12.02 45.98 17.68
N LEU D 278 11.91 47.05 18.47
CA LEU D 278 12.60 47.16 19.75
C LEU D 278 11.62 47.37 20.89
N VAL D 279 11.89 46.70 22.01
CA VAL D 279 11.19 46.90 23.28
C VAL D 279 12.32 47.12 24.29
N ASP D 280 12.31 48.26 24.96
CA ASP D 280 13.47 48.76 25.71
C ASP D 280 14.67 48.87 24.75
N GLY D 281 15.85 48.36 25.11
CA GLY D 281 17.02 48.47 24.23
C GLY D 281 17.12 47.40 23.15
N ASN D 282 16.28 46.35 23.23
CA ASN D 282 16.56 45.06 22.62
C ASN D 282 15.76 44.77 21.34
N VAL D 283 16.43 44.16 20.36
CA VAL D 283 15.79 43.70 19.16
C VAL D 283 14.91 42.49 19.51
N VAL D 284 13.62 42.62 19.26
CA VAL D 284 12.61 41.57 19.52
C VAL D 284 12.20 40.80 18.24
N ASP D 285 12.26 41.46 17.08
CA ASP D 285 11.89 40.86 15.80
C ASP D 285 12.65 41.59 14.69
N THR D 286 12.85 40.94 13.56
CA THR D 286 13.59 41.55 12.46
C THR D 286 13.06 41.10 11.11
N LYS D 287 12.73 42.05 10.24
CA LYS D 287 12.39 41.77 8.85
C LYS D 287 13.44 42.41 7.94
N GLU D 288 14.00 41.61 7.04
CA GLU D 288 14.91 42.09 6.02
C GLU D 288 14.14 42.19 4.72
N THR D 289 14.12 43.38 4.13
CA THR D 289 13.46 43.62 2.84
C THR D 289 14.50 44.08 1.83
N PRO D 290 14.73 43.28 0.77
CA PRO D 290 15.58 43.76 -0.30
C PRO D 290 14.75 44.56 -1.30
N PHE D 291 15.35 45.62 -1.84
CA PHE D 291 14.66 46.46 -2.81
C PHE D 291 15.67 47.14 -3.72
N GLY D 292 15.15 47.73 -4.80
CA GLY D 292 15.96 48.52 -5.72
C GLY D 292 15.41 49.92 -5.88
N ILE D 293 16.31 50.88 -6.04
CA ILE D 293 15.95 52.27 -6.24
C ILE D 293 15.99 52.55 -7.74
N ARG D 294 14.84 52.89 -8.29
CA ARG D 294 14.72 53.14 -9.73
C ARG D 294 13.39 53.83 -9.99
N SER D 295 13.33 54.63 -11.06
CA SER D 295 12.09 55.29 -11.45
C SER D 295 11.60 54.75 -12.79
N ILE D 296 10.29 54.71 -12.95
CA ILE D 296 9.68 54.15 -14.15
C ILE D 296 8.59 55.07 -14.62
N LYS D 297 8.38 55.16 -15.93
CA LYS D 297 7.32 55.99 -16.47
C LYS D 297 6.89 55.52 -17.84
N PHE D 298 5.59 55.43 -18.05
CA PHE D 298 5.00 55.18 -19.35
C PHE D 298 4.33 56.44 -19.90
N ASP D 299 4.97 57.01 -20.91
CA ASP D 299 4.53 58.24 -21.58
C ASP D 299 3.86 57.86 -22.92
N ALA D 300 2.61 58.30 -23.10
CA ALA D 300 1.79 57.88 -24.24
C ALA D 300 2.29 58.33 -25.61
N LYS D 301 3.05 59.44 -25.65
CA LYS D 301 3.62 59.98 -26.89
C LYS D 301 5.07 59.49 -27.14
N LYS D 302 5.85 59.28 -26.08
CA LYS D 302 7.30 59.01 -26.22
C LYS D 302 7.82 57.63 -25.79
N GLY D 303 6.94 56.77 -25.27
CA GLY D 303 7.32 55.43 -24.84
C GLY D 303 7.76 55.37 -23.39
N PHE D 304 8.69 54.46 -23.10
CA PHE D 304 8.97 54.04 -21.73
C PHE D 304 10.32 54.55 -21.25
N PHE D 305 10.36 55.03 -20.00
CA PHE D 305 11.57 55.56 -19.37
C PHE D 305 11.93 54.77 -18.13
N LEU D 306 13.20 54.39 -18.03
CA LEU D 306 13.75 53.76 -16.81
C LEU D 306 14.95 54.59 -16.38
N ASN D 307 14.93 55.09 -15.15
CA ASN D 307 15.94 56.02 -14.63
C ASN D 307 16.24 57.16 -15.61
N GLY D 308 15.19 57.69 -16.24
CA GLY D 308 15.30 58.75 -17.22
C GLY D 308 15.84 58.44 -18.61
N LYS D 309 16.15 57.17 -18.92
CA LYS D 309 16.56 56.77 -20.27
C LYS D 309 15.36 56.22 -21.02
N ASN D 310 15.08 56.77 -22.19
CA ASN D 310 14.08 56.20 -23.07
C ASN D 310 14.65 54.95 -23.71
N MET D 311 14.02 53.80 -23.45
CA MET D 311 14.50 52.52 -23.97
C MET D 311 13.32 51.71 -24.46
N LYS D 312 13.57 50.87 -25.48
CA LYS D 312 12.57 49.91 -25.97
C LYS D 312 12.56 48.66 -25.08
N ILE D 313 11.38 48.11 -24.89
CA ILE D 313 11.15 46.92 -24.06
C ILE D 313 11.27 45.68 -24.95
N LYS D 314 12.31 44.88 -24.71
CA LYS D 314 12.61 43.69 -25.49
C LYS D 314 12.19 42.45 -24.70
N GLY D 315 10.89 42.23 -24.64
CA GLY D 315 10.33 41.23 -23.76
C GLY D 315 10.09 39.85 -24.37
N VAL D 316 10.12 38.84 -23.51
CA VAL D 316 9.74 37.48 -23.89
C VAL D 316 8.71 36.97 -22.89
N CYS D 317 7.82 36.08 -23.31
CA CYS D 317 6.87 35.44 -22.40
C CYS D 317 7.45 34.12 -21.92
N LEU D 318 7.35 33.86 -20.61
CA LEU D 318 7.82 32.60 -20.03
C LEU D 318 6.70 31.92 -19.26
N HIS D 319 6.48 30.62 -19.54
CA HIS D 319 5.68 29.77 -18.65
C HIS D 319 6.58 29.30 -17.49
N HIS D 320 6.02 28.51 -16.57
CA HIS D 320 6.70 28.18 -15.30
C HIS D 320 7.51 26.85 -15.26
N ASP D 321 7.30 25.96 -16.24
CA ASP D 321 8.08 24.70 -16.34
C ASP D 321 9.45 24.94 -16.97
N ALA D 322 10.43 24.15 -16.54
CA ALA D 322 11.70 23.99 -17.26
C ALA D 322 11.95 22.54 -17.70
N SER D 323 10.90 21.90 -18.21
CA SER D 323 10.98 20.56 -18.85
C SER D 323 11.21 19.39 -17.87
N MET D 324 12.46 18.99 -17.63
CA MET D 324 12.73 17.77 -16.86
C MET D 324 12.47 17.95 -15.37
N ILE D 325 12.71 19.16 -14.86
CA ILE D 325 12.36 19.52 -13.47
C ILE D 325 10.91 19.91 -13.27
N GLY D 326 10.13 20.03 -14.34
CA GLY D 326 8.72 20.40 -14.26
C GLY D 326 8.53 21.80 -13.73
N ALA D 327 7.45 21.99 -12.96
CA ALA D 327 7.20 23.26 -12.28
C ALA D 327 8.22 23.59 -11.18
N ALA D 328 8.97 22.59 -10.68
CA ALA D 328 9.81 22.80 -9.50
C ALA D 328 10.76 23.96 -9.76
N LEU D 329 10.84 24.89 -8.81
CA LEU D 329 11.61 26.09 -9.00
C LEU D 329 13.03 25.82 -8.60
N VAL D 330 13.80 25.27 -9.54
CA VAL D 330 15.25 25.11 -9.38
C VAL D 330 15.91 26.36 -9.95
N GLU D 331 16.42 27.22 -9.07
CA GLU D 331 16.93 28.54 -9.45
C GLU D 331 18.10 28.48 -10.46
N ASP D 332 19.05 27.58 -10.28
CA ASP D 332 20.19 27.46 -11.21
C ASP D 332 19.72 27.09 -12.63
N VAL D 333 18.66 26.29 -12.75
CA VAL D 333 18.14 25.94 -14.09
C VAL D 333 17.64 27.17 -14.85
N TRP D 334 16.95 28.07 -14.15
CA TRP D 334 16.45 29.30 -14.75
C TRP D 334 17.56 30.34 -14.95
N ARG D 335 18.55 30.38 -14.07
CA ARG D 335 19.68 31.29 -14.25
C ARG D 335 20.37 31.10 -15.59
N ARG D 336 20.55 29.85 -16.02
CA ARG D 336 21.18 29.58 -17.33
C ARG D 336 20.27 30.05 -18.45
N ARG D 337 18.98 29.69 -18.36
CA ARG D 337 17.98 30.11 -19.34
C ARG D 337 17.89 31.63 -19.45
N LEU D 338 17.91 32.32 -18.31
CA LEU D 338 17.90 33.78 -18.27
C LEU D 338 19.19 34.40 -18.80
N GLN D 339 20.33 33.82 -18.45
CA GLN D 339 21.62 34.36 -18.93
C GLN D 339 21.67 34.30 -20.45
N THR D 340 21.23 33.19 -21.04
CA THR D 340 21.17 33.06 -22.50
C THR D 340 20.27 34.15 -23.07
N LEU D 341 19.07 34.29 -22.49
CA LEU D 341 18.09 35.29 -22.93
C LEU D 341 18.66 36.72 -22.96
N LYS D 342 19.38 37.07 -21.89
CA LYS D 342 20.02 38.39 -21.78
C LYS D 342 21.09 38.58 -22.86
N ASP D 343 21.91 37.56 -23.10
CA ASP D 343 22.93 37.63 -24.17
C ASP D 343 22.29 37.81 -25.57
N GLY D 344 21.05 37.34 -25.73
CA GLY D 344 20.23 37.64 -26.91
C GLY D 344 19.53 38.99 -26.95
N GLY D 345 19.78 39.84 -25.95
CA GLY D 345 19.25 41.20 -25.92
C GLY D 345 17.97 41.42 -25.13
N CYS D 346 17.37 40.35 -24.59
CA CYS D 346 16.15 40.46 -23.79
C CYS D 346 16.44 41.29 -22.54
N ASN D 347 15.50 42.18 -22.21
CA ASN D 347 15.51 42.92 -20.94
C ASN D 347 14.18 42.84 -20.17
N ALA D 348 13.21 42.05 -20.64
CA ALA D 348 11.92 41.97 -19.95
C ALA D 348 11.27 40.61 -20.08
N ILE D 349 10.48 40.28 -19.06
CA ILE D 349 9.79 39.00 -18.95
C ILE D 349 8.35 39.25 -18.55
N ARG D 350 7.44 38.63 -19.30
CA ARG D 350 6.04 38.59 -18.96
C ARG D 350 5.75 37.18 -18.41
N LEU D 351 5.24 37.10 -17.17
CA LEU D 351 4.92 35.83 -16.52
C LEU D 351 3.55 35.37 -16.98
N SER D 352 3.52 34.80 -18.18
CA SER D 352 2.34 34.17 -18.76
C SER D 352 1.97 32.90 -17.99
N HIS D 353 0.73 32.75 -17.50
CA HIS D 353 -0.29 33.77 -17.29
C HIS D 353 -0.71 33.66 -15.85
N ASN D 354 0.25 33.88 -14.94
CA ASN D 354 0.02 33.61 -13.54
C ASN D 354 1.09 34.22 -12.66
N PRO D 355 0.83 34.33 -11.34
CA PRO D 355 1.84 34.76 -10.38
C PRO D 355 3.09 33.90 -10.46
N GLY D 356 4.25 34.52 -10.38
CA GLY D 356 5.53 33.79 -10.47
C GLY D 356 6.00 33.33 -9.11
N ALA D 357 7.21 32.78 -9.07
CA ALA D 357 7.83 32.37 -7.83
C ALA D 357 8.64 33.51 -7.26
N ASP D 358 8.60 33.68 -5.93
CA ASP D 358 9.42 34.69 -5.28
C ASP D 358 10.90 34.55 -5.66
N ALA D 359 11.37 33.31 -5.72
CA ALA D 359 12.76 33.01 -6.07
C ALA D 359 13.09 33.37 -7.52
N PHE D 360 12.10 33.33 -8.43
CA PHE D 360 12.27 33.75 -9.83
C PHE D 360 12.36 35.28 -9.97
N LEU D 361 11.54 35.97 -9.18
CA LEU D 361 11.53 37.42 -9.12
C LEU D 361 12.81 37.92 -8.50
N GLU D 362 13.28 37.25 -7.46
CA GLU D 362 14.62 37.53 -6.89
C GLU D 362 15.72 37.42 -7.94
N LEU D 363 15.61 36.39 -8.78
CA LEU D 363 16.53 36.17 -9.87
C LEU D 363 16.52 37.34 -10.88
N CYS D 364 15.32 37.85 -11.23
CA CYS D 364 15.20 38.98 -12.16
C CYS D 364 15.76 40.30 -11.58
N ASP D 365 15.46 40.57 -10.31
CA ASP D 365 16.12 41.63 -9.51
C ASP D 365 17.65 41.56 -9.66
N GLU D 366 18.22 40.38 -9.47
CA GLU D 366 19.68 40.21 -9.43
C GLU D 366 20.34 40.30 -10.83
N MET D 367 19.67 39.71 -11.83
CA MET D 367 20.19 39.67 -13.20
C MET D 367 19.85 40.91 -14.04
N GLY D 368 18.70 41.54 -13.77
CA GLY D 368 18.28 42.76 -14.45
C GLY D 368 17.29 42.56 -15.59
N PHE D 369 16.08 42.11 -15.24
CA PHE D 369 14.92 42.02 -16.16
C PHE D 369 13.72 42.81 -15.62
N LEU D 370 12.99 43.49 -16.49
CA LEU D 370 11.74 44.16 -16.11
C LEU D 370 10.62 43.13 -16.16
N VAL D 371 9.85 43.00 -15.09
CA VAL D 371 8.89 41.89 -14.98
C VAL D 371 7.43 42.34 -14.93
N GLN D 372 6.63 41.83 -15.87
CA GLN D 372 5.17 41.89 -15.75
C GLN D 372 4.68 40.62 -15.07
N GLU D 373 4.03 40.75 -13.91
CA GLU D 373 3.38 39.61 -13.24
C GLU D 373 1.87 39.63 -13.55
N GLU D 374 1.36 38.57 -14.21
CA GLU D 374 -0.09 38.42 -14.48
C GLU D 374 -0.79 37.66 -13.38
N PHE D 375 -2.02 38.04 -13.06
CA PHE D 375 -2.77 37.39 -11.99
C PHE D 375 -3.58 36.21 -12.51
N PHE D 376 -4.20 36.35 -13.68
CA PHE D 376 -5.14 35.34 -14.17
C PHE D 376 -5.14 35.17 -15.67
N ASP D 377 -5.47 33.96 -16.11
CA ASP D 377 -5.72 33.63 -17.52
C ASP D 377 -7.20 33.74 -17.91
N GLU D 378 -8.08 33.83 -16.92
CA GLU D 378 -9.53 33.94 -17.15
C GLU D 378 -10.14 34.59 -15.92
N TRP D 379 -11.34 35.15 -16.08
CA TRP D 379 -12.03 35.83 -15.00
C TRP D 379 -13.32 35.07 -14.74
N ASP D 380 -14.48 35.66 -15.02
CA ASP D 380 -15.77 35.11 -14.58
C ASP D 380 -16.17 33.83 -15.32
N TYR D 381 -15.73 33.74 -16.58
CA TYR D 381 -16.12 32.65 -17.47
C TYR D 381 -14.87 31.87 -17.90
N PRO D 382 -15.00 30.54 -18.14
CA PRO D 382 -13.83 29.75 -18.47
C PRO D 382 -13.46 29.77 -19.97
N LYS D 383 -12.16 29.64 -20.26
CA LYS D 383 -11.67 29.30 -21.59
C LYS D 383 -11.65 27.78 -21.81
N ASP D 384 -11.87 27.34 -23.04
CA ASP D 384 -11.65 25.93 -23.39
C ASP D 384 -10.17 25.60 -23.08
N LYS D 385 -9.91 24.48 -22.41
CA LYS D 385 -8.54 24.13 -22.03
C LYS D 385 -7.78 23.45 -23.17
N ARG D 386 -8.50 22.73 -24.03
CA ARG D 386 -7.88 21.99 -25.15
C ARG D 386 -7.71 22.91 -26.33
N LEU D 387 -8.83 23.52 -26.74
CA LEU D 387 -8.87 24.54 -27.79
C LEU D 387 -8.65 25.84 -27.02
N ASN D 388 -8.36 26.96 -27.66
CA ASN D 388 -8.26 28.22 -26.89
C ASN D 388 -9.68 28.86 -26.80
N MET D 389 -9.77 30.15 -26.46
CA MET D 389 -11.01 30.94 -26.62
C MET D 389 -12.11 30.44 -25.67
N ASP D 390 -13.38 30.74 -25.93
CA ASP D 390 -14.46 30.37 -25.00
C ASP D 390 -14.64 28.86 -24.88
N GLU D 391 -15.10 28.43 -23.71
CA GLU D 391 -15.31 27.01 -23.43
C GLU D 391 -16.45 26.47 -24.27
N GLN D 392 -16.16 25.44 -25.08
CA GLN D 392 -17.14 24.86 -25.99
C GLN D 392 -17.76 23.55 -25.52
N SER D 393 -17.21 22.93 -24.48
CA SER D 393 -17.85 21.78 -23.83
C SER D 393 -17.40 21.67 -22.37
N ILE D 394 -18.09 20.82 -21.63
CA ILE D 394 -17.82 20.63 -20.19
C ILE D 394 -17.55 19.15 -19.87
N ASP D 395 -16.36 18.88 -19.34
CA ASP D 395 -16.07 17.60 -18.70
C ASP D 395 -15.34 17.82 -17.38
N TYR D 396 -15.27 16.78 -16.55
CA TYR D 396 -14.72 16.90 -15.20
C TYR D 396 -13.25 17.36 -15.13
N ILE D 397 -12.37 16.76 -15.93
CA ILE D 397 -10.92 17.05 -15.85
C ILE D 397 -10.47 18.43 -16.35
N THR D 398 -11.36 19.19 -16.99
CA THR D 398 -11.10 20.58 -17.42
C THR D 398 -11.70 21.66 -16.49
N ARG D 399 -12.43 21.26 -15.45
CA ARG D 399 -12.91 22.20 -14.43
C ARG D 399 -11.69 22.84 -13.75
N GLY D 400 -11.65 24.17 -13.75
CA GLY D 400 -10.53 24.91 -13.18
C GLY D 400 -10.91 25.95 -12.16
N TYR D 401 -10.02 26.93 -11.99
CA TYR D 401 -10.13 28.00 -10.96
C TYR D 401 -11.36 28.93 -11.09
N CYS D 402 -12.01 28.92 -12.24
CA CYS D 402 -13.23 29.69 -12.47
C CYS D 402 -14.37 29.31 -11.51
N GLU D 403 -14.37 28.07 -11.05
CA GLU D 403 -15.25 27.60 -9.98
C GLU D 403 -15.06 28.33 -8.64
N TYR D 404 -13.86 28.86 -8.39
CA TYR D 404 -13.53 29.59 -7.16
C TYR D 404 -13.25 31.10 -7.32
N PHE D 405 -13.33 31.61 -8.55
CA PHE D 405 -12.98 33.01 -8.86
C PHE D 405 -13.82 34.05 -8.09
N GLN D 406 -15.14 33.86 -8.05
CA GLN D 406 -16.03 34.79 -7.34
C GLN D 406 -15.61 35.02 -5.88
N GLU D 407 -15.32 33.94 -5.16
CA GLU D 407 -14.90 34.02 -3.76
C GLU D 407 -13.43 34.30 -3.50
N TRP D 408 -12.53 33.93 -4.41
CA TRP D 408 -11.09 33.93 -4.15
C TRP D 408 -10.21 34.97 -4.86
N ALA D 409 -10.69 35.56 -5.96
CA ALA D 409 -9.89 36.51 -6.74
C ALA D 409 -9.16 37.58 -5.88
N GLU D 410 -9.93 38.26 -5.03
CA GLU D 410 -9.36 39.34 -4.20
C GLU D 410 -8.30 38.84 -3.22
N ARG D 411 -8.58 37.72 -2.56
CA ARG D 411 -7.65 37.10 -1.60
C ARG D 411 -6.35 36.74 -2.31
N ASP D 412 -6.47 36.11 -3.49
CA ASP D 412 -5.30 35.66 -4.25
C ASP D 412 -4.49 36.85 -4.82
N LEU D 413 -5.19 37.78 -5.47
CA LEU D 413 -4.52 38.95 -6.04
C LEU D 413 -3.74 39.75 -5.00
N LYS D 414 -4.36 40.02 -3.86
CA LYS D 414 -3.71 40.84 -2.82
C LYS D 414 -2.55 40.12 -2.13
N ASN D 415 -2.67 38.82 -1.90
CA ASN D 415 -1.55 38.02 -1.38
C ASN D 415 -0.37 38.02 -2.33
N VAL D 416 -0.63 37.91 -3.62
CA VAL D 416 0.41 37.94 -4.66
C VAL D 416 1.15 39.26 -4.61
N MET D 417 0.40 40.36 -4.46
CA MET D 417 1.02 41.68 -4.38
C MET D 417 1.63 41.93 -3.01
N LEU D 418 1.07 41.36 -1.96
CA LEU D 418 1.74 41.41 -0.66
C LEU D 418 3.10 40.73 -0.74
N ARG D 419 3.14 39.60 -1.46
CA ARG D 419 4.36 38.81 -1.62
C ARG D 419 5.39 39.46 -2.55
N SER D 420 4.92 39.99 -3.67
CA SER D 420 5.77 40.46 -4.76
C SER D 420 6.23 41.93 -4.67
N ARG D 421 5.42 42.80 -4.05
CA ARG D 421 5.49 44.23 -4.37
C ARG D 421 6.80 44.98 -4.08
N ASN D 422 7.68 44.43 -3.26
CA ASN D 422 9.02 45.05 -3.05
C ASN D 422 10.03 44.84 -4.18
N HIS D 423 9.80 43.86 -5.06
CA HIS D 423 10.79 43.46 -6.08
C HIS D 423 10.98 44.55 -7.12
N PRO D 424 12.23 45.12 -7.23
CA PRO D 424 12.51 46.19 -8.21
C PRO D 424 12.24 45.81 -9.66
N CYS D 425 12.41 44.54 -9.98
CA CYS D 425 12.16 44.04 -11.31
C CYS D 425 10.74 44.33 -11.77
N ILE D 426 9.76 44.20 -10.88
CA ILE D 426 8.37 44.34 -11.30
C ILE D 426 8.10 45.80 -11.71
N PHE D 427 7.57 45.94 -12.93
CA PHE D 427 7.27 47.23 -13.54
C PHE D 427 5.89 47.27 -14.24
N GLN D 428 5.07 46.23 -14.04
CA GLN D 428 3.73 46.12 -14.62
C GLN D 428 2.94 45.04 -13.87
N TRP D 429 1.71 45.35 -13.47
CA TRP D 429 0.76 44.36 -12.94
C TRP D 429 -0.32 44.12 -13.99
N SER D 430 -0.44 42.90 -14.48
CA SER D 430 -1.41 42.57 -15.51
C SER D 430 -2.58 41.78 -14.95
N ILE D 431 -3.79 42.33 -15.10
CA ILE D 431 -4.98 41.78 -14.49
C ILE D 431 -5.62 40.63 -15.27
N GLY D 432 -5.19 40.40 -16.51
CA GLY D 432 -5.80 39.33 -17.31
C GLY D 432 -5.21 39.12 -18.68
N ASN D 433 -5.39 37.93 -19.22
CA ASN D 433 -4.85 37.57 -20.54
C ASN D 433 -5.98 37.21 -21.50
N GLU D 434 -5.90 37.72 -22.73
CA GLU D 434 -6.88 37.45 -23.81
C GLU D 434 -8.28 37.15 -23.27
N ILE D 435 -8.78 38.04 -22.42
CA ILE D 435 -10.05 37.83 -21.67
C ILE D 435 -11.26 37.93 -22.59
N GLU D 436 -11.17 38.77 -23.63
CA GLU D 436 -12.29 39.13 -24.48
C GLU D 436 -13.08 37.97 -25.06
N TRP D 437 -12.41 36.84 -25.31
CA TRP D 437 -13.08 35.63 -25.84
C TRP D 437 -14.19 35.09 -24.92
N THR D 438 -14.04 35.25 -23.61
CA THR D 438 -14.88 34.57 -22.60
C THR D 438 -16.21 35.27 -22.26
N TYR D 439 -16.39 36.50 -22.73
CA TYR D 439 -17.62 37.26 -22.52
C TYR D 439 -18.38 37.33 -23.86
N LYS D 440 -19.62 36.82 -23.89
CA LYS D 440 -20.48 36.85 -25.07
C LYS D 440 -20.62 38.28 -25.55
N GLY D 441 -20.54 38.48 -26.86
CA GLY D 441 -20.72 39.80 -27.46
C GLY D 441 -19.46 40.58 -27.79
N CYS D 442 -18.35 40.29 -27.09
CA CYS D 442 -17.12 41.07 -27.27
C CYS D 442 -16.63 41.09 -28.71
N LYS D 443 -16.41 39.89 -29.26
CA LYS D 443 -15.93 39.76 -30.63
C LYS D 443 -16.99 40.13 -31.68
N GLU D 444 -18.25 39.85 -31.38
CA GLU D 444 -19.36 40.21 -32.27
C GLU D 444 -19.46 41.72 -32.48
N SER D 445 -19.10 42.49 -31.46
CA SER D 445 -19.16 43.95 -31.51
C SER D 445 -18.02 44.61 -32.29
N THR D 446 -16.93 43.88 -32.50
CA THR D 446 -15.98 44.20 -33.59
C THR D 446 -16.65 43.69 -34.86
N GLY D 447 -16.27 44.18 -36.02
CA GLY D 447 -16.83 43.65 -37.27
C GLY D 447 -16.20 42.34 -37.74
N PHE D 448 -15.22 41.82 -37.01
CA PHE D 448 -14.28 40.81 -37.54
C PHE D 448 -14.87 39.45 -37.89
N PHE D 449 -15.89 38.99 -37.16
CA PHE D 449 -16.41 37.62 -37.34
C PHE D 449 -17.87 37.59 -37.81
N SER D 450 -18.19 38.50 -38.73
CA SER D 450 -19.56 38.70 -39.20
C SER D 450 -19.98 37.60 -40.18
N TYR D 457 -8.62 38.57 -38.56
CA TYR D 457 -8.49 39.77 -37.72
C TYR D 457 -7.04 40.18 -37.35
N PHE D 458 -6.11 39.25 -37.30
CA PHE D 458 -4.67 39.55 -37.01
C PHE D 458 -4.08 40.73 -37.79
N TRP D 459 -4.51 40.85 -39.05
CA TRP D 459 -3.94 41.79 -40.02
C TRP D 459 -4.86 42.97 -40.37
N ASN D 460 -6.17 42.80 -40.19
CA ASN D 460 -7.13 43.86 -40.50
C ASN D 460 -7.37 44.72 -39.24
N GLN D 461 -7.79 45.97 -39.48
CA GLN D 461 -8.40 46.78 -38.44
C GLN D 461 -9.90 46.48 -38.55
N PRO D 462 -10.69 46.83 -37.52
CA PRO D 462 -12.11 46.45 -37.57
C PRO D 462 -12.89 47.10 -38.72
N PRO D 463 -13.82 46.35 -39.35
CA PRO D 463 -14.74 46.95 -40.33
C PRO D 463 -15.59 48.08 -39.74
N TYR D 464 -16.07 47.91 -38.51
CA TYR D 464 -16.95 48.91 -37.89
C TYR D 464 -16.14 50.07 -37.32
N SER D 465 -16.77 51.25 -37.26
CA SER D 465 -16.15 52.44 -36.68
C SER D 465 -16.17 52.39 -35.15
N THR D 466 -15.49 53.35 -34.53
CA THR D 466 -15.45 53.48 -33.08
C THR D 466 -16.86 53.53 -32.46
N GLN D 467 -17.75 54.32 -33.08
CA GLN D 467 -19.13 54.49 -32.59
C GLN D 467 -20.03 53.31 -32.94
N ARG D 468 -19.81 52.69 -34.10
CA ARG D 468 -20.54 51.48 -34.48
C ARG D 468 -20.22 50.28 -33.55
N ILE D 469 -18.97 50.16 -33.12
CA ILE D 469 -18.58 49.11 -32.17
C ILE D 469 -19.40 49.30 -30.88
N ARG D 470 -19.36 50.51 -30.35
CA ARG D 470 -20.13 50.90 -29.15
C ARG D 470 -21.65 50.61 -29.26
N GLU D 471 -22.22 50.85 -30.44
CA GLU D 471 -23.64 50.61 -30.72
C GLU D 471 -23.99 49.12 -30.83
N GLU D 472 -23.07 48.32 -31.40
CA GLU D 472 -23.24 46.86 -31.43
C GLU D 472 -23.08 46.25 -30.03
N TRP D 473 -22.18 46.82 -29.22
CA TRP D 473 -22.04 46.45 -27.80
C TRP D 473 -23.30 46.74 -26.97
N ALA D 474 -23.99 47.85 -27.24
CA ALA D 474 -25.30 48.11 -26.62
C ALA D 474 -26.39 47.12 -27.06
N LYS D 475 -26.30 46.63 -28.29
CA LYS D 475 -27.23 45.62 -28.81
C LYS D 475 -27.06 44.22 -28.22
N GLN D 476 -25.86 43.88 -27.72
CA GLN D 476 -25.58 42.50 -27.24
C GLN D 476 -26.31 42.22 -25.93
N PRO D 477 -27.00 41.06 -25.82
CA PRO D 477 -27.81 40.82 -24.63
C PRO D 477 -26.99 40.77 -23.34
N LYS D 478 -27.55 41.34 -22.28
CA LYS D 478 -26.92 41.37 -20.97
C LYS D 478 -26.63 39.96 -20.45
N GLN D 479 -25.54 39.83 -19.69
N GLN D 479 -25.53 39.81 -19.71
CA GLN D 479 -25.12 38.58 -19.08
CA GLN D 479 -25.15 38.54 -19.10
C GLN D 479 -24.91 38.78 -17.59
C GLN D 479 -24.88 38.77 -17.61
N THR D 480 -24.72 37.67 -16.87
CA THR D 480 -24.49 37.68 -15.43
C THR D 480 -23.30 38.52 -15.02
N TYR D 481 -22.19 38.34 -15.72
CA TYR D 481 -20.98 39.09 -15.47
C TYR D 481 -20.66 40.00 -16.67
N ASP D 482 -20.00 41.12 -16.38
CA ASP D 482 -19.57 42.06 -17.40
C ASP D 482 -18.06 42.21 -17.34
N ILE D 483 -17.43 42.16 -18.50
CA ILE D 483 -15.98 42.36 -18.60
C ILE D 483 -15.52 43.73 -18.08
N GLY D 484 -16.28 44.79 -18.40
CA GLY D 484 -15.98 46.14 -17.94
C GLY D 484 -16.04 46.29 -16.43
N ARG D 485 -17.13 45.79 -15.82
CA ARG D 485 -17.30 45.82 -14.37
C ARG D 485 -16.22 45.02 -13.64
N THR D 486 -15.97 43.80 -14.09
CA THR D 486 -14.96 42.96 -13.46
C THR D 486 -13.53 43.52 -13.66
N ALA D 487 -13.26 44.06 -14.85
CA ALA D 487 -11.98 44.78 -15.07
C ALA D 487 -11.74 45.86 -14.01
N LYS D 488 -12.79 46.64 -13.72
CA LYS D 488 -12.73 47.71 -12.70
C LYS D 488 -12.50 47.20 -11.28
N LYS D 489 -13.16 46.10 -10.90
CA LYS D 489 -12.97 45.49 -9.57
C LYS D 489 -11.49 45.15 -9.36
N LEU D 490 -10.93 44.42 -10.34
CA LEU D 490 -9.54 43.95 -10.29
C LEU D 490 -8.53 45.10 -10.29
N ALA D 491 -8.77 46.07 -11.17
CA ALA D 491 -7.92 47.27 -11.20
C ALA D 491 -7.98 48.03 -9.88
N ALA D 492 -9.18 48.10 -9.27
CA ALA D 492 -9.37 48.81 -7.99
C ALA D 492 -8.62 48.09 -6.85
N TRP D 493 -8.81 46.76 -6.76
CA TRP D 493 -8.04 45.94 -5.83
C TRP D 493 -6.53 46.08 -6.03
N THR D 494 -6.09 46.09 -7.27
CA THR D 494 -4.67 46.26 -7.56
C THR D 494 -4.17 47.57 -6.94
N ARG D 495 -4.94 48.63 -7.11
CA ARG D 495 -4.53 49.97 -6.69
C ARG D 495 -4.55 50.19 -5.19
N GLU D 496 -5.37 49.42 -4.48
CA GLU D 496 -5.29 49.42 -3.02
C GLU D 496 -3.91 49.00 -2.54
N MET D 497 -3.29 48.04 -3.24
CA MET D 497 -2.04 47.43 -2.81
C MET D 497 -0.81 48.15 -3.30
N ASP D 498 -0.90 48.76 -4.49
CA ASP D 498 0.23 49.45 -5.10
C ASP D 498 -0.23 50.38 -6.24
N THR D 499 0.18 51.64 -6.18
CA THR D 499 -0.01 52.58 -7.28
C THR D 499 1.31 52.97 -7.94
N THR D 500 2.44 52.37 -7.51
CA THR D 500 3.75 52.72 -8.06
C THR D 500 4.13 52.00 -9.35
N ARG D 501 3.23 51.17 -9.88
CA ARG D 501 3.45 50.45 -11.13
C ARG D 501 2.11 50.38 -11.84
N PRO D 502 2.12 50.54 -13.18
CA PRO D 502 0.87 50.64 -13.90
C PRO D 502 0.12 49.31 -13.95
N VAL D 503 -1.20 49.41 -13.86
CA VAL D 503 -2.08 48.29 -14.20
C VAL D 503 -2.07 48.14 -15.72
N THR D 504 -1.91 46.91 -16.21
CA THR D 504 -2.04 46.59 -17.66
C THR D 504 -2.89 45.34 -17.87
N ALA D 505 -3.04 44.92 -19.12
CA ALA D 505 -3.69 43.65 -19.47
C ALA D 505 -3.40 43.31 -20.93
N ASN D 506 -3.29 42.04 -21.26
CA ASN D 506 -3.07 41.60 -22.64
C ASN D 506 -4.43 41.47 -23.32
N CYS D 507 -4.81 42.49 -24.08
CA CYS D 507 -6.09 42.55 -24.79
C CYS D 507 -5.94 42.01 -26.21
N ILE D 508 -6.74 41.01 -26.55
CA ILE D 508 -6.73 40.37 -27.89
C ILE D 508 -7.67 41.07 -28.88
N LEU D 509 -8.56 41.92 -28.37
CA LEU D 509 -9.47 42.69 -29.22
C LEU D 509 -9.66 44.11 -28.65
N PRO D 510 -8.58 44.93 -28.66
CA PRO D 510 -8.65 46.30 -28.15
C PRO D 510 -9.81 47.11 -28.73
N SER D 511 -10.13 46.86 -30.00
CA SER D 511 -11.24 47.50 -30.70
C SER D 511 -12.53 47.61 -29.88
N ILE D 512 -12.91 46.52 -29.22
CA ILE D 512 -14.11 46.52 -28.35
C ILE D 512 -13.74 46.85 -26.91
N SER D 513 -12.57 46.43 -26.46
CA SER D 513 -12.20 46.68 -25.06
C SER D 513 -11.96 48.17 -24.75
N TYR D 514 -11.67 48.98 -25.79
CA TYR D 514 -11.63 50.45 -25.65
C TYR D 514 -13.02 51.04 -25.29
N GLU D 515 -14.10 50.36 -25.65
CA GLU D 515 -15.49 50.84 -25.47
C GLU D 515 -16.33 50.18 -24.35
N THR D 516 -15.86 49.06 -23.79
CA THR D 516 -16.53 48.39 -22.66
C THR D 516 -16.09 48.89 -21.27
N GLY D 517 -15.14 49.83 -21.22
CA GLY D 517 -14.59 50.30 -19.94
C GLY D 517 -13.38 49.52 -19.46
N TYR D 518 -13.04 48.43 -20.15
CA TYR D 518 -11.94 47.53 -19.75
C TYR D 518 -10.62 48.31 -19.84
N ILE D 519 -10.30 48.76 -21.05
CA ILE D 519 -9.05 49.49 -21.26
C ILE D 519 -9.00 50.78 -20.45
N ASP D 520 -10.15 51.40 -20.21
CA ASP D 520 -10.23 52.61 -19.39
C ASP D 520 -9.74 52.37 -17.94
N ALA D 521 -9.88 51.14 -17.45
CA ALA D 521 -9.43 50.76 -16.12
C ALA D 521 -7.91 50.59 -16.03
N LEU D 522 -7.25 50.51 -17.19
CA LEU D 522 -5.82 50.24 -17.27
C LEU D 522 -5.01 51.53 -17.44
N ASP D 523 -3.87 51.61 -16.75
CA ASP D 523 -2.87 52.65 -17.04
C ASP D 523 -2.13 52.46 -18.35
N VAL D 524 -2.07 51.22 -18.84
CA VAL D 524 -1.36 50.85 -20.08
C VAL D 524 -2.10 49.71 -20.79
N ALA D 525 -2.53 49.94 -22.04
CA ALA D 525 -3.23 48.92 -22.83
C ALA D 525 -2.21 48.01 -23.47
N GLY D 526 -2.24 46.73 -23.10
CA GLY D 526 -1.42 45.72 -23.74
C GLY D 526 -2.18 45.07 -24.86
N PHE D 527 -1.48 44.86 -25.98
CA PHE D 527 -2.04 44.31 -27.23
C PHE D 527 -1.46 42.91 -27.58
N SER D 528 -2.36 41.94 -27.69
CA SER D 528 -2.02 40.58 -28.09
C SER D 528 -2.17 40.46 -29.61
N TYR D 529 -1.03 40.49 -30.32
CA TYR D 529 -0.99 40.26 -31.77
C TYR D 529 -1.75 41.32 -32.58
N ARG D 530 -1.71 42.57 -32.10
CA ARG D 530 -2.43 43.69 -32.76
C ARG D 530 -1.48 44.79 -33.18
N ARG D 531 -0.37 44.46 -33.85
CA ARG D 531 0.53 45.52 -34.35
C ARG D 531 -0.16 46.44 -35.35
N VAL D 532 -1.14 45.91 -36.08
CA VAL D 532 -1.97 46.70 -37.00
C VAL D 532 -2.93 47.68 -36.31
N MET D 533 -3.09 47.56 -34.98
CA MET D 533 -3.87 48.52 -34.20
C MET D 533 -3.02 49.58 -33.49
N TYR D 534 -1.70 49.57 -33.68
CA TYR D 534 -0.83 50.58 -33.08
C TYR D 534 -1.17 51.99 -33.58
N ASP D 535 -1.44 52.13 -34.87
CA ASP D 535 -1.86 53.40 -35.47
C ASP D 535 -3.27 53.80 -35.06
N TYR D 536 -4.17 52.80 -35.05
CA TYR D 536 -5.57 52.94 -34.62
C TYR D 536 -5.63 53.52 -33.20
N ALA D 537 -4.77 52.99 -32.32
CA ALA D 537 -4.66 53.48 -30.95
C ALA D 537 -4.20 54.93 -30.88
N HIS D 538 -3.13 55.26 -31.61
CA HIS D 538 -2.55 56.63 -31.65
C HIS D 538 -3.50 57.67 -32.27
N LYS D 539 -4.28 57.23 -33.25
CA LYS D 539 -5.31 58.05 -33.89
C LYS D 539 -6.51 58.29 -32.98
N ASN D 540 -7.04 57.21 -32.39
CA ASN D 540 -8.31 57.28 -31.65
C ASN D 540 -8.16 57.53 -30.13
N TYR D 541 -7.06 57.09 -29.51
CA TYR D 541 -6.89 57.20 -28.07
C TYR D 541 -5.44 57.49 -27.74
N PRO D 542 -4.95 58.66 -28.20
CA PRO D 542 -3.52 58.98 -28.09
C PRO D 542 -3.01 59.18 -26.67
N ASP D 543 -3.91 59.45 -25.71
CA ASP D 543 -3.54 59.69 -24.31
C ASP D 543 -3.39 58.41 -23.48
N LYS D 544 -3.92 57.30 -23.99
CA LYS D 544 -3.75 55.95 -23.43
C LYS D 544 -2.44 55.31 -23.91
N PRO D 545 -1.46 55.10 -23.01
CA PRO D 545 -0.25 54.38 -23.42
C PRO D 545 -0.56 52.95 -23.86
N ALA D 546 0.01 52.54 -24.99
CA ALA D 546 -0.29 51.24 -25.61
C ALA D 546 1.00 50.58 -26.05
N MET D 547 0.95 49.26 -26.18
CA MET D 547 2.16 48.46 -26.21
C MET D 547 1.82 47.03 -26.61
N GLY D 548 2.82 46.32 -27.16
CA GLY D 548 2.69 44.89 -27.43
C GLY D 548 2.94 44.09 -26.17
N THR D 549 1.93 43.39 -25.66
CA THR D 549 2.11 42.52 -24.50
C THR D 549 2.18 41.04 -24.87
N GLU D 550 1.83 40.68 -26.11
CA GLU D 550 2.11 39.33 -26.64
C GLU D 550 2.30 39.39 -28.16
N ASN D 551 3.44 38.86 -28.61
CA ASN D 551 3.92 39.09 -29.96
C ASN D 551 4.64 37.87 -30.57
N LEU D 552 4.63 37.80 -31.90
CA LEU D 552 5.28 36.74 -32.67
C LEU D 552 6.78 36.99 -32.74
N GLY D 553 7.57 35.92 -32.70
CA GLY D 553 9.02 36.04 -32.71
C GLY D 553 9.49 36.29 -34.12
N GLN D 554 9.26 37.51 -34.61
CA GLN D 554 9.43 37.84 -36.03
C GLN D 554 9.87 39.29 -36.21
N TRP D 555 10.58 39.55 -37.31
CA TRP D 555 11.05 40.92 -37.60
C TRP D 555 9.89 41.88 -37.83
N HIS D 556 8.81 41.40 -38.45
CA HIS D 556 7.65 42.28 -38.71
C HIS D 556 7.02 42.87 -37.44
N GLU D 557 7.12 42.15 -36.33
CA GLU D 557 6.66 42.66 -35.02
C GLU D 557 7.57 43.77 -34.47
N TRP D 558 8.89 43.61 -34.61
CA TRP D 558 9.89 44.54 -34.07
C TRP D 558 10.07 45.79 -34.94
N LYS D 559 9.92 45.61 -36.26
CA LYS D 559 9.88 46.73 -37.20
C LYS D 559 8.81 47.73 -36.80
N ALA D 560 7.60 47.23 -36.49
CA ALA D 560 6.48 48.06 -36.03
C ALA D 560 6.80 48.84 -34.74
N VAL D 561 7.53 48.21 -33.82
CA VAL D 561 7.95 48.85 -32.56
C VAL D 561 8.99 49.96 -32.78
N ILE D 562 10.10 49.67 -33.46
CA ILE D 562 11.15 50.69 -33.68
C ILE D 562 10.68 51.89 -34.52
N GLU D 563 9.71 51.67 -35.39
CA GLU D 563 9.11 52.79 -36.15
C GLU D 563 8.30 53.80 -35.31
N ARG D 564 7.77 53.37 -34.16
CA ARG D 564 6.85 54.16 -33.37
C ARG D 564 7.39 54.49 -31.97
N ASP D 565 7.68 55.77 -31.74
CA ASP D 565 8.09 56.26 -30.41
C ASP D 565 6.99 55.97 -29.39
N TYR D 566 5.73 56.05 -29.82
CA TYR D 566 4.58 55.77 -28.98
C TYR D 566 4.27 54.30 -28.67
N ILE D 567 4.96 53.36 -29.31
CA ILE D 567 4.90 51.92 -28.92
C ILE D 567 6.23 51.46 -28.29
N PRO D 568 6.30 51.37 -26.95
CA PRO D 568 7.59 51.14 -26.30
C PRO D 568 8.11 49.70 -26.33
N GLY D 569 7.35 48.74 -26.84
CA GLY D 569 7.91 47.40 -26.99
C GLY D 569 6.97 46.24 -27.22
N MET D 570 7.54 45.05 -27.12
CA MET D 570 6.84 43.79 -27.33
C MET D 570 7.27 42.72 -26.34
N PHE D 571 6.41 41.69 -26.22
CA PHE D 571 6.72 40.47 -25.47
C PHE D 571 6.49 39.25 -26.38
N ILE D 572 7.57 38.60 -26.78
CA ILE D 572 7.53 37.49 -27.74
C ILE D 572 6.94 36.25 -27.08
N TRP D 573 6.15 35.50 -27.85
CA TRP D 573 5.63 34.19 -27.42
C TRP D 573 6.44 33.05 -28.09
N THR D 574 7.38 32.38 -27.43
CA THR D 574 7.85 32.59 -26.06
C THR D 574 9.39 32.65 -26.03
N GLY D 575 9.93 33.02 -24.87
CA GLY D 575 11.37 33.09 -24.66
C GLY D 575 12.02 31.71 -24.60
N VAL D 576 11.24 30.71 -24.15
CA VAL D 576 11.68 29.32 -24.06
C VAL D 576 10.48 28.43 -24.29
N ASP D 577 10.65 27.33 -25.03
CA ASP D 577 9.56 26.35 -25.15
C ASP D 577 9.01 25.88 -23.79
N TYR D 578 7.77 25.38 -23.85
CA TYR D 578 7.03 24.93 -22.67
C TYR D 578 6.15 23.70 -23.00
N LEU D 579 5.89 22.89 -21.98
CA LEU D 579 5.09 21.69 -22.16
C LEU D 579 3.59 22.01 -22.24
N GLY D 580 2.88 21.30 -23.10
CA GLY D 580 1.43 21.45 -23.26
C GLY D 580 1.01 22.33 -24.42
N GLU D 581 -0.28 22.66 -24.43
CA GLU D 581 -0.92 23.39 -25.51
C GLU D 581 -0.82 22.67 -26.87
N VAL D 582 -0.81 21.34 -26.80
CA VAL D 582 -0.71 20.47 -27.96
C VAL D 582 -1.89 19.48 -27.89
N GLY D 583 -1.96 18.54 -28.81
CA GLY D 583 -3.08 17.57 -28.88
C GLY D 583 -4.22 17.97 -29.79
N THR D 584 -4.19 19.21 -30.30
CA THR D 584 -5.14 19.69 -31.30
C THR D 584 -4.78 19.09 -32.67
N LYS D 585 -5.62 19.32 -33.69
CA LYS D 585 -5.35 18.82 -35.07
C LYS D 585 -3.97 19.31 -35.58
N GLY D 586 -3.17 18.39 -36.11
CA GLY D 586 -1.80 18.69 -36.56
C GLY D 586 -0.72 18.70 -35.47
N ARG D 587 -1.11 18.52 -34.22
CA ARG D 587 -0.16 18.47 -33.09
C ARG D 587 -0.48 17.31 -32.16
N GLU D 588 -0.68 16.15 -32.77
CA GLU D 588 -1.05 14.95 -32.03
C GLU D 588 0.20 14.41 -31.33
N TRP D 589 -0.03 13.49 -30.40
CA TRP D 589 1.02 12.66 -29.82
C TRP D 589 1.93 12.15 -30.95
N PRO D 590 3.25 12.09 -30.78
CA PRO D 590 3.99 12.34 -29.52
C PRO D 590 4.58 13.77 -29.34
N GLN D 591 3.98 14.77 -30.00
CA GLN D 591 4.41 16.17 -29.85
C GLN D 591 4.17 16.69 -28.41
N ARG D 592 5.21 17.24 -27.78
CA ARG D 592 5.14 17.72 -26.38
C ARG D 592 4.87 19.21 -26.27
N ALA D 593 5.59 20.00 -27.07
CA ALA D 593 5.48 21.45 -27.08
C ALA D 593 5.09 21.95 -28.46
N ILE D 594 4.83 23.25 -28.56
CA ILE D 594 4.51 23.89 -29.85
C ILE D 594 5.77 24.21 -30.67
N GLY D 595 6.87 24.57 -30.00
CA GLY D 595 8.12 24.96 -30.68
C GLY D 595 8.19 26.44 -31.02
N CYS D 596 7.37 27.25 -30.35
CA CYS D 596 7.32 28.71 -30.55
C CYS D 596 8.41 29.47 -29.80
N GLY D 597 9.07 28.81 -28.85
CA GLY D 597 10.09 29.43 -28.02
C GLY D 597 11.34 29.80 -28.79
N LEU D 598 12.03 30.85 -28.33
CA LEU D 598 13.35 31.22 -28.86
C LEU D 598 14.41 30.21 -28.45
N LEU D 599 14.30 29.70 -27.23
CA LEU D 599 15.14 28.60 -26.74
C LEU D 599 14.29 27.34 -26.69
N ASP D 600 14.94 26.17 -26.80
CA ASP D 600 14.24 24.87 -26.74
C ASP D 600 14.08 24.37 -25.30
N LEU D 601 13.39 23.23 -25.14
CA LEU D 601 13.11 22.68 -23.80
C LEU D 601 14.35 22.41 -22.96
N ALA D 602 15.51 22.23 -23.62
CA ALA D 602 16.83 22.12 -22.98
C ALA D 602 17.60 23.45 -22.84
N GLY D 603 16.96 24.58 -23.08
CA GLY D 603 17.60 25.90 -22.95
C GLY D 603 18.61 26.27 -24.04
N PHE D 604 18.61 25.53 -25.14
CA PHE D 604 19.56 25.78 -26.22
C PHE D 604 18.99 26.82 -27.19
N GLU D 605 19.91 27.54 -27.83
CA GLU D 605 19.57 28.58 -28.76
C GLU D 605 19.03 27.96 -30.04
N LYS D 606 17.84 28.38 -30.45
CA LYS D 606 17.21 27.90 -31.68
C LYS D 606 17.43 28.96 -32.76
N PRO D 607 16.95 28.71 -34.00
CA PRO D 607 17.03 29.70 -35.08
C PRO D 607 16.43 31.03 -34.76
N SER D 608 15.22 31.03 -34.22
CA SER D 608 14.53 32.27 -33.89
C SER D 608 15.30 33.11 -32.85
N PHE D 609 15.96 32.46 -31.89
CA PHE D 609 16.75 33.19 -30.90
C PHE D 609 17.86 34.02 -31.54
N HIS D 610 18.50 33.47 -32.59
CA HIS D 610 19.55 34.19 -33.32
C HIS D 610 18.99 35.31 -34.17
N MET D 611 17.78 35.13 -34.71
CA MET D 611 17.08 36.21 -35.42
C MET D 611 16.89 37.41 -34.50
N MET D 612 16.27 37.16 -33.35
CA MET D 612 16.04 38.17 -32.34
C MET D 612 17.34 38.76 -31.76
N LYS D 613 18.39 37.97 -31.61
CA LYS D 613 19.71 38.50 -31.19
C LYS D 613 20.29 39.49 -32.22
N SER D 614 20.02 39.22 -33.49
CA SER D 614 20.42 40.09 -34.58
C SER D 614 19.63 41.43 -34.58
N LEU D 615 18.40 41.42 -34.06
CA LEU D 615 17.58 42.62 -33.93
C LEU D 615 17.72 43.36 -32.61
N TRP D 616 18.21 42.70 -31.57
CA TRP D 616 18.21 43.26 -30.20
C TRP D 616 19.60 43.49 -29.56
N THR D 617 20.72 43.16 -30.23
CA THR D 617 22.05 43.42 -29.67
C THR D 617 22.87 44.32 -30.58
N ASP D 618 23.80 45.05 -29.98
CA ASP D 618 24.57 46.08 -30.70
C ASP D 618 25.81 45.52 -31.38
N ALA D 619 26.51 44.62 -30.70
CA ALA D 619 27.77 44.11 -31.25
C ALA D 619 27.54 43.36 -32.58
N PRO D 620 28.54 43.40 -33.47
CA PRO D 620 28.39 42.77 -34.78
C PRO D 620 28.06 41.26 -34.70
N PHE D 621 27.07 40.81 -35.47
CA PHE D 621 26.56 39.46 -35.32
C PHE D 621 26.14 38.86 -36.65
N ILE D 622 26.61 37.63 -36.91
CA ILE D 622 26.16 36.83 -38.07
C ILE D 622 25.83 35.41 -37.60
N ALA D 623 24.64 34.94 -37.95
CA ALA D 623 24.23 33.55 -37.76
C ALA D 623 23.94 32.99 -39.14
N ILE D 624 24.53 31.84 -39.46
CA ILE D 624 24.42 31.23 -40.79
C ILE D 624 23.56 29.97 -40.71
N TYR D 625 22.49 29.97 -41.50
CA TYR D 625 21.59 28.83 -41.66
C TYR D 625 21.36 28.59 -43.15
N SER D 626 20.65 27.52 -43.48
CA SER D 626 20.33 27.18 -44.86
C SER D 626 19.18 26.16 -44.94
N GLN D 627 18.51 26.11 -46.08
CA GLN D 627 17.67 24.97 -46.45
C GLN D 627 17.90 24.64 -47.92
N THR D 628 17.41 23.48 -48.33
CA THR D 628 17.44 23.10 -49.75
C THR D 628 16.50 24.04 -50.50
N ALA D 629 16.89 24.43 -51.70
CA ALA D 629 16.05 25.24 -52.61
C ALA D 629 14.57 24.86 -52.56
N ASN D 630 14.28 23.56 -52.50
CA ASN D 630 12.91 23.03 -52.41
C ASN D 630 12.20 23.27 -51.05
N LYS D 631 12.95 23.15 -49.94
CA LYS D 631 12.38 23.34 -48.58
C LYS D 631 12.32 24.80 -48.06
N SER D 632 13.24 25.65 -48.52
CA SER D 632 13.33 27.08 -48.15
C SER D 632 12.04 27.84 -48.41
N SER D 633 11.75 28.85 -47.58
CA SER D 633 10.57 29.69 -47.76
C SER D 633 10.81 30.82 -48.76
N TYR D 634 12.01 30.89 -49.34
CA TYR D 634 12.38 31.98 -50.25
C TYR D 634 12.93 31.43 -51.56
N VAL D 635 12.90 32.28 -52.59
CA VAL D 635 13.39 31.92 -53.93
C VAL D 635 13.82 33.16 -54.71
N GLU D 636 14.91 33.01 -55.46
CA GLU D 636 15.50 34.08 -56.27
C GLU D 636 14.93 34.02 -57.70
N LYS D 637 14.36 35.12 -58.17
CA LYS D 637 13.89 35.26 -59.57
C LYS D 637 14.36 36.61 -60.11
N ASP D 638 15.23 36.58 -61.12
CA ASP D 638 15.79 37.78 -61.76
C ASP D 638 16.74 38.54 -60.81
N GLY D 639 17.57 37.81 -60.07
CA GLY D 639 18.58 38.40 -59.18
C GLY D 639 18.11 39.02 -57.89
N LYS D 640 16.84 38.78 -57.52
CA LYS D 640 16.24 39.32 -56.30
C LYS D 640 15.40 38.22 -55.64
N PHE D 641 15.53 38.09 -54.32
CA PHE D 641 14.73 37.11 -53.54
C PHE D 641 13.35 37.66 -53.17
N THR D 642 12.33 36.81 -53.35
CA THR D 642 10.98 37.08 -52.86
C THR D 642 10.57 35.88 -52.01
N ASP D 643 9.38 35.97 -51.41
CA ASP D 643 8.77 34.85 -50.69
C ASP D 643 8.17 33.87 -51.70
N LYS D 644 8.32 32.58 -51.41
CA LYS D 644 7.76 31.50 -52.25
C LYS D 644 6.24 31.46 -52.36
N ASP D 645 5.53 32.18 -51.49
CA ASP D 645 4.08 32.20 -51.55
C ASP D 645 3.59 33.59 -51.15
N PRO D 646 2.94 34.32 -52.08
CA PRO D 646 2.42 35.64 -51.69
C PRO D 646 1.19 35.60 -50.79
N LYS D 647 0.58 34.41 -50.61
CA LYS D 647 -0.43 34.19 -49.56
C LYS D 647 0.19 34.00 -48.15
N LYS D 648 1.46 33.56 -48.10
CA LYS D 648 2.25 33.49 -46.85
C LYS D 648 3.50 34.42 -46.92
N PRO D 649 3.28 35.75 -46.89
CA PRO D 649 4.40 36.68 -46.99
C PRO D 649 5.14 36.87 -45.67
N TRP D 650 6.32 37.46 -45.74
CA TRP D 650 7.15 37.72 -44.57
C TRP D 650 6.50 38.64 -43.52
N THR D 651 5.55 39.47 -43.93
CA THR D 651 4.82 40.32 -43.00
C THR D 651 3.82 39.57 -42.12
N GLN D 652 3.51 38.31 -42.46
CA GLN D 652 2.52 37.53 -41.72
C GLN D 652 3.05 36.20 -41.17
N ARG D 653 4.38 36.10 -40.97
CA ARG D 653 4.98 34.92 -40.35
C ARG D 653 4.46 34.78 -38.91
N LEU D 654 4.22 33.54 -38.50
CA LEU D 654 3.58 33.25 -37.22
C LEU D 654 4.62 32.81 -36.18
N TRP D 655 4.27 31.86 -35.31
CA TRP D 655 5.01 31.60 -34.06
C TRP D 655 6.26 30.74 -34.24
N VAL D 656 6.09 29.65 -35.00
CA VAL D 656 7.07 28.57 -35.10
C VAL D 656 7.99 28.81 -36.31
N TRP D 657 9.30 28.92 -36.05
CA TRP D 657 10.28 29.13 -37.11
C TRP D 657 10.45 27.83 -37.90
N GLU D 658 10.87 27.96 -39.17
CA GLU D 658 11.15 26.81 -40.03
C GLU D 658 12.28 25.95 -39.45
N ASP D 659 12.26 24.66 -39.77
CA ASP D 659 13.27 23.71 -39.28
C ASP D 659 14.56 23.89 -40.10
N VAL D 660 15.26 25.02 -39.94
CA VAL D 660 16.43 25.30 -40.78
C VAL D 660 17.66 24.54 -40.27
N ASN D 661 18.62 24.36 -41.16
CA ASN D 661 19.84 23.59 -40.90
C ASN D 661 20.98 24.56 -40.62
N SER D 662 21.79 24.25 -39.62
CA SER D 662 23.00 25.02 -39.31
C SER D 662 24.24 24.37 -39.94
N HIS D 663 24.05 23.22 -40.59
CA HIS D 663 25.13 22.37 -41.06
C HIS D 663 25.45 22.64 -42.54
N TRP D 664 26.56 22.05 -42.98
CA TRP D 664 27.02 22.14 -44.37
C TRP D 664 27.35 20.72 -44.90
N ASN D 665 26.30 19.92 -45.01
CA ASN D 665 26.37 18.47 -45.25
C ASN D 665 25.14 18.05 -46.04
N TYR D 666 24.99 18.63 -47.23
CA TYR D 666 23.95 18.26 -48.17
C TYR D 666 24.54 17.20 -49.13
N THR D 667 23.82 16.86 -50.20
CA THR D 667 24.34 15.97 -51.27
C THR D 667 24.92 16.83 -52.42
N LYS D 668 26.10 16.43 -52.94
CA LYS D 668 26.91 17.29 -53.86
C LYS D 668 26.14 17.80 -55.08
N GLY D 669 26.28 19.10 -55.38
CA GLY D 669 25.57 19.75 -56.50
C GLY D 669 24.14 20.25 -56.23
N GLU D 670 23.59 19.91 -55.06
CA GLU D 670 22.21 20.28 -54.71
C GLU D 670 22.10 21.81 -54.55
N LYS D 671 21.02 22.38 -55.08
CA LYS D 671 20.75 23.81 -54.94
C LYS D 671 20.32 24.09 -53.50
N VAL D 672 20.79 25.21 -52.95
CA VAL D 672 20.64 25.56 -51.54
C VAL D 672 20.43 27.08 -51.41
N VAL D 673 19.58 27.47 -50.45
CA VAL D 673 19.36 28.88 -50.12
C VAL D 673 19.86 29.12 -48.69
N VAL D 674 21.08 29.65 -48.62
CA VAL D 674 21.67 30.11 -47.36
C VAL D 674 20.93 31.35 -46.89
N GLU D 675 20.44 31.31 -45.65
CA GLU D 675 19.80 32.46 -45.00
C GLU D 675 20.66 32.90 -43.80
N ILE D 676 20.99 34.19 -43.74
CA ILE D 676 21.82 34.73 -42.66
C ILE D 676 21.05 35.80 -41.88
N TYR D 677 21.03 35.65 -40.56
CA TYR D 677 20.38 36.60 -39.67
C TYR D 677 21.50 37.39 -39.03
N SER D 678 21.51 38.70 -39.27
CA SER D 678 22.64 39.53 -38.87
C SER D 678 22.23 40.98 -38.65
N ASN D 679 23.01 41.67 -37.83
CA ASN D 679 22.90 43.12 -37.64
C ASN D 679 23.94 43.91 -38.43
N CYS D 680 24.63 43.24 -39.37
CA CYS D 680 25.62 43.92 -40.21
C CYS D 680 24.96 44.68 -41.39
N ASP D 681 25.57 45.82 -41.75
CA ASP D 681 25.07 46.69 -42.83
C ASP D 681 25.21 45.96 -44.16
N GLU D 682 26.42 45.44 -44.37
CA GLU D 682 26.79 44.67 -45.54
C GLU D 682 27.41 43.35 -45.08
N ILE D 683 27.34 42.35 -45.95
CA ILE D 683 27.98 41.04 -45.76
C ILE D 683 28.53 40.57 -47.12
N GLU D 684 29.70 39.94 -47.11
CA GLU D 684 30.21 39.22 -48.29
C GLU D 684 30.32 37.74 -47.94
N LEU D 685 29.70 36.88 -48.76
CA LEU D 685 29.69 35.42 -48.54
C LEU D 685 30.74 34.72 -49.43
N PHE D 686 31.45 33.76 -48.84
CA PHE D 686 32.53 33.04 -49.51
C PHE D 686 32.30 31.53 -49.41
N GLN D 687 32.11 30.86 -50.55
CA GLN D 687 32.11 29.40 -50.62
C GLN D 687 33.55 28.95 -50.89
N ASN D 688 34.16 28.28 -49.90
CA ASN D 688 35.52 27.71 -50.00
C ASN D 688 36.66 28.71 -50.35
N GLY D 689 36.41 30.02 -50.23
CA GLY D 689 37.42 31.04 -50.56
C GLY D 689 37.15 31.91 -51.79
N LYS D 690 36.18 31.52 -52.62
CA LYS D 690 35.77 32.31 -53.78
C LYS D 690 34.52 33.09 -53.40
N SER D 691 34.56 34.41 -53.58
CA SER D 691 33.42 35.27 -53.25
C SER D 691 32.16 34.91 -54.04
N LEU D 692 31.08 34.67 -53.32
CA LEU D 692 29.73 34.61 -53.89
C LEU D 692 29.10 35.99 -54.02
N GLY D 693 29.78 37.03 -53.53
CA GLY D 693 29.41 38.44 -53.79
C GLY D 693 28.96 39.18 -52.55
N LYS D 694 29.12 40.50 -52.57
CA LYS D 694 28.72 41.36 -51.45
C LYS D 694 27.23 41.72 -51.59
N ARG D 695 26.47 41.55 -50.50
N ARG D 695 26.47 41.57 -50.50
CA ARG D 695 25.06 41.97 -50.42
CA ARG D 695 25.07 42.00 -50.44
C ARG D 695 24.86 42.92 -49.23
C ARG D 695 24.86 42.91 -49.23
N PHE D 696 23.74 43.63 -49.22
CA PHE D 696 23.46 44.68 -48.22
C PHE D 696 22.10 44.46 -47.54
N LEU D 697 22.07 44.59 -46.22
CA LEU D 697 20.85 44.43 -45.40
C LEU D 697 19.63 45.23 -45.90
N LYS D 698 19.87 46.45 -46.40
CA LYS D 698 18.82 47.32 -46.98
C LYS D 698 18.09 46.69 -48.16
N ASP D 699 18.77 45.84 -48.92
CA ASP D 699 18.15 45.10 -50.04
C ASP D 699 17.11 44.05 -49.60
N PHE D 700 17.18 43.61 -48.34
CA PHE D 700 16.30 42.55 -47.82
C PHE D 700 15.28 43.12 -46.83
N GLU D 701 14.05 43.29 -47.31
CA GLU D 701 12.96 43.88 -46.51
C GLU D 701 12.62 43.12 -45.24
N ASP D 702 12.70 41.79 -45.31
CA ASP D 702 12.40 40.88 -44.18
C ASP D 702 13.57 40.67 -43.20
N HIS D 703 14.65 41.43 -43.39
CA HIS D 703 15.81 41.47 -42.50
C HIS D 703 16.62 40.18 -42.50
N ILE D 704 16.52 39.41 -43.59
CA ILE D 704 17.24 38.15 -43.71
C ILE D 704 18.07 38.17 -45.00
N TYR D 705 19.40 38.13 -44.85
CA TYR D 705 20.34 38.03 -45.97
C TYR D 705 20.16 36.69 -46.64
N LYS D 706 20.33 36.65 -47.96
CA LYS D 706 20.07 35.44 -48.77
C LYS D 706 21.02 35.31 -49.95
N TRP D 707 21.53 34.10 -50.14
CA TRP D 707 22.38 33.74 -51.26
C TRP D 707 21.89 32.41 -51.84
N SER D 708 21.87 32.28 -53.17
CA SER D 708 21.72 30.97 -53.84
C SER D 708 23.11 30.35 -53.96
N VAL D 709 23.23 29.08 -53.56
CA VAL D 709 24.53 28.39 -53.48
C VAL D 709 24.37 26.93 -53.91
N ASP D 710 25.22 26.47 -54.84
CA ASP D 710 25.25 25.04 -55.21
C ASP D 710 26.22 24.30 -54.30
N PHE D 711 25.75 23.25 -53.63
CA PHE D 711 26.52 22.61 -52.57
C PHE D 711 27.72 21.81 -53.08
N LYS D 712 28.84 21.97 -52.39
CA LYS D 712 29.96 21.04 -52.44
C LYS D 712 30.61 21.03 -51.08
N ASP D 713 31.41 20.01 -50.81
CA ASP D 713 32.16 19.94 -49.55
C ASP D 713 33.03 21.19 -49.37
N GLY D 714 33.14 21.66 -48.14
CA GLY D 714 33.98 22.81 -47.83
C GLY D 714 33.41 23.67 -46.71
N ASN D 715 33.40 24.98 -46.92
CA ASN D 715 32.98 25.93 -45.90
C ASN D 715 32.28 27.15 -46.49
N ILE D 716 31.23 27.60 -45.81
CA ILE D 716 30.59 28.90 -46.04
C ILE D 716 31.17 29.81 -44.96
N VAL D 717 31.70 30.97 -45.38
CA VAL D 717 32.28 31.97 -44.48
C VAL D 717 31.73 33.35 -44.82
N ALA D 718 30.97 33.94 -43.89
CA ALA D 718 30.38 35.28 -44.05
C ALA D 718 31.27 36.31 -43.36
N LYS D 719 31.53 37.42 -44.04
CA LYS D 719 32.35 38.52 -43.51
C LYS D 719 31.50 39.78 -43.57
N GLY D 720 31.15 40.33 -42.41
CA GLY D 720 30.22 41.45 -42.29
C GLY D 720 30.82 42.65 -41.59
N LYS D 721 30.17 43.81 -41.80
CA LYS D 721 30.54 45.07 -41.15
C LYS D 721 29.29 45.68 -40.54
N LYS D 722 29.45 46.26 -39.35
CA LYS D 722 28.45 47.13 -38.74
C LYS D 722 29.16 48.44 -38.38
N ASN D 723 29.10 49.40 -39.30
CA ASN D 723 29.81 50.70 -39.20
C ASN D 723 31.34 50.54 -39.10
N GLY D 724 31.91 49.78 -40.04
CA GLY D 724 33.35 49.51 -40.08
C GLY D 724 33.93 48.58 -39.01
N LYS D 725 33.08 48.11 -38.07
CA LYS D 725 33.49 47.10 -37.10
C LYS D 725 33.14 45.72 -37.69
N LYS D 726 34.11 44.82 -37.69
CA LYS D 726 33.99 43.56 -38.40
C LYS D 726 33.61 42.37 -37.53
N THR D 727 33.00 41.38 -38.18
CA THR D 727 32.83 40.07 -37.60
C THR D 727 32.75 39.03 -38.71
N THR D 728 32.99 37.78 -38.31
CA THR D 728 33.11 36.67 -39.24
C THR D 728 32.43 35.44 -38.63
N SER D 729 31.74 34.68 -39.47
CA SER D 729 31.11 33.45 -39.03
C SER D 729 31.24 32.41 -40.15
N ALA D 730 31.26 31.14 -39.78
CA ALA D 730 31.54 30.07 -40.72
C ALA D 730 30.84 28.77 -40.37
N ILE D 731 30.39 28.03 -41.37
CA ILE D 731 29.93 26.64 -41.17
C ILE D 731 30.75 25.70 -42.04
N TYR D 732 31.02 24.50 -41.51
CA TYR D 732 31.90 23.53 -42.14
C TYR D 732 31.22 22.20 -42.39
N THR D 733 31.57 21.58 -43.52
CA THR D 733 31.24 20.19 -43.77
C THR D 733 32.06 19.34 -42.80
N THR D 734 31.41 18.32 -42.25
CA THR D 734 32.04 17.42 -41.31
C THR D 734 32.07 16.03 -41.90
N LYS D 735 33.00 15.20 -41.43
CA LYS D 735 32.91 13.76 -41.63
C LYS D 735 31.84 13.20 -40.66
N GLU D 736 31.63 11.90 -40.70
CA GLU D 736 30.70 11.20 -39.78
C GLU D 736 31.07 11.39 -38.30
N THR D 737 30.13 11.02 -37.43
CA THR D 737 30.33 11.16 -36.00
C THR D 737 31.48 10.27 -35.54
N ASN D 738 32.50 10.89 -34.96
CA ASN D 738 33.64 10.18 -34.38
C ASN D 738 33.58 10.07 -32.87
N SER D 739 33.12 11.13 -32.21
CA SER D 739 33.30 11.31 -30.75
C SER D 739 32.17 12.15 -30.13
N ILE D 740 32.15 12.17 -28.79
CA ILE D 740 31.25 13.05 -28.04
C ILE D 740 32.09 14.09 -27.28
N LYS D 741 31.83 15.37 -27.62
CA LYS D 741 32.37 16.50 -26.89
C LYS D 741 31.42 16.82 -25.73
N LEU D 742 31.94 16.73 -24.51
CA LEU D 742 31.22 16.95 -23.26
C LEU D 742 31.76 18.20 -22.60
N SER D 743 30.89 19.16 -22.29
CA SER D 743 31.28 20.37 -21.54
C SER D 743 30.28 20.70 -20.42
N VAL D 744 30.68 21.62 -19.56
CA VAL D 744 30.03 21.85 -18.28
C VAL D 744 30.08 23.34 -17.93
N ASP D 745 28.96 23.88 -17.45
CA ASP D 745 28.90 25.29 -17.07
C ASP D 745 29.70 25.62 -15.80
N LYS D 746 29.75 24.67 -14.86
CA LYS D 746 30.45 24.85 -13.58
C LYS D 746 31.47 23.75 -13.34
N VAL D 747 32.73 24.14 -13.16
CA VAL D 747 33.77 23.25 -12.65
C VAL D 747 33.47 22.81 -11.20
N ALA D 748 33.01 23.74 -10.38
CA ALA D 748 32.73 23.47 -8.97
C ALA D 748 31.34 23.95 -8.56
N VAL D 749 30.73 23.23 -7.62
CA VAL D 749 29.50 23.63 -6.92
C VAL D 749 29.63 23.29 -5.43
N ASP D 750 28.65 23.69 -4.61
CA ASP D 750 28.64 23.36 -3.19
C ASP D 750 27.65 22.25 -2.87
N ALA D 751 27.87 21.63 -1.71
CA ALA D 751 27.06 20.51 -1.26
C ALA D 751 25.83 21.02 -0.50
N ASN D 752 24.91 21.68 -1.21
CA ASN D 752 23.79 22.43 -0.59
C ASN D 752 22.38 21.91 -0.96
N ASN D 753 22.31 20.72 -1.55
CA ASN D 753 21.06 20.14 -2.11
C ASN D 753 20.34 20.92 -3.25
N THR D 754 20.93 22.04 -3.72
CA THR D 754 20.29 22.88 -4.75
C THR D 754 21.13 23.17 -5.99
N ASP D 755 22.44 23.45 -5.84
CA ASP D 755 23.32 23.76 -6.98
C ASP D 755 23.22 22.75 -8.13
N VAL D 756 23.25 23.27 -9.34
CA VAL D 756 23.07 22.46 -10.54
C VAL D 756 24.37 22.47 -11.35
N ILE D 757 24.57 21.38 -12.08
CA ILE D 757 25.57 21.24 -13.11
C ILE D 757 24.80 20.93 -14.40
N HIS D 758 25.02 21.73 -15.43
CA HIS D 758 24.50 21.45 -16.78
C HIS D 758 25.63 20.87 -17.61
N VAL D 759 25.49 19.61 -18.02
CA VAL D 759 26.44 18.95 -18.92
C VAL D 759 25.85 18.98 -20.33
N THR D 760 26.64 19.49 -21.27
CA THR D 760 26.23 19.60 -22.67
C THR D 760 27.05 18.60 -23.49
N ALA D 761 26.34 17.78 -24.29
CA ALA D 761 26.95 16.81 -25.19
C ALA D 761 26.79 17.28 -26.61
N GLN D 762 27.86 17.13 -27.40
CA GLN D 762 27.87 17.53 -28.79
C GLN D 762 28.68 16.55 -29.63
N LEU D 763 28.03 15.97 -30.64
CA LEU D 763 28.68 15.03 -31.57
C LEU D 763 29.66 15.78 -32.48
N ILE D 764 30.91 15.31 -32.51
CA ILE D 764 31.99 15.87 -33.35
C ILE D 764 32.66 14.82 -34.28
N ASP D 765 33.20 15.27 -35.41
CA ASP D 765 33.94 14.41 -36.35
C ASP D 765 35.39 14.12 -35.86
N ARG D 766 36.21 13.48 -36.71
CA ARG D 766 37.62 13.20 -36.39
C ARG D 766 38.44 14.48 -36.03
N ASN D 767 38.12 15.60 -36.67
CA ASN D 767 38.86 16.87 -36.51
C ASN D 767 38.24 17.89 -35.54
N GLY D 768 37.30 17.46 -34.70
CA GLY D 768 36.64 18.34 -33.74
C GLY D 768 35.69 19.38 -34.33
N ARG D 769 34.97 19.00 -35.39
CA ARG D 769 33.97 19.87 -36.01
C ARG D 769 32.57 19.41 -35.59
N ASN D 770 31.69 20.35 -35.24
CA ASN D 770 30.36 20.02 -34.71
C ASN D 770 29.42 19.41 -35.75
N ILE D 771 28.78 18.29 -35.38
CA ILE D 771 27.76 17.63 -36.21
C ILE D 771 26.37 18.08 -35.77
N SER D 772 25.51 18.48 -36.70
CA SER D 772 24.08 18.69 -36.39
C SER D 772 23.12 18.01 -37.38
N TRP D 773 23.65 17.11 -38.21
CA TRP D 773 22.90 16.50 -39.33
C TRP D 773 22.56 15.01 -39.16
N GLU D 774 23.11 14.37 -38.12
CA GLU D 774 22.74 13.01 -37.73
C GLU D 774 22.66 12.92 -36.20
N GLU D 775 21.88 11.97 -35.71
CA GLU D 775 21.65 11.79 -34.28
C GLU D 775 22.21 10.45 -33.78
N LYS D 776 22.54 10.42 -32.49
CA LYS D 776 23.01 9.22 -31.81
C LYS D 776 22.30 9.07 -30.48
N GLU D 777 22.06 7.82 -30.05
CA GLU D 777 21.69 7.54 -28.67
C GLU D 777 22.95 7.62 -27.81
N ILE D 778 22.96 8.58 -26.88
CA ILE D 778 24.10 8.85 -26.00
C ILE D 778 23.78 8.38 -24.60
N THR D 779 24.69 7.63 -23.99
CA THR D 779 24.54 7.16 -22.61
C THR D 779 25.57 7.86 -21.72
N PHE D 780 25.08 8.58 -20.71
CA PHE D 780 25.94 9.28 -19.76
C PHE D 780 26.24 8.36 -18.60
N ASN D 781 27.49 8.39 -18.13
CA ASN D 781 27.85 7.66 -16.92
C ASN D 781 28.46 8.65 -15.92
N ILE D 782 28.09 8.51 -14.65
CA ILE D 782 28.49 9.46 -13.61
C ILE D 782 28.86 8.75 -12.31
N GLY D 783 30.10 8.92 -11.86
CA GLY D 783 30.52 8.44 -10.55
C GLY D 783 30.52 9.52 -9.49
N GLY D 784 30.36 9.10 -8.23
CA GLY D 784 30.18 10.03 -7.11
C GLY D 784 28.70 10.21 -6.74
N ASN D 785 28.45 11.03 -5.71
CA ASN D 785 27.10 11.30 -5.18
C ASN D 785 26.44 12.52 -5.79
N TYR D 786 25.30 12.30 -6.44
CA TYR D 786 24.58 13.33 -7.17
C TYR D 786 23.08 12.99 -7.23
N ARG D 787 22.24 13.93 -7.65
CA ARG D 787 20.83 13.63 -7.93
C ARG D 787 20.54 13.90 -9.41
N LEU D 788 19.96 12.93 -10.10
CA LEU D 788 19.57 13.12 -11.49
C LEU D 788 18.31 13.99 -11.57
N LEU D 789 18.46 15.19 -12.16
CA LEU D 789 17.29 16.01 -12.52
C LEU D 789 16.77 15.61 -13.88
N GLY D 790 17.67 15.20 -14.79
CA GLY D 790 17.26 14.47 -16.00
C GLY D 790 17.94 14.83 -17.30
N VAL D 791 17.36 14.37 -18.40
CA VAL D 791 17.90 14.58 -19.73
C VAL D 791 16.88 15.26 -20.63
N GLU D 792 17.39 15.94 -21.65
CA GLU D 792 16.56 16.64 -22.60
C GLU D 792 17.40 16.89 -23.85
N ASN D 793 16.73 16.89 -25.00
CA ASN D 793 17.37 17.16 -26.30
C ASN D 793 16.83 18.35 -27.08
N GLY D 794 15.68 18.87 -26.68
CA GLY D 794 15.08 20.03 -27.33
C GLY D 794 14.13 19.70 -28.44
N ASP D 795 13.87 18.42 -28.68
CA ASP D 795 12.96 17.98 -29.76
C ASP D 795 11.53 18.09 -29.24
N HIS D 796 10.84 19.13 -29.67
CA HIS D 796 9.47 19.38 -29.26
C HIS D 796 8.49 18.44 -29.92
N LEU D 797 8.85 17.85 -31.06
CA LEU D 797 7.95 16.94 -31.81
C LEU D 797 7.96 15.46 -31.34
N ASN D 798 8.76 15.15 -30.33
CA ASN D 798 8.81 13.79 -29.76
C ASN D 798 9.00 13.79 -28.26
N VAL D 799 8.53 12.70 -27.65
CA VAL D 799 8.69 12.44 -26.21
C VAL D 799 9.98 11.67 -25.94
N LEU D 800 10.40 11.71 -24.68
CA LEU D 800 11.53 10.93 -24.18
C LEU D 800 11.40 10.78 -22.67
N ASN D 801 12.26 9.95 -22.09
CA ASN D 801 12.22 9.65 -20.66
C ASN D 801 13.22 10.56 -19.96
N TYR D 802 12.71 11.51 -19.17
CA TYR D 802 13.57 12.44 -18.42
C TYR D 802 14.53 11.75 -17.46
N LYS D 803 14.03 10.72 -16.76
CA LYS D 803 14.78 10.03 -15.71
C LYS D 803 15.52 8.82 -16.23
N SER D 804 16.48 9.08 -17.12
CA SER D 804 17.30 8.04 -17.72
C SER D 804 18.65 8.69 -18.04
N ASN D 805 19.71 7.88 -18.02
CA ASN D 805 21.06 8.36 -18.35
C ASN D 805 21.31 8.26 -19.83
N THR D 806 20.34 7.78 -20.60
CA THR D 806 20.46 7.65 -22.03
C THR D 806 19.43 8.55 -22.71
N VAL D 807 19.91 9.33 -23.68
CA VAL D 807 19.05 10.23 -24.42
C VAL D 807 19.53 10.34 -25.85
N LYS D 808 18.57 10.42 -26.76
CA LYS D 808 18.84 10.62 -28.17
C LYS D 808 19.12 12.10 -28.41
N THR D 809 20.18 12.41 -29.15
CA THR D 809 20.47 13.80 -29.49
C THR D 809 19.45 14.39 -30.44
N TYR D 810 19.48 15.71 -30.56
CA TYR D 810 18.67 16.42 -31.51
C TYR D 810 19.49 17.60 -32.01
N LYS D 811 19.61 17.71 -33.32
CA LYS D 811 20.61 18.57 -33.95
C LYS D 811 22.02 18.34 -33.37
N GLY D 812 22.38 17.07 -33.15
CA GLY D 812 23.71 16.68 -32.69
C GLY D 812 24.07 16.95 -31.23
N ARG D 813 23.06 17.33 -30.42
CA ARG D 813 23.31 17.70 -29.04
C ARG D 813 22.23 17.24 -28.07
N ALA D 814 22.61 17.19 -26.80
CA ALA D 814 21.70 16.86 -25.72
C ALA D 814 22.22 17.43 -24.41
N LEU D 815 21.31 17.54 -23.44
CA LEU D 815 21.64 18.06 -22.12
C LEU D 815 21.40 17.03 -21.02
N LEU D 816 22.33 16.96 -20.08
CA LEU D 816 22.17 16.22 -18.83
C LEU D 816 22.21 17.22 -17.68
N VAL D 817 21.24 17.11 -16.77
CA VAL D 817 21.09 18.05 -15.65
C VAL D 817 21.21 17.30 -14.33
N LEU D 818 22.30 17.56 -13.62
CA LEU D 818 22.62 16.93 -12.34
C LEU D 818 22.46 17.94 -11.24
N GLN D 819 22.32 17.47 -10.01
CA GLN D 819 22.20 18.36 -8.86
C GLN D 819 23.04 17.86 -7.70
N ALA D 820 23.64 18.80 -6.95
CA ALA D 820 24.35 18.49 -5.71
C ALA D 820 23.40 17.97 -4.62
N THR D 821 24.00 17.46 -3.55
CA THR D 821 23.26 16.83 -2.47
C THR D 821 23.92 17.19 -1.12
N ASP D 822 23.64 16.43 -0.06
CA ASP D 822 24.41 16.48 1.21
C ASP D 822 25.89 16.22 0.98
N LYS D 823 26.17 15.22 0.14
CA LYS D 823 27.48 14.62 -0.01
C LYS D 823 28.45 15.47 -0.82
N ALA D 824 29.54 15.87 -0.19
CA ALA D 824 30.72 16.38 -0.89
C ALA D 824 31.49 15.22 -1.51
N GLY D 825 32.33 15.53 -2.49
CA GLY D 825 33.11 14.52 -3.23
C GLY D 825 33.15 14.88 -4.70
N ILE D 826 34.03 14.21 -5.44
CA ILE D 826 34.24 14.49 -6.87
C ILE D 826 33.23 13.70 -7.70
N LEU D 827 32.84 14.25 -8.85
CA LEU D 827 31.95 13.60 -9.80
C LEU D 827 32.72 13.35 -11.08
N ASN D 828 32.75 12.11 -11.55
CA ASN D 828 33.45 11.75 -12.79
C ASN D 828 32.41 11.45 -13.84
N ILE D 829 32.49 12.14 -14.98
CA ILE D 829 31.41 12.14 -15.97
C ILE D 829 31.93 11.81 -17.37
N ASN D 830 31.33 10.83 -18.02
CA ASN D 830 31.66 10.51 -19.39
C ASN D 830 30.43 10.06 -20.16
N ALA D 831 30.60 9.83 -21.46
CA ALA D 831 29.53 9.28 -22.28
C ALA D 831 30.04 8.43 -23.44
N ASN D 832 29.10 7.73 -24.06
CA ASN D 832 29.38 6.89 -25.21
C ASN D 832 28.10 6.60 -26.00
N SER D 833 28.26 6.31 -27.29
CA SER D 833 27.18 5.86 -28.15
C SER D 833 27.62 4.53 -28.76
N GLY D 834 27.67 3.51 -27.90
CA GLY D 834 28.21 2.19 -28.23
C GLY D 834 29.69 2.26 -28.57
N SER D 835 29.98 2.19 -29.86
CA SER D 835 31.34 2.36 -30.40
C SER D 835 31.96 3.74 -30.07
N ILE D 836 31.15 4.80 -30.14
CA ILE D 836 31.62 6.20 -30.09
C ILE D 836 31.96 6.63 -28.67
N SER D 837 33.13 7.26 -28.48
CA SER D 837 33.64 7.62 -27.15
C SER D 837 33.46 9.12 -26.80
N SER D 838 33.96 9.54 -25.62
CA SER D 838 33.93 10.95 -25.17
C SER D 838 35.16 11.34 -24.37
N ASN D 839 35.39 12.64 -24.26
CA ASN D 839 36.32 13.19 -23.26
C ASN D 839 35.75 13.00 -21.85
N ASP D 840 36.61 13.17 -20.84
CA ASP D 840 36.23 12.99 -19.42
C ASP D 840 36.19 14.33 -18.67
N LEU D 841 35.19 14.50 -17.79
CA LEU D 841 35.07 15.70 -16.93
C LEU D 841 35.14 15.33 -15.46
N LYS D 842 35.70 16.24 -14.67
CA LYS D 842 35.78 16.09 -13.22
C LYS D 842 35.22 17.36 -12.59
N VAL D 843 34.03 17.22 -11.99
CA VAL D 843 33.34 18.31 -11.29
C VAL D 843 33.52 18.07 -9.80
N GLU D 844 33.83 19.12 -9.06
CA GLU D 844 33.96 19.07 -7.59
C GLU D 844 32.66 19.54 -6.93
N VAL D 845 32.23 18.84 -5.87
CA VAL D 845 31.11 19.28 -5.02
C VAL D 845 31.68 19.77 -3.66
N LYS D 846 31.97 21.09 -3.59
CA LYS D 846 32.55 21.77 -2.42
C LYS D 846 31.61 21.81 -1.24
C GIF E . -14.86 -37.54 -11.57
N GIF E . -15.93 -38.26 -12.23
O GIF E . -19.03 -34.52 -12.40
C1 GIF E . -15.42 -36.34 -10.82
O1 GIF E . -15.55 -34.95 -12.82
C2 GIF E . -16.31 -35.49 -11.73
O2 GIF E . -14.32 -35.56 -10.31
C3 GIF E . -17.47 -36.37 -12.23
C4 GIF E . -16.94 -37.57 -13.02
C5 GIF E . -18.49 -35.63 -13.10
C1 EDO F . 13.13 -26.47 -0.78
O1 EDO F . 12.31 -27.35 -1.55
C2 EDO F . 14.53 -26.42 -1.40
O2 EDO F . 15.10 -27.74 -1.38
C1 EDO G . -23.99 -26.39 7.07
O1 EDO G . -23.28 -26.63 8.29
C2 EDO G . -23.04 -26.29 5.86
O2 EDO G . -23.75 -26.61 4.66
C1 EDO H . -1.59 -32.98 12.97
O1 EDO H . -1.63 -34.36 12.59
C2 EDO H . -2.16 -32.12 11.84
O2 EDO H . -1.42 -32.30 10.63
C GIF I . 38.76 -9.97 2.78
N GIF I . 39.90 -9.36 3.44
O GIF I . 40.16 -5.90 0.06
C1 GIF I . 38.92 -9.78 1.27
O1 GIF I . 37.95 -7.57 1.16
C2 GIF I . 39.14 -8.32 0.90
O2 GIF I . 37.79 -10.31 0.55
C3 GIF I . 40.35 -7.74 1.65
C4 GIF I . 40.25 -7.97 3.16
C5 GIF I . 40.56 -6.25 1.40
C1 EDO J . 44.86 -37.86 -2.33
O1 EDO J . 43.51 -37.42 -2.09
C2 EDO J . 45.06 -38.04 -3.83
O2 EDO J . 45.62 -36.85 -4.38
C1 EDO K . 57.71 -3.27 1.46
O1 EDO K . 57.86 -3.65 2.84
C2 EDO K . 59.01 -2.76 0.85
O2 EDO K . 59.05 -1.33 0.76
C1 EDO L . 29.22 -0.37 -3.88
O1 EDO L . 28.29 -1.26 -4.52
C2 EDO L . 28.79 1.08 -4.12
O2 EDO L . 28.72 1.33 -5.54
C1 EDO M . 45.52 -40.43 3.81
O1 EDO M . 46.18 -39.44 4.63
C2 EDO M . 44.89 -41.56 4.64
O2 EDO M . 43.45 -41.49 4.79
C1 EDO N . 45.49 -33.04 9.36
O1 EDO N . 45.81 -31.85 10.10
C2 EDO N . 46.32 -33.11 8.07
O2 EDO N . 47.02 -34.35 7.95
C GIF O . -24.24 13.50 29.18
N GIF O . -24.40 12.96 30.53
O GIF O . -26.84 9.09 28.88
C1 GIF O . -25.39 13.04 28.29
O1 GIF O . -24.40 10.88 27.85
C2 GIF O . -25.56 11.53 28.37
O2 GIF O . -25.14 13.35 26.93
C3 GIF O . -25.84 11.12 29.83
C4 GIF O . -24.67 11.54 30.73
C5 GIF O . -26.13 9.63 30.00
C1 EDO P . -10.34 27.60 19.13
O1 EDO P . -9.74 28.83 18.71
C2 EDO P . -10.96 27.72 20.53
O2 EDO P . -9.95 27.89 21.52
C1 EDO Q . -35.16 20.30 19.71
O1 EDO Q . -33.92 20.23 20.44
C2 EDO Q . -34.96 20.99 18.36
O2 EDO Q . -34.09 22.14 18.48
C1 EDO R . -21.48 33.16 7.43
O1 EDO R . -22.78 32.89 7.96
C2 EDO R . -20.69 34.10 8.34
O2 EDO R . -21.56 35.04 9.00
C1 EDO S . -26.07 12.41 41.94
O1 EDO S . -25.38 12.93 43.08
C2 EDO S . -27.35 13.21 41.74
O2 EDO S . -27.30 13.93 40.51
C1 EDO T . -25.34 5.71 31.26
O1 EDO T . -24.99 4.89 30.14
C2 EDO T . -26.75 6.24 31.05
O2 EDO T . -27.73 5.21 31.21
C GIF U . -2.16 33.21 -25.35
N GIF U . -2.01 33.68 -26.71
O GIF U . 0.27 29.81 -28.58
C1 GIF U . -1.11 32.15 -25.06
O1 GIF U . -2.38 30.41 -26.13
C2 GIF U . -1.11 31.07 -26.14
O2 GIF U . -1.37 31.56 -23.79
C3 GIF U . -0.87 31.69 -27.53
C4 GIF U . -1.94 32.74 -27.81
C5 GIF U . -0.89 30.66 -28.65
C1 EDO V . 0.28 29.05 -32.31
O1 EDO V . 0.76 28.21 -31.24
C2 EDO V . -0.99 28.55 -33.00
O2 EDO V . -2.11 28.56 -32.09
#